data_7ZFE
#
_entry.id   7ZFE
#
_cell.length_a   98.489
_cell.length_b   159.908
_cell.length_c   133.271
_cell.angle_alpha   90.000
_cell.angle_beta   106.765
_cell.angle_gamma   90.000
#
_symmetry.space_group_name_H-M   'P 1 21 1'
#
loop_
_entity.id
_entity.type
_entity.pdbx_description
1 polymer 'Nanobody C1'
2 polymer 'Spike protein S1'
3 polymer 'Omi-32 heavy chain'
4 polymer 'Omi-32 light chain'
#
loop_
_entity_poly.entity_id
_entity_poly.type
_entity_poly.pdbx_seq_one_letter_code
_entity_poly.pdbx_strand_id
1 'polypeptide(L)'
;QVQLVESGGGLVQPGGSLRLSCAASGFTNDFYSIAWFRQAPGKEREGVSWLSVSDNTPTYVDSVKDRFTISRHNANNTVY
LQMNMLKPEDTAIYYCAAGRFAGRDTWPSSYDYWGQGTQVTVSSKHHHHHH
;
Z,X,W,Y
2 'polypeptide(L)'
;HHHHHHTNLCPFDEVFNATRFASVYAWNRKRISNCVADYSVLYNLAPFFTFKCYGVSPTKLNDLCFTNVYADSFVIRGDE
VRQIAPGQTGNIADYNYKLPDDFTGCVIAWNSNKLDSKVSGNYNYLYRLFRKSNLKPFERDISTEIYQAGNKPCNGVAGF
NCYFPLRSYSFRPTYGVGHQPYRVVVLSFELLHAPATVCGKK
;
C,E,B,A
3 'polypeptide(L)'
;EVQLVESGGGVVQPGRSLRLSCAASGFTFSNYGMHWVRQAPGKGLEWVAVYWYDGGNKFYADSVKGRFTISRDNSKNTLY
LQMNSLRVEDTAVYYCARDTAPPDYWGQGTLVTVSSASTKGPSVFPLAPSSKSTSGGTAALGCLVKDYFPEPVTVSWNSG
ALTSGVHTFPAVLQSSGLYSLSSVVTVPSSSLGTQTYICNVNHKPSNTKVDKRVEPKSCDK
;
M,J,H,F
4 'polypeptide(L)'
;AIRMTQSPGTLSLSPGERATLSCRASQSISSSFLAWYQQKPGQAPRLLIYGASSRATGIPDRFSGSGSGTDFTLTISRLE
PEDFAVYYCQQYGTSPRLTFGGGTKVDIKRTVAAPSVFIFPPSDEQLKSGTASVVCLLNNFYPREAKVQWKVDNALQSGN
SQESVTEQDSKDSTYSLSSTLTLSKADYEKHKVYACEVTHQGLSSPVTKSFNRGEC
;
N,K,L,G
#
# COMPACT_ATOMS: atom_id res chain seq x y z
N GLN A 1 17.28 -5.51 -47.47
CA GLN A 1 17.34 -4.12 -47.01
C GLN A 1 18.59 -3.44 -47.56
N VAL A 2 19.74 -3.75 -46.95
CA VAL A 2 21.00 -3.21 -47.43
C VAL A 2 21.36 -3.86 -48.76
N GLN A 3 21.76 -3.04 -49.73
CA GLN A 3 22.03 -3.55 -51.06
C GLN A 3 23.14 -2.73 -51.70
N LEU A 4 24.07 -3.43 -52.37
CA LEU A 4 25.19 -2.81 -53.06
C LEU A 4 25.04 -3.05 -54.56
N VAL A 5 25.16 -1.98 -55.33
CA VAL A 5 24.96 -2.03 -56.78
C VAL A 5 26.31 -1.77 -57.44
N GLU A 6 26.79 -2.77 -58.18
CA GLU A 6 28.09 -2.68 -58.85
C GLU A 6 27.90 -2.55 -60.36
N SER A 7 28.81 -1.81 -60.98
CA SER A 7 28.85 -1.65 -62.43
C SER A 7 30.19 -1.02 -62.81
N GLY A 8 30.51 -1.10 -64.09
CA GLY A 8 31.66 -0.38 -64.63
C GLY A 8 32.72 -1.24 -65.28
N GLY A 9 32.58 -2.56 -65.30
CA GLY A 9 33.61 -3.42 -65.86
C GLY A 9 33.63 -3.43 -67.38
N GLY A 10 34.65 -4.08 -67.93
CA GLY A 10 34.75 -4.22 -69.36
C GLY A 10 36.12 -4.74 -69.76
N LEU A 11 36.34 -4.78 -71.07
CA LEU A 11 37.61 -5.20 -71.64
CA LEU A 11 37.61 -5.20 -71.65
C LEU A 11 38.45 -3.97 -71.98
N VAL A 12 39.73 -4.01 -71.59
CA VAL A 12 40.63 -2.89 -71.82
C VAL A 12 42.01 -3.44 -72.18
N GLN A 13 42.76 -2.64 -72.93
CA GLN A 13 44.14 -2.96 -73.26
C GLN A 13 45.05 -2.65 -72.09
N PRO A 14 46.23 -3.26 -72.04
CA PRO A 14 47.20 -2.89 -71.00
C PRO A 14 47.54 -1.41 -71.06
N GLY A 15 47.44 -0.74 -69.92
CA GLY A 15 47.70 0.68 -69.82
C GLY A 15 46.44 1.54 -69.75
N GLY A 16 45.30 1.00 -70.11
CA GLY A 16 44.06 1.76 -70.11
C GLY A 16 43.57 2.07 -68.71
N SER A 17 42.34 2.56 -68.65
CA SER A 17 41.70 2.92 -67.39
CA SER A 17 41.70 2.94 -67.40
C SER A 17 40.33 2.27 -67.30
N LEU A 18 39.78 2.27 -66.09
CA LEU A 18 38.47 1.69 -65.82
C LEU A 18 37.94 2.27 -64.52
N ARG A 19 36.62 2.44 -64.46
CA ARG A 19 35.97 3.08 -63.33
C ARG A 19 34.85 2.17 -62.84
N LEU A 20 35.06 1.55 -61.68
CA LEU A 20 34.05 0.72 -61.05
C LEU A 20 33.23 1.56 -60.08
N SER A 21 31.97 1.17 -59.89
CA SER A 21 31.05 1.91 -59.05
C SER A 21 30.31 0.95 -58.13
N CYS A 22 30.17 1.34 -56.87
CA CYS A 22 29.45 0.56 -55.86
C CYS A 22 28.42 1.46 -55.22
N ALA A 23 27.14 1.19 -55.48
CA ALA A 23 26.05 2.02 -55.00
C ALA A 23 25.42 1.35 -53.78
N ALA A 24 25.58 1.98 -52.62
CA ALA A 24 25.04 1.46 -51.37
C ALA A 24 23.68 2.07 -51.11
N SER A 25 22.69 1.21 -50.87
CA SER A 25 21.32 1.67 -50.67
C SER A 25 20.97 1.77 -49.19
N GLY A 26 20.31 0.73 -48.66
CA GLY A 26 19.67 0.80 -47.37
C GLY A 26 20.59 0.95 -46.16
N PHE A 27 21.42 1.98 -46.16
CA PHE A 27 22.21 2.34 -44.98
C PHE A 27 21.57 3.54 -44.30
N THR A 28 21.30 3.39 -42.99
CA THR A 28 20.77 4.51 -42.21
C THR A 28 21.72 5.71 -42.25
N ASN A 29 22.96 5.51 -41.83
CA ASN A 29 23.90 6.59 -41.58
C ASN A 29 25.19 6.34 -42.34
N ASP A 30 26.14 7.26 -42.18
CA ASP A 30 27.44 7.19 -42.84
C ASP A 30 28.42 6.28 -42.12
N PHE A 31 27.98 5.50 -41.15
CA PHE A 31 28.89 4.66 -40.36
C PHE A 31 28.95 3.26 -40.98
N TYR A 32 29.65 3.20 -42.11
CA TYR A 32 30.00 1.93 -42.73
C TYR A 32 31.26 2.14 -43.56
N SER A 33 31.84 1.05 -44.02
CA SER A 33 33.04 1.12 -44.84
C SER A 33 32.91 0.21 -46.04
N ILE A 34 33.64 0.53 -47.09
CA ILE A 34 33.61 -0.21 -48.35
C ILE A 34 34.99 -0.79 -48.59
N ALA A 35 35.01 -2.00 -49.13
CA ALA A 35 36.24 -2.66 -49.54
C ALA A 35 36.07 -3.19 -50.95
N TRP A 36 37.16 -3.21 -51.70
CA TRP A 36 37.18 -3.78 -53.04
C TRP A 36 38.01 -5.05 -53.02
N PHE A 37 37.37 -6.17 -53.34
CA PHE A 37 38.03 -7.46 -53.43
C PHE A 37 38.05 -7.89 -54.90
N ARG A 38 39.20 -8.34 -55.36
CA ARG A 38 39.33 -8.90 -56.70
C ARG A 38 39.71 -10.37 -56.56
N GLN A 39 39.13 -11.20 -57.42
CA GLN A 39 39.32 -12.64 -57.37
C GLN A 39 39.95 -13.08 -58.69
N ALA A 40 41.27 -13.19 -58.70
CA ALA A 40 41.99 -13.60 -59.88
C ALA A 40 41.64 -15.05 -60.23
N PRO A 41 41.87 -15.47 -61.49
CA PRO A 41 41.62 -16.87 -61.85
C PRO A 41 42.37 -17.84 -60.96
N GLY A 42 41.62 -18.63 -60.18
CA GLY A 42 42.20 -19.59 -59.26
C GLY A 42 42.71 -19.00 -57.96
N LYS A 43 42.52 -17.71 -57.72
CA LYS A 43 42.94 -17.07 -56.49
C LYS A 43 41.74 -16.78 -55.59
N GLU A 44 42.04 -16.52 -54.32
CA GLU A 44 41.03 -16.13 -53.35
C GLU A 44 40.71 -14.64 -53.47
N ARG A 45 39.55 -14.26 -52.95
CA ARG A 45 39.21 -12.85 -52.82
C ARG A 45 40.30 -12.13 -52.04
N GLU A 46 40.80 -11.04 -52.61
CA GLU A 46 41.87 -10.26 -52.00
C GLU A 46 41.51 -8.79 -52.05
N GLY A 47 41.54 -8.13 -50.89
CA GLY A 47 41.26 -6.71 -50.86
C GLY A 47 42.37 -5.94 -51.56
N VAL A 48 41.97 -4.86 -52.23
CA VAL A 48 42.91 -4.03 -52.96
C VAL A 48 42.73 -2.58 -52.53
N SER A 49 41.50 -2.22 -52.16
CA SER A 49 41.18 -0.86 -51.77
C SER A 49 40.12 -0.88 -50.69
N TRP A 50 40.25 0.04 -49.73
CA TRP A 50 39.32 0.19 -48.63
C TRP A 50 38.97 1.66 -48.47
N LEU A 51 37.75 1.94 -48.05
CA LEU A 51 37.30 3.30 -47.80
C LEU A 51 36.42 3.34 -46.57
N SER A 52 36.88 4.01 -45.52
CA SER A 52 36.05 4.30 -44.37
C SER A 52 35.21 5.54 -44.69
N VAL A 53 33.89 5.38 -44.76
CA VAL A 53 33.04 6.42 -45.32
C VAL A 53 32.96 7.62 -44.39
N SER A 54 32.72 7.37 -43.09
CA SER A 54 32.57 8.47 -42.14
C SER A 54 33.82 9.33 -42.07
N ASP A 55 35.00 8.74 -42.21
CA ASP A 55 36.25 9.48 -42.14
C ASP A 55 36.81 9.85 -43.50
N ASN A 56 36.32 9.22 -44.57
CA ASN A 56 36.84 9.44 -45.93
C ASN A 56 38.34 9.15 -45.99
N THR A 57 38.72 8.03 -45.41
CA THR A 57 40.12 7.61 -45.36
C THR A 57 40.33 6.42 -46.29
N PRO A 58 41.14 6.55 -47.33
CA PRO A 58 41.39 5.43 -48.23
C PRO A 58 42.57 4.57 -47.79
N THR A 59 42.57 3.33 -48.27
CA THR A 59 43.67 2.40 -48.07
C THR A 59 43.81 1.55 -49.31
N TYR A 60 45.06 1.33 -49.72
CA TYR A 60 45.36 0.55 -50.93
C TYR A 60 46.48 -0.42 -50.63
N VAL A 61 46.40 -1.62 -51.21
CA VAL A 61 47.56 -2.49 -51.19
C VAL A 61 48.66 -1.89 -52.06
N ASP A 62 49.90 -2.31 -51.81
CA ASP A 62 51.04 -1.66 -52.44
C ASP A 62 51.05 -1.88 -53.95
N SER A 63 50.52 -3.01 -54.42
CA SER A 63 50.58 -3.32 -55.85
C SER A 63 49.70 -2.39 -56.69
N VAL A 64 48.77 -1.68 -56.06
CA VAL A 64 47.85 -0.79 -56.76
C VAL A 64 47.93 0.64 -56.24
N LYS A 65 48.92 0.93 -55.40
CA LYS A 65 48.97 2.20 -54.66
C LYS A 65 48.77 3.41 -55.56
N ASP A 66 49.71 3.64 -56.48
CA ASP A 66 49.66 4.85 -57.30
C ASP A 66 48.77 4.70 -58.53
N ARG A 67 48.35 3.48 -58.85
CA ARG A 67 47.50 3.26 -60.01
C ARG A 67 46.02 3.32 -59.69
N PHE A 68 45.62 2.91 -58.49
CA PHE A 68 44.22 2.89 -58.08
C PHE A 68 43.92 4.08 -57.19
N THR A 69 42.72 4.64 -57.36
CA THR A 69 42.25 5.73 -56.52
C THR A 69 40.80 5.44 -56.14
N ILE A 70 40.52 5.39 -54.84
CA ILE A 70 39.17 5.18 -54.35
C ILE A 70 38.66 6.48 -53.74
N SER A 71 37.38 6.75 -53.94
CA SER A 71 36.75 7.98 -53.46
C SER A 71 35.25 7.75 -53.41
N ARG A 72 34.55 8.74 -52.87
CA ARG A 72 33.10 8.65 -52.71
C ARG A 72 32.45 9.95 -53.17
N HIS A 73 31.35 9.81 -53.91
CA HIS A 73 30.50 10.93 -54.27
C HIS A 73 29.27 10.88 -53.37
N ASN A 74 29.06 11.94 -52.58
CA ASN A 74 28.04 11.91 -51.54
C ASN A 74 26.64 11.85 -52.12
N ALA A 75 26.39 12.58 -53.22
CA ALA A 75 25.04 12.74 -53.75
C ALA A 75 24.34 11.41 -54.01
N ASN A 76 25.01 10.51 -54.73
CA ASN A 76 24.41 9.25 -55.15
C ASN A 76 24.78 8.08 -54.24
N ASN A 77 25.51 8.34 -53.16
CA ASN A 77 25.86 7.31 -52.18
C ASN A 77 26.62 6.16 -52.84
N THR A 78 27.59 6.51 -53.69
CA THR A 78 28.30 5.55 -54.52
C THR A 78 29.79 5.69 -54.31
N VAL A 79 30.48 4.57 -54.13
CA VAL A 79 31.93 4.53 -54.00
C VAL A 79 32.53 4.11 -55.33
N TYR A 80 33.53 4.85 -55.78
CA TYR A 80 34.17 4.61 -57.08
C TYR A 80 35.60 4.13 -56.88
N LEU A 81 36.03 3.23 -57.76
CA LEU A 81 37.40 2.73 -57.78
C LEU A 81 37.99 3.06 -59.16
N GLN A 82 38.80 4.11 -59.21
CA GLN A 82 39.45 4.53 -60.45
C GLN A 82 40.74 3.74 -60.62
N MET A 83 40.77 2.86 -61.62
CA MET A 83 41.91 2.00 -61.88
C MET A 83 42.62 2.52 -63.13
N ASN A 84 43.81 3.08 -62.94
CA ASN A 84 44.64 3.55 -64.03
C ASN A 84 45.87 2.67 -64.17
N MET A 85 46.57 2.83 -65.29
CA MET A 85 47.78 2.07 -65.61
C MET A 85 47.54 0.57 -65.38
N LEU A 86 46.44 0.08 -65.94
CA LEU A 86 46.05 -1.31 -65.71
C LEU A 86 47.06 -2.26 -66.33
N LYS A 87 47.35 -3.34 -65.62
CA LYS A 87 48.25 -4.39 -66.03
C LYS A 87 47.49 -5.70 -66.18
N PRO A 88 48.04 -6.68 -66.91
CA PRO A 88 47.40 -8.00 -66.96
C PRO A 88 47.19 -8.62 -65.60
N GLU A 89 47.98 -8.22 -64.60
CA GLU A 89 47.79 -8.74 -63.24
C GLU A 89 46.43 -8.37 -62.69
N ASP A 90 45.90 -7.21 -63.07
CA ASP A 90 44.65 -6.71 -62.51
C ASP A 90 43.42 -7.44 -63.04
N THR A 91 43.57 -8.36 -63.99
CA THR A 91 42.44 -9.12 -64.49
C THR A 91 41.88 -10.00 -63.38
N ALA A 92 40.63 -9.77 -63.01
CA ALA A 92 39.95 -10.48 -61.93
C ALA A 92 38.50 -10.02 -61.89
N ILE A 93 37.69 -10.76 -61.14
CA ILE A 93 36.33 -10.34 -60.82
C ILE A 93 36.39 -9.48 -59.58
N TYR A 94 35.92 -8.23 -59.71
CA TYR A 94 35.99 -7.26 -58.62
C TYR A 94 34.66 -7.23 -57.87
N TYR A 95 34.74 -7.24 -56.54
CA TYR A 95 33.58 -7.14 -55.67
C TYR A 95 33.75 -5.93 -54.76
N CYS A 96 32.66 -5.25 -54.47
CA CYS A 96 32.63 -4.30 -53.36
C CYS A 96 31.84 -4.90 -52.20
N ALA A 97 32.26 -4.56 -51.00
CA ALA A 97 31.69 -5.14 -49.79
C ALA A 97 31.50 -4.05 -48.75
N ALA A 98 30.53 -4.27 -47.87
CA ALA A 98 30.17 -3.29 -46.86
C ALA A 98 30.08 -3.96 -45.50
N GLY A 99 30.37 -3.18 -44.47
CA GLY A 99 30.20 -3.63 -43.09
C GLY A 99 29.92 -2.45 -42.21
N ARG A 100 29.24 -2.71 -41.09
CA ARG A 100 28.84 -1.65 -40.17
C ARG A 100 30.02 -1.31 -39.25
N PHE A 101 31.02 -0.66 -39.84
CA PHE A 101 32.22 -0.28 -39.12
C PHE A 101 32.94 0.84 -39.89
N ALA A 102 33.93 1.42 -39.23
CA ALA A 102 34.85 2.37 -39.86
C ALA A 102 36.23 1.73 -39.90
N GLY A 103 36.65 1.29 -41.08
CA GLY A 103 37.97 0.70 -41.21
C GLY A 103 38.20 -0.17 -42.43
N ARG A 104 38.97 -1.23 -42.26
CA ARG A 104 39.48 -2.01 -43.39
C ARG A 104 39.85 -3.40 -42.90
N ASP A 105 39.71 -4.38 -43.79
CA ASP A 105 40.09 -5.75 -43.46
C ASP A 105 40.53 -6.48 -44.73
N THR A 106 41.46 -7.41 -44.55
CA THR A 106 41.84 -8.32 -45.62
C THR A 106 40.91 -9.53 -45.70
N TRP A 107 40.06 -9.73 -44.69
CA TRP A 107 39.21 -10.91 -44.63
C TRP A 107 37.87 -10.62 -45.27
N PRO A 108 37.49 -11.34 -46.33
CA PRO A 108 36.14 -11.15 -46.91
C PRO A 108 35.02 -11.48 -45.93
N SER A 109 35.20 -12.52 -45.12
CA SER A 109 34.15 -12.94 -44.20
C SER A 109 33.78 -11.88 -43.17
N SER A 110 34.63 -10.88 -42.98
CA SER A 110 34.32 -9.80 -42.04
C SER A 110 33.29 -8.83 -42.58
N TYR A 111 32.90 -8.96 -43.85
CA TYR A 111 31.93 -8.10 -44.49
C TYR A 111 30.63 -8.87 -44.67
N ASP A 112 29.57 -8.40 -44.01
CA ASP A 112 28.27 -9.07 -44.09
C ASP A 112 27.48 -8.69 -45.32
N TYR A 113 27.90 -7.66 -46.06
CA TYR A 113 27.17 -7.20 -47.23
C TYR A 113 28.12 -7.10 -48.42
N TRP A 114 27.65 -7.55 -49.58
CA TRP A 114 28.47 -7.61 -50.78
C TRP A 114 27.68 -7.08 -51.96
N GLY A 115 28.32 -7.06 -53.12
CA GLY A 115 27.64 -6.78 -54.36
C GLY A 115 28.00 -7.83 -55.40
N GLN A 116 27.19 -7.87 -56.46
CA GLN A 116 27.47 -8.80 -57.55
C GLN A 116 28.70 -8.34 -58.32
N GLY A 117 29.62 -9.27 -58.56
CA GLY A 117 30.90 -8.91 -59.13
C GLY A 117 30.81 -8.41 -60.55
N THR A 118 31.83 -7.64 -60.93
CA THR A 118 31.98 -7.14 -62.29
C THR A 118 33.31 -7.63 -62.86
N GLN A 119 33.29 -8.02 -64.13
CA GLN A 119 34.46 -8.59 -64.77
C GLN A 119 35.39 -7.49 -65.28
N VAL A 120 36.68 -7.62 -64.96
CA VAL A 120 37.72 -6.74 -65.48
C VAL A 120 38.77 -7.60 -66.14
N THR A 121 38.96 -7.39 -67.45
CA THR A 121 39.92 -8.15 -68.24
C THR A 121 40.89 -7.19 -68.91
N VAL A 122 42.18 -7.48 -68.81
CA VAL A 122 43.23 -6.64 -69.36
C VAL A 122 44.12 -7.51 -70.24
N SER A 123 44.00 -7.35 -71.55
CA SER A 123 44.85 -8.07 -72.50
C SER A 123 44.87 -7.29 -73.81
N SER A 124 45.64 -7.79 -74.76
CA SER A 124 45.78 -7.14 -76.06
C SER A 124 45.07 -7.93 -77.16
N CYS B 10 9.59 10.92 7.35
CA CYS B 10 9.55 11.69 6.11
C CYS B 10 9.59 13.19 6.41
N PRO B 11 10.45 13.91 5.71
CA PRO B 11 10.64 15.34 5.99
C PRO B 11 9.46 16.20 5.56
N PHE B 12 8.39 16.20 6.34
CA PHE B 12 7.26 17.07 6.06
C PHE B 12 7.39 18.44 6.70
N ASP B 13 8.08 18.55 7.85
CA ASP B 13 8.27 19.85 8.48
C ASP B 13 9.15 20.76 7.63
N GLU B 14 10.15 20.19 6.93
CA GLU B 14 11.03 21.00 6.11
C GLU B 14 10.27 21.72 5.00
N VAL B 15 9.14 21.16 4.57
CA VAL B 15 8.37 21.74 3.47
C VAL B 15 7.29 22.68 3.98
N PHE B 16 6.56 22.26 5.02
CA PHE B 16 5.49 23.11 5.55
C PHE B 16 6.04 24.26 6.39
N ASN B 17 7.01 23.97 7.26
CA ASN B 17 7.58 24.98 8.14
C ASN B 17 8.82 25.66 7.55
N ALA B 18 9.01 25.58 6.23
CA ALA B 18 10.13 26.27 5.61
C ALA B 18 9.98 27.78 5.79
N THR B 19 11.12 28.45 5.90
CA THR B 19 11.10 29.90 6.14
C THR B 19 10.62 30.66 4.91
N ARG B 20 11.12 30.29 3.73
CA ARG B 20 10.72 30.95 2.49
C ARG B 20 10.33 29.91 1.45
N PHE B 21 9.42 30.32 0.58
CA PHE B 21 8.96 29.49 -0.54
C PHE B 21 9.55 30.00 -1.85
N ALA B 22 9.47 29.16 -2.87
CA ALA B 22 9.94 29.52 -4.19
C ALA B 22 8.81 30.13 -5.01
N SER B 23 9.17 30.74 -6.14
CA SER B 23 8.17 31.29 -7.03
C SER B 23 7.40 30.19 -7.74
N VAL B 24 6.22 30.55 -8.25
CA VAL B 24 5.37 29.56 -8.90
C VAL B 24 5.97 29.09 -10.21
N TYR B 25 6.72 29.96 -10.91
CA TYR B 25 7.34 29.56 -12.17
C TYR B 25 8.51 28.62 -11.95
N ALA B 26 9.22 28.77 -10.82
CA ALA B 26 10.32 27.88 -10.47
C ALA B 26 9.98 27.10 -9.21
N TRP B 27 8.87 26.36 -9.24
CA TRP B 27 8.41 25.64 -8.07
C TRP B 27 9.41 24.58 -7.64
N ASN B 28 9.63 24.49 -6.32
CA ASN B 28 10.56 23.51 -5.76
C ASN B 28 9.84 22.20 -5.49
N ARG B 29 10.59 21.10 -5.63
CA ARG B 29 10.08 19.77 -5.38
C ARG B 29 11.01 19.04 -4.44
N LYS B 30 10.45 18.47 -3.37
CA LYS B 30 11.21 17.73 -2.37
C LYS B 30 10.91 16.24 -2.56
N ARG B 31 11.89 15.49 -3.03
CA ARG B 31 11.71 14.06 -3.26
C ARG B 31 11.79 13.34 -1.92
N ILE B 32 10.67 12.76 -1.49
CA ILE B 32 10.56 12.12 -0.20
C ILE B 32 10.42 10.63 -0.43
N SER B 33 11.43 9.86 -0.02
CA SER B 33 11.43 8.42 -0.23
C SER B 33 12.20 7.74 0.89
N ASN B 34 11.86 6.48 1.12
CA ASN B 34 12.52 5.63 2.13
C ASN B 34 12.44 6.27 3.51
N CYS B 35 11.21 6.36 4.01
CA CYS B 35 10.95 6.98 5.29
C CYS B 35 9.56 6.54 5.78
N VAL B 36 9.30 6.82 7.05
CA VAL B 36 8.01 6.57 7.67
C VAL B 36 7.23 7.87 7.67
N ALA B 37 6.09 7.89 6.97
CA ALA B 37 5.32 9.12 6.77
C ALA B 37 4.47 9.39 8.01
N ASP B 38 4.81 10.47 8.72
CA ASP B 38 4.04 10.91 9.89
C ASP B 38 2.93 11.84 9.37
N TYR B 39 1.87 11.22 8.85
CA TYR B 39 0.72 11.94 8.31
C TYR B 39 -0.03 12.59 9.47
N SER B 40 0.46 13.77 9.86
CA SER B 40 -0.18 14.58 10.89
C SER B 40 -0.31 16.04 10.50
N VAL B 41 0.52 16.56 9.60
CA VAL B 41 0.36 17.92 9.12
C VAL B 41 -0.88 18.07 8.26
N LEU B 42 -1.37 16.95 7.70
CA LEU B 42 -2.54 16.99 6.83
C LEU B 42 -3.75 16.26 7.39
N TYR B 43 -3.58 15.40 8.40
CA TYR B 43 -4.68 14.60 8.91
C TYR B 43 -5.81 15.48 9.43
N ASN B 44 -5.54 16.22 10.49
CA ASN B 44 -6.48 17.16 11.08
C ASN B 44 -5.98 18.58 10.84
N LEU B 45 -6.16 19.06 9.62
CA LEU B 45 -5.90 20.47 9.35
C LEU B 45 -6.97 21.32 10.03
N ALA B 46 -6.97 22.62 9.73
CA ALA B 46 -7.87 23.58 10.36
C ALA B 46 -8.79 24.20 9.31
N PRO B 47 -9.93 24.78 9.72
CA PRO B 47 -10.90 25.28 8.73
C PRO B 47 -10.34 26.33 7.79
N PHE B 48 -9.32 27.09 8.21
CA PHE B 48 -8.67 28.07 7.35
C PHE B 48 -7.59 27.45 6.45
N PHE B 49 -7.67 26.15 6.19
CA PHE B 49 -6.70 25.44 5.34
C PHE B 49 -7.43 24.87 4.13
N THR B 50 -7.00 25.27 2.94
CA THR B 50 -7.50 24.68 1.71
C THR B 50 -6.92 23.28 1.56
N PHE B 51 -7.77 22.26 1.56
CA PHE B 51 -7.33 20.87 1.53
C PHE B 51 -8.18 20.11 0.52
N LYS B 52 -7.60 19.78 -0.62
CA LYS B 52 -8.28 19.01 -1.65
C LYS B 52 -7.42 17.80 -2.01
N CYS B 53 -8.04 16.63 -2.05
CA CYS B 53 -7.37 15.40 -2.47
C CYS B 53 -8.05 14.88 -3.73
N TYR B 54 -7.25 14.32 -4.64
CA TYR B 54 -7.73 13.83 -5.92
C TYR B 54 -7.24 12.41 -6.12
N GLY B 55 -8.17 11.50 -6.46
CA GLY B 55 -7.82 10.13 -6.73
C GLY B 55 -7.57 9.27 -5.49
N VAL B 56 -7.53 9.87 -4.30
CA VAL B 56 -7.24 9.12 -3.08
C VAL B 56 -7.89 9.86 -1.91
N SER B 57 -8.24 9.09 -0.87
CA SER B 57 -8.88 9.56 0.35
C SER B 57 -7.84 9.79 1.46
N PRO B 58 -7.98 10.87 2.22
CA PRO B 58 -6.98 11.15 3.27
C PRO B 58 -6.95 10.11 4.38
N THR B 59 -8.11 9.58 4.78
CA THR B 59 -8.15 8.59 5.86
C THR B 59 -7.52 7.26 5.47
N LYS B 60 -7.22 7.05 4.20
CA LYS B 60 -6.61 5.81 3.73
C LYS B 60 -5.13 5.96 3.43
N LEU B 61 -4.56 7.15 3.66
CA LEU B 61 -3.15 7.38 3.36
C LEU B 61 -2.24 6.56 4.27
N ASN B 62 -2.65 6.34 5.52
CA ASN B 62 -1.87 5.52 6.44
C ASN B 62 -1.90 4.04 6.06
N ASP B 63 -2.84 3.64 5.21
CA ASP B 63 -3.00 2.25 4.82
C ASP B 63 -2.45 1.96 3.43
N LEU B 64 -1.70 2.90 2.84
CA LEU B 64 -1.16 2.74 1.50
C LEU B 64 0.33 3.03 1.50
N CYS B 65 1.08 2.23 0.75
CA CYS B 65 2.51 2.43 0.54
C CYS B 65 2.76 2.90 -0.88
N PHE B 66 3.62 3.89 -1.02
CA PHE B 66 3.92 4.48 -2.32
C PHE B 66 5.40 4.36 -2.63
N THR B 67 5.73 4.42 -3.92
CA THR B 67 7.13 4.36 -4.34
C THR B 67 7.86 5.66 -4.02
N ASN B 68 7.29 6.78 -4.46
CA ASN B 68 7.87 8.09 -4.20
C ASN B 68 6.75 9.08 -3.88
N VAL B 69 7.02 9.98 -2.95
CA VAL B 69 6.09 11.04 -2.57
C VAL B 69 6.79 12.36 -2.83
N TYR B 70 6.28 13.12 -3.80
CA TYR B 70 6.87 14.40 -4.18
C TYR B 70 6.08 15.54 -3.54
N ALA B 71 6.81 16.49 -2.97
CA ALA B 71 6.20 17.64 -2.28
C ALA B 71 6.55 18.90 -3.06
N ASP B 72 5.58 19.40 -3.82
CA ASP B 72 5.76 20.59 -4.62
C ASP B 72 5.24 21.80 -3.84
N SER B 73 6.08 22.83 -3.74
CA SER B 73 5.74 24.03 -2.97
C SER B 73 6.02 25.27 -3.80
N PHE B 74 5.12 26.24 -3.70
CA PHE B 74 5.22 27.52 -4.41
C PHE B 74 4.21 28.47 -3.77
N VAL B 75 4.09 29.68 -4.35
CA VAL B 75 3.20 30.71 -3.82
C VAL B 75 2.50 31.39 -4.97
N ILE B 76 1.19 31.57 -4.85
CA ILE B 76 0.38 32.32 -5.81
C ILE B 76 -0.49 33.30 -5.02
N ARG B 77 -1.31 34.05 -5.74
CA ARG B 77 -2.29 34.90 -5.09
C ARG B 77 -3.63 34.17 -4.94
N GLY B 78 -4.51 34.76 -4.14
CA GLY B 78 -5.72 34.05 -3.73
C GLY B 78 -6.63 33.68 -4.88
N ASP B 79 -6.80 34.59 -5.85
CA ASP B 79 -7.68 34.32 -6.98
C ASP B 79 -7.16 33.21 -7.89
N GLU B 80 -5.94 32.73 -7.68
CA GLU B 80 -5.34 31.72 -8.53
C GLU B 80 -5.20 30.36 -7.87
N VAL B 81 -5.65 30.21 -6.61
CA VAL B 81 -5.56 28.92 -5.93
C VAL B 81 -6.44 27.88 -6.61
N ARG B 82 -7.53 28.30 -7.26
CA ARG B 82 -8.42 27.38 -7.95
C ARG B 82 -7.73 26.63 -9.08
N GLN B 83 -6.61 27.15 -9.59
CA GLN B 83 -5.97 26.54 -10.75
C GLN B 83 -5.09 25.35 -10.38
N ILE B 84 -4.66 25.25 -9.12
CA ILE B 84 -3.84 24.12 -8.69
C ILE B 84 -4.76 22.92 -8.51
N ALA B 85 -5.27 22.38 -9.61
CA ALA B 85 -6.21 21.27 -9.60
C ALA B 85 -6.19 20.63 -10.98
N PRO B 86 -6.52 19.34 -11.07
CA PRO B 86 -6.51 18.68 -12.38
C PRO B 86 -7.58 19.26 -13.31
N GLY B 87 -7.20 19.46 -14.56
CA GLY B 87 -8.13 19.97 -15.56
C GLY B 87 -8.54 21.41 -15.35
N GLN B 88 -7.57 22.30 -15.12
CA GLN B 88 -7.84 23.72 -14.92
C GLN B 88 -7.01 24.53 -15.91
N THR B 89 -7.50 25.72 -16.24
CA THR B 89 -6.82 26.61 -17.18
C THR B 89 -6.65 27.98 -16.57
N GLY B 90 -5.72 28.74 -17.12
CA GLY B 90 -5.36 30.05 -16.61
C GLY B 90 -3.88 30.30 -16.83
N ASN B 91 -3.45 31.49 -16.41
CA ASN B 91 -2.04 31.84 -16.57
C ASN B 91 -1.14 31.00 -15.68
N ILE B 92 -1.62 30.62 -14.49
CA ILE B 92 -0.83 29.78 -13.61
C ILE B 92 -0.85 28.33 -14.07
N ALA B 93 -2.02 27.82 -14.48
CA ALA B 93 -2.10 26.42 -14.88
C ALA B 93 -1.39 26.18 -16.21
N ASP B 94 -1.58 27.07 -17.18
CA ASP B 94 -1.00 26.87 -18.50
C ASP B 94 0.47 27.23 -18.56
N TYR B 95 0.91 28.22 -17.77
CA TYR B 95 2.24 28.79 -17.93
C TYR B 95 3.13 28.65 -16.70
N ASN B 96 2.66 28.02 -15.63
CA ASN B 96 3.48 27.95 -14.42
C ASN B 96 3.51 26.55 -13.80
N TYR B 97 2.36 26.04 -13.37
CA TYR B 97 2.31 24.74 -12.68
C TYR B 97 1.03 24.03 -13.09
N LYS B 98 1.17 22.92 -13.82
CA LYS B 98 0.04 22.16 -14.33
C LYS B 98 -0.05 20.80 -13.64
N LEU B 99 -1.28 20.39 -13.31
CA LEU B 99 -1.54 19.07 -12.76
C LEU B 99 -2.18 18.17 -13.82
N PRO B 100 -1.80 16.90 -13.88
CA PRO B 100 -2.35 16.01 -14.91
C PRO B 100 -3.82 15.72 -14.65
N ASP B 101 -4.47 15.17 -15.69
CA ASP B 101 -5.89 14.85 -15.58
C ASP B 101 -6.12 13.65 -14.68
N ASP B 102 -5.16 12.75 -14.59
CA ASP B 102 -5.23 11.59 -13.69
C ASP B 102 -4.38 11.80 -12.44
N PHE B 103 -4.40 13.02 -11.90
CA PHE B 103 -3.56 13.34 -10.75
C PHE B 103 -4.02 12.56 -9.52
N THR B 104 -3.06 11.89 -8.87
CA THR B 104 -3.33 11.11 -7.66
C THR B 104 -2.54 11.77 -6.53
N GLY B 105 -3.25 12.52 -5.68
CA GLY B 105 -2.61 13.22 -4.60
C GLY B 105 -3.53 14.28 -4.02
N CYS B 106 -2.95 15.12 -3.16
CA CYS B 106 -3.68 16.17 -2.48
C CYS B 106 -3.02 17.52 -2.73
N VAL B 107 -3.81 18.58 -2.54
CA VAL B 107 -3.35 19.96 -2.65
C VAL B 107 -3.67 20.67 -1.35
N ILE B 108 -2.70 21.40 -0.81
CA ILE B 108 -2.85 22.13 0.45
C ILE B 108 -2.45 23.58 0.23
N ALA B 109 -3.24 24.50 0.78
CA ALA B 109 -2.96 25.92 0.66
C ALA B 109 -3.49 26.65 1.90
N TRP B 110 -2.79 27.71 2.29
CA TRP B 110 -3.22 28.52 3.43
C TRP B 110 -2.81 29.97 3.21
N ASN B 111 -3.59 30.88 3.79
CA ASN B 111 -3.33 32.31 3.68
C ASN B 111 -2.09 32.70 4.48
N SER B 112 -1.09 33.25 3.80
CA SER B 112 0.16 33.65 4.44
C SER B 112 0.39 35.15 4.35
N ASN B 113 -0.63 35.96 4.65
CA ASN B 113 -0.49 37.41 4.52
C ASN B 113 0.43 38.01 5.57
N LYS B 114 0.55 37.37 6.74
CA LYS B 114 1.43 37.88 7.78
C LYS B 114 2.89 37.51 7.55
N LEU B 115 3.20 36.76 6.49
CA LEU B 115 4.55 36.27 6.24
C LEU B 115 5.18 36.80 4.97
N ASP B 116 4.39 37.10 3.94
CA ASP B 116 4.93 37.49 2.64
C ASP B 116 4.32 38.79 2.14
N SER B 117 4.07 39.74 3.05
CA SER B 117 3.45 41.00 2.64
C SER B 117 4.31 42.20 2.99
N LYS B 118 3.70 43.28 3.46
CA LYS B 118 4.44 44.53 3.67
C LYS B 118 5.36 44.44 4.87
N VAL B 119 4.91 43.79 5.95
CA VAL B 119 5.75 43.67 7.15
C VAL B 119 7.06 42.98 6.82
N SER B 120 6.99 41.82 6.16
CA SER B 120 8.20 41.14 5.72
C SER B 120 8.77 41.78 4.46
N GLY B 121 7.98 41.79 3.38
CA GLY B 121 8.48 42.36 2.15
C GLY B 121 9.28 41.33 1.38
N ASN B 122 8.65 40.23 0.99
CA ASN B 122 9.36 39.18 0.24
C ASN B 122 8.86 39.27 -1.19
N TYR B 123 9.58 40.05 -1.98
CA TYR B 123 9.32 40.16 -3.43
C TYR B 123 10.22 39.20 -4.19
N ASN B 124 10.17 37.92 -3.83
CA ASN B 124 10.82 36.87 -4.62
C ASN B 124 9.80 36.05 -5.40
N TYR B 125 8.52 36.41 -5.32
CA TYR B 125 7.43 35.61 -5.88
C TYR B 125 7.04 36.26 -7.20
N LEU B 126 7.44 35.63 -8.29
CA LEU B 126 7.15 36.08 -9.65
C LEU B 126 6.16 35.10 -10.27
N TYR B 127 5.72 35.42 -11.50
CA TYR B 127 4.86 34.52 -12.23
C TYR B 127 5.11 34.73 -13.72
N ARG B 128 4.81 33.69 -14.50
CA ARG B 128 5.02 33.73 -15.94
C ARG B 128 3.74 34.18 -16.62
N LEU B 129 3.85 35.20 -17.46
CA LEU B 129 2.70 35.83 -18.09
C LEU B 129 2.52 35.39 -19.54
N PHE B 130 3.61 35.28 -20.29
CA PHE B 130 3.56 34.93 -21.71
C PHE B 130 4.32 33.63 -21.94
N ARG B 131 3.75 32.76 -22.76
CA ARG B 131 4.43 31.55 -23.22
C ARG B 131 3.79 31.09 -24.52
N LYS B 132 4.63 30.50 -25.39
CA LYS B 132 4.16 30.14 -26.73
C LYS B 132 3.19 28.97 -26.70
N SER B 133 3.38 28.02 -25.78
CA SER B 133 2.50 26.86 -25.68
C SER B 133 2.24 26.55 -24.22
N ASN B 134 1.29 25.63 -24.00
CA ASN B 134 0.93 25.22 -22.66
C ASN B 134 2.00 24.30 -22.06
N LEU B 135 2.02 24.23 -20.74
CA LEU B 135 2.92 23.33 -20.03
C LEU B 135 2.31 21.94 -19.94
N LYS B 136 3.15 20.92 -20.14
CA LYS B 136 2.75 19.57 -19.86
C LYS B 136 2.65 19.37 -18.34
N PRO B 137 1.95 18.34 -17.88
CA PRO B 137 1.85 18.10 -16.44
C PRO B 137 3.21 17.95 -15.80
N PHE B 138 3.40 18.66 -14.67
CA PHE B 138 4.64 18.62 -13.89
C PHE B 138 5.83 19.14 -14.69
N GLU B 139 5.61 20.20 -15.45
CA GLU B 139 6.68 20.85 -16.22
C GLU B 139 7.04 22.17 -15.57
N ARG B 140 8.35 22.43 -15.45
CA ARG B 140 8.88 23.65 -14.86
C ARG B 140 9.74 24.37 -15.90
N ASP B 141 9.33 25.58 -16.26
CA ASP B 141 10.04 26.39 -17.24
C ASP B 141 10.63 27.60 -16.53
N ILE B 142 11.95 27.62 -16.39
CA ILE B 142 12.66 28.72 -15.76
C ILE B 142 13.38 29.60 -16.79
N SER B 143 12.95 29.53 -18.05
CA SER B 143 13.59 30.33 -19.10
C SER B 143 13.20 31.81 -18.96
N THR B 144 14.17 32.69 -19.15
CA THR B 144 13.97 34.12 -19.08
C THR B 144 14.27 34.78 -20.43
N GLU B 145 13.92 34.11 -21.52
CA GLU B 145 14.12 34.66 -22.85
C GLU B 145 12.97 35.59 -23.22
N ILE B 146 13.30 36.68 -23.91
CA ILE B 146 12.30 37.68 -24.29
C ILE B 146 11.25 37.04 -25.18
N TYR B 147 9.99 37.13 -24.75
CA TYR B 147 8.89 36.52 -25.49
C TYR B 147 8.56 37.33 -26.73
N GLN B 148 8.45 36.64 -27.87
CA GLN B 148 8.10 37.27 -29.14
C GLN B 148 6.59 37.29 -29.30
N ALA B 149 6.00 38.48 -29.20
CA ALA B 149 4.56 38.64 -29.34
C ALA B 149 4.14 39.20 -30.69
N GLY B 150 5.09 39.46 -31.58
CA GLY B 150 4.82 40.02 -32.89
C GLY B 150 5.44 39.17 -33.98
N ASN B 151 5.80 39.84 -35.08
CA ASN B 151 6.40 39.18 -36.23
C ASN B 151 7.90 39.35 -36.31
N LYS B 152 8.44 40.45 -35.79
CA LYS B 152 9.87 40.75 -35.85
C LYS B 152 10.61 40.06 -34.71
N PRO B 153 11.84 39.61 -34.95
CA PRO B 153 12.59 38.94 -33.88
C PRO B 153 13.04 39.92 -32.80
N CYS B 154 13.00 39.44 -31.55
CA CYS B 154 13.34 40.30 -30.42
C CYS B 154 14.84 40.40 -30.21
N ASN B 155 15.55 39.27 -30.29
CA ASN B 155 16.99 39.21 -30.03
C ASN B 155 17.34 39.76 -28.66
N GLY B 156 16.53 39.40 -27.66
CA GLY B 156 16.78 39.84 -26.30
C GLY B 156 16.59 41.31 -26.06
N VAL B 157 15.71 41.96 -26.83
CA VAL B 157 15.46 43.40 -26.71
C VAL B 157 14.04 43.60 -26.20
N ALA B 158 13.91 44.32 -25.10
CA ALA B 158 12.60 44.67 -24.54
C ALA B 158 12.02 45.83 -25.33
N GLY B 159 10.99 45.55 -26.11
CA GLY B 159 10.38 46.57 -26.93
C GLY B 159 8.95 46.24 -27.29
N PHE B 160 8.50 46.80 -28.40
CA PHE B 160 7.15 46.55 -28.90
C PHE B 160 6.99 45.09 -29.29
N ASN B 161 5.97 44.44 -28.73
CA ASN B 161 5.69 43.01 -28.95
C ASN B 161 6.86 42.13 -28.54
N CYS B 162 7.70 42.63 -27.64
CA CYS B 162 8.85 41.88 -27.11
C CYS B 162 8.97 42.24 -25.63
N TYR B 163 8.34 41.42 -24.79
CA TYR B 163 8.22 41.69 -23.37
C TYR B 163 8.99 40.62 -22.59
N PHE B 164 9.41 40.98 -21.38
CA PHE B 164 10.04 40.00 -20.51
C PHE B 164 8.97 39.03 -20.01
N PRO B 165 9.21 37.72 -20.09
CA PRO B 165 8.13 36.74 -19.85
C PRO B 165 7.79 36.54 -18.39
N LEU B 166 8.41 37.27 -17.47
CA LEU B 166 8.14 37.13 -16.06
C LEU B 166 7.63 38.46 -15.51
N ARG B 167 6.57 38.39 -14.72
CA ARG B 167 6.00 39.51 -14.00
C ARG B 167 5.99 39.16 -12.52
N SER B 168 5.62 40.12 -11.69
CA SER B 168 5.70 39.91 -10.26
C SER B 168 4.36 39.98 -9.56
N TYR B 169 4.39 39.53 -8.32
CA TYR B 169 3.31 39.73 -7.37
C TYR B 169 3.73 40.86 -6.43
N SER B 170 2.88 41.87 -6.29
CA SER B 170 3.11 42.99 -5.38
C SER B 170 2.20 42.78 -4.17
N PHE B 171 2.62 41.90 -3.24
CA PHE B 171 1.76 41.56 -2.11
C PHE B 171 1.88 42.65 -1.06
N ARG B 172 0.84 43.45 -0.96
CA ARG B 172 0.69 44.55 -0.03
C ARG B 172 -0.46 44.26 0.94
N PRO B 173 -0.59 45.06 2.02
CA PRO B 173 -1.65 44.79 3.00
C PRO B 173 -3.01 45.38 2.68
N THR B 174 -3.06 46.43 1.85
CA THR B 174 -4.33 47.15 1.63
C THR B 174 -5.28 46.34 0.76
N TYR B 175 -4.76 45.46 -0.09
CA TYR B 175 -5.59 44.65 -0.96
C TYR B 175 -6.51 43.73 -0.15
N GLY B 176 -7.45 43.12 -0.86
CA GLY B 176 -8.39 42.20 -0.27
C GLY B 176 -7.89 40.78 -0.41
N VAL B 177 -8.76 39.84 -0.03
CA VAL B 177 -8.38 38.42 -0.03
C VAL B 177 -8.00 37.93 -1.43
N GLY B 178 -8.62 38.47 -2.48
CA GLY B 178 -8.38 37.96 -3.82
C GLY B 178 -6.99 38.21 -4.39
N HIS B 179 -6.24 39.15 -3.83
CA HIS B 179 -4.90 39.47 -4.31
C HIS B 179 -3.83 39.20 -3.26
N GLN B 180 -4.14 38.39 -2.20
CA GLN B 180 -3.21 38.07 -1.13
C GLN B 180 -2.48 36.76 -1.41
N PRO B 181 -1.27 36.61 -0.85
CA PRO B 181 -0.47 35.41 -1.14
C PRO B 181 -0.99 34.18 -0.41
N TYR B 182 -0.93 33.04 -1.10
CA TYR B 182 -1.27 31.75 -0.53
C TYR B 182 -0.14 30.77 -0.80
N ARG B 183 0.36 30.13 0.25
CA ARG B 183 1.40 29.13 0.12
C ARG B 183 0.75 27.79 -0.22
N VAL B 184 1.14 27.20 -1.34
CA VAL B 184 0.54 25.97 -1.86
C VAL B 184 1.54 24.83 -1.72
N VAL B 185 1.07 23.70 -1.23
CA VAL B 185 1.86 22.48 -1.10
C VAL B 185 1.09 21.36 -1.78
N VAL B 186 1.63 20.82 -2.87
CA VAL B 186 1.00 19.76 -3.64
C VAL B 186 1.77 18.47 -3.38
N LEU B 187 1.06 17.47 -2.86
CA LEU B 187 1.67 16.18 -2.52
C LEU B 187 1.29 15.15 -3.58
N SER B 188 2.29 14.66 -4.31
CA SER B 188 2.07 13.63 -5.33
C SER B 188 2.41 12.26 -4.74
N PHE B 189 1.50 11.31 -4.95
CA PHE B 189 1.69 9.93 -4.48
C PHE B 189 1.82 9.05 -5.71
N GLU B 190 3.01 8.51 -5.94
CA GLU B 190 3.32 7.73 -7.13
C GLU B 190 3.34 6.25 -6.79
N LEU B 191 2.77 5.44 -7.69
CA LEU B 191 2.74 4.00 -7.50
C LEU B 191 2.98 3.27 -8.82
N GLU C 1 16.34 49.14 11.87
CA GLU C 1 16.53 47.70 11.87
C GLU C 1 17.61 47.29 10.86
N VAL C 2 17.16 46.70 9.76
CA VAL C 2 18.08 46.27 8.71
C VAL C 2 18.90 47.44 8.19
N GLN C 3 20.11 47.15 7.73
CA GLN C 3 20.94 48.15 7.08
C GLN C 3 22.02 47.46 6.25
N LEU C 4 22.48 48.16 5.23
CA LEU C 4 23.59 47.71 4.39
C LEU C 4 24.72 48.72 4.50
N VAL C 5 25.94 48.24 4.23
CA VAL C 5 27.14 49.07 4.32
C VAL C 5 28.11 48.63 3.24
N GLU C 6 28.50 49.54 2.36
CA GLU C 6 29.32 49.24 1.21
C GLU C 6 30.77 49.65 1.43
N SER C 7 31.64 49.16 0.55
CA SER C 7 33.06 49.44 0.62
C SER C 7 33.69 49.11 -0.73
N GLY C 8 35.02 49.24 -0.80
CA GLY C 8 35.77 48.91 -2.00
C GLY C 8 36.04 50.05 -2.96
N GLY C 9 35.09 50.98 -3.09
CA GLY C 9 35.22 52.11 -3.98
C GLY C 9 36.45 52.96 -3.79
N GLY C 10 37.13 53.30 -4.89
CA GLY C 10 38.34 54.10 -4.82
C GLY C 10 38.81 54.46 -6.21
N VAL C 11 39.81 55.33 -6.24
CA VAL C 11 40.39 55.79 -7.50
C VAL C 11 40.96 54.60 -8.28
N VAL C 12 40.81 54.65 -9.60
CA VAL C 12 41.30 53.59 -10.47
C VAL C 12 41.45 54.15 -11.89
N GLN C 13 42.61 53.93 -12.49
CA GLN C 13 42.84 54.42 -13.84
C GLN C 13 42.04 53.60 -14.84
N PRO C 14 41.65 54.20 -15.97
CA PRO C 14 40.88 53.45 -16.97
C PRO C 14 41.59 52.19 -17.41
N GLY C 15 40.82 51.12 -17.58
CA GLY C 15 41.34 49.83 -17.97
C GLY C 15 41.66 48.87 -16.84
N ARG C 16 41.76 49.37 -15.60
CA ARG C 16 42.08 48.52 -14.47
C ARG C 16 40.80 47.97 -13.83
N SER C 17 40.98 47.22 -12.75
CA SER C 17 39.89 46.51 -12.09
C SER C 17 39.69 47.02 -10.67
N LEU C 18 38.52 46.70 -10.12
CA LEU C 18 38.15 47.11 -8.77
C LEU C 18 36.97 46.25 -8.32
N ARG C 19 36.96 45.90 -7.03
CA ARG C 19 35.91 45.07 -6.44
C ARG C 19 35.19 45.84 -5.35
N LEU C 20 33.86 45.90 -5.46
CA LEU C 20 33.02 46.48 -4.43
C LEU C 20 32.45 45.38 -3.55
N SER C 21 32.19 45.74 -2.29
CA SER C 21 31.62 44.81 -1.32
C SER C 21 30.41 45.45 -0.65
N CYS C 22 29.41 44.64 -0.34
CA CYS C 22 28.19 45.10 0.32
C CYS C 22 27.88 44.13 1.45
N ALA C 23 27.96 44.61 2.69
CA ALA C 23 27.76 43.79 3.88
C ALA C 23 26.35 44.02 4.40
N ALA C 24 25.58 42.94 4.52
CA ALA C 24 24.20 43.01 4.95
C ALA C 24 24.07 42.51 6.39
N SER C 25 23.09 43.07 7.10
CA SER C 25 22.82 42.67 8.47
C SER C 25 21.38 43.06 8.82
N GLY C 26 20.78 42.27 9.70
CA GLY C 26 19.43 42.52 10.18
C GLY C 26 18.33 41.81 9.43
N PHE C 27 18.65 41.00 8.42
CA PHE C 27 17.66 40.21 7.72
C PHE C 27 18.32 38.96 7.20
N THR C 28 17.49 38.00 6.79
CA THR C 28 17.99 36.75 6.22
C THR C 28 18.43 37.04 4.79
N PHE C 29 19.72 37.36 4.65
CA PHE C 29 20.28 37.78 3.36
C PHE C 29 19.94 36.80 2.25
N SER C 30 20.14 35.50 2.48
CA SER C 30 19.98 34.49 1.44
C SER C 30 18.58 34.45 0.83
N ASN C 31 17.59 35.10 1.46
CA ASN C 31 16.22 35.06 0.97
C ASN C 31 15.90 36.20 0.01
N TYR C 32 16.78 37.17 -0.13
CA TYR C 32 16.52 38.36 -0.93
C TYR C 32 17.47 38.41 -2.11
N GLY C 33 16.95 38.83 -3.26
CA GLY C 33 17.80 39.21 -4.36
C GLY C 33 18.38 40.60 -4.15
N MET C 34 19.54 40.84 -4.74
CA MET C 34 20.22 42.11 -4.59
C MET C 34 20.59 42.66 -5.96
N HIS C 35 20.51 43.97 -6.12
CA HIS C 35 20.90 44.61 -7.36
C HIS C 35 21.71 45.87 -7.06
N TRP C 36 22.72 46.11 -7.89
CA TRP C 36 23.51 47.32 -7.83
C TRP C 36 22.87 48.42 -8.69
N VAL C 37 22.78 49.62 -8.14
CA VAL C 37 22.36 50.81 -8.87
C VAL C 37 23.44 51.87 -8.67
N ARG C 38 23.74 52.61 -9.73
CA ARG C 38 24.79 53.62 -9.66
C ARG C 38 24.23 54.99 -10.06
N GLN C 39 25.00 56.02 -9.74
CA GLN C 39 24.60 57.41 -9.98
C GLN C 39 25.86 58.21 -10.27
N ALA C 40 26.07 58.56 -11.54
CA ALA C 40 27.20 59.40 -11.91
C ALA C 40 27.07 60.76 -11.25
N PRO C 41 28.18 61.43 -10.94
CA PRO C 41 28.10 62.75 -10.30
C PRO C 41 27.33 63.73 -11.16
N GLY C 42 26.31 64.35 -10.58
CA GLY C 42 25.48 65.29 -11.30
C GLY C 42 24.47 64.68 -12.24
N LYS C 43 24.32 63.36 -12.24
CA LYS C 43 23.41 62.67 -13.15
C LYS C 43 22.33 61.93 -12.35
N GLY C 44 21.59 61.07 -13.04
CA GLY C 44 20.50 60.33 -12.45
C GLY C 44 20.89 58.91 -12.08
N LEU C 45 19.89 58.15 -11.65
CA LEU C 45 20.08 56.78 -11.19
C LEU C 45 19.95 55.82 -12.37
N GLU C 46 20.92 54.92 -12.50
CA GLU C 46 20.95 53.93 -13.57
C GLU C 46 21.08 52.54 -12.96
N TRP C 47 20.20 51.63 -13.34
CA TRP C 47 20.30 50.26 -12.85
C TRP C 47 21.51 49.58 -13.48
N VAL C 48 22.22 48.79 -12.68
CA VAL C 48 23.47 48.17 -13.12
C VAL C 48 23.28 46.67 -13.35
N ALA C 49 23.01 45.93 -12.28
CA ALA C 49 22.93 44.48 -12.37
C ALA C 49 22.20 43.94 -11.15
N VAL C 50 21.63 42.74 -11.29
CA VAL C 50 20.85 42.11 -10.23
C VAL C 50 21.30 40.66 -10.10
N TYR C 51 21.31 40.15 -8.87
CA TYR C 51 21.55 38.75 -8.56
C TYR C 51 20.26 38.22 -7.94
N TRP C 52 19.45 37.54 -8.75
CA TRP C 52 18.20 36.96 -8.26
C TRP C 52 18.44 35.84 -7.25
N TYR C 53 17.48 35.69 -6.34
CA TYR C 53 17.54 34.66 -5.31
C TYR C 53 17.08 33.30 -5.84
N ASP C 54 16.07 33.27 -6.70
CA ASP C 54 15.40 32.02 -7.05
C ASP C 54 16.35 31.01 -7.70
N GLY C 55 16.80 31.30 -8.92
CA GLY C 55 17.63 30.37 -9.66
C GLY C 55 19.10 30.73 -9.66
N GLY C 56 19.41 31.95 -9.25
CA GLY C 56 20.74 32.49 -9.44
C GLY C 56 20.93 33.24 -10.74
N ASN C 57 19.84 33.59 -11.43
CA ASN C 57 19.93 34.35 -12.67
C ASN C 57 20.59 35.69 -12.42
N LYS C 58 21.57 36.02 -13.26
CA LYS C 58 22.25 37.30 -13.21
C LYS C 58 21.86 38.10 -14.44
N PHE C 59 21.45 39.35 -14.22
CA PHE C 59 21.06 40.24 -15.30
C PHE C 59 21.88 41.52 -15.18
N TYR C 60 22.38 42.00 -16.32
CA TYR C 60 23.26 43.16 -16.35
C TYR C 60 22.71 44.20 -17.31
N ALA C 61 22.87 45.47 -16.95
CA ALA C 61 22.54 46.55 -17.87
C ALA C 61 23.46 46.49 -19.08
N ASP C 62 22.94 46.94 -20.24
CA ASP C 62 23.67 46.81 -21.49
C ASP C 62 25.00 47.55 -21.46
N SER C 63 25.09 48.64 -20.70
CA SER C 63 26.32 49.42 -20.66
C SER C 63 27.47 48.63 -20.03
N VAL C 64 27.16 47.66 -19.17
CA VAL C 64 28.18 46.95 -18.40
C VAL C 64 28.23 45.46 -18.73
N LYS C 65 27.39 44.96 -19.64
CA LYS C 65 27.42 43.56 -19.99
C LYS C 65 28.79 43.16 -20.51
N GLY C 66 29.34 42.07 -19.96
CA GLY C 66 30.65 41.58 -20.33
C GLY C 66 31.79 42.17 -19.51
N ARG C 67 31.59 43.34 -18.90
CA ARG C 67 32.62 43.98 -18.09
C ARG C 67 32.38 43.83 -16.60
N PHE C 68 31.12 43.80 -16.16
CA PHE C 68 30.79 43.69 -14.75
C PHE C 68 30.26 42.29 -14.43
N THR C 69 30.57 41.82 -13.23
CA THR C 69 30.09 40.54 -12.75
C THR C 69 29.59 40.71 -11.32
N ILE C 70 28.33 40.35 -11.09
CA ILE C 70 27.75 40.37 -9.75
C ILE C 70 27.83 38.97 -9.17
N SER C 71 28.05 38.91 -7.85
CA SER C 71 28.11 37.64 -7.14
C SER C 71 27.80 37.90 -5.67
N ARG C 72 27.63 36.81 -4.93
CA ARG C 72 27.28 36.92 -3.53
C ARG C 72 27.81 35.72 -2.77
N ASP C 73 28.05 35.92 -1.48
CA ASP C 73 28.41 34.85 -0.56
C ASP C 73 27.41 34.91 0.59
N ASN C 74 26.36 34.08 0.50
CA ASN C 74 25.31 34.10 1.51
C ASN C 74 25.84 33.71 2.88
N SER C 75 26.88 32.87 2.92
CA SER C 75 27.45 32.46 4.20
C SER C 75 28.09 33.64 4.93
N LYS C 76 28.56 34.64 4.19
CA LYS C 76 29.16 35.83 4.78
C LYS C 76 28.24 37.04 4.74
N ASN C 77 27.03 36.90 4.20
CA ASN C 77 26.07 38.00 4.08
C ASN C 77 26.69 39.18 3.33
N THR C 78 27.33 38.89 2.21
CA THR C 78 28.06 39.88 1.44
C THR C 78 27.71 39.78 -0.04
N LEU C 79 27.48 40.92 -0.66
CA LEU C 79 27.27 41.03 -2.09
C LEU C 79 28.49 41.70 -2.72
N TYR C 80 28.91 41.20 -3.88
CA TYR C 80 30.10 41.71 -4.55
C TYR C 80 29.75 42.20 -5.96
N LEU C 81 30.58 43.11 -6.45
CA LEU C 81 30.52 43.56 -7.84
C LEU C 81 31.93 43.73 -8.35
N GLN C 82 32.34 42.86 -9.27
CA GLN C 82 33.66 42.95 -9.88
C GLN C 82 33.56 43.81 -11.15
N MET C 83 34.32 44.91 -11.19
CA MET C 83 34.29 45.85 -12.30
C MET C 83 35.61 45.73 -13.04
N ASN C 84 35.54 45.24 -14.28
CA ASN C 84 36.70 45.01 -15.11
C ASN C 84 36.68 45.94 -16.33
N SER C 85 37.87 46.27 -16.83
CA SER C 85 38.04 47.15 -17.99
C SER C 85 37.29 48.46 -17.80
N LEU C 86 37.47 49.06 -16.62
CA LEU C 86 36.76 50.29 -16.27
C LEU C 86 37.06 51.40 -17.26
N ARG C 87 36.08 52.27 -17.45
CA ARG C 87 36.18 53.43 -18.33
C ARG C 87 35.87 54.69 -17.52
N VAL C 88 36.27 55.83 -18.08
CA VAL C 88 36.03 57.12 -17.42
C VAL C 88 34.55 57.29 -17.07
N GLU C 89 33.67 56.87 -17.99
CA GLU C 89 32.23 57.03 -17.78
C GLU C 89 31.67 56.11 -16.70
N ASP C 90 32.49 55.26 -16.09
CA ASP C 90 32.05 54.44 -14.97
C ASP C 90 32.18 55.16 -13.63
N THR C 91 32.70 56.39 -13.62
CA THR C 91 32.80 57.15 -12.39
C THR C 91 31.41 57.48 -11.86
N ALA C 92 31.08 56.97 -10.67
CA ALA C 92 29.74 57.12 -10.13
C ALA C 92 29.75 56.64 -8.68
N VAL C 93 28.76 57.12 -7.93
CA VAL C 93 28.41 56.52 -6.63
C VAL C 93 27.56 55.29 -6.89
N TYR C 94 28.03 54.14 -6.39
CA TYR C 94 27.35 52.87 -6.58
C TYR C 94 26.58 52.51 -5.31
N TYR C 95 25.29 52.21 -5.45
CA TYR C 95 24.43 51.90 -4.32
C TYR C 95 24.05 50.43 -4.31
N CYS C 96 24.19 49.79 -3.15
CA CYS C 96 23.73 48.44 -2.93
C CYS C 96 22.31 48.47 -2.38
N ALA C 97 21.42 47.68 -2.97
CA ALA C 97 20.01 47.75 -2.61
C ALA C 97 19.34 46.40 -2.84
N ARG C 98 18.24 46.18 -2.12
CA ARG C 98 17.47 44.95 -2.23
C ARG C 98 16.75 44.89 -3.58
N ASP C 99 16.49 43.67 -4.05
CA ASP C 99 15.66 43.48 -5.23
C ASP C 99 14.18 43.42 -4.91
N THR C 100 13.82 43.30 -3.63
CA THR C 100 12.42 43.32 -3.22
C THR C 100 11.76 44.58 -3.76
N ALA C 101 11.32 44.51 -5.03
CA ALA C 101 10.85 45.66 -5.79
C ALA C 101 9.91 46.53 -4.96
N PRO C 102 10.26 47.79 -4.74
CA PRO C 102 11.45 48.36 -5.41
C PRO C 102 12.79 48.06 -4.68
N PRO C 103 13.57 49.04 -4.27
CA PRO C 103 14.42 48.77 -3.10
C PRO C 103 13.91 49.38 -1.82
N ASP C 104 13.68 48.54 -0.81
CA ASP C 104 13.20 48.98 0.50
C ASP C 104 14.27 49.85 1.16
N TYR C 105 15.37 49.22 1.58
CA TYR C 105 16.47 49.90 2.25
C TYR C 105 17.73 49.74 1.41
N TRP C 106 18.39 50.85 1.12
CA TRP C 106 19.59 50.83 0.30
C TRP C 106 20.83 50.76 1.20
N GLY C 107 22.00 51.03 0.61
CA GLY C 107 23.25 51.03 1.31
C GLY C 107 23.90 52.40 1.36
N GLN C 108 25.11 52.42 1.92
CA GLN C 108 25.83 53.68 2.13
C GLN C 108 26.09 54.39 0.81
N GLY C 109 26.80 53.74 -0.10
CA GLY C 109 27.17 54.36 -1.36
C GLY C 109 28.62 54.77 -1.43
N THR C 110 29.44 53.96 -2.09
CA THR C 110 30.85 54.27 -2.27
C THR C 110 31.05 55.05 -3.56
N LEU C 111 32.20 55.73 -3.65
CA LEU C 111 32.49 56.64 -4.77
C LEU C 111 33.68 56.09 -5.57
N VAL C 112 33.39 55.51 -6.72
CA VAL C 112 34.42 55.04 -7.64
C VAL C 112 34.69 56.13 -8.66
N THR C 113 35.94 56.58 -8.74
CA THR C 113 36.36 57.61 -9.69
C THR C 113 37.38 57.01 -10.66
N VAL C 114 36.99 56.91 -11.92
CA VAL C 114 37.87 56.40 -12.97
C VAL C 114 38.45 57.60 -13.73
N SER C 115 39.74 57.84 -13.56
CA SER C 115 40.44 58.94 -14.21
C SER C 115 41.92 58.57 -14.28
N SER C 116 42.61 59.15 -15.28
CA SER C 116 44.02 58.85 -15.50
C SER C 116 44.86 60.01 -14.97
N ALA C 117 45.12 59.97 -13.67
CA ALA C 117 46.01 60.91 -13.02
C ALA C 117 46.67 60.22 -11.83
N SER C 118 47.57 60.93 -11.17
CA SER C 118 48.23 60.45 -9.97
C SER C 118 47.91 61.38 -8.81
N THR C 119 48.01 60.84 -7.60
CA THR C 119 47.75 61.63 -6.40
C THR C 119 48.70 62.83 -6.34
N LYS C 120 48.13 64.02 -6.21
CA LYS C 120 48.88 65.26 -6.27
C LYS C 120 48.15 66.30 -5.44
N GLY C 121 48.92 67.12 -4.72
CA GLY C 121 48.35 68.15 -3.87
C GLY C 121 48.00 69.39 -4.65
N PRO C 122 47.12 70.23 -4.09
CA PRO C 122 46.64 71.40 -4.81
C PRO C 122 47.52 72.62 -4.65
N SER C 123 47.56 73.42 -5.72
CA SER C 123 48.10 74.76 -5.65
C SER C 123 47.01 75.73 -5.22
N VAL C 124 47.36 76.64 -4.32
CA VAL C 124 46.41 77.58 -3.72
C VAL C 124 46.80 79.00 -4.15
N PHE C 125 45.89 79.68 -4.84
CA PHE C 125 46.13 81.02 -5.32
C PHE C 125 45.13 82.00 -4.72
N PRO C 126 45.57 83.22 -4.38
CA PRO C 126 44.65 84.19 -3.78
C PRO C 126 43.75 84.86 -4.81
N LEU C 127 42.51 85.11 -4.40
CA LEU C 127 41.56 85.90 -5.17
C LEU C 127 41.45 87.26 -4.47
N ALA C 128 42.27 88.21 -4.91
CA ALA C 128 42.47 89.44 -4.15
C ALA C 128 41.25 90.35 -4.23
N PRO C 129 40.82 90.93 -3.11
CA PRO C 129 39.74 91.92 -3.16
C PRO C 129 40.20 93.18 -3.87
N SER C 130 39.28 93.80 -4.61
CA SER C 130 39.61 94.98 -5.39
C SER C 130 39.54 96.25 -4.55
N SER C 131 40.33 97.24 -4.95
CA SER C 131 40.29 98.57 -4.31
C SER C 131 39.18 99.44 -4.89
N LYS C 132 38.71 99.15 -6.09
CA LYS C 132 37.68 99.94 -6.74
C LYS C 132 36.40 99.15 -7.03
N SER C 133 36.48 97.84 -7.18
CA SER C 133 35.31 97.01 -7.46
C SER C 133 34.65 96.57 -6.15
N THR C 134 34.31 97.55 -5.33
CA THR C 134 33.57 97.33 -4.10
C THR C 134 32.08 97.42 -4.42
N SER C 135 31.36 96.31 -4.24
CA SER C 135 29.93 96.26 -4.56
C SER C 135 29.15 96.76 -3.35
N GLY C 136 28.97 98.08 -3.29
CA GLY C 136 28.14 98.70 -2.27
C GLY C 136 28.67 98.56 -0.85
N GLY C 137 29.97 98.75 -0.65
CA GLY C 137 30.55 98.74 0.68
C GLY C 137 31.03 97.39 1.16
N THR C 138 30.71 96.32 0.45
CA THR C 138 31.17 94.98 0.77
C THR C 138 32.22 94.55 -0.24
N ALA C 139 33.24 93.84 0.24
CA ALA C 139 34.31 93.35 -0.62
C ALA C 139 34.27 91.82 -0.68
N ALA C 140 34.70 91.28 -1.81
CA ALA C 140 34.77 89.85 -2.02
C ALA C 140 36.22 89.42 -2.17
N LEU C 141 36.57 88.32 -1.50
CA LEU C 141 37.89 87.72 -1.62
C LEU C 141 37.73 86.21 -1.51
N GLY C 142 38.77 85.49 -1.93
CA GLY C 142 38.70 84.06 -1.89
C GLY C 142 40.02 83.40 -2.25
N CYS C 143 39.95 82.08 -2.41
CA CYS C 143 41.11 81.26 -2.70
C CYS C 143 40.78 80.28 -3.82
N LEU C 144 41.66 80.19 -4.82
CA LEU C 144 41.52 79.25 -5.91
C LEU C 144 42.34 78.00 -5.61
N VAL C 145 41.66 76.86 -5.52
CA VAL C 145 42.29 75.58 -5.20
C VAL C 145 42.30 74.77 -6.48
N LYS C 146 43.47 74.69 -7.13
CA LYS C 146 43.57 74.21 -8.49
C LYS C 146 44.53 73.02 -8.58
N ASP C 147 44.19 72.08 -9.46
CA ASP C 147 45.09 71.00 -9.88
C ASP C 147 45.41 70.03 -8.77
N TYR C 148 44.40 69.35 -8.22
CA TYR C 148 44.63 68.28 -7.26
C TYR C 148 43.88 67.03 -7.70
N PHE C 149 44.28 65.91 -7.11
CA PHE C 149 43.68 64.62 -7.42
C PHE C 149 44.07 63.61 -6.35
N PRO C 150 43.13 62.80 -5.87
CA PRO C 150 41.70 62.87 -6.20
C PRO C 150 40.92 63.78 -5.25
N GLU C 151 39.60 63.61 -5.24
CA GLU C 151 38.77 64.30 -4.27
C GLU C 151 38.93 63.67 -2.89
N PRO C 152 38.64 64.42 -1.82
CA PRO C 152 38.26 65.84 -1.78
C PRO C 152 39.28 66.74 -1.10
N VAL C 153 39.02 68.04 -1.09
CA VAL C 153 39.75 68.99 -0.26
C VAL C 153 38.77 69.66 0.68
N THR C 154 39.29 70.15 1.82
CA THR C 154 38.51 70.92 2.77
C THR C 154 39.07 72.33 2.84
N VAL C 155 38.17 73.31 2.92
CA VAL C 155 38.56 74.71 2.96
C VAL C 155 37.86 75.38 4.14
N SER C 156 38.63 75.94 5.05
CA SER C 156 38.12 76.77 6.12
C SER C 156 38.81 78.13 6.07
N TRP C 157 38.18 79.12 6.70
CA TRP C 157 38.68 80.48 6.71
C TRP C 157 38.99 80.89 8.14
N ASN C 158 40.22 81.39 8.34
CA ASN C 158 40.69 81.81 9.66
C ASN C 158 40.54 80.72 10.70
N SER C 159 40.90 79.49 10.31
CA SER C 159 40.90 78.32 11.19
C SER C 159 39.52 78.06 11.81
N GLY C 160 38.46 78.37 11.05
CA GLY C 160 37.11 78.16 11.51
C GLY C 160 36.47 79.35 12.19
N ALA C 161 37.22 80.42 12.46
CA ALA C 161 36.65 81.60 13.09
C ALA C 161 35.83 82.45 12.14
N LEU C 162 35.95 82.22 10.83
CA LEU C 162 35.20 82.98 9.82
C LEU C 162 34.39 81.98 9.00
N THR C 163 33.07 81.98 9.19
CA THR C 163 32.18 81.10 8.44
C THR C 163 30.97 81.77 7.83
N SER C 164 30.61 82.99 8.26
CA SER C 164 29.49 83.70 7.65
C SER C 164 29.92 84.31 6.33
N GLY C 165 29.10 84.13 5.29
CA GLY C 165 29.42 84.65 3.98
C GLY C 165 30.40 83.82 3.19
N VAL C 166 30.74 82.62 3.66
CA VAL C 166 31.70 81.76 2.98
C VAL C 166 30.95 80.87 1.98
N HIS C 167 31.48 80.82 0.75
CA HIS C 167 30.97 79.92 -0.28
C HIS C 167 32.15 79.13 -0.84
N THR C 168 32.16 77.82 -0.62
CA THR C 168 33.17 76.93 -1.17
C THR C 168 32.53 76.16 -2.32
N PHE C 169 32.98 76.44 -3.54
CA PHE C 169 32.32 75.89 -4.72
C PHE C 169 32.74 74.44 -4.94
N PRO C 170 31.87 73.63 -5.54
CA PRO C 170 32.25 72.24 -5.86
C PRO C 170 33.38 72.18 -6.87
N ALA C 171 34.19 71.13 -6.76
CA ALA C 171 35.31 70.95 -7.67
C ALA C 171 34.82 70.48 -9.03
N VAL C 172 35.60 70.79 -10.06
CA VAL C 172 35.33 70.35 -11.42
C VAL C 172 36.51 69.52 -11.90
N LEU C 173 36.21 68.47 -12.66
CA LEU C 173 37.26 67.66 -13.28
C LEU C 173 37.69 68.36 -14.56
N GLN C 174 38.87 68.98 -14.53
CA GLN C 174 39.36 69.69 -15.70
C GLN C 174 39.79 68.70 -16.78
N SER C 175 40.05 69.24 -17.97
CA SER C 175 40.54 68.41 -19.07
C SER C 175 41.91 67.81 -18.77
N SER C 176 42.60 68.30 -17.74
CA SER C 176 43.89 67.75 -17.33
C SER C 176 43.75 66.52 -16.43
N GLY C 177 42.52 66.13 -16.09
CA GLY C 177 42.29 65.06 -15.15
C GLY C 177 42.43 65.45 -13.69
N LEU C 178 42.71 66.71 -13.40
CA LEU C 178 42.86 67.21 -12.05
C LEU C 178 41.70 68.12 -11.69
N TYR C 179 41.38 68.20 -10.41
CA TYR C 179 40.25 68.98 -9.94
C TYR C 179 40.64 70.43 -9.65
N SER C 180 39.64 71.29 -9.56
CA SER C 180 39.84 72.70 -9.27
C SER C 180 38.52 73.29 -8.75
N LEU C 181 38.62 74.10 -7.70
CA LEU C 181 37.46 74.78 -7.14
C LEU C 181 37.87 76.11 -6.54
N SER C 182 36.88 76.96 -6.31
CA SER C 182 37.07 78.25 -5.64
C SER C 182 36.28 78.29 -4.35
N SER C 183 36.85 78.98 -3.35
CA SER C 183 36.16 79.30 -2.11
C SER C 183 36.24 80.79 -1.88
N VAL C 184 35.09 81.44 -1.69
CA VAL C 184 35.02 82.89 -1.58
C VAL C 184 34.31 83.28 -0.29
N VAL C 185 34.55 84.52 0.14
CA VAL C 185 33.91 85.07 1.33
C VAL C 185 33.72 86.58 1.11
N THR C 186 32.56 87.08 1.53
CA THR C 186 32.24 88.50 1.43
C THR C 186 32.44 89.18 2.79
N VAL C 187 33.11 90.33 2.78
CA VAL C 187 33.44 91.05 4.02
C VAL C 187 33.20 92.54 3.81
N PRO C 188 33.08 93.29 4.89
CA PRO C 188 32.98 94.75 4.78
C PRO C 188 34.27 95.36 4.23
N SER C 189 34.12 96.31 3.31
CA SER C 189 35.27 96.97 2.72
C SER C 189 36.04 97.79 3.75
N SER C 190 35.36 98.29 4.79
CA SER C 190 36.02 99.08 5.82
C SER C 190 36.99 98.24 6.64
N SER C 191 36.86 96.92 6.61
CA SER C 191 37.71 96.02 7.39
C SER C 191 38.84 95.43 6.56
N LEU C 192 38.96 95.80 5.29
CA LEU C 192 40.01 95.24 4.44
C LEU C 192 41.40 95.60 4.95
N GLY C 193 41.55 96.80 5.49
CA GLY C 193 42.83 97.25 6.00
C GLY C 193 43.09 96.92 7.44
N THR C 194 42.11 96.33 8.13
CA THR C 194 42.22 96.02 9.55
C THR C 194 42.17 94.52 9.85
N GLN C 195 41.35 93.76 9.14
CA GLN C 195 41.14 92.34 9.44
C GLN C 195 41.99 91.46 8.54
N THR C 196 42.67 90.49 9.17
CA THR C 196 43.47 89.49 8.45
C THR C 196 42.59 88.33 8.01
N TYR C 197 42.71 87.95 6.73
CA TYR C 197 41.92 86.87 6.15
C TYR C 197 42.84 85.78 5.61
N ILE C 198 42.67 84.56 6.12
CA ILE C 198 43.51 83.42 5.74
C ILE C 198 42.60 82.24 5.41
N CYS C 199 42.86 81.58 4.29
CA CYS C 199 42.13 80.39 3.87
C CYS C 199 42.97 79.14 4.15
N ASN C 200 42.34 78.14 4.78
CA ASN C 200 43.01 76.90 5.18
C ASN C 200 42.58 75.77 4.26
N VAL C 201 43.52 75.28 3.44
CA VAL C 201 43.27 74.21 2.48
C VAL C 201 43.95 72.95 2.98
N ASN C 202 43.20 71.85 3.02
CA ASN C 202 43.71 70.56 3.46
C ASN C 202 43.39 69.50 2.41
N HIS C 203 44.40 68.73 2.01
CA HIS C 203 44.24 67.63 1.05
C HIS C 203 44.90 66.39 1.64
N LYS C 204 44.08 65.56 2.29
CA LYS C 204 44.52 64.37 3.01
C LYS C 204 45.09 63.27 2.11
N PRO C 205 44.58 63.06 0.88
CA PRO C 205 45.20 62.03 0.02
C PRO C 205 46.69 62.26 -0.23
N SER C 206 47.11 63.51 -0.40
CA SER C 206 48.52 63.83 -0.62
C SER C 206 49.22 64.30 0.64
N ASN C 207 48.52 64.36 1.78
CA ASN C 207 49.04 64.86 3.05
C ASN C 207 49.62 66.27 2.87
N THR C 208 48.77 67.16 2.36
CA THR C 208 49.15 68.52 2.05
C THR C 208 48.24 69.49 2.78
N LYS C 209 48.84 70.36 3.60
CA LYS C 209 48.13 71.43 4.27
C LYS C 209 48.75 72.76 3.86
N VAL C 210 47.91 73.70 3.42
CA VAL C 210 48.37 74.99 2.93
C VAL C 210 47.49 76.09 3.51
N ASP C 211 48.11 77.10 4.11
CA ASP C 211 47.44 78.32 4.53
C ASP C 211 47.93 79.47 3.67
N LYS C 212 47.01 80.11 2.95
CA LYS C 212 47.33 81.24 2.08
C LYS C 212 46.63 82.49 2.60
N ARG C 213 47.40 83.56 2.80
CA ARG C 213 46.84 84.84 3.24
C ARG C 213 46.34 85.63 2.04
N VAL C 214 45.16 86.22 2.19
CA VAL C 214 44.52 86.97 1.11
C VAL C 214 44.51 88.44 1.51
N GLU C 215 45.26 89.25 0.79
CA GLU C 215 45.40 90.67 1.04
C GLU C 215 44.97 91.47 -0.19
N PRO C 216 44.50 92.70 0.00
CA PRO C 216 44.16 93.54 -1.16
C PRO C 216 45.38 93.79 -2.03
N LYS C 217 45.12 94.04 -3.31
CA LYS C 217 46.20 94.27 -4.28
C LYS C 217 46.77 95.68 -4.15
N ALA D 1 12.32 50.42 -25.62
CA ALA D 1 12.07 50.14 -24.21
C ALA D 1 11.25 51.24 -23.57
N ILE D 2 10.85 51.02 -22.31
CA ILE D 2 10.02 52.00 -21.61
C ILE D 2 10.85 53.21 -21.24
N ARG D 3 10.27 54.40 -21.42
CA ARG D 3 10.91 55.66 -21.08
C ARG D 3 10.04 56.42 -20.09
N MET D 4 10.62 56.80 -18.96
CA MET D 4 9.90 57.50 -17.90
C MET D 4 10.40 58.94 -17.85
N THR D 5 9.50 59.89 -18.11
CA THR D 5 9.81 61.31 -18.14
C THR D 5 9.07 62.02 -17.02
N GLN D 6 9.80 62.76 -16.19
CA GLN D 6 9.23 63.53 -15.10
C GLN D 6 9.12 65.00 -15.48
N SER D 7 8.08 65.66 -14.97
CA SER D 7 7.81 67.05 -15.25
C SER D 7 7.19 67.70 -14.02
N PRO D 8 7.55 68.94 -13.68
CA PRO D 8 8.55 69.76 -14.38
C PRO D 8 9.97 69.44 -13.94
N GLY D 9 10.96 70.08 -14.58
CA GLY D 9 12.34 69.85 -14.19
C GLY D 9 12.67 70.45 -12.84
N THR D 10 12.10 71.61 -12.53
CA THR D 10 12.34 72.28 -11.26
C THR D 10 11.03 72.85 -10.75
N LEU D 11 10.61 72.41 -9.56
CA LEU D 11 9.42 72.93 -8.90
C LEU D 11 9.87 73.84 -7.77
N SER D 12 9.51 75.12 -7.85
CA SER D 12 9.96 76.14 -6.90
C SER D 12 8.77 76.57 -6.05
N LEU D 13 8.75 76.12 -4.80
CA LEU D 13 7.64 76.37 -3.89
C LEU D 13 8.17 76.82 -2.54
N SER D 14 7.27 77.39 -1.74
CA SER D 14 7.60 77.79 -0.39
C SER D 14 7.15 76.74 0.60
N PRO D 15 7.75 76.69 1.79
CA PRO D 15 7.25 75.74 2.81
C PRO D 15 5.79 76.03 3.13
N GLY D 16 5.02 74.95 3.23
CA GLY D 16 3.58 75.06 3.40
C GLY D 16 2.79 74.99 2.13
N GLU D 17 3.43 75.08 0.96
CA GLU D 17 2.72 75.00 -0.31
C GLU D 17 2.46 73.55 -0.69
N ARG D 18 1.58 73.37 -1.67
CA ARG D 18 1.25 72.05 -2.18
C ARG D 18 2.12 71.74 -3.40
N ALA D 19 2.74 70.57 -3.40
CA ALA D 19 3.62 70.14 -4.48
C ALA D 19 2.94 69.05 -5.29
N THR D 20 2.99 69.17 -6.61
CA THR D 20 2.44 68.19 -7.53
C THR D 20 3.52 67.80 -8.52
N LEU D 21 4.00 66.55 -8.43
CA LEU D 21 5.03 66.04 -9.31
C LEU D 21 4.42 65.02 -10.26
N SER D 22 4.92 65.01 -11.50
CA SER D 22 4.36 64.19 -12.56
C SER D 22 5.36 63.16 -13.04
N CYS D 23 4.85 62.01 -13.46
CA CYS D 23 5.65 60.93 -14.04
C CYS D 23 4.84 60.34 -15.18
N ARG D 24 5.29 60.54 -16.41
CA ARG D 24 4.58 60.13 -17.61
C ARG D 24 5.31 58.97 -18.27
N ALA D 25 4.54 58.01 -18.78
CA ALA D 25 5.08 56.77 -19.33
C ALA D 25 4.90 56.73 -20.84
N SER D 26 5.89 56.17 -21.54
CA SER D 26 5.80 56.02 -22.99
C SER D 26 4.77 54.98 -23.39
N GLN D 27 4.50 54.00 -22.53
CA GLN D 27 3.50 52.96 -22.79
C GLN D 27 2.51 52.91 -21.64
N SER D 28 1.40 52.22 -21.87
CA SER D 28 0.46 51.94 -20.80
C SER D 28 1.09 50.98 -19.80
N ILE D 29 0.89 51.26 -18.51
CA ILE D 29 1.57 50.54 -17.45
C ILE D 29 0.55 50.10 -16.41
N SER D 30 0.66 48.85 -15.98
CA SER D 30 -0.14 48.38 -14.85
C SER D 30 0.23 49.18 -13.61
N SER D 31 -0.78 49.76 -12.96
CA SER D 31 -0.54 50.64 -11.82
C SER D 31 0.13 49.94 -10.64
N SER D 32 0.19 48.61 -10.64
CA SER D 32 0.82 47.88 -9.55
C SER D 32 2.34 48.03 -9.51
N PHE D 33 2.96 48.58 -10.55
CA PHE D 33 4.41 48.53 -10.70
C PHE D 33 4.99 49.93 -10.95
N LEU D 34 4.67 50.88 -10.08
CA LEU D 34 5.26 52.21 -10.16
C LEU D 34 5.66 52.69 -8.77
N ALA D 35 6.88 53.23 -8.65
CA ALA D 35 7.42 53.65 -7.36
C ALA D 35 7.86 55.10 -7.42
N TRP D 36 7.98 55.70 -6.23
CA TRP D 36 8.48 57.06 -6.06
C TRP D 36 9.56 57.08 -4.99
N TYR D 37 10.52 57.99 -5.16
CA TYR D 37 11.64 58.12 -4.25
C TYR D 37 11.91 59.57 -3.87
N GLN D 38 12.53 59.72 -2.70
CA GLN D 38 13.15 60.94 -2.24
C GLN D 38 14.64 60.67 -2.06
N GLN D 39 15.47 61.53 -2.64
CA GLN D 39 16.91 61.44 -2.42
C GLN D 39 17.40 62.79 -1.95
N LYS D 40 18.06 62.80 -0.86
CA LYS D 40 18.70 63.99 -0.35
C LYS D 40 20.19 63.94 -0.64
N PRO D 41 20.84 65.09 -0.80
CA PRO D 41 22.25 65.11 -1.20
C PRO D 41 23.10 64.30 -0.23
N GLY D 42 23.95 63.43 -0.80
CA GLY D 42 24.79 62.56 -0.02
C GLY D 42 24.10 61.37 0.60
N GLN D 43 22.83 61.15 0.32
CA GLN D 43 22.06 60.06 0.89
C GLN D 43 21.64 59.08 -0.19
N ALA D 44 21.36 57.85 0.25
CA ALA D 44 20.77 56.86 -0.63
C ALA D 44 19.30 57.21 -0.89
N PRO D 45 18.76 56.78 -2.03
CA PRO D 45 17.33 57.03 -2.30
C PRO D 45 16.44 56.38 -1.24
N ARG D 46 15.52 57.17 -0.71
CA ARG D 46 14.61 56.72 0.34
C ARG D 46 13.27 56.36 -0.30
N LEU D 47 12.85 55.11 -0.11
CA LEU D 47 11.61 54.66 -0.72
C LEU D 47 10.42 55.37 -0.08
N LEU D 48 9.63 56.05 -0.91
CA LEU D 48 8.42 56.73 -0.47
C LEU D 48 7.18 55.94 -0.84
N ILE D 49 6.97 55.72 -2.13
CA ILE D 49 5.73 55.15 -2.65
C ILE D 49 6.08 53.93 -3.49
N TYR D 50 5.30 52.87 -3.34
CA TYR D 50 5.40 51.70 -4.20
C TYR D 50 4.00 51.28 -4.60
N GLY D 51 3.89 50.68 -5.79
CA GLY D 51 2.57 50.30 -6.29
C GLY D 51 1.68 51.48 -6.52
N ALA D 52 2.25 52.59 -7.00
CA ALA D 52 1.53 53.81 -7.38
C ALA D 52 0.94 54.58 -6.20
N SER D 53 0.50 53.88 -5.14
CA SER D 53 -0.25 54.57 -4.10
C SER D 53 0.04 54.12 -2.67
N SER D 54 0.99 53.22 -2.44
CA SER D 54 1.26 52.71 -1.11
C SER D 54 2.49 53.39 -0.51
N ARG D 55 2.38 53.82 0.74
CA ARG D 55 3.48 54.46 1.44
C ARG D 55 4.31 53.42 2.18
N ALA D 56 5.63 53.50 2.03
CA ALA D 56 6.51 52.60 2.75
C ALA D 56 6.50 52.93 4.24
N THR D 57 7.11 52.05 5.03
CA THR D 57 7.11 52.21 6.48
C THR D 57 7.91 53.46 6.86
N GLY D 58 7.27 54.38 7.56
CA GLY D 58 7.91 55.59 8.04
C GLY D 58 7.60 56.83 7.24
N ILE D 59 7.00 56.69 6.06
CA ILE D 59 6.73 57.84 5.21
C ILE D 59 5.52 58.60 5.75
N PRO D 60 5.61 59.91 5.92
CA PRO D 60 4.45 60.67 6.42
C PRO D 60 3.29 60.63 5.45
N ASP D 61 2.09 60.89 5.98
CA ASP D 61 0.88 60.80 5.19
C ASP D 61 0.64 62.01 4.30
N ARG D 62 1.51 63.02 4.35
CA ARG D 62 1.43 64.12 3.40
C ARG D 62 1.90 63.72 2.00
N PHE D 63 2.53 62.56 1.87
CA PHE D 63 2.92 62.03 0.58
C PHE D 63 1.82 61.09 0.08
N SER D 64 1.33 61.33 -1.13
CA SER D 64 0.31 60.48 -1.71
C SER D 64 0.57 60.32 -3.20
N GLY D 65 0.47 59.08 -3.68
CA GLY D 65 0.65 58.77 -5.08
C GLY D 65 -0.65 58.26 -5.68
N SER D 66 -0.83 58.50 -6.98
CA SER D 66 -2.01 58.04 -7.70
C SER D 66 -1.63 57.85 -9.16
N GLY D 67 -2.60 57.39 -9.95
CA GLY D 67 -2.44 57.28 -11.38
C GLY D 67 -2.57 55.84 -11.86
N SER D 68 -2.70 55.72 -13.17
CA SER D 68 -2.83 54.44 -13.85
C SER D 68 -2.63 54.67 -15.34
N GLY D 69 -2.25 53.62 -16.05
CA GLY D 69 -1.98 53.73 -17.47
C GLY D 69 -0.66 54.42 -17.78
N THR D 70 -0.72 55.68 -18.17
CA THR D 70 0.47 56.43 -18.56
C THR D 70 0.76 57.63 -17.67
N ASP D 71 -0.18 58.07 -16.83
CA ASP D 71 0.00 59.25 -16.01
C ASP D 71 0.00 58.87 -14.54
N PHE D 72 1.06 59.28 -13.83
CA PHE D 72 1.17 59.06 -12.40
C PHE D 72 1.56 60.37 -11.72
N THR D 73 1.16 60.50 -10.45
CA THR D 73 1.31 61.77 -9.74
C THR D 73 1.73 61.53 -8.30
N LEU D 74 2.72 62.29 -7.85
CA LEU D 74 3.11 62.35 -6.45
C LEU D 74 2.70 63.71 -5.90
N THR D 75 1.90 63.71 -4.84
CA THR D 75 1.38 64.93 -4.25
C THR D 75 1.86 65.08 -2.81
N ILE D 76 2.42 66.26 -2.51
CA ILE D 76 2.79 66.63 -1.15
C ILE D 76 1.82 67.73 -0.72
N SER D 77 0.96 67.42 0.26
CA SER D 77 -0.12 68.33 0.61
C SER D 77 0.40 69.61 1.25
N ARG D 78 1.44 69.52 2.05
CA ARG D 78 2.01 70.68 2.73
C ARG D 78 3.53 70.53 2.77
N LEU D 79 4.23 71.42 2.09
CA LEU D 79 5.69 71.38 2.05
C LEU D 79 6.27 71.68 3.43
N GLU D 80 6.95 70.72 4.00
CA GLU D 80 7.79 70.92 5.18
C GLU D 80 9.22 71.16 4.76
N PRO D 81 10.04 71.77 5.62
CA PRO D 81 11.43 72.04 5.22
C PRO D 81 12.24 70.79 4.91
N GLU D 82 11.90 69.67 5.52
CA GLU D 82 12.61 68.41 5.26
C GLU D 82 12.24 67.80 3.91
N ASP D 83 11.19 68.27 3.27
CA ASP D 83 10.69 67.65 2.04
C ASP D 83 11.38 68.18 0.80
N PHE D 84 12.09 69.29 0.87
CA PHE D 84 12.80 69.83 -0.29
C PHE D 84 13.99 68.94 -0.61
N ALA D 85 13.92 68.27 -1.76
CA ALA D 85 14.90 67.27 -2.15
C ALA D 85 14.70 66.87 -3.60
N VAL D 86 15.28 65.74 -4.02
CA VAL D 86 15.13 65.23 -5.38
C VAL D 86 14.21 64.02 -5.32
N TYR D 87 13.28 63.94 -6.26
CA TYR D 87 12.31 62.87 -6.34
C TYR D 87 12.40 62.16 -7.67
N TYR D 88 12.52 60.85 -7.64
CA TYR D 88 12.51 60.00 -8.82
C TYR D 88 11.27 59.11 -8.81
N CYS D 89 10.77 58.81 -10.00
CA CYS D 89 9.79 57.74 -10.16
C CYS D 89 10.48 56.56 -10.83
N GLN D 90 9.91 55.38 -10.66
CA GLN D 90 10.57 54.15 -11.07
C GLN D 90 9.56 53.18 -11.67
N GLN D 91 9.92 52.59 -12.81
CA GLN D 91 9.08 51.58 -13.47
C GLN D 91 9.63 50.19 -13.15
N TYR D 92 9.49 49.82 -11.89
CA TYR D 92 9.95 48.52 -11.42
C TYR D 92 8.91 47.45 -11.73
N GLY D 93 9.09 46.27 -11.16
CA GLY D 93 8.05 45.25 -11.12
C GLY D 93 7.93 44.35 -12.32
N THR D 94 8.01 44.91 -13.53
CA THR D 94 7.84 44.11 -14.73
C THR D 94 9.04 43.20 -14.98
N SER D 95 10.10 43.76 -15.52
CA SER D 95 11.34 43.05 -15.83
C SER D 95 12.36 43.26 -14.73
N PRO D 96 13.43 42.46 -14.71
CA PRO D 96 14.50 42.69 -13.72
C PRO D 96 15.06 44.10 -13.78
N ARG D 97 15.22 44.64 -14.99
CA ARG D 97 15.71 45.99 -15.16
C ARG D 97 14.83 46.99 -14.41
N LEU D 98 15.48 47.96 -13.76
CA LEU D 98 14.78 48.96 -12.96
C LEU D 98 14.98 50.31 -13.64
N THR D 99 14.13 50.61 -14.61
CA THR D 99 14.17 51.91 -15.26
C THR D 99 13.72 52.99 -14.29
N PHE D 100 14.44 54.10 -14.28
CA PHE D 100 14.21 55.18 -13.34
C PHE D 100 13.83 56.45 -14.09
N GLY D 101 13.14 57.35 -13.38
CA GLY D 101 12.81 58.64 -13.93
C GLY D 101 13.99 59.60 -13.89
N GLY D 102 13.84 60.71 -14.62
CA GLY D 102 14.92 61.66 -14.72
C GLY D 102 15.14 62.51 -13.49
N GLY D 103 14.14 62.66 -12.65
CA GLY D 103 14.29 63.38 -11.40
C GLY D 103 13.62 64.74 -11.45
N THR D 104 12.95 65.10 -10.36
CA THR D 104 12.36 66.41 -10.17
C THR D 104 12.84 66.99 -8.85
N LYS D 105 13.47 68.16 -8.91
CA LYS D 105 14.02 68.81 -7.72
C LYS D 105 13.03 69.85 -7.20
N VAL D 106 12.67 69.73 -5.93
CA VAL D 106 11.78 70.67 -5.26
C VAL D 106 12.64 71.59 -4.40
N ASP D 107 12.71 72.87 -4.77
CA ASP D 107 13.52 73.84 -4.06
C ASP D 107 12.64 74.95 -3.48
N ILE D 108 13.26 75.80 -2.66
CA ILE D 108 12.55 76.85 -1.94
C ILE D 108 12.21 78.01 -2.89
N LYS D 109 11.29 78.85 -2.46
CA LYS D 109 10.83 80.00 -3.21
C LYS D 109 11.21 81.26 -2.43
N ARG D 110 11.26 82.39 -3.13
CA ARG D 110 11.89 83.58 -2.59
C ARG D 110 11.62 84.77 -3.51
N THR D 111 11.84 85.97 -2.96
CA THR D 111 11.83 87.17 -3.79
C THR D 111 13.06 87.18 -4.70
N VAL D 112 12.95 87.93 -5.79
CA VAL D 112 14.04 88.01 -6.76
C VAL D 112 15.20 88.78 -6.14
N ALA D 113 16.39 88.17 -6.16
CA ALA D 113 17.59 88.76 -5.59
C ALA D 113 18.64 88.91 -6.69
N ALA D 114 19.05 90.15 -6.94
CA ALA D 114 20.08 90.40 -7.95
C ALA D 114 21.45 89.92 -7.44
N PRO D 115 22.29 89.43 -8.34
CA PRO D 115 23.62 88.96 -7.92
C PRO D 115 24.59 90.11 -7.70
N SER D 116 25.49 89.91 -6.73
CA SER D 116 26.63 90.80 -6.55
C SER D 116 27.80 90.24 -7.34
N VAL D 117 28.32 91.05 -8.26
CA VAL D 117 29.29 90.59 -9.25
C VAL D 117 30.67 91.09 -8.87
N PHE D 118 31.67 90.20 -8.93
CA PHE D 118 33.06 90.53 -8.68
C PHE D 118 33.92 89.78 -9.68
N ILE D 119 34.99 90.43 -10.13
CA ILE D 119 35.93 89.81 -11.06
C ILE D 119 37.31 89.82 -10.42
N PHE D 120 38.02 88.71 -10.57
CA PHE D 120 39.33 88.52 -9.93
C PHE D 120 40.39 88.27 -10.98
N PRO D 121 41.44 89.09 -11.05
CA PRO D 121 42.53 88.80 -11.98
C PRO D 121 43.30 87.57 -11.55
N PRO D 122 44.02 86.92 -12.46
CA PRO D 122 44.87 85.81 -12.06
C PRO D 122 46.01 86.29 -11.17
N SER D 123 46.41 85.44 -10.25
CA SER D 123 47.46 85.81 -9.31
C SER D 123 48.82 85.80 -9.99
N ASP D 124 49.70 86.69 -9.53
CA ASP D 124 51.04 86.76 -10.09
C ASP D 124 51.83 85.49 -9.83
N GLU D 125 51.49 84.75 -8.76
CA GLU D 125 52.15 83.49 -8.50
C GLU D 125 51.68 82.40 -9.46
N GLN D 126 50.41 82.45 -9.86
CA GLN D 126 49.92 81.52 -10.88
C GLN D 126 50.52 81.83 -12.24
N LEU D 127 50.73 83.11 -12.54
CA LEU D 127 51.37 83.50 -13.79
C LEU D 127 52.81 83.01 -13.87
N LYS D 128 53.44 82.74 -12.72
CA LYS D 128 54.78 82.16 -12.74
C LYS D 128 54.80 80.77 -13.34
N SER D 129 53.67 80.05 -13.29
CA SER D 129 53.61 78.66 -13.74
C SER D 129 53.04 78.52 -15.14
N GLY D 130 52.71 79.62 -15.82
CA GLY D 130 52.31 79.57 -17.21
C GLY D 130 50.81 79.59 -17.46
N THR D 131 50.00 79.45 -16.42
CA THR D 131 48.54 79.43 -16.56
C THR D 131 47.95 80.67 -15.90
N ALA D 132 46.85 81.15 -16.46
CA ALA D 132 46.14 82.32 -15.94
C ALA D 132 44.66 81.99 -15.82
N SER D 133 44.14 82.02 -14.60
CA SER D 133 42.72 81.78 -14.34
C SER D 133 42.06 83.06 -13.87
N VAL D 134 41.09 83.55 -14.65
CA VAL D 134 40.28 84.71 -14.27
C VAL D 134 38.95 84.20 -13.72
N VAL D 135 38.54 84.75 -12.58
CA VAL D 135 37.37 84.28 -11.84
C VAL D 135 36.33 85.39 -11.77
N CYS D 136 35.09 85.03 -12.07
CA CYS D 136 33.95 85.94 -12.00
C CYS D 136 32.96 85.36 -11.01
N LEU D 137 32.67 86.11 -9.95
CA LEU D 137 31.83 85.63 -8.85
C LEU D 137 30.45 86.28 -8.91
N LEU D 138 29.41 85.46 -8.87
CA LEU D 138 28.03 85.91 -8.71
C LEU D 138 27.55 85.46 -7.34
N ASN D 139 27.26 86.42 -6.46
CA ASN D 139 27.06 86.15 -5.05
C ASN D 139 25.61 86.39 -4.65
N ASN D 140 24.97 85.36 -4.10
CA ASN D 140 23.68 85.45 -3.41
C ASN D 140 22.59 86.03 -4.30
N PHE D 141 22.19 85.22 -5.29
CA PHE D 141 21.12 85.58 -6.20
C PHE D 141 20.04 84.50 -6.21
N TYR D 142 18.87 84.87 -6.73
CA TYR D 142 17.73 83.99 -6.93
C TYR D 142 16.79 84.64 -7.93
N PRO D 143 16.23 83.89 -8.89
CA PRO D 143 16.37 82.45 -9.12
C PRO D 143 17.72 82.05 -9.72
N ARG D 144 17.89 80.77 -10.03
CA ARG D 144 19.18 80.25 -10.44
C ARG D 144 19.56 80.62 -11.86
N GLU D 145 18.58 80.84 -12.74
CA GLU D 145 18.87 81.08 -14.15
C GLU D 145 19.71 82.34 -14.31
N ALA D 146 20.94 82.16 -14.79
CA ALA D 146 21.88 83.27 -14.94
C ALA D 146 22.78 83.00 -16.14
N LYS D 147 23.15 84.08 -16.82
CA LYS D 147 24.00 84.04 -18.01
C LYS D 147 25.33 84.73 -17.71
N VAL D 148 26.43 84.04 -18.01
CA VAL D 148 27.77 84.57 -17.79
C VAL D 148 28.56 84.42 -19.09
N GLN D 149 28.95 85.54 -19.68
CA GLN D 149 29.72 85.56 -20.92
C GLN D 149 31.02 86.33 -20.71
N TRP D 150 32.12 85.77 -21.21
CA TRP D 150 33.43 86.39 -21.12
C TRP D 150 33.73 87.17 -22.39
N LYS D 151 34.15 88.42 -22.23
CA LYS D 151 34.62 89.24 -23.33
C LYS D 151 36.07 89.63 -23.06
N VAL D 152 36.94 89.31 -24.01
CA VAL D 152 38.36 89.64 -23.92
C VAL D 152 38.65 90.62 -25.05
N ASP D 153 38.87 91.88 -24.68
CA ASP D 153 38.97 92.98 -25.63
C ASP D 153 37.72 93.03 -26.51
N ASN D 154 36.56 92.96 -25.85
CA ASN D 154 35.25 92.99 -26.48
C ASN D 154 35.02 91.81 -27.43
N ALA D 155 35.76 90.73 -27.26
CA ALA D 155 35.60 89.51 -28.07
C ALA D 155 35.00 88.41 -27.20
N LEU D 156 33.89 87.85 -27.65
CA LEU D 156 33.17 86.86 -26.86
C LEU D 156 33.93 85.54 -26.81
N GLN D 157 34.20 85.05 -25.60
CA GLN D 157 34.86 83.77 -25.40
C GLN D 157 33.84 82.64 -25.32
N SER D 158 34.24 81.46 -25.79
CA SER D 158 33.42 80.27 -25.69
C SER D 158 34.31 79.03 -25.73
N GLY D 159 34.03 78.09 -24.84
CA GLY D 159 34.75 76.84 -24.80
C GLY D 159 35.99 76.84 -23.93
N ASN D 160 36.27 77.93 -23.22
CA ASN D 160 37.43 78.01 -22.34
C ASN D 160 37.04 78.41 -20.92
N SER D 161 35.77 78.22 -20.56
CA SER D 161 35.27 78.60 -19.25
C SER D 161 34.46 77.46 -18.66
N GLN D 162 34.52 77.32 -17.34
CA GLN D 162 33.76 76.31 -16.61
C GLN D 162 33.05 76.99 -15.44
N GLU D 163 31.83 76.55 -15.17
CA GLU D 163 31.00 77.12 -14.11
C GLU D 163 30.82 76.13 -12.97
N SER D 164 30.76 76.67 -11.75
CA SER D 164 30.36 75.93 -10.57
C SER D 164 29.31 76.75 -9.82
N VAL D 165 28.27 76.07 -9.35
CA VAL D 165 27.16 76.72 -8.66
C VAL D 165 26.95 76.04 -7.32
N THR D 166 26.73 76.84 -6.28
CA THR D 166 26.46 76.32 -4.95
C THR D 166 25.01 75.85 -4.84
N GLU D 167 24.76 75.02 -3.83
CA GLU D 167 23.41 74.62 -3.50
C GLU D 167 22.64 75.80 -2.91
N GLN D 168 21.31 75.72 -3.00
CA GLN D 168 20.46 76.77 -2.44
C GLN D 168 20.74 76.93 -0.96
N ASP D 169 21.12 78.14 -0.57
CA ASP D 169 21.55 78.37 0.81
C ASP D 169 20.38 78.15 1.76
N SER D 170 20.66 77.47 2.87
CA SER D 170 19.60 77.17 3.84
C SER D 170 19.08 78.41 4.55
N LYS D 171 19.87 79.49 4.61
CA LYS D 171 19.54 80.64 5.43
C LYS D 171 18.81 81.73 4.66
N ASP D 172 19.18 81.98 3.40
CA ASP D 172 18.50 82.99 2.60
C ASP D 172 17.96 82.48 1.27
N SER D 173 18.12 81.18 0.98
CA SER D 173 17.55 80.55 -0.22
C SER D 173 18.12 81.12 -1.51
N THR D 174 19.35 81.64 -1.46
CA THR D 174 20.00 82.18 -2.63
C THR D 174 21.05 81.22 -3.18
N TYR D 175 21.47 81.47 -4.41
CA TYR D 175 22.51 80.72 -5.08
C TYR D 175 23.72 81.59 -5.34
N SER D 176 24.88 80.94 -5.55
CA SER D 176 26.10 81.63 -5.93
C SER D 176 26.77 80.85 -7.05
N LEU D 177 27.52 81.57 -7.89
CA LEU D 177 28.12 80.99 -9.09
C LEU D 177 29.50 81.57 -9.31
N SER D 178 30.44 80.71 -9.71
CA SER D 178 31.79 81.11 -10.04
C SER D 178 32.13 80.61 -11.44
N SER D 179 32.43 81.53 -12.34
CA SER D 179 32.88 81.20 -13.69
C SER D 179 34.39 81.43 -13.79
N THR D 180 35.12 80.44 -14.28
CA THR D 180 36.57 80.48 -14.33
C THR D 180 37.02 80.41 -15.77
N LEU D 181 37.68 81.47 -16.25
CA LEU D 181 38.26 81.52 -17.57
C LEU D 181 39.73 81.14 -17.46
N THR D 182 40.15 80.13 -18.23
CA THR D 182 41.50 79.58 -18.13
C THR D 182 42.23 79.85 -19.44
N LEU D 183 43.24 80.71 -19.37
CA LEU D 183 44.10 81.01 -20.51
C LEU D 183 45.56 80.74 -20.15
N SER D 184 46.37 80.54 -21.17
CA SER D 184 47.82 80.48 -20.99
C SER D 184 48.36 81.87 -20.66
N LYS D 185 49.55 81.89 -20.07
CA LYS D 185 50.20 83.17 -19.77
C LYS D 185 50.45 83.97 -21.05
N ALA D 186 50.85 83.29 -22.12
CA ALA D 186 51.09 83.98 -23.39
C ALA D 186 49.81 84.62 -23.92
N ASP D 187 48.72 83.85 -23.96
CA ASP D 187 47.45 84.39 -24.43
C ASP D 187 46.92 85.47 -23.49
N TYR D 188 47.16 85.33 -22.18
CA TYR D 188 46.67 86.31 -21.23
C TYR D 188 47.34 87.65 -21.40
N GLU D 189 48.65 87.66 -21.70
CA GLU D 189 49.41 88.88 -21.85
C GLU D 189 49.36 89.44 -23.27
N LYS D 190 48.57 88.83 -24.16
CA LYS D 190 48.34 89.40 -25.48
C LYS D 190 47.27 90.47 -25.47
N HIS D 191 46.37 90.45 -24.49
CA HIS D 191 45.19 91.30 -24.45
C HIS D 191 45.22 92.20 -23.22
N LYS D 192 44.28 93.13 -23.18
CA LYS D 192 44.23 94.17 -22.16
C LYS D 192 43.00 94.09 -21.26
N VAL D 193 41.80 94.07 -21.85
CA VAL D 193 40.55 94.17 -21.11
C VAL D 193 39.97 92.78 -20.90
N TYR D 194 39.63 92.46 -19.66
CA TYR D 194 39.02 91.18 -19.31
C TYR D 194 37.75 91.47 -18.52
N ALA D 195 36.61 91.06 -19.06
CA ALA D 195 35.31 91.37 -18.48
C ALA D 195 34.40 90.17 -18.55
N CYS D 196 33.57 89.99 -17.51
CA CYS D 196 32.48 89.03 -17.53
C CYS D 196 31.15 89.78 -17.48
N GLU D 197 30.28 89.50 -18.45
CA GLU D 197 28.97 90.13 -18.54
C GLU D 197 27.92 89.20 -17.96
N VAL D 198 27.06 89.74 -17.10
CA VAL D 198 26.07 88.97 -16.36
C VAL D 198 24.69 89.48 -16.71
N THR D 199 23.79 88.56 -17.05
CA THR D 199 22.38 88.85 -17.30
C THR D 199 21.53 88.02 -16.36
N HIS D 200 20.63 88.69 -15.62
CA HIS D 200 19.80 87.99 -14.65
C HIS D 200 18.48 88.73 -14.49
N GLN D 201 17.47 88.00 -14.02
CA GLN D 201 16.12 88.53 -13.90
C GLN D 201 16.06 89.77 -13.02
N GLY D 202 16.90 89.82 -11.97
CA GLY D 202 16.89 90.94 -11.05
C GLY D 202 17.62 92.17 -11.53
N LEU D 203 18.32 92.09 -12.65
CA LEU D 203 19.09 93.20 -13.20
C LEU D 203 18.28 93.93 -14.26
N SER D 204 18.12 95.25 -14.09
CA SER D 204 17.49 96.06 -15.12
C SER D 204 18.27 95.97 -16.43
N SER D 205 19.59 96.13 -16.36
CA SER D 205 20.48 95.99 -17.49
C SER D 205 21.59 95.02 -17.13
N PRO D 206 22.17 94.34 -18.12
CA PRO D 206 23.27 93.41 -17.84
C PRO D 206 24.46 94.12 -17.21
N VAL D 207 24.98 93.55 -16.13
CA VAL D 207 26.07 94.15 -15.36
C VAL D 207 27.38 93.58 -15.85
N THR D 208 28.35 94.48 -16.09
CA THR D 208 29.69 94.09 -16.53
C THR D 208 30.71 94.57 -15.51
N LYS D 209 31.56 93.65 -15.05
CA LYS D 209 32.70 93.96 -14.20
C LYS D 209 33.97 93.60 -14.96
N SER D 210 34.94 94.51 -14.95
CA SER D 210 36.12 94.36 -15.80
C SER D 210 37.35 94.86 -15.06
N PHE D 211 38.50 94.45 -15.57
CA PHE D 211 39.79 94.96 -15.14
C PHE D 211 40.72 94.94 -16.34
N ASN D 212 41.65 95.89 -16.38
CA ASN D 212 42.64 95.95 -17.44
C ASN D 212 43.95 95.37 -16.93
N ARG D 213 44.52 94.44 -17.71
CA ARG D 213 45.75 93.77 -17.30
C ARG D 213 46.86 94.79 -17.10
N GLY D 214 47.44 94.80 -15.90
CA GLY D 214 48.50 95.72 -15.55
C GLY D 214 48.09 96.83 -14.62
N GLU D 215 46.80 97.16 -14.56
CA GLU D 215 46.34 98.21 -13.66
C GLU D 215 46.30 97.70 -12.22
N CYS D 216 46.41 98.62 -11.28
CA CYS D 216 46.42 98.28 -9.87
C CYS D 216 45.01 98.04 -9.35
N ALA E 1 -47.14 27.90 68.36
CA ALA E 1 -46.84 28.11 66.95
C ALA E 1 -46.49 29.55 66.67
N ILE E 2 -46.07 29.83 65.43
CA ILE E 2 -45.66 31.16 65.05
C ILE E 2 -46.89 32.07 64.93
N ARG E 3 -46.75 33.30 65.43
CA ARG E 3 -47.82 34.29 65.40
C ARG E 3 -47.32 35.53 64.65
N MET E 4 -48.07 35.94 63.62
CA MET E 4 -47.71 37.08 62.79
C MET E 4 -48.65 38.24 63.11
N THR E 5 -48.09 39.32 63.64
CA THR E 5 -48.84 40.50 64.04
C THR E 5 -48.47 41.69 63.16
N GLN E 6 -49.48 42.31 62.55
CA GLN E 6 -49.29 43.47 61.70
C GLN E 6 -49.64 44.75 62.44
N SER E 7 -48.92 45.83 62.09
CA SER E 7 -49.13 47.13 62.71
C SER E 7 -48.87 48.20 61.67
N PRO E 8 -49.69 49.27 61.63
CA PRO E 8 -50.86 49.45 62.49
C PRO E 8 -52.09 48.71 61.95
N GLY E 9 -53.20 48.76 62.69
CA GLY E 9 -54.41 48.12 62.24
C GLY E 9 -55.06 48.85 61.07
N THR E 10 -54.99 50.18 61.08
CA THR E 10 -55.55 50.99 60.01
C THR E 10 -54.57 52.12 59.71
N LEU E 11 -54.12 52.20 58.47
CA LEU E 11 -53.22 53.26 58.01
C LEU E 11 -54.03 54.27 57.20
N SER E 12 -54.07 55.51 57.67
CA SER E 12 -54.88 56.57 57.05
C SER E 12 -53.92 57.56 56.40
N LEU E 13 -53.84 57.50 55.08
CA LEU E 13 -52.92 58.33 54.32
C LEU E 13 -53.64 58.92 53.12
N SER E 14 -53.05 59.95 52.54
CA SER E 14 -53.55 60.57 51.33
C SER E 14 -52.77 60.07 50.11
N PRO E 15 -53.36 60.14 48.92
CA PRO E 15 -52.60 59.79 47.71
C PRO E 15 -51.36 60.65 47.56
N GLY E 16 -50.25 60.01 47.20
CA GLY E 16 -48.97 60.67 47.11
C GLY E 16 -48.11 60.52 48.34
N GLU E 17 -48.66 60.02 49.45
CA GLU E 17 -47.89 59.84 50.66
C GLU E 17 -47.13 58.51 50.62
N ARG E 18 -46.20 58.36 51.56
CA ARG E 18 -45.43 57.13 51.71
C ARG E 18 -46.08 56.26 52.78
N ALA E 19 -46.27 54.98 52.45
CA ALA E 19 -46.91 54.02 53.34
C ALA E 19 -45.86 53.07 53.90
N THR E 20 -45.89 52.83 55.20
CA THR E 20 -44.99 51.90 55.87
C THR E 20 -45.82 50.93 56.70
N LEU E 21 -45.85 49.67 56.28
CA LEU E 21 -46.59 48.62 56.96
C LEU E 21 -45.63 47.65 57.64
N SER E 22 -46.03 47.15 58.81
CA SER E 22 -45.17 46.31 59.63
C SER E 22 -45.77 44.92 59.77
N CYS E 23 -44.89 43.92 59.89
CA CYS E 23 -45.28 42.53 60.11
C CYS E 23 -44.29 41.95 61.11
N ARG E 24 -44.75 41.67 62.32
CA ARG E 24 -43.89 41.21 63.40
C ARG E 24 -44.18 39.75 63.74
N ALA E 25 -43.11 39.00 64.01
CA ALA E 25 -43.19 37.57 64.22
C ALA E 25 -42.88 37.24 65.68
N SER E 26 -43.57 36.21 66.21
CA SER E 26 -43.30 35.77 67.57
C SER E 26 -41.94 35.09 67.67
N GLN E 27 -41.44 34.51 66.58
CA GLN E 27 -40.15 33.84 66.56
C GLN E 27 -39.28 34.42 65.45
N SER E 28 -37.99 34.12 65.51
CA SER E 28 -37.09 34.45 64.42
C SER E 28 -37.43 33.61 63.19
N ILE E 29 -37.42 34.25 62.03
CA ILE E 29 -37.91 33.64 60.80
C ILE E 29 -36.90 33.85 59.68
N SER E 30 -36.64 32.79 58.93
CA SER E 30 -35.81 32.91 57.73
C SER E 30 -36.50 33.82 56.72
N SER E 31 -35.77 34.83 56.25
CA SER E 31 -36.33 35.83 55.35
C SER E 31 -36.78 35.25 54.02
N SER E 32 -36.39 34.02 53.69
CA SER E 32 -36.81 33.41 52.43
C SER E 32 -38.29 33.06 52.40
N PHE E 33 -38.99 33.11 53.54
CA PHE E 33 -40.34 32.56 53.63
C PHE E 33 -41.30 33.58 54.24
N LEU E 34 -41.35 34.79 53.66
CA LEU E 34 -42.33 35.78 54.06
C LEU E 34 -42.94 36.43 52.81
N ALA E 35 -44.26 36.55 52.78
CA ALA E 35 -44.97 37.05 51.63
C ALA E 35 -45.89 38.20 52.04
N TRP E 36 -46.28 39.00 51.04
CA TRP E 36 -47.23 40.09 51.21
C TRP E 36 -48.31 39.96 50.15
N TYR E 37 -49.53 40.38 50.49
CA TYR E 37 -50.66 40.27 49.59
C TYR E 37 -51.44 41.57 49.55
N GLN E 38 -52.12 41.79 48.44
CA GLN E 38 -53.13 42.84 48.32
C GLN E 38 -54.47 42.18 48.02
N GLN E 39 -55.49 42.53 48.80
CA GLN E 39 -56.85 42.07 48.56
C GLN E 39 -57.80 43.26 48.52
N LYS E 40 -58.55 43.34 47.47
CA LYS E 40 -59.61 44.31 47.30
C LYS E 40 -60.96 43.66 47.55
N PRO E 41 -61.97 44.42 47.99
CA PRO E 41 -63.25 43.81 48.36
C PRO E 41 -63.85 43.01 47.21
N GLY E 42 -64.29 41.79 47.52
CA GLY E 42 -64.87 40.91 46.54
C GLY E 42 -63.88 40.25 45.60
N GLN E 43 -62.57 40.42 45.83
CA GLN E 43 -61.55 39.88 44.96
C GLN E 43 -60.73 38.82 45.68
N ALA E 44 -60.10 37.96 44.90
CA ALA E 44 -59.17 37.00 45.44
C ALA E 44 -57.88 37.71 45.86
N PRO E 45 -57.15 37.17 46.84
CA PRO E 45 -55.88 37.79 47.24
C PRO E 45 -54.87 37.77 46.11
N ARG E 46 -54.28 38.93 45.85
CA ARG E 46 -53.30 39.11 44.79
C ARG E 46 -51.90 39.12 45.39
N LEU E 47 -51.06 38.19 44.93
CA LEU E 47 -49.71 38.07 45.45
C LEU E 47 -48.88 39.28 45.04
N LEU E 48 -48.30 39.97 46.02
CA LEU E 48 -47.40 41.09 45.77
C LEU E 48 -45.94 40.71 45.92
N ILE E 49 -45.55 40.25 47.10
CA ILE E 49 -44.15 40.03 47.46
C ILE E 49 -44.01 38.60 47.96
N TYR E 50 -42.93 37.95 47.56
CA TYR E 50 -42.54 36.64 48.07
C TYR E 50 -41.05 36.63 48.37
N GLY E 51 -40.66 35.83 49.36
CA GLY E 51 -39.26 35.81 49.78
C GLY E 51 -38.81 37.13 50.37
N ALA E 52 -39.70 37.81 51.09
CA ALA E 52 -39.44 39.05 51.81
C ALA E 52 -39.19 40.25 50.89
N SER E 53 -38.59 40.03 49.71
CA SER E 53 -38.16 41.16 48.89
C SER E 53 -38.35 40.98 47.39
N SER E 54 -38.95 39.90 46.91
CA SER E 54 -39.09 39.65 45.48
C SER E 54 -40.50 40.00 45.03
N ARG E 55 -40.60 40.73 43.92
CA ARG E 55 -41.88 41.13 43.35
C ARG E 55 -42.37 40.10 42.34
N ALA E 56 -43.64 39.71 42.47
CA ALA E 56 -44.27 38.81 41.51
C ALA E 56 -44.50 39.52 40.19
N THR E 57 -44.91 38.73 39.19
CA THR E 57 -45.14 39.26 37.84
C THR E 57 -46.30 40.24 37.84
N GLY E 58 -46.04 41.47 37.39
CA GLY E 58 -47.06 42.49 37.27
C GLY E 58 -47.09 43.53 38.37
N ILE E 59 -46.38 43.30 39.47
CA ILE E 59 -46.43 44.22 40.60
C ILE E 59 -45.56 45.44 40.28
N PRO E 60 -46.08 46.66 40.44
CA PRO E 60 -45.26 47.85 40.20
C PRO E 60 -44.12 47.96 41.20
N ASP E 61 -43.10 48.73 40.80
CA ASP E 61 -41.90 48.87 41.60
C ASP E 61 -42.06 49.83 42.77
N ARG E 62 -43.22 50.45 42.94
CA ARG E 62 -43.46 51.26 44.14
C ARG E 62 -43.66 50.39 45.37
N PHE E 63 -43.85 49.09 45.21
CA PHE E 63 -43.92 48.14 46.30
C PHE E 63 -42.54 47.53 46.53
N SER E 64 -42.06 47.59 47.76
CA SER E 64 -40.77 47.00 48.11
C SER E 64 -40.88 46.38 49.49
N GLY E 65 -40.34 45.17 49.61
CA GLY E 65 -40.33 44.44 50.87
C GLY E 65 -38.93 44.27 51.39
N SER E 66 -38.81 44.21 52.73
CA SER E 66 -37.53 44.02 53.38
C SER E 66 -37.76 43.32 54.71
N GLY E 67 -36.67 43.06 55.42
CA GLY E 67 -36.73 42.53 56.77
C GLY E 67 -36.04 41.17 56.88
N SER E 68 -35.82 40.78 58.13
CA SER E 68 -35.20 39.52 58.48
C SER E 68 -35.39 39.29 59.97
N GLY E 69 -35.32 38.03 60.36
CA GLY E 69 -35.53 37.67 61.76
C GLY E 69 -36.98 37.74 62.18
N THR E 70 -37.35 38.81 62.89
CA THR E 70 -38.71 38.97 63.40
C THR E 70 -39.44 40.18 62.85
N ASP E 71 -38.76 41.12 62.19
CA ASP E 71 -39.37 42.34 61.70
C ASP E 71 -39.31 42.38 60.19
N PHE E 72 -40.47 42.58 59.56
CA PHE E 72 -40.58 42.72 58.11
C PHE E 72 -41.40 43.95 57.79
N THR E 73 -41.15 44.53 56.62
CA THR E 73 -41.74 45.82 56.26
C THR E 73 -42.14 45.83 54.79
N LEU E 74 -43.36 46.29 54.51
CA LEU E 74 -43.81 46.60 53.16
C LEU E 74 -43.95 48.11 53.05
N THR E 75 -43.24 48.71 52.09
CA THR E 75 -43.23 50.15 51.91
C THR E 75 -43.76 50.52 50.54
N ILE E 76 -44.73 51.44 50.51
CA ILE E 76 -45.24 52.02 49.28
C ILE E 76 -44.78 53.47 49.23
N SER E 77 -43.89 53.77 48.27
CA SER E 77 -43.24 55.08 48.24
C SER E 77 -44.24 56.20 47.92
N ARG E 78 -45.21 55.93 47.04
CA ARG E 78 -46.19 56.95 46.65
C ARG E 78 -47.54 56.28 46.49
N LEU E 79 -48.50 56.67 47.33
CA LEU E 79 -49.85 56.10 47.28
C LEU E 79 -50.57 56.53 46.01
N GLU E 80 -50.93 55.56 45.19
CA GLU E 80 -51.85 55.76 44.08
C GLU E 80 -53.26 55.37 44.50
N PRO E 81 -54.28 55.88 43.79
CA PRO E 81 -55.67 55.57 44.20
C PRO E 81 -56.02 54.10 44.15
N GLU E 82 -55.39 53.31 43.28
CA GLU E 82 -55.68 51.88 43.23
C GLU E 82 -55.08 51.10 44.39
N ASP E 83 -54.20 51.71 45.17
CA ASP E 83 -53.45 51.00 46.20
C ASP E 83 -54.18 50.93 47.54
N PHE E 84 -55.23 51.72 47.75
CA PHE E 84 -55.96 51.68 49.01
C PHE E 84 -56.76 50.39 49.09
N ALA E 85 -56.40 49.51 50.02
CA ALA E 85 -56.97 48.18 50.14
C ALA E 85 -56.48 47.57 51.45
N VAL E 86 -56.63 46.26 51.59
CA VAL E 86 -56.17 45.51 52.75
C VAL E 86 -54.96 44.70 52.35
N TYR E 87 -53.95 44.67 53.23
CA TYR E 87 -52.70 43.97 52.98
C TYR E 87 -52.46 42.95 54.09
N TYR E 88 -52.17 41.71 53.69
CA TYR E 88 -51.79 40.65 54.62
C TYR E 88 -50.34 40.26 54.40
N CYS E 89 -49.67 39.87 55.48
CA CYS E 89 -48.38 39.19 55.38
C CYS E 89 -48.56 37.72 55.76
N GLN E 90 -47.62 36.90 55.31
CA GLN E 90 -47.76 35.45 55.42
C GLN E 90 -46.43 34.80 55.76
N GLN E 91 -46.46 33.87 56.69
CA GLN E 91 -45.28 33.07 57.02
C GLN E 91 -45.39 31.70 56.35
N TYR E 92 -45.26 31.72 55.04
CA TYR E 92 -45.36 30.51 54.24
C TYR E 92 -44.02 29.78 54.28
N GLY E 93 -43.87 28.76 53.43
CA GLY E 93 -42.58 28.16 53.12
C GLY E 93 -42.01 27.07 54.01
N THR E 94 -42.10 27.23 55.34
CA THR E 94 -41.53 26.26 56.26
C THR E 94 -42.35 24.97 56.25
N SER E 95 -43.48 24.98 56.93
CA SER E 95 -44.38 23.85 57.01
C SER E 95 -45.52 24.01 56.00
N PRO E 96 -46.27 22.93 55.72
CA PRO E 96 -47.43 23.06 54.83
C PRO E 96 -48.42 24.13 55.25
N ARG E 97 -48.66 24.27 56.56
CA ARG E 97 -49.58 25.29 57.06
C ARG E 97 -49.17 26.68 56.59
N LEU E 98 -50.16 27.47 56.18
CA LEU E 98 -49.94 28.81 55.66
C LEU E 98 -50.56 29.82 56.63
N THR E 99 -49.80 30.18 57.65
CA THR E 99 -50.25 31.18 58.61
C THR E 99 -50.28 32.57 57.95
N PHE E 100 -51.34 33.32 58.23
CA PHE E 100 -51.56 34.63 57.62
C PHE E 100 -51.59 35.70 58.71
N GLY E 101 -51.33 36.93 58.29
CA GLY E 101 -51.40 38.06 59.18
C GLY E 101 -52.83 38.53 59.42
N GLY E 102 -52.98 39.39 60.42
CA GLY E 102 -54.30 39.85 60.81
C GLY E 102 -54.91 40.86 59.85
N GLY E 103 -54.09 41.53 59.06
CA GLY E 103 -54.61 42.44 58.06
C GLY E 103 -54.38 43.89 58.44
N THR E 104 -53.97 44.69 57.46
CA THR E 104 -53.83 46.13 57.62
C THR E 104 -54.61 46.81 56.52
N LYS E 105 -55.57 47.65 56.90
CA LYS E 105 -56.41 48.35 55.94
C LYS E 105 -55.85 49.75 55.70
N VAL E 106 -55.56 50.06 54.45
CA VAL E 106 -55.09 51.39 54.06
C VAL E 106 -56.25 52.09 53.38
N ASP E 107 -56.77 53.13 54.02
CA ASP E 107 -57.89 53.89 53.48
C ASP E 107 -57.43 55.32 53.20
N ILE E 108 -58.29 56.06 52.49
CA ILE E 108 -57.93 57.40 52.06
C ILE E 108 -58.04 58.35 53.25
N LYS E 109 -57.41 59.51 53.14
CA LYS E 109 -57.44 60.51 54.18
C LYS E 109 -58.17 61.73 53.62
N ARG E 110 -58.65 62.58 54.52
CA ARG E 110 -59.66 63.56 54.16
C ARG E 110 -59.84 64.52 55.33
N THR E 111 -60.48 65.65 55.06
CA THR E 111 -60.86 66.53 56.14
C THR E 111 -61.95 65.86 56.98
N VAL E 112 -62.03 66.27 58.25
CA VAL E 112 -63.01 65.68 59.15
C VAL E 112 -64.41 66.13 58.74
N ALA E 113 -65.31 65.17 58.56
CA ALA E 113 -66.67 65.43 58.14
C ALA E 113 -67.62 64.91 59.22
N ALA E 114 -68.40 65.82 59.79
CA ALA E 114 -69.38 65.42 60.80
C ALA E 114 -70.53 64.67 60.14
N PRO E 115 -71.13 63.70 60.83
CA PRO E 115 -72.23 62.94 60.24
C PRO E 115 -73.53 63.73 60.26
N SER E 116 -74.34 63.50 59.24
CA SER E 116 -75.72 63.99 59.21
C SER E 116 -76.61 62.91 59.79
N VAL E 117 -77.34 63.25 60.86
CA VAL E 117 -78.05 62.27 61.67
C VAL E 117 -79.54 62.34 61.35
N PHE E 118 -80.16 61.18 61.17
CA PHE E 118 -81.58 61.05 60.94
C PHE E 118 -82.09 59.83 61.69
N ILE E 119 -83.29 59.93 62.24
CA ILE E 119 -83.91 58.82 62.95
C ILE E 119 -85.23 58.48 62.27
N PHE E 120 -85.51 57.18 62.13
CA PHE E 120 -86.69 56.70 61.44
C PHE E 120 -87.55 55.88 62.38
N PRO E 121 -88.79 56.27 62.64
CA PRO E 121 -89.68 55.43 63.44
C PRO E 121 -90.03 54.16 62.67
N PRO E 122 -90.49 53.12 63.35
CA PRO E 122 -90.95 51.93 62.64
C PRO E 122 -92.19 52.22 61.81
N SER E 123 -92.31 51.53 60.68
CA SER E 123 -93.43 51.76 59.78
C SER E 123 -94.70 51.14 60.35
N ASP E 124 -95.84 51.76 60.02
CA ASP E 124 -97.12 51.24 60.49
C ASP E 124 -97.40 49.84 59.94
N GLU E 125 -96.85 49.52 58.77
CA GLU E 125 -97.02 48.18 58.23
C GLU E 125 -96.16 47.16 58.95
N GLN E 126 -94.96 47.56 59.41
CA GLN E 126 -94.15 46.65 60.20
C GLN E 126 -94.76 46.45 61.58
N LEU E 127 -95.37 47.49 62.15
CA LEU E 127 -96.04 47.36 63.44
C LEU E 127 -97.22 46.41 63.36
N LYS E 128 -97.77 46.19 62.16
CA LYS E 128 -98.83 45.19 62.00
C LYS E 128 -98.34 43.79 62.27
N SER E 129 -97.03 43.54 62.10
CA SER E 129 -96.47 42.20 62.24
C SER E 129 -95.85 41.94 63.60
N GLY E 130 -95.93 42.89 64.53
CA GLY E 130 -95.52 42.67 65.89
C GLY E 130 -94.12 43.15 66.22
N THR E 131 -93.33 43.53 65.22
CA THR E 131 -91.96 44.00 65.43
C THR E 131 -91.87 45.47 65.06
N ALA E 132 -91.00 46.19 65.75
CA ALA E 132 -90.77 47.61 65.50
C ALA E 132 -89.28 47.85 65.37
N SER E 133 -88.85 48.31 64.20
CA SER E 133 -87.45 48.63 63.95
C SER E 133 -87.29 50.14 63.82
N VAL E 134 -86.52 50.72 64.73
CA VAL E 134 -86.17 52.14 64.68
C VAL E 134 -84.78 52.25 64.07
N VAL E 135 -84.62 53.14 63.10
CA VAL E 135 -83.40 53.24 62.32
C VAL E 135 -82.77 54.61 62.56
N CYS E 136 -81.47 54.62 62.84
CA CYS E 136 -80.70 55.84 63.05
C CYS E 136 -79.58 55.87 62.01
N LEU E 137 -79.60 56.89 61.16
CA LEU E 137 -78.67 56.99 60.04
C LEU E 137 -77.60 58.05 60.31
N LEU E 138 -76.34 57.67 60.13
CA LEU E 138 -75.21 58.59 60.12
C LEU E 138 -74.69 58.64 58.70
N ASN E 139 -74.81 59.80 58.06
CA ASN E 139 -74.60 59.92 56.61
C ASN E 139 -73.36 60.74 56.32
N ASN E 140 -72.42 60.16 55.58
CA ASN E 140 -71.30 60.86 54.96
C ASN E 140 -70.43 61.56 56.01
N PHE E 141 -69.74 60.74 56.79
CA PHE E 141 -68.82 61.23 57.80
C PHE E 141 -67.42 60.66 57.60
N TYR E 142 -66.44 61.30 58.24
CA TYR E 142 -65.06 60.85 58.28
C TYR E 142 -64.38 61.54 59.44
N PRO E 143 -63.55 60.83 60.23
CA PRO E 143 -63.16 59.43 60.08
C PRO E 143 -64.25 58.44 60.49
N ARG E 144 -63.92 57.14 60.46
CA ARG E 144 -64.94 56.12 60.66
C ARG E 144 -65.36 56.01 62.13
N GLU E 145 -64.47 56.34 63.06
CA GLU E 145 -64.75 56.14 64.48
C GLU E 145 -65.95 56.99 64.90
N ALA E 146 -67.03 56.32 65.29
CA ALA E 146 -68.26 57.01 65.67
C ALA E 146 -68.96 56.20 66.75
N LYS E 147 -69.61 56.91 67.67
CA LYS E 147 -70.32 56.31 68.78
C LYS E 147 -71.81 56.58 68.62
N VAL E 148 -72.62 55.52 68.68
CA VAL E 148 -74.06 55.62 68.54
C VAL E 148 -74.70 54.90 69.72
N GLN E 149 -75.44 55.64 70.54
CA GLN E 149 -76.11 55.10 71.71
C GLN E 149 -77.61 55.40 71.62
N TRP E 150 -78.42 54.39 71.93
CA TRP E 150 -79.87 54.52 71.92
C TRP E 150 -80.36 54.83 73.32
N LYS E 151 -81.21 55.86 73.44
CA LYS E 151 -81.88 56.19 74.69
C LYS E 151 -83.38 56.12 74.48
N VAL E 152 -84.05 55.29 75.28
CA VAL E 152 -85.49 55.13 75.23
C VAL E 152 -86.03 55.62 76.57
N ASP E 153 -86.70 56.77 76.55
CA ASP E 153 -87.12 57.46 77.77
C ASP E 153 -85.93 57.72 78.68
N ASN E 154 -84.85 58.25 78.08
CA ASN E 154 -83.60 58.58 78.76
C ASN E 154 -82.93 57.37 79.39
N ALA E 155 -83.26 56.17 78.93
CA ALA E 155 -82.65 54.93 79.42
C ALA E 155 -81.78 54.34 78.33
N LEU E 156 -80.51 54.07 78.66
CA LEU E 156 -79.56 53.59 77.68
C LEU E 156 -79.86 52.16 77.28
N GLN E 157 -80.02 51.92 75.98
CA GLN E 157 -80.26 50.59 75.44
C GLN E 157 -78.93 49.91 75.10
N SER E 158 -78.92 48.57 75.25
CA SER E 158 -77.77 47.77 74.87
C SER E 158 -78.23 46.35 74.57
N GLY E 159 -77.70 45.79 73.48
CA GLY E 159 -77.99 44.42 73.10
C GLY E 159 -79.19 44.24 72.20
N ASN E 160 -79.84 45.32 71.74
CA ASN E 160 -80.98 45.22 70.85
C ASN E 160 -80.78 46.07 69.60
N SER E 161 -79.54 46.40 69.27
CA SER E 161 -79.22 47.22 68.10
C SER E 161 -78.08 46.58 67.33
N GLN E 162 -78.12 46.75 66.01
CA GLN E 162 -77.07 46.26 65.12
C GLN E 162 -76.65 47.38 64.17
N GLU E 163 -75.35 47.44 63.89
CA GLU E 163 -74.81 48.46 63.02
C GLU E 163 -74.32 47.85 61.72
N SER E 164 -74.47 48.61 60.63
CA SER E 164 -73.87 48.32 59.35
C SER E 164 -73.20 49.58 58.83
N VAL E 165 -72.00 49.42 58.26
CA VAL E 165 -71.21 50.54 57.78
C VAL E 165 -70.88 50.31 56.31
N THR E 166 -71.02 51.35 55.52
CA THR E 166 -70.66 51.25 54.11
C THR E 166 -69.14 51.36 53.95
N GLU E 167 -68.65 50.89 52.82
CA GLU E 167 -67.26 51.11 52.47
C GLU E 167 -67.04 52.59 52.17
N GLN E 168 -65.78 53.02 52.30
CA GLN E 168 -65.44 54.41 52.04
C GLN E 168 -65.84 54.78 50.62
N ASP E 169 -66.68 55.81 50.51
CA ASP E 169 -67.24 56.16 49.21
C ASP E 169 -66.14 56.61 48.26
N SER E 170 -66.22 56.13 47.02
CA SER E 170 -65.19 56.43 46.02
C SER E 170 -65.17 57.89 45.62
N LYS E 171 -66.28 58.61 45.79
CA LYS E 171 -66.42 59.97 45.27
C LYS E 171 -66.08 61.05 46.29
N ASP E 172 -66.41 60.85 47.57
CA ASP E 172 -66.09 61.84 48.58
C ASP E 172 -65.29 61.27 49.75
N SER E 173 -64.94 59.99 49.73
CA SER E 173 -64.07 59.38 50.73
C SER E 173 -64.68 59.39 52.12
N THR E 174 -66.01 59.43 52.19
CA THR E 174 -66.71 59.43 53.46
C THR E 174 -67.33 58.04 53.73
N TYR E 175 -67.74 57.84 54.98
CA TYR E 175 -68.39 56.63 55.42
C TYR E 175 -69.83 56.93 55.81
N SER E 176 -70.65 55.89 55.81
CA SER E 176 -72.03 55.97 56.27
C SER E 176 -72.34 54.77 57.15
N LEU E 177 -73.25 54.97 58.10
CA LEU E 177 -73.55 53.97 59.10
C LEU E 177 -75.04 53.96 59.39
N SER E 178 -75.61 52.76 59.54
CA SER E 178 -77.01 52.60 59.89
C SER E 178 -77.09 51.70 61.12
N SER E 179 -77.64 52.24 62.20
CA SER E 179 -77.91 51.48 63.42
C SER E 179 -79.41 51.23 63.51
N THR E 180 -79.79 49.97 63.70
CA THR E 180 -81.19 49.57 63.70
C THR E 180 -81.55 49.02 65.07
N LEU E 181 -82.49 49.70 65.74
CA LEU E 181 -82.99 49.25 67.03
C LEU E 181 -84.25 48.42 66.81
N THR E 182 -84.24 47.18 67.29
CA THR E 182 -85.31 46.22 67.05
C THR E 182 -86.00 45.91 68.36
N LEU E 183 -87.26 46.34 68.50
CA LEU E 183 -88.08 46.04 69.65
C LEU E 183 -89.36 45.35 69.20
N SER E 184 -89.98 44.63 70.12
CA SER E 184 -91.32 44.12 69.88
C SER E 184 -92.32 45.27 69.87
N LYS E 185 -93.48 45.03 69.26
CA LYS E 185 -94.53 46.03 69.27
C LYS E 185 -94.97 46.35 70.69
N ALA E 186 -95.03 45.35 71.56
CA ALA E 186 -95.42 45.57 72.94
C ALA E 186 -94.44 46.50 73.65
N ASP E 187 -93.14 46.19 73.57
CA ASP E 187 -92.15 47.07 74.18
C ASP E 187 -92.08 48.43 73.51
N TYR E 188 -92.31 48.49 72.19
CA TYR E 188 -92.22 49.77 71.50
C TYR E 188 -93.32 50.71 71.96
N GLU E 189 -94.51 50.18 72.23
CA GLU E 189 -95.64 50.99 72.66
C GLU E 189 -95.71 51.17 74.17
N LYS E 190 -94.72 50.66 74.91
CA LYS E 190 -94.64 50.95 76.34
C LYS E 190 -93.99 52.29 76.63
N HIS E 191 -93.17 52.81 75.73
CA HIS E 191 -92.38 54.00 75.96
C HIS E 191 -92.76 55.09 74.97
N LYS E 192 -92.22 56.28 75.21
CA LYS E 192 -92.62 57.47 74.47
C LYS E 192 -91.49 58.06 73.64
N VAL E 193 -90.34 58.32 74.25
CA VAL E 193 -89.24 59.03 73.60
C VAL E 193 -88.22 58.02 73.10
N TYR E 194 -87.86 58.14 71.82
CA TYR E 194 -86.85 57.29 71.20
C TYR E 194 -85.80 58.17 70.56
N ALA E 195 -84.56 58.09 71.03
CA ALA E 195 -83.48 58.96 70.59
C ALA E 195 -82.20 58.16 70.40
N CYS E 196 -81.43 58.52 69.37
CA CYS E 196 -80.07 58.03 69.19
C CYS E 196 -79.10 59.20 69.32
N GLU E 197 -78.13 59.06 70.21
CA GLU E 197 -77.12 60.08 70.45
C GLU E 197 -75.84 59.71 69.70
N VAL E 198 -75.25 60.68 69.02
CA VAL E 198 -74.09 60.46 68.17
C VAL E 198 -72.93 61.29 68.70
N THR E 199 -71.78 60.65 68.87
CA THR E 199 -70.55 61.31 69.26
C THR E 199 -69.51 61.06 68.19
N HIS E 200 -68.90 62.14 67.68
CA HIS E 200 -67.94 62.02 66.60
C HIS E 200 -66.95 63.18 66.69
N GLN E 201 -65.77 62.96 66.11
CA GLN E 201 -64.70 63.95 66.18
C GLN E 201 -65.11 65.29 65.59
N GLY E 202 -65.94 65.28 64.54
CA GLY E 202 -66.37 66.51 63.90
C GLY E 202 -67.46 67.26 64.61
N LEU E 203 -68.03 66.68 65.66
CA LEU E 203 -69.11 67.29 66.42
C LEU E 203 -68.54 68.00 67.64
N SER E 204 -68.85 69.30 67.78
CA SER E 204 -68.47 70.02 68.99
C SER E 204 -69.10 69.39 70.22
N SER E 205 -70.40 69.11 70.17
CA SER E 205 -71.13 68.43 71.21
C SER E 205 -71.89 67.25 70.62
N PRO E 206 -72.16 66.21 71.42
CA PRO E 206 -72.90 65.06 70.90
C PRO E 206 -74.29 65.46 70.41
N VAL E 207 -74.63 65.01 69.22
CA VAL E 207 -75.88 65.36 68.56
C VAL E 207 -76.92 64.28 68.85
N THR E 208 -78.12 64.71 69.24
CA THR E 208 -79.23 63.80 69.53
C THR E 208 -80.42 64.11 68.63
N LYS E 209 -80.93 63.08 67.95
CA LYS E 209 -82.16 63.16 67.17
C LYS E 209 -83.18 62.23 67.79
N SER E 210 -84.41 62.72 67.97
CA SER E 210 -85.43 61.98 68.72
C SER E 210 -86.80 62.16 68.09
N PHE E 211 -87.71 61.28 68.47
CA PHE E 211 -89.13 61.40 68.13
C PHE E 211 -89.94 60.80 69.26
N ASN E 212 -91.14 61.33 69.47
CA ASN E 212 -92.06 60.80 70.45
C ASN E 212 -93.12 59.94 69.76
N ARG E 213 -93.29 58.72 70.26
CA ARG E 213 -94.26 57.79 69.68
C ARG E 213 -95.67 58.37 69.76
N GLY E 214 -96.33 58.49 68.62
CA GLY E 214 -97.67 59.03 68.54
C GLY E 214 -97.73 60.41 67.91
N GLU E 215 -96.65 61.16 67.93
CA GLU E 215 -96.62 62.47 67.30
C GLU E 215 -96.50 62.32 65.79
N CYS E 216 -96.95 63.34 65.08
CA CYS E 216 -96.94 63.31 63.62
C CYS E 216 -95.54 63.62 63.08
N GLN F 1 8.15 -15.31 13.41
CA GLN F 1 7.60 -13.95 13.38
C GLN F 1 6.21 -13.91 14.01
N VAL F 2 5.21 -14.39 13.26
CA VAL F 2 3.85 -14.44 13.76
C VAL F 2 3.76 -15.51 14.85
N GLN F 3 3.14 -15.16 15.97
CA GLN F 3 3.07 -16.08 17.10
C GLN F 3 1.76 -15.85 17.85
N LEU F 4 1.12 -16.95 18.24
CA LEU F 4 -0.14 -16.91 18.97
C LEU F 4 0.08 -17.48 20.37
N VAL F 5 -0.38 -16.75 21.38
CA VAL F 5 -0.17 -17.11 22.78
C VAL F 5 -1.51 -17.49 23.39
N GLU F 6 -1.62 -18.74 23.83
CA GLU F 6 -2.84 -19.28 24.41
C GLU F 6 -2.66 -19.47 25.92
N SER F 7 -3.74 -19.27 26.66
CA SER F 7 -3.74 -19.51 28.10
C SER F 7 -5.18 -19.52 28.60
N GLY F 8 -5.37 -20.05 29.80
CA GLY F 8 -6.64 -19.94 30.50
C GLY F 8 -7.32 -21.26 30.85
N GLY F 9 -6.74 -22.42 30.51
CA GLY F 9 -7.41 -23.67 30.76
C GLY F 9 -7.35 -24.12 32.22
N GLY F 10 -8.09 -25.19 32.50
CA GLY F 10 -8.09 -25.77 33.84
C GLY F 10 -9.21 -26.79 33.98
N LEU F 11 -9.36 -27.27 35.21
CA LEU F 11 -10.40 -28.23 35.56
CA LEU F 11 -10.39 -28.23 35.56
C LEU F 11 -11.58 -27.48 36.17
N VAL F 12 -12.78 -27.75 35.64
CA VAL F 12 -13.99 -27.10 36.13
C VAL F 12 -15.09 -28.14 36.26
N GLN F 13 -16.05 -27.86 37.15
CA GLN F 13 -17.21 -28.70 37.31
C GLN F 13 -18.19 -28.45 36.17
N PRO F 14 -19.10 -29.39 35.91
CA PRO F 14 -20.15 -29.13 34.91
C PRO F 14 -20.99 -27.94 35.35
N GLY F 15 -21.13 -26.98 34.45
CA GLY F 15 -21.86 -25.75 34.72
C GLY F 15 -20.99 -24.55 34.98
N GLY F 16 -19.71 -24.75 35.28
CA GLY F 16 -18.80 -23.66 35.58
C GLY F 16 -18.47 -22.83 34.35
N SER F 17 -17.56 -21.88 34.56
CA SER F 17 -17.11 -20.98 33.51
CA SER F 17 -17.10 -20.97 33.52
C SER F 17 -15.60 -21.11 33.33
N LEU F 18 -15.10 -20.52 32.26
CA LEU F 18 -13.68 -20.56 31.92
C LEU F 18 -13.41 -19.49 30.87
N ARG F 19 -12.23 -18.89 30.95
CA ARG F 19 -11.86 -17.78 30.07
C ARG F 19 -10.51 -18.09 29.42
N LEU F 20 -10.55 -18.41 28.12
CA LEU F 20 -9.34 -18.64 27.35
C LEU F 20 -8.91 -17.35 26.65
N SER F 21 -7.60 -17.24 26.40
CA SER F 21 -7.04 -16.05 25.80
C SER F 21 -6.08 -16.46 24.68
N CYS F 22 -6.16 -15.74 23.56
CA CYS F 22 -5.29 -15.98 22.40
C CYS F 22 -4.63 -14.66 22.03
N ALA F 23 -3.32 -14.57 22.24
CA ALA F 23 -2.57 -13.33 22.02
C ALA F 23 -1.80 -13.43 20.71
N ALA F 24 -2.18 -12.59 19.74
CA ALA F 24 -1.53 -12.57 18.45
C ALA F 24 -0.43 -11.53 18.44
N SER F 25 0.78 -11.93 18.04
CA SER F 25 1.93 -11.03 18.07
C SER F 25 2.20 -10.41 16.72
N GLY F 26 3.15 -10.97 15.97
CA GLY F 26 3.71 -10.32 14.81
C GLY F 26 2.78 -10.12 13.63
N PHE F 27 1.64 -9.46 13.86
CA PHE F 27 0.75 -9.06 12.78
C PHE F 27 0.91 -7.57 12.50
N THR F 28 1.18 -7.25 11.23
CA THR F 28 1.25 -5.85 10.82
C THR F 28 -0.06 -5.12 11.09
N ASN F 29 -1.15 -5.62 10.51
CA ASN F 29 -2.42 -4.89 10.45
C ASN F 29 -3.54 -5.74 11.04
N ASP F 30 -4.75 -5.16 11.02
CA ASP F 30 -5.95 -5.80 11.54
C ASP F 30 -6.60 -6.76 10.56
N PHE F 31 -5.95 -7.08 9.44
CA PHE F 31 -6.57 -7.93 8.43
C PHE F 31 -6.16 -9.38 8.66
N TYR F 32 -6.75 -9.97 9.69
CA TYR F 32 -6.64 -11.40 9.95
C TYR F 32 -7.88 -11.86 10.69
N SER F 33 -8.03 -13.18 10.82
CA SER F 33 -9.17 -13.76 11.50
C SER F 33 -8.70 -14.86 12.45
N ILE F 34 -9.50 -15.10 13.48
CA ILE F 34 -9.19 -16.07 14.51
C ILE F 34 -10.25 -17.17 14.50
N ALA F 35 -9.82 -18.40 14.73
CA ALA F 35 -10.72 -19.53 14.89
C ALA F 35 -10.30 -20.33 16.11
N TRP F 36 -11.29 -20.91 16.79
CA TRP F 36 -11.06 -21.79 17.92
C TRP F 36 -11.45 -23.21 17.53
N PHE F 37 -10.49 -24.11 17.57
CA PHE F 37 -10.72 -25.52 17.27
C PHE F 37 -10.56 -26.33 18.56
N ARG F 38 -11.49 -27.24 18.81
CA ARG F 38 -11.39 -28.16 19.92
C ARG F 38 -11.27 -29.58 19.39
N GLN F 39 -10.44 -30.38 20.04
CA GLN F 39 -10.13 -31.75 19.62
C GLN F 39 -10.55 -32.69 20.75
N ALA F 40 -11.75 -33.25 20.64
CA ALA F 40 -12.24 -34.18 21.63
C ALA F 40 -11.37 -35.45 21.61
N PRO F 41 -11.38 -36.22 22.71
CA PRO F 41 -10.62 -37.48 22.72
C PRO F 41 -11.04 -38.39 21.57
N GLY F 42 -10.09 -38.64 20.67
CA GLY F 42 -10.33 -39.47 19.51
C GLY F 42 -11.05 -38.80 18.36
N LYS F 43 -11.34 -37.52 18.46
CA LYS F 43 -12.01 -36.77 17.40
C LYS F 43 -11.03 -35.87 16.66
N GLU F 44 -11.46 -35.40 15.49
CA GLU F 44 -10.70 -34.44 14.72
C GLU F 44 -10.90 -33.03 15.27
N ARG F 45 -9.96 -32.15 14.95
CA ARG F 45 -10.12 -30.73 15.25
C ARG F 45 -11.41 -30.22 14.65
N GLU F 46 -12.21 -29.53 15.47
CA GLU F 46 -13.52 -29.03 15.05
C GLU F 46 -13.65 -27.58 15.48
N GLY F 47 -13.93 -26.69 14.52
CA GLY F 47 -14.13 -25.30 14.84
C GLY F 47 -15.41 -25.08 15.63
N VAL F 48 -15.35 -24.11 16.55
CA VAL F 48 -16.51 -23.80 17.39
C VAL F 48 -16.82 -22.31 17.35
N SER F 49 -15.79 -21.49 17.17
CA SER F 49 -15.98 -20.03 17.20
C SER F 49 -15.01 -19.37 16.24
N TRP F 50 -15.46 -18.31 15.58
CA TRP F 50 -14.67 -17.56 14.63
C TRP F 50 -14.83 -16.07 14.88
N LEU F 51 -13.76 -15.33 14.62
CA LEU F 51 -13.78 -13.87 14.74
C LEU F 51 -12.97 -13.26 13.61
N SER F 52 -13.64 -12.52 12.72
CA SER F 52 -12.95 -11.73 11.72
C SER F 52 -12.56 -10.40 12.37
N VAL F 53 -11.25 -10.17 12.51
CA VAL F 53 -10.77 -9.08 13.36
C VAL F 53 -11.10 -7.72 12.74
N SER F 54 -10.80 -7.56 11.45
CA SER F 54 -11.03 -6.27 10.81
C SER F 54 -12.51 -5.87 10.86
N ASP F 55 -13.42 -6.84 10.76
CA ASP F 55 -14.85 -6.57 10.82
C ASP F 55 -15.45 -6.77 12.20
N ASN F 56 -14.75 -7.45 13.11
CA ASN F 56 -15.27 -7.75 14.44
C ASN F 56 -16.59 -8.52 14.36
N THR F 57 -16.62 -9.54 13.51
CA THR F 57 -17.82 -10.36 13.31
C THR F 57 -17.62 -11.73 13.92
N PRO F 58 -18.44 -12.11 14.92
CA PRO F 58 -18.31 -13.44 15.50
C PRO F 58 -19.18 -14.47 14.80
N THR F 59 -18.78 -15.73 14.96
CA THR F 59 -19.55 -16.86 14.44
C THR F 59 -19.42 -18.03 15.42
N TYR F 60 -20.52 -18.73 15.65
CA TYR F 60 -20.54 -19.83 16.61
C TYR F 60 -21.28 -21.02 16.00
N VAL F 61 -20.78 -22.23 16.27
CA VAL F 61 -21.56 -23.41 15.93
C VAL F 61 -22.78 -23.49 16.84
N ASP F 62 -23.78 -24.24 16.37
CA ASP F 62 -25.07 -24.26 17.06
C ASP F 62 -24.97 -24.87 18.45
N SER F 63 -24.09 -25.84 18.65
CA SER F 63 -24.01 -26.53 19.92
C SER F 63 -23.46 -25.66 21.04
N VAL F 64 -22.81 -24.54 20.71
CA VAL F 64 -22.22 -23.65 21.70
C VAL F 64 -22.75 -22.23 21.59
N LYS F 65 -23.79 -22.01 20.79
CA LYS F 65 -24.27 -20.68 20.41
C LYS F 65 -24.44 -19.72 21.59
N ASP F 66 -25.36 -20.02 22.49
CA ASP F 66 -25.67 -19.12 23.59
C ASP F 66 -24.73 -19.29 24.78
N ARG F 67 -23.94 -20.36 24.81
CA ARG F 67 -23.03 -20.59 25.94
C ARG F 67 -21.65 -19.98 25.74
N PHE F 68 -21.17 -19.91 24.50
CA PHE F 68 -19.83 -19.41 24.22
C PHE F 68 -19.90 -17.98 23.70
N THR F 69 -18.93 -17.15 24.09
CA THR F 69 -18.82 -15.79 23.62
C THR F 69 -17.37 -15.47 23.27
N ILE F 70 -17.13 -15.02 22.04
CA ILE F 70 -15.81 -14.62 21.58
C ILE F 70 -15.79 -13.10 21.40
N SER F 71 -14.65 -12.50 21.72
CA SER F 71 -14.50 -11.05 21.63
C SER F 71 -13.01 -10.73 21.57
N ARG F 72 -12.71 -9.46 21.34
CA ARG F 72 -11.34 -9.00 21.21
C ARG F 72 -11.13 -7.74 22.03
N HIS F 73 -10.01 -7.70 22.75
CA HIS F 73 -9.55 -6.50 23.45
C HIS F 73 -8.40 -5.90 22.65
N ASN F 74 -8.58 -4.66 22.19
CA ASN F 74 -7.61 -4.06 21.28
C ASN F 74 -6.28 -3.79 21.96
N ALA F 75 -6.32 -3.35 23.23
CA ALA F 75 -5.11 -2.91 23.93
C ALA F 75 -4.00 -3.97 23.89
N ASN F 76 -4.33 -5.20 24.29
CA ASN F 76 -3.34 -6.25 24.40
C ASN F 76 -3.33 -7.18 23.19
N ASN F 77 -4.13 -6.89 22.16
CA ASN F 77 -4.15 -7.67 20.92
C ASN F 77 -4.45 -9.14 21.20
N THR F 78 -5.43 -9.39 22.06
CA THR F 78 -5.74 -10.73 22.53
C THR F 78 -7.22 -11.01 22.31
N VAL F 79 -7.52 -12.20 21.79
CA VAL F 79 -8.89 -12.65 21.59
C VAL F 79 -9.25 -13.59 22.72
N TYR F 80 -10.42 -13.37 23.33
CA TYR F 80 -10.87 -14.16 24.48
C TYR F 80 -12.08 -14.98 24.09
N LEU F 81 -12.17 -16.19 24.65
CA LEU F 81 -13.32 -17.07 24.46
C LEU F 81 -13.92 -17.37 25.84
N GLN F 82 -15.01 -16.67 26.16
CA GLN F 82 -15.71 -16.86 27.43
C GLN F 82 -16.68 -18.04 27.28
N MET F 83 -16.40 -19.13 27.97
CA MET F 83 -17.20 -20.36 27.87
C MET F 83 -18.01 -20.50 29.16
N ASN F 84 -19.33 -20.34 29.05
CA ASN F 84 -20.23 -20.50 30.19
C ASN F 84 -21.08 -21.75 30.01
N MET F 85 -21.74 -22.15 31.10
CA MET F 85 -22.63 -23.32 31.12
C MET F 85 -21.96 -24.53 30.49
N LEU F 86 -20.74 -24.81 30.93
CA LEU F 86 -19.96 -25.89 30.36
C LEU F 86 -20.60 -27.24 30.66
N LYS F 87 -20.56 -28.13 29.68
CA LYS F 87 -21.07 -29.49 29.78
C LYS F 87 -19.92 -30.48 29.64
N PRO F 88 -20.11 -31.74 30.06
CA PRO F 88 -19.08 -32.76 29.83
C PRO F 88 -18.71 -32.91 28.36
N GLU F 89 -19.60 -32.54 27.44
CA GLU F 89 -19.30 -32.59 26.02
C GLU F 89 -18.12 -31.68 25.66
N ASP F 90 -17.97 -30.57 26.37
CA ASP F 90 -16.97 -29.55 26.05
C ASP F 90 -15.54 -29.96 26.39
N THR F 91 -15.34 -31.11 27.02
CA THR F 91 -13.98 -31.55 27.34
C THR F 91 -13.19 -31.83 26.08
N ALA F 92 -12.10 -31.09 25.88
CA ALA F 92 -11.25 -31.22 24.70
C ALA F 92 -10.04 -30.31 24.88
N ILE F 93 -9.04 -30.50 24.02
CA ILE F 93 -7.91 -29.60 23.92
C ILE F 93 -8.25 -28.50 22.93
N TYR F 94 -8.22 -27.25 23.38
CA TYR F 94 -8.62 -26.12 22.57
C TYR F 94 -7.40 -25.45 21.94
N TYR F 95 -7.52 -25.13 20.65
CA TYR F 95 -6.50 -24.39 19.92
C TYR F 95 -7.11 -23.13 19.33
N CYS F 96 -6.34 -22.04 19.31
CA CYS F 96 -6.69 -20.88 18.50
C CYS F 96 -5.77 -20.80 17.29
N ALA F 97 -6.33 -20.33 16.18
CA ALA F 97 -5.61 -20.30 14.92
C ALA F 97 -5.89 -18.99 14.20
N ALA F 98 -4.95 -18.58 13.37
CA ALA F 98 -5.03 -17.30 12.67
C ALA F 98 -4.75 -17.49 11.18
N GLY F 99 -5.35 -16.62 10.38
CA GLY F 99 -5.06 -16.58 8.95
C GLY F 99 -5.23 -15.17 8.42
N ARG F 100 -4.51 -14.88 7.35
CA ARG F 100 -4.50 -13.54 6.75
C ARG F 100 -5.71 -13.36 5.83
N PHE F 101 -6.87 -13.25 6.46
CA PHE F 101 -8.12 -13.06 5.72
C PHE F 101 -9.17 -12.48 6.65
N ALA F 102 -10.30 -12.10 6.07
CA ALA F 102 -11.47 -11.70 6.83
C ALA F 102 -12.54 -12.76 6.59
N GLY F 103 -12.74 -13.63 7.58
CA GLY F 103 -13.77 -14.65 7.44
C GLY F 103 -13.54 -15.80 8.40
N ARG F 104 -13.91 -17.00 7.93
CA ARG F 104 -14.02 -18.17 8.79
C ARG F 104 -13.98 -19.42 7.95
N ASP F 105 -13.48 -20.51 8.55
CA ASP F 105 -13.44 -21.78 7.85
C ASP F 105 -13.56 -22.91 8.88
N THR F 106 -14.19 -24.01 8.44
CA THR F 106 -14.27 -25.22 9.25
C THR F 106 -13.03 -26.09 9.13
N TRP F 107 -12.15 -25.82 8.16
CA TRP F 107 -10.99 -26.66 7.92
C TRP F 107 -9.80 -26.15 8.71
N PRO F 108 -9.22 -26.95 9.61
CA PRO F 108 -8.01 -26.50 10.31
C PRO F 108 -6.85 -26.18 9.38
N SER F 109 -6.68 -26.95 8.31
CA SER F 109 -5.57 -26.74 7.39
C SER F 109 -5.59 -25.37 6.72
N SER F 110 -6.73 -24.68 6.76
CA SER F 110 -6.83 -23.35 6.16
C SER F 110 -6.16 -22.26 6.99
N TYR F 111 -5.71 -22.58 8.21
CA TYR F 111 -5.06 -21.62 9.09
C TYR F 111 -3.57 -21.95 9.16
N ASP F 112 -2.73 -21.02 8.71
CA ASP F 112 -1.29 -21.24 8.68
C ASP F 112 -0.61 -20.95 10.01
N TYR F 113 -1.28 -20.32 10.96
CA TYR F 113 -0.69 -19.99 12.25
C TYR F 113 -1.58 -20.50 13.36
N TRP F 114 -0.95 -21.07 14.39
CA TRP F 114 -1.65 -21.71 15.49
C TRP F 114 -1.02 -21.27 16.81
N GLY F 115 -1.58 -21.79 17.90
CA GLY F 115 -0.97 -21.68 19.20
C GLY F 115 -0.94 -23.04 19.86
N GLN F 116 -0.12 -23.15 20.90
CA GLN F 116 -0.04 -24.40 21.64
C GLN F 116 -1.32 -24.61 22.44
N GLY F 117 -1.89 -25.80 22.33
CA GLY F 117 -3.20 -26.06 22.88
C GLY F 117 -3.25 -26.00 24.39
N THR F 118 -4.46 -25.75 24.90
CA THR F 118 -4.74 -25.74 26.32
C THR F 118 -5.79 -26.79 26.64
N GLN F 119 -5.60 -27.48 27.77
CA GLN F 119 -6.49 -28.56 28.16
C GLN F 119 -7.70 -28.00 28.90
N VAL F 120 -8.89 -28.45 28.48
CA VAL F 120 -10.14 -28.11 29.16
C VAL F 120 -10.84 -29.40 29.54
N THR F 121 -11.03 -29.61 30.85
CA THR F 121 -11.68 -30.80 31.37
C THR F 121 -12.88 -30.38 32.20
N VAL F 122 -14.02 -31.00 31.95
CA VAL F 122 -15.27 -30.68 32.64
C VAL F 122 -15.83 -32.00 33.16
N SER F 123 -15.74 -32.21 34.48
CA SER F 123 -16.30 -33.38 35.12
C SER F 123 -16.54 -33.08 36.60
N SER F 124 -17.12 -34.04 37.30
CA SER F 124 -17.43 -33.89 38.72
C SER F 124 -16.50 -34.74 39.57
N GLN G 1 -0.08 14.43 51.98
CA GLN G 1 0.16 13.39 50.99
C GLN G 1 -0.07 13.91 49.57
N VAL G 2 -1.34 14.07 49.19
CA VAL G 2 -1.66 14.60 47.87
C VAL G 2 -1.26 16.06 47.81
N GLN G 3 -0.56 16.43 46.73
CA GLN G 3 -0.04 17.79 46.59
C GLN G 3 0.00 18.17 45.12
N LEU G 4 -0.43 19.41 44.84
CA LEU G 4 -0.43 19.95 43.48
C LEU G 4 0.54 21.12 43.41
N VAL G 5 1.41 21.10 42.41
CA VAL G 5 2.47 22.09 42.24
C VAL G 5 2.18 22.90 40.99
N GLU G 6 1.95 24.21 41.16
CA GLU G 6 1.64 25.11 40.06
C GLU G 6 2.80 26.06 39.78
N SER G 7 2.96 26.42 38.51
CA SER G 7 3.93 27.41 38.06
C SER G 7 3.60 27.79 36.63
N GLY G 8 4.18 28.89 36.17
CA GLY G 8 4.13 29.27 34.77
C GLY G 8 3.51 30.63 34.46
N GLY G 9 3.06 31.41 35.44
CA GLY G 9 2.42 32.68 35.13
C GLY G 9 3.42 33.77 34.78
N GLY G 10 2.89 34.90 34.35
CA GLY G 10 3.74 36.04 34.02
C GLY G 10 2.98 37.13 33.31
N LEU G 11 3.73 38.16 32.93
CA LEU G 11 3.20 39.31 32.21
CA LEU G 11 3.20 39.31 32.21
C LEU G 11 3.43 39.16 30.72
N VAL G 12 2.41 39.48 29.93
CA VAL G 12 2.48 39.36 28.48
C VAL G 12 1.62 40.42 27.84
N GLN G 13 1.96 40.80 26.61
CA GLN G 13 1.18 41.73 25.82
C GLN G 13 -0.04 41.03 25.24
N PRO G 14 -1.07 41.79 24.85
CA PRO G 14 -2.22 41.18 24.18
C PRO G 14 -1.81 40.46 22.90
N GLY G 15 -2.22 39.20 22.79
CA GLY G 15 -1.87 38.36 21.66
C GLY G 15 -0.80 37.33 21.95
N GLY G 16 -0.05 37.49 23.04
CA GLY G 16 1.04 36.59 23.36
C GLY G 16 0.55 35.22 23.80
N SER G 17 1.49 34.45 24.35
CA SER G 17 1.22 33.10 24.82
CA SER G 17 1.24 33.09 24.81
C SER G 17 1.77 32.92 26.23
N LEU G 18 1.40 31.79 26.83
CA LEU G 18 1.82 31.44 28.19
C LEU G 18 1.51 29.96 28.42
N ARG G 19 2.36 29.30 29.21
CA ARG G 19 2.27 27.87 29.43
C ARG G 19 2.24 27.59 30.93
N LEU G 20 1.09 27.19 31.45
CA LEU G 20 0.94 26.80 32.84
C LEU G 20 1.13 25.30 33.02
N SER G 21 1.59 24.91 34.20
CA SER G 21 1.88 23.51 34.52
C SER G 21 1.31 23.17 35.88
N CYS G 22 0.70 21.99 35.99
CA CYS G 22 0.12 21.50 37.24
C CYS G 22 0.68 20.10 37.50
N ALA G 23 1.48 19.97 38.55
CA ALA G 23 2.16 18.71 38.86
C ALA G 23 1.42 18.00 39.97
N ALA G 24 0.82 16.85 39.65
CA ALA G 24 0.07 16.05 40.61
C ALA G 24 0.97 14.98 41.20
N SER G 25 1.03 14.92 42.54
CA SER G 25 1.90 13.98 43.22
C SER G 25 1.18 12.73 43.71
N GLY G 26 0.81 12.73 45.00
CA GLY G 26 0.40 11.53 45.69
C GLY G 26 -0.92 10.88 45.26
N PHE G 27 -1.04 10.53 43.98
CA PHE G 27 -2.16 9.77 43.48
C PHE G 27 -1.73 8.32 43.26
N THR G 28 -2.49 7.38 43.83
CA THR G 28 -2.23 5.96 43.61
C THR G 28 -2.23 5.62 42.12
N ASN G 29 -3.34 5.90 41.43
CA ASN G 29 -3.57 5.43 40.08
C ASN G 29 -3.94 6.61 39.18
N ASP G 30 -4.19 6.31 37.92
CA ASP G 30 -4.53 7.31 36.92
C ASP G 30 -5.99 7.74 36.96
N PHE G 31 -6.73 7.36 37.99
CA PHE G 31 -8.16 7.66 38.06
C PHE G 31 -8.38 8.96 38.84
N TYR G 32 -8.06 10.07 38.17
CA TYR G 32 -8.38 11.39 38.67
C TYR G 32 -8.50 12.33 37.48
N SER G 33 -8.97 13.55 37.76
CA SER G 33 -9.16 14.56 36.72
C SER G 33 -8.63 15.89 37.22
N ILE G 34 -8.25 16.74 36.25
CA ILE G 34 -7.68 18.06 36.53
C ILE G 34 -8.61 19.11 35.95
N ALA G 35 -8.77 20.22 36.67
CA ALA G 35 -9.53 21.36 36.19
C ALA G 35 -8.73 22.64 36.40
N TRP G 36 -8.92 23.60 35.51
CA TRP G 36 -8.31 24.91 35.62
C TRP G 36 -9.39 25.95 35.87
N PHE G 37 -9.31 26.63 37.02
CA PHE G 37 -10.23 27.70 37.37
C PHE G 37 -9.48 29.02 37.36
N ARG G 38 -10.10 30.05 36.78
CA ARG G 38 -9.56 31.39 36.80
C ARG G 38 -10.48 32.31 37.58
N GLN G 39 -9.89 33.21 38.36
CA GLN G 39 -10.61 34.14 39.24
C GLN G 39 -10.28 35.56 38.83
N ALA G 40 -11.15 36.15 38.01
CA ALA G 40 -10.95 37.53 37.58
C ALA G 40 -11.07 38.48 38.78
N PRO G 41 -10.50 39.69 38.67
CA PRO G 41 -10.66 40.67 39.75
C PRO G 41 -12.12 40.92 40.09
N GLY G 42 -12.51 40.57 41.31
CA GLY G 42 -13.86 40.72 41.77
C GLY G 42 -14.85 39.67 41.32
N LYS G 43 -14.39 38.64 40.60
CA LYS G 43 -15.23 37.54 40.15
C LYS G 43 -14.99 36.30 41.00
N GLU G 44 -15.93 35.35 40.91
CA GLU G 44 -15.75 34.06 41.53
C GLU G 44 -14.90 33.15 40.63
N ARG G 45 -14.33 32.11 41.25
CA ARG G 45 -13.61 31.09 40.50
C ARG G 45 -14.50 30.51 39.40
N GLU G 46 -13.97 30.48 38.18
CA GLU G 46 -14.70 30.00 37.02
C GLU G 46 -13.83 29.04 36.23
N GLY G 47 -14.33 27.83 36.00
CA GLY G 47 -13.60 26.86 35.22
C GLY G 47 -13.49 27.24 33.76
N VAL G 48 -12.35 26.89 33.15
CA VAL G 48 -12.11 27.19 31.75
C VAL G 48 -11.70 25.94 30.99
N SER G 49 -11.02 25.01 31.67
CA SER G 49 -10.52 23.80 31.02
C SER G 49 -10.55 22.63 31.98
N TRP G 50 -10.87 21.45 31.45
CA TRP G 50 -10.93 20.21 32.22
C TRP G 50 -10.21 19.11 31.46
N LEU G 51 -9.60 18.19 32.21
CA LEU G 51 -8.92 17.03 31.61
C LEU G 51 -9.17 15.81 32.47
N SER G 52 -9.89 14.83 31.93
CA SER G 52 -10.03 13.53 32.56
C SER G 52 -8.83 12.66 32.20
N VAL G 53 -8.03 12.30 33.20
CA VAL G 53 -6.73 11.70 32.93
C VAL G 53 -6.88 10.28 32.39
N SER G 54 -7.71 9.46 33.05
CA SER G 54 -7.84 8.06 32.66
C SER G 54 -8.36 7.93 31.23
N ASP G 55 -9.24 8.85 30.80
CA ASP G 55 -9.79 8.82 29.46
C ASP G 55 -9.07 9.75 28.48
N ASN G 56 -8.26 10.68 28.99
CA ASN G 56 -7.58 11.67 28.17
C ASN G 56 -8.60 12.49 27.37
N THR G 57 -9.64 12.95 28.06
CA THR G 57 -10.70 13.72 27.44
C THR G 57 -10.62 15.17 27.89
N PRO G 58 -10.34 16.12 27.00
CA PRO G 58 -10.34 17.53 27.39
C PRO G 58 -11.69 18.19 27.17
N THR G 59 -11.90 19.29 27.90
CA THR G 59 -13.10 20.09 27.74
C THR G 59 -12.73 21.55 27.97
N TYR G 60 -13.30 22.44 27.16
CA TYR G 60 -13.02 23.87 27.24
C TYR G 60 -14.32 24.65 27.19
N VAL G 61 -14.39 25.73 27.97
CA VAL G 61 -15.50 26.66 27.82
C VAL G 61 -15.39 27.38 26.49
N ASP G 62 -16.52 27.94 26.05
CA ASP G 62 -16.59 28.50 24.69
C ASP G 62 -15.67 29.70 24.51
N SER G 63 -15.47 30.50 25.56
CA SER G 63 -14.68 31.71 25.42
C SER G 63 -13.20 31.44 25.22
N VAL G 64 -12.72 30.24 25.55
CA VAL G 64 -11.30 29.90 25.44
C VAL G 64 -11.07 28.68 24.56
N LYS G 65 -12.10 28.23 23.82
CA LYS G 65 -12.10 26.96 23.13
C LYS G 65 -10.86 26.69 22.29
N ASP G 66 -10.68 27.46 21.21
CA ASP G 66 -9.59 27.22 20.27
C ASP G 66 -8.29 27.91 20.66
N ARG G 67 -8.31 28.78 21.66
CA ARG G 67 -7.10 29.47 22.10
C ARG G 67 -6.36 28.69 23.17
N PHE G 68 -7.07 27.92 23.98
CA PHE G 68 -6.48 27.14 25.06
C PHE G 68 -6.37 25.68 24.65
N THR G 69 -5.28 25.03 25.08
CA THR G 69 -5.09 23.61 24.85
C THR G 69 -4.58 22.98 26.14
N ILE G 70 -5.29 21.97 26.65
CA ILE G 70 -4.88 21.23 27.84
C ILE G 70 -4.44 19.84 27.43
N SER G 71 -3.40 19.33 28.09
CA SER G 71 -2.85 18.03 27.76
C SER G 71 -2.05 17.53 28.96
N ARG G 72 -1.59 16.28 28.85
CA ARG G 72 -0.83 15.63 29.92
C ARG G 72 0.39 14.94 29.34
N HIS G 73 1.52 15.10 30.02
CA HIS G 73 2.74 14.35 29.72
C HIS G 73 2.92 13.25 30.75
N ASN G 74 2.96 11.99 30.28
CA ASN G 74 2.97 10.86 31.20
C ASN G 74 4.25 10.79 32.02
N ALA G 75 5.39 11.11 31.40
CA ALA G 75 6.68 10.95 32.07
C ALA G 75 6.74 11.67 33.41
N ASN G 76 6.40 12.95 33.42
CA ASN G 76 6.50 13.77 34.63
C ASN G 76 5.17 13.94 35.34
N ASN G 77 4.10 13.30 34.86
CA ASN G 77 2.79 13.33 35.51
C ASN G 77 2.29 14.77 35.68
N THR G 78 2.41 15.55 34.60
CA THR G 78 2.13 16.97 34.64
C THR G 78 1.10 17.33 33.58
N VAL G 79 0.11 18.14 33.97
CA VAL G 79 -0.92 18.63 33.07
C VAL G 79 -0.56 20.06 32.67
N TYR G 80 -0.59 20.34 31.36
CA TYR G 80 -0.22 21.64 30.82
C TYR G 80 -1.43 22.32 30.21
N LEU G 81 -1.49 23.64 30.34
CA LEU G 81 -2.53 24.47 29.72
C LEU G 81 -1.83 25.48 28.81
N GLN G 82 -1.82 25.21 27.51
CA GLN G 82 -1.20 26.10 26.53
C GLN G 82 -2.22 27.18 26.13
N MET G 83 -1.94 28.42 26.52
CA MET G 83 -2.84 29.54 26.28
C MET G 83 -2.26 30.43 25.18
N ASN G 84 -2.93 30.45 24.02
CA ASN G 84 -2.53 31.29 22.89
C ASN G 84 -3.57 32.38 22.68
N MET G 85 -3.18 33.37 21.86
CA MET G 85 -4.04 34.50 21.50
C MET G 85 -4.69 35.13 22.73
N LEU G 86 -3.86 35.42 23.73
CA LEU G 86 -4.38 35.95 24.98
C LEU G 86 -4.98 37.33 24.79
N LYS G 87 -6.09 37.58 25.48
CA LYS G 87 -6.79 38.85 25.48
C LYS G 87 -6.76 39.45 26.89
N PRO G 88 -7.01 40.75 27.02
CA PRO G 88 -7.12 41.33 28.37
C PRO G 88 -8.17 40.68 29.24
N GLU G 89 -9.18 40.03 28.65
CA GLU G 89 -10.20 39.32 29.43
C GLU G 89 -9.58 38.20 30.25
N ASP G 90 -8.53 37.55 29.75
CA ASP G 90 -7.96 36.38 30.39
C ASP G 90 -7.15 36.71 31.64
N THR G 91 -6.98 37.99 31.98
CA THR G 91 -6.25 38.37 33.18
C THR G 91 -6.99 37.89 34.42
N ALA G 92 -6.34 37.02 35.20
CA ALA G 92 -6.92 36.43 36.40
C ALA G 92 -5.85 35.60 37.08
N ILE G 93 -6.14 35.21 38.32
CA ILE G 93 -5.32 34.24 39.06
C ILE G 93 -5.82 32.84 38.69
N TYR G 94 -4.93 32.03 38.13
CA TYR G 94 -5.30 30.70 37.64
C TYR G 94 -4.95 29.65 38.69
N TYR G 95 -5.88 28.74 38.94
CA TYR G 95 -5.68 27.60 39.84
C TYR G 95 -5.95 26.31 39.07
N CYS G 96 -5.19 25.27 39.40
CA CYS G 96 -5.54 23.92 38.98
C CYS G 96 -6.06 23.13 40.17
N ALA G 97 -7.02 22.24 39.90
CA ALA G 97 -7.70 21.50 40.94
C ALA G 97 -7.86 20.05 40.50
N ALA G 98 -7.93 19.15 41.48
CA ALA G 98 -7.98 17.71 41.24
C ALA G 98 -9.11 17.09 42.05
N GLY G 99 -9.65 15.99 41.52
CA GLY G 99 -10.62 15.20 42.24
C GLY G 99 -10.54 13.75 41.81
N ARG G 100 -10.95 12.85 42.72
CA ARG G 100 -10.87 11.42 42.48
C ARG G 100 -12.08 10.96 41.67
N PHE G 101 -12.09 11.35 40.40
CA PHE G 101 -13.18 11.00 39.50
C PHE G 101 -12.70 11.14 38.06
N ALA G 102 -13.54 10.68 37.14
CA ALA G 102 -13.36 10.90 35.71
C ALA G 102 -14.49 11.80 35.22
N GLY G 103 -14.17 13.06 34.97
CA GLY G 103 -15.17 13.98 34.44
C GLY G 103 -14.77 15.43 34.67
N ARG G 104 -15.80 16.25 34.89
CA ARG G 104 -15.62 17.70 34.88
C ARG G 104 -16.77 18.36 35.65
N ASP G 105 -16.49 19.52 36.23
CA ASP G 105 -17.49 20.28 36.96
C ASP G 105 -17.17 21.76 36.86
N THR G 106 -18.22 22.58 36.87
CA THR G 106 -18.07 24.03 36.96
C THR G 106 -17.92 24.51 38.40
N TRP G 107 -18.18 23.63 39.38
CA TRP G 107 -18.19 24.04 40.77
C TRP G 107 -16.82 23.84 41.40
N PRO G 108 -16.18 24.90 41.91
CA PRO G 108 -14.90 24.71 42.62
C PRO G 108 -15.03 23.83 43.86
N SER G 109 -16.12 23.96 44.60
CA SER G 109 -16.30 23.20 45.83
C SER G 109 -16.31 21.69 45.61
N SER G 110 -16.53 21.25 44.37
CA SER G 110 -16.50 19.83 44.06
C SER G 110 -15.10 19.26 43.97
N TYR G 111 -14.07 20.10 44.06
CA TYR G 111 -12.67 19.67 43.97
C TYR G 111 -12.04 19.71 45.35
N ASP G 112 -11.60 18.54 45.83
CA ASP G 112 -10.99 18.42 47.15
C ASP G 112 -9.51 18.76 47.17
N TYR G 113 -8.87 18.91 46.01
CA TYR G 113 -7.44 19.20 45.95
C TYR G 113 -7.21 20.38 45.03
N TRP G 114 -6.32 21.29 45.44
CA TRP G 114 -6.06 22.52 44.71
C TRP G 114 -4.55 22.76 44.64
N GLY G 115 -4.18 23.85 43.99
CA GLY G 115 -2.81 24.33 44.02
C GLY G 115 -2.76 25.81 44.32
N GLN G 116 -1.57 26.28 44.69
CA GLN G 116 -1.37 27.70 44.94
C GLN G 116 -1.43 28.47 43.63
N GLY G 117 -2.19 29.55 43.61
CA GLY G 117 -2.47 30.24 42.38
C GLY G 117 -1.25 30.89 41.76
N THR G 118 -1.33 31.08 40.44
CA THR G 118 -0.32 31.77 39.66
C THR G 118 -0.94 32.97 38.94
N GLN G 119 -0.20 34.07 38.92
CA GLN G 119 -0.71 35.31 38.32
C GLN G 119 -0.48 35.33 36.82
N VAL G 120 -1.54 35.65 36.07
CA VAL G 120 -1.46 35.84 34.62
C VAL G 120 -2.01 37.24 34.32
N THR G 121 -1.16 38.10 33.75
CA THR G 121 -1.54 39.47 33.40
C THR G 121 -1.31 39.71 31.93
N VAL G 122 -2.30 40.27 31.25
CA VAL G 122 -2.25 40.55 29.82
C VAL G 122 -2.59 42.01 29.60
N SER G 123 -1.58 42.82 29.28
CA SER G 123 -1.78 44.23 28.96
C SER G 123 -0.59 44.70 28.14
N SER G 124 -0.66 45.95 27.69
CA SER G 124 0.41 46.53 26.87
C SER G 124 1.20 47.58 27.65
N LEU H 9 53.44 8.38 -21.00
CA LEU H 9 52.85 7.89 -22.24
C LEU H 9 52.18 6.53 -22.02
N CYS H 10 51.09 6.30 -22.73
CA CYS H 10 50.33 5.07 -22.57
C CYS H 10 51.16 3.89 -23.08
N PRO H 11 51.27 2.80 -22.31
CA PRO H 11 52.11 1.67 -22.72
C PRO H 11 51.50 0.87 -23.86
N PHE H 12 51.61 1.38 -25.10
CA PHE H 12 51.14 0.66 -26.27
C PHE H 12 52.20 -0.28 -26.84
N ASP H 13 53.48 0.03 -26.65
CA ASP H 13 54.54 -0.85 -27.14
C ASP H 13 54.55 -2.18 -26.40
N GLU H 14 54.21 -2.16 -25.11
CA GLU H 14 54.22 -3.40 -24.32
C GLU H 14 53.19 -4.40 -24.83
N VAL H 15 52.14 -3.93 -25.49
CA VAL H 15 51.07 -4.81 -25.95
C VAL H 15 51.30 -5.26 -27.39
N PHE H 16 51.66 -4.32 -28.28
CA PHE H 16 51.86 -4.70 -29.68
C PHE H 16 53.20 -5.40 -29.88
N ASN H 17 54.27 -4.89 -29.27
CA ASN H 17 55.61 -5.45 -29.44
C ASN H 17 55.95 -6.46 -28.35
N ALA H 18 54.94 -7.01 -27.67
CA ALA H 18 55.18 -8.05 -26.68
C ALA H 18 55.79 -9.28 -27.33
N THR H 19 56.62 -9.98 -26.57
CA THR H 19 57.32 -11.14 -27.12
C THR H 19 56.35 -12.29 -27.41
N ARG H 20 55.46 -12.60 -26.46
CA ARG H 20 54.45 -13.62 -26.65
C ARG H 20 53.09 -13.09 -26.25
N PHE H 21 52.06 -13.66 -26.86
CA PHE H 21 50.67 -13.36 -26.56
C PHE H 21 50.05 -14.51 -25.77
N ALA H 22 48.90 -14.25 -25.18
CA ALA H 22 48.19 -15.25 -24.41
C ALA H 22 47.20 -16.00 -25.31
N SER H 23 46.67 -17.10 -24.79
CA SER H 23 45.67 -17.85 -25.52
C SER H 23 44.36 -17.08 -25.56
N VAL H 24 43.50 -17.45 -26.51
CA VAL H 24 42.22 -16.75 -26.65
C VAL H 24 41.32 -17.05 -25.46
N TYR H 25 41.42 -18.25 -24.88
CA TYR H 25 40.58 -18.57 -23.73
C TYR H 25 41.06 -17.85 -22.47
N ALA H 26 42.37 -17.62 -22.36
CA ALA H 26 42.92 -16.88 -21.23
C ALA H 26 43.55 -15.58 -21.71
N TRP H 27 42.76 -14.78 -22.41
CA TRP H 27 43.25 -13.53 -22.99
C TRP H 27 43.68 -12.56 -21.90
N ASN H 28 44.81 -11.89 -22.13
CA ASN H 28 45.33 -10.91 -21.18
C ASN H 28 44.72 -9.54 -21.45
N ARG H 29 44.56 -8.77 -20.37
CA ARG H 29 44.01 -7.42 -20.45
C ARG H 29 44.93 -6.46 -19.72
N LYS H 30 45.34 -5.40 -20.41
CA LYS H 30 46.21 -4.37 -19.86
C LYS H 30 45.39 -3.11 -19.62
N ARG H 31 45.18 -2.77 -18.35
CA ARG H 31 44.40 -1.59 -17.99
C ARG H 31 45.26 -0.35 -18.18
N ILE H 32 44.88 0.50 -19.12
CA ILE H 32 45.67 1.68 -19.45
C ILE H 32 44.96 2.95 -19.01
N TYR H 43 47.64 4.55 -36.11
CA TYR H 43 47.17 5.73 -36.84
C TYR H 43 47.39 5.61 -38.34
N ASN H 44 48.63 5.36 -38.75
CA ASN H 44 48.93 5.19 -40.17
C ASN H 44 49.00 3.74 -40.58
N LEU H 45 49.70 2.90 -39.83
CA LEU H 45 49.75 1.44 -40.01
C LEU H 45 50.23 1.12 -41.43
N ALA H 46 49.75 0.01 -41.98
CA ALA H 46 50.16 -0.52 -43.29
C ALA H 46 49.08 -1.49 -43.79
N PRO H 47 49.06 -1.82 -45.09
CA PRO H 47 47.96 -2.65 -45.61
C PRO H 47 47.84 -4.04 -44.99
N PHE H 48 48.92 -4.64 -44.48
CA PHE H 48 48.84 -5.99 -43.93
C PHE H 48 48.32 -6.03 -42.50
N PHE H 49 47.59 -5.01 -42.08
CA PHE H 49 47.01 -4.94 -40.74
C PHE H 49 45.49 -4.89 -40.83
N THR H 50 44.84 -5.87 -40.23
CA THR H 50 43.37 -5.84 -40.12
C THR H 50 43.00 -4.76 -39.11
N PHE H 51 42.28 -3.74 -39.57
CA PHE H 51 41.99 -2.56 -38.76
C PHE H 51 40.52 -2.19 -38.91
N LYS H 52 39.70 -2.65 -37.95
CA LYS H 52 38.28 -2.36 -37.92
C LYS H 52 37.95 -1.59 -36.65
N CYS H 53 37.04 -0.63 -36.76
CA CYS H 53 36.60 0.18 -35.62
C CYS H 53 35.09 0.19 -35.57
N TYR H 54 34.54 0.16 -34.36
CA TYR H 54 33.10 0.09 -34.14
C TYR H 54 32.69 1.15 -33.14
N GLY H 55 31.66 1.92 -33.47
CA GLY H 55 31.13 2.95 -32.60
C GLY H 55 31.94 4.23 -32.52
N VAL H 56 33.12 4.28 -33.14
CA VAL H 56 33.97 5.46 -33.08
C VAL H 56 34.86 5.48 -34.31
N SER H 57 35.27 6.69 -34.71
CA SER H 57 36.11 6.93 -35.87
C SER H 57 37.57 7.06 -35.47
N PRO H 58 38.48 6.45 -36.25
CA PRO H 58 39.91 6.52 -35.87
C PRO H 58 40.50 7.92 -35.91
N THR H 59 40.10 8.74 -36.89
CA THR H 59 40.62 10.09 -37.02
C THR H 59 40.19 11.01 -35.88
N LYS H 60 39.23 10.60 -35.06
CA LYS H 60 38.72 11.41 -33.96
C LYS H 60 39.23 10.94 -32.60
N LEU H 61 40.08 9.92 -32.56
CA LEU H 61 40.55 9.39 -31.28
C LEU H 61 41.44 10.38 -30.53
N ASN H 62 42.22 11.20 -31.26
CA ASN H 62 43.07 12.17 -30.61
C ASN H 62 42.29 13.32 -29.98
N ASP H 63 41.02 13.48 -30.32
CA ASP H 63 40.20 14.57 -29.82
C ASP H 63 39.20 14.14 -28.74
N LEU H 64 39.37 12.93 -28.18
CA LEU H 64 38.44 12.40 -27.19
C LEU H 64 39.18 11.94 -25.95
N CYS H 65 38.58 12.20 -24.79
CA CYS H 65 39.09 11.73 -23.51
C CYS H 65 38.19 10.64 -22.97
N PHE H 66 38.79 9.56 -22.48
CA PHE H 66 38.07 8.40 -22.00
C PHE H 66 38.41 8.12 -20.54
N THR H 67 37.51 7.40 -19.87
CA THR H 67 37.73 7.04 -18.47
C THR H 67 38.80 5.96 -18.35
N ASN H 68 38.61 4.84 -19.04
CA ASN H 68 39.58 3.74 -19.02
C ASN H 68 39.69 3.12 -20.41
N VAL H 69 40.91 2.73 -20.78
CA VAL H 69 41.19 2.08 -22.06
C VAL H 69 41.78 0.71 -21.78
N TYR H 70 41.06 -0.34 -22.17
CA TYR H 70 41.47 -1.72 -21.94
C TYR H 70 42.07 -2.30 -23.22
N ALA H 71 43.21 -2.98 -23.08
CA ALA H 71 43.94 -3.57 -24.19
C ALA H 71 43.94 -5.09 -24.04
N ASP H 72 43.08 -5.77 -24.80
CA ASP H 72 43.00 -7.22 -24.78
C ASP H 72 43.83 -7.79 -25.91
N SER H 73 44.69 -8.76 -25.58
CA SER H 73 45.59 -9.37 -26.55
C SER H 73 45.51 -10.88 -26.46
N PHE H 74 45.53 -11.53 -27.61
CA PHE H 74 45.48 -13.00 -27.72
C PHE H 74 45.83 -13.36 -29.15
N VAL H 75 45.75 -14.65 -29.47
CA VAL H 75 46.10 -15.16 -30.79
C VAL H 75 45.08 -16.22 -31.20
N ILE H 76 44.59 -16.13 -32.43
CA ILE H 76 43.71 -17.11 -33.03
C ILE H 76 44.27 -17.48 -34.39
N ARG H 77 43.55 -18.33 -35.12
CA ARG H 77 43.92 -18.62 -36.48
C ARG H 77 43.18 -17.68 -37.43
N GLY H 78 43.62 -17.67 -38.69
CA GLY H 78 43.15 -16.67 -39.63
C GLY H 78 41.66 -16.72 -39.88
N ASP H 79 41.11 -17.94 -40.01
CA ASP H 79 39.68 -18.10 -40.28
C ASP H 79 38.79 -17.64 -39.14
N GLU H 80 39.37 -17.28 -38.00
CA GLU H 80 38.60 -16.88 -36.83
C GLU H 80 38.67 -15.40 -36.53
N VAL H 81 39.38 -14.61 -37.35
CA VAL H 81 39.44 -13.18 -37.12
C VAL H 81 38.08 -12.53 -37.33
N ARG H 82 37.24 -13.11 -38.18
CA ARG H 82 35.90 -12.57 -38.41
C ARG H 82 35.03 -12.59 -37.15
N GLN H 83 35.36 -13.45 -36.19
CA GLN H 83 34.52 -13.59 -35.00
C GLN H 83 34.77 -12.49 -33.96
N ILE H 84 35.94 -11.84 -34.01
CA ILE H 84 36.22 -10.74 -33.11
C ILE H 84 35.49 -9.49 -33.60
N ALA H 85 34.17 -9.49 -33.48
CA ALA H 85 33.35 -8.38 -33.98
C ALA H 85 32.00 -8.43 -33.28
N PRO H 86 31.33 -7.29 -33.12
CA PRO H 86 30.02 -7.28 -32.47
C PRO H 86 28.98 -8.03 -33.28
N GLY H 87 28.14 -8.80 -32.58
CA GLY H 87 27.07 -9.54 -33.21
C GLY H 87 27.57 -10.66 -34.11
N GLN H 88 28.51 -11.45 -33.59
CA GLN H 88 29.07 -12.59 -34.31
C GLN H 88 28.95 -13.84 -33.45
N THR H 89 28.88 -14.98 -34.13
CA THR H 89 28.78 -16.27 -33.45
C THR H 89 29.87 -17.20 -33.98
N GLY H 90 30.16 -18.23 -33.19
CA GLY H 90 31.22 -19.17 -33.52
C GLY H 90 31.88 -19.70 -32.27
N ASN H 91 32.88 -20.56 -32.49
CA ASN H 91 33.56 -21.20 -31.36
C ASN H 91 34.36 -20.19 -30.54
N ILE H 92 34.99 -19.21 -31.20
CA ILE H 92 35.81 -18.26 -30.48
C ILE H 92 34.95 -17.23 -29.75
N ALA H 93 33.91 -16.72 -30.41
CA ALA H 93 33.08 -15.69 -29.81
C ALA H 93 32.23 -16.24 -28.66
N ASP H 94 31.64 -17.42 -28.84
CA ASP H 94 30.73 -17.95 -27.84
C ASP H 94 31.44 -18.53 -26.62
N TYR H 95 32.63 -19.11 -26.81
CA TYR H 95 33.27 -19.88 -25.75
C TYR H 95 34.64 -19.35 -25.35
N ASN H 96 35.11 -18.25 -25.94
CA ASN H 96 36.45 -17.77 -25.63
C ASN H 96 36.48 -16.27 -25.38
N TYR H 97 36.13 -15.47 -26.39
CA TYR H 97 36.18 -14.02 -26.27
C TYR H 97 35.01 -13.42 -27.04
N LYS H 98 34.08 -12.80 -26.31
CA LYS H 98 32.88 -12.21 -26.88
C LYS H 98 32.92 -10.70 -26.75
N LEU H 99 32.50 -10.00 -27.82
CA LEU H 99 32.35 -8.56 -27.80
C LEU H 99 30.88 -8.18 -27.72
N PRO H 100 30.54 -7.13 -26.96
CA PRO H 100 29.14 -6.75 -26.80
C PRO H 100 28.56 -6.18 -28.09
N ASP H 101 27.23 -6.08 -28.11
CA ASP H 101 26.55 -5.57 -29.28
C ASP H 101 26.75 -4.06 -29.43
N ASP H 102 26.98 -3.36 -28.32
CA ASP H 102 27.28 -1.93 -28.34
C ASP H 102 28.75 -1.67 -28.10
N PHE H 103 29.62 -2.51 -28.69
CA PHE H 103 31.05 -2.38 -28.47
C PHE H 103 31.57 -1.10 -29.11
N THR H 104 32.29 -0.31 -28.32
CA THR H 104 32.87 0.95 -28.76
C THR H 104 34.40 0.81 -28.70
N GLY H 105 35.01 0.62 -29.87
CA GLY H 105 36.44 0.45 -29.93
C GLY H 105 36.85 -0.09 -31.29
N CYS H 106 38.12 -0.47 -31.37
CA CYS H 106 38.70 -0.98 -32.60
C CYS H 106 39.31 -2.35 -32.35
N VAL H 107 39.45 -3.13 -33.43
CA VAL H 107 40.10 -4.43 -33.37
C VAL H 107 41.26 -4.42 -34.35
N ILE H 108 42.41 -4.92 -33.91
CA ILE H 108 43.62 -4.92 -34.72
C ILE H 108 44.19 -6.34 -34.78
N ALA H 109 44.58 -6.77 -35.97
CA ALA H 109 45.12 -8.12 -36.17
C ALA H 109 46.14 -8.13 -37.30
N TRP H 110 47.16 -9.00 -37.16
CA TRP H 110 48.18 -9.14 -38.19
C TRP H 110 48.70 -10.56 -38.23
N ASN H 111 49.18 -10.96 -39.41
CA ASN H 111 49.75 -12.29 -39.59
C ASN H 111 51.07 -12.38 -38.84
N SER H 112 51.14 -13.29 -37.87
CA SER H 112 52.32 -13.49 -37.05
C SER H 112 52.87 -14.90 -37.22
N ASN H 113 52.97 -15.34 -38.49
CA ASN H 113 53.43 -16.70 -38.75
C ASN H 113 54.93 -16.84 -38.49
N LYS H 114 55.69 -15.75 -38.57
CA LYS H 114 57.12 -15.80 -38.33
C LYS H 114 57.48 -15.82 -36.85
N LEU H 115 56.50 -15.69 -35.96
CA LEU H 115 56.72 -15.61 -34.53
C LEU H 115 56.08 -16.74 -33.74
N ASP H 116 54.98 -17.32 -34.23
CA ASP H 116 54.24 -18.32 -33.46
C ASP H 116 54.04 -19.61 -34.25
N SER H 117 55.03 -19.99 -35.06
CA SER H 117 54.89 -21.20 -35.87
C SER H 117 56.03 -22.17 -35.61
N LYS H 118 56.53 -22.80 -36.67
CA LYS H 118 57.51 -23.87 -36.52
C LYS H 118 58.88 -23.33 -36.14
N VAL H 119 59.26 -22.17 -36.69
CA VAL H 119 60.57 -21.58 -36.38
C VAL H 119 60.71 -21.36 -34.88
N SER H 120 59.70 -20.72 -34.28
CA SER H 120 59.67 -20.56 -32.83
C SER H 120 59.18 -21.83 -32.14
N GLY H 121 57.97 -22.27 -32.47
CA GLY H 121 57.41 -23.42 -31.80
C GLY H 121 56.75 -22.96 -30.53
N ASN H 122 55.74 -22.10 -30.65
CA ASN H 122 55.04 -21.54 -29.50
C ASN H 122 53.64 -22.13 -29.36
N TYR H 123 53.54 -23.12 -28.48
CA TYR H 123 52.27 -23.69 -28.06
C TYR H 123 51.75 -22.92 -26.85
N ASN H 124 51.62 -21.62 -27.04
CA ASN H 124 51.08 -20.71 -26.05
C ASN H 124 49.64 -20.31 -26.36
N TYR H 125 49.09 -20.77 -27.48
CA TYR H 125 47.79 -20.34 -27.96
C TYR H 125 46.80 -21.51 -27.94
N LEU H 126 45.88 -21.50 -26.98
CA LEU H 126 44.83 -22.49 -26.84
C LEU H 126 43.48 -21.89 -27.19
N TYR H 127 42.46 -22.74 -27.20
CA TYR H 127 41.09 -22.31 -27.39
C TYR H 127 40.16 -23.30 -26.71
N ARG H 128 38.97 -22.83 -26.37
CA ARG H 128 37.97 -23.62 -25.66
C ARG H 128 36.98 -24.22 -26.65
N LEU H 129 36.75 -25.53 -26.55
CA LEU H 129 35.92 -26.26 -27.49
C LEU H 129 34.51 -26.52 -26.97
N PHE H 130 34.36 -26.91 -25.71
CA PHE H 130 33.07 -27.22 -25.13
C PHE H 130 32.77 -26.27 -23.97
N ARG H 131 31.52 -25.81 -23.92
CA ARG H 131 31.05 -25.05 -22.76
C ARG H 131 29.53 -25.17 -22.71
N LYS H 132 28.99 -25.14 -21.49
CA LYS H 132 27.57 -25.39 -21.29
C LYS H 132 26.72 -24.24 -21.81
N SER H 133 27.22 -23.01 -21.71
CA SER H 133 26.49 -21.84 -22.19
C SER H 133 27.47 -20.88 -22.85
N ASN H 134 26.93 -19.85 -23.48
CA ASN H 134 27.77 -18.86 -24.14
C ASN H 134 28.41 -17.95 -23.10
N LEU H 135 29.51 -17.30 -23.51
CA LEU H 135 30.16 -16.33 -22.65
C LEU H 135 29.47 -14.99 -22.75
N LYS H 136 29.31 -14.32 -21.61
CA LYS H 136 28.83 -12.96 -21.61
C LYS H 136 29.91 -12.04 -22.18
N PRO H 137 29.55 -10.84 -22.63
CA PRO H 137 30.55 -9.91 -23.15
C PRO H 137 31.64 -9.63 -22.11
N PHE H 138 32.89 -9.71 -22.55
CA PHE H 138 34.05 -9.44 -21.71
C PHE H 138 34.14 -10.42 -20.54
N GLU H 139 33.81 -11.68 -20.78
CA GLU H 139 33.92 -12.75 -19.80
C GLU H 139 35.09 -13.66 -20.13
N ARG H 140 35.87 -14.02 -19.12
CA ARG H 140 37.03 -14.90 -19.27
C ARG H 140 36.80 -16.15 -18.44
N ASP H 141 36.76 -17.31 -19.11
CA ASP H 141 36.54 -18.61 -18.47
C ASP H 141 37.81 -19.43 -18.57
N ILE H 142 38.50 -19.59 -17.45
CA ILE H 142 39.73 -20.37 -17.39
C ILE H 142 39.49 -21.73 -16.72
N SER H 143 38.25 -22.18 -16.65
CA SER H 143 37.94 -23.46 -16.01
C SER H 143 38.42 -24.61 -16.89
N THR H 144 39.03 -25.60 -16.25
CA THR H 144 39.51 -26.80 -16.93
C THR H 144 38.81 -28.04 -16.38
N GLU H 145 37.53 -27.91 -16.04
CA GLU H 145 36.77 -29.04 -15.54
C GLU H 145 36.25 -29.86 -16.71
N ILE H 146 36.22 -31.18 -16.54
CA ILE H 146 35.80 -32.08 -17.60
C ILE H 146 34.36 -31.75 -17.99
N TYR H 147 34.16 -31.43 -19.26
CA TYR H 147 32.85 -31.03 -19.75
C TYR H 147 31.93 -32.24 -19.87
N GLN H 148 30.73 -32.14 -19.30
CA GLN H 148 29.75 -33.22 -19.34
C GLN H 148 28.88 -33.03 -20.58
N ALA H 149 29.07 -33.90 -21.57
CA ALA H 149 28.31 -33.86 -22.81
C ALA H 149 27.23 -34.93 -22.89
N GLY H 150 27.10 -35.76 -21.86
CA GLY H 150 26.14 -36.84 -21.83
C GLY H 150 25.25 -36.75 -20.60
N ASN H 151 24.84 -37.93 -20.14
CA ASN H 151 23.94 -38.04 -18.98
C ASN H 151 24.67 -38.39 -17.70
N LYS H 152 25.79 -39.11 -17.77
CA LYS H 152 26.54 -39.58 -16.62
C LYS H 152 27.50 -38.50 -16.12
N PRO H 153 27.72 -38.39 -14.81
CA PRO H 153 28.65 -37.38 -14.30
C PRO H 153 30.09 -37.76 -14.62
N CYS H 154 30.90 -36.73 -14.90
CA CYS H 154 32.28 -36.97 -15.32
C CYS H 154 33.20 -37.21 -14.13
N ASN H 155 33.06 -36.41 -13.07
CA ASN H 155 33.90 -36.46 -11.87
C ASN H 155 35.38 -36.41 -12.23
N GLY H 156 35.72 -35.53 -13.16
CA GLY H 156 37.10 -35.33 -13.56
C GLY H 156 37.75 -36.47 -14.30
N VAL H 157 36.97 -37.28 -15.01
CA VAL H 157 37.49 -38.41 -15.77
C VAL H 157 37.23 -38.15 -17.24
N ALA H 158 38.29 -38.18 -18.05
CA ALA H 158 38.18 -38.00 -19.50
C ALA H 158 37.70 -39.31 -20.14
N GLY H 159 36.47 -39.30 -20.63
CA GLY H 159 35.91 -40.49 -21.23
C GLY H 159 34.80 -40.16 -22.21
N PHE H 160 33.91 -41.13 -22.40
CA PHE H 160 32.78 -40.95 -23.30
C PHE H 160 31.85 -39.86 -22.78
N ASN H 161 31.54 -38.89 -23.64
CA ASN H 161 30.69 -37.75 -23.31
C ASN H 161 31.25 -36.93 -22.14
N CYS H 162 32.56 -37.04 -21.91
CA CYS H 162 33.25 -36.29 -20.86
C CYS H 162 34.62 -35.94 -21.42
N TYR H 163 34.74 -34.75 -22.00
CA TYR H 163 35.92 -34.34 -22.72
C TYR H 163 36.58 -33.16 -22.02
N PHE H 164 37.88 -33.03 -22.21
CA PHE H 164 38.60 -31.88 -21.68
C PHE H 164 38.21 -30.65 -22.48
N PRO H 165 37.85 -29.54 -21.83
CA PRO H 165 37.27 -28.41 -22.56
C PRO H 165 38.27 -27.55 -23.31
N LEU H 166 39.55 -27.90 -23.27
CA LEU H 166 40.59 -27.15 -23.97
C LEU H 166 41.29 -28.05 -24.97
N ARG H 167 41.50 -27.51 -26.17
CA ARG H 167 42.22 -28.15 -27.25
C ARG H 167 43.37 -27.24 -27.66
N SER H 168 44.17 -27.69 -28.61
CA SER H 168 45.37 -26.96 -29.02
C SER H 168 45.24 -26.43 -30.45
N TYR H 169 46.14 -25.51 -30.77
CA TYR H 169 46.34 -25.04 -32.13
C TYR H 169 47.59 -25.71 -32.69
N SER H 170 47.46 -26.32 -33.87
CA SER H 170 48.60 -26.96 -34.52
C SER H 170 49.05 -26.09 -35.69
N PHE H 171 49.82 -25.07 -35.35
CA PHE H 171 50.29 -24.07 -36.31
C PHE H 171 51.48 -24.63 -37.08
N ARG H 172 51.25 -24.91 -38.35
CA ARG H 172 52.20 -25.49 -39.28
C ARG H 172 52.61 -24.42 -40.28
N PRO H 173 53.69 -24.66 -41.03
CA PRO H 173 54.10 -23.67 -42.03
C PRO H 173 53.40 -23.86 -43.36
N THR H 174 52.94 -25.09 -43.62
CA THR H 174 52.38 -25.40 -44.93
C THR H 174 50.98 -24.82 -45.10
N TYR H 175 50.27 -24.58 -44.00
CA TYR H 175 48.89 -24.09 -44.07
C TYR H 175 48.82 -22.72 -44.74
N GLY H 176 47.62 -22.38 -45.23
CA GLY H 176 47.36 -21.13 -45.92
C GLY H 176 46.60 -20.02 -45.23
N VAL H 177 47.27 -19.13 -44.48
CA VAL H 177 46.66 -18.02 -43.76
C VAL H 177 45.43 -18.39 -42.92
N GLY H 178 44.60 -19.30 -43.42
CA GLY H 178 43.42 -19.68 -42.67
C GLY H 178 43.73 -20.51 -41.43
N HIS H 179 44.90 -21.13 -41.39
CA HIS H 179 45.35 -21.90 -40.24
C HIS H 179 46.64 -21.34 -39.65
N GLN H 180 47.02 -20.10 -40.03
CA GLN H 180 48.21 -19.41 -39.57
C GLN H 180 47.88 -18.48 -38.40
N PRO H 181 48.85 -18.19 -37.53
CA PRO H 181 48.55 -17.39 -36.35
C PRO H 181 48.36 -15.92 -36.69
N TYR H 182 47.38 -15.30 -36.02
CA TYR H 182 47.15 -13.86 -36.08
C TYR H 182 47.09 -13.34 -34.66
N ARG H 183 47.93 -12.35 -34.36
CA ARG H 183 47.91 -11.72 -33.06
C ARG H 183 46.87 -10.62 -33.06
N VAL H 184 45.91 -10.70 -32.14
CA VAL H 184 44.78 -9.78 -32.10
C VAL H 184 44.94 -8.88 -30.89
N VAL H 185 44.74 -7.57 -31.10
CA VAL H 185 44.77 -6.59 -30.04
C VAL H 185 43.46 -5.80 -30.13
N VAL H 186 42.62 -5.94 -29.12
CA VAL H 186 41.31 -5.29 -29.08
C VAL H 186 41.38 -4.14 -28.08
N LEU H 187 41.12 -2.93 -28.55
CA LEU H 187 41.19 -1.74 -27.72
C LEU H 187 39.77 -1.29 -27.40
N SER H 188 39.41 -1.35 -26.11
CA SER H 188 38.11 -0.91 -25.63
C SER H 188 38.23 0.49 -25.06
N PHE H 189 37.31 1.37 -25.45
CA PHE H 189 37.28 2.75 -24.98
C PHE H 189 36.04 2.96 -24.11
N GLU H 190 36.27 3.16 -22.82
CA GLU H 190 35.18 3.28 -21.85
C GLU H 190 34.94 4.73 -21.48
N GLU I 1 -52.74 34.62 31.45
CA GLU I 1 -52.45 33.22 31.12
C GLU I 1 -53.31 32.28 31.95
N VAL I 2 -52.65 31.63 32.93
CA VAL I 2 -53.33 30.69 33.79
C VAL I 2 -54.51 31.34 34.53
N GLN I 3 -55.52 30.54 34.84
CA GLN I 3 -56.64 30.99 35.65
C GLN I 3 -57.34 29.78 36.25
N LEU I 4 -57.97 30.00 37.41
CA LEU I 4 -58.79 29.00 38.06
C LEU I 4 -60.22 29.52 38.16
N VAL I 5 -61.16 28.59 38.27
CA VAL I 5 -62.58 28.92 38.34
C VAL I 5 -63.27 27.91 39.26
N GLU I 6 -63.89 28.41 40.31
CA GLU I 6 -64.49 27.56 41.33
C GLU I 6 -66.00 27.49 41.16
N SER I 7 -66.60 26.52 41.85
CA SER I 7 -68.04 26.32 41.80
C SER I 7 -68.43 25.42 42.99
N GLY I 8 -69.71 25.08 43.04
CA GLY I 8 -70.24 24.20 44.07
C GLY I 8 -70.80 24.88 45.29
N GLY I 9 -70.19 26.00 45.70
CA GLY I 9 -70.62 26.74 46.87
C GLY I 9 -72.07 27.15 46.84
N GLY I 10 -72.76 26.95 47.97
CA GLY I 10 -74.17 27.28 48.05
C GLY I 10 -74.66 27.07 49.46
N VAL I 11 -75.91 27.50 49.69
CA VAL I 11 -76.51 27.35 51.01
C VAL I 11 -76.55 25.87 51.39
N VAL I 12 -76.29 25.60 52.67
CA VAL I 12 -76.32 24.24 53.19
C VAL I 12 -76.52 24.31 54.71
N GLN I 13 -77.50 23.58 55.19
CA GLN I 13 -77.83 23.59 56.60
C GLN I 13 -76.81 22.79 57.42
N PRO I 14 -76.62 23.16 58.68
CA PRO I 14 -75.64 22.46 59.52
C PRO I 14 -75.91 20.97 59.59
N GLY I 15 -74.83 20.17 59.55
CA GLY I 15 -74.91 18.74 59.57
C GLY I 15 -74.93 18.08 58.20
N ARG I 16 -75.22 18.85 57.15
CA ARG I 16 -75.28 18.31 55.80
C ARG I 16 -73.92 18.43 55.12
N SER I 17 -73.86 18.01 53.85
CA SER I 17 -72.61 17.94 53.11
C SER I 17 -72.65 18.87 51.90
N LEU I 18 -71.46 19.15 51.37
CA LEU I 18 -71.32 20.00 50.20
C LEU I 18 -69.94 19.78 49.59
N ARG I 19 -69.88 19.80 48.25
CA ARG I 19 -68.65 19.59 47.50
C ARG I 19 -68.33 20.83 46.67
N LEU I 20 -67.11 21.33 46.82
CA LEU I 20 -66.61 22.42 45.99
C LEU I 20 -65.75 21.87 44.86
N SER I 21 -65.73 22.60 43.75
CA SER I 21 -64.94 22.21 42.59
C SER I 21 -64.07 23.38 42.15
N CYS I 22 -62.87 23.06 41.64
CA CYS I 22 -61.92 24.05 41.17
C CYS I 22 -61.35 23.58 39.83
N ALA I 23 -61.64 24.32 38.76
CA ALA I 23 -61.22 23.96 37.42
C ALA I 23 -59.99 24.79 37.04
N ALA I 24 -58.90 24.11 36.69
CA ALA I 24 -57.64 24.74 36.34
C ALA I 24 -57.43 24.70 34.84
N SER I 25 -56.73 25.71 34.33
CA SER I 25 -56.43 25.78 32.90
C SER I 25 -55.23 26.69 32.68
N GLY I 26 -54.48 26.39 31.60
CA GLY I 26 -53.34 27.19 31.20
C GLY I 26 -52.00 26.73 31.72
N PHE I 27 -51.95 25.63 32.46
CA PHE I 27 -50.69 25.08 32.95
C PHE I 27 -50.83 23.57 33.08
N THR I 28 -49.69 22.90 33.24
CA THR I 28 -49.66 21.46 33.44
C THR I 28 -50.09 21.21 34.88
N PHE I 29 -51.40 21.03 35.06
CA PHE I 29 -51.99 20.89 36.39
C PHE I 29 -51.27 19.83 37.23
N SER I 30 -51.03 18.65 36.67
CA SER I 30 -50.49 17.53 37.42
C SER I 30 -49.14 17.83 38.07
N ASN I 31 -48.47 18.92 37.69
CA ASN I 31 -47.16 19.24 38.24
C ASN I 31 -47.23 20.14 39.47
N TYR I 32 -48.41 20.66 39.82
CA TYR I 32 -48.54 21.64 40.89
C TYR I 32 -49.36 21.08 42.04
N GLY I 33 -48.93 21.37 43.26
CA GLY I 33 -49.79 21.18 44.41
C GLY I 33 -50.79 22.31 44.54
N MET I 34 -51.94 22.02 45.16
CA MET I 34 -53.01 22.98 45.32
C MET I 34 -53.48 22.99 46.77
N HIS I 35 -53.87 24.17 47.26
CA HIS I 35 -54.41 24.30 48.60
C HIS I 35 -55.64 25.20 48.58
N TRP I 36 -56.64 24.84 49.39
CA TRP I 36 -57.82 25.64 49.61
C TRP I 36 -57.61 26.63 50.76
N VAL I 37 -58.02 27.89 50.54
CA VAL I 37 -58.02 28.90 51.58
C VAL I 37 -59.42 29.51 51.65
N ARG I 38 -59.88 29.81 52.86
CA ARG I 38 -61.22 30.36 53.06
C ARG I 38 -61.14 31.70 53.80
N GLN I 39 -62.24 32.44 53.75
CA GLN I 39 -62.30 33.78 54.35
C GLN I 39 -63.72 34.02 54.83
N ALA I 40 -63.93 33.96 56.15
CA ALA I 40 -65.23 34.28 56.72
C ALA I 40 -65.54 35.75 56.47
N PRO I 41 -66.83 36.09 56.32
CA PRO I 41 -67.21 37.49 56.09
C PRO I 41 -66.76 38.38 57.25
N GLY I 42 -66.04 39.44 56.91
CA GLY I 42 -65.55 40.38 57.90
C GLY I 42 -64.35 39.91 58.69
N LYS I 43 -63.76 38.77 58.35
CA LYS I 43 -62.63 38.22 59.07
C LYS I 43 -61.42 38.11 58.12
N GLY I 44 -60.40 37.39 58.56
CA GLY I 44 -59.18 37.23 57.80
C GLY I 44 -59.13 35.91 57.04
N LEU I 45 -57.98 35.66 56.43
CA LEU I 45 -57.77 34.47 55.61
C LEU I 45 -57.26 33.33 56.48
N GLU I 46 -57.88 32.16 56.33
CA GLU I 46 -57.53 30.97 57.10
C GLU I 46 -57.20 29.83 56.16
N TRP I 47 -56.04 29.22 56.34
CA TRP I 47 -55.63 28.09 55.52
C TRP I 47 -56.46 26.85 55.88
N VAL I 48 -56.85 26.09 54.86
CA VAL I 48 -57.72 24.94 55.09
C VAL I 48 -56.96 23.63 54.92
N ALA I 49 -56.50 23.35 53.69
CA ALA I 49 -55.88 22.06 53.41
C ALA I 49 -55.10 22.15 52.11
N VAL I 50 -54.14 21.25 51.96
CA VAL I 50 -53.28 21.19 50.78
C VAL I 50 -53.19 19.74 50.32
N TYR I 51 -53.12 19.54 49.00
CA TYR I 51 -52.88 18.25 48.37
C TYR I 51 -51.53 18.35 47.67
N TRP I 52 -50.50 17.81 48.31
CA TRP I 52 -49.17 17.84 47.71
C TRP I 52 -49.11 16.98 46.46
N TYR I 53 -48.26 17.41 45.53
CA TYR I 53 -48.04 16.71 44.28
C TYR I 53 -47.06 15.55 44.43
N ASP I 54 -46.10 15.67 45.36
CA ASP I 54 -44.98 14.77 45.46
C ASP I 54 -45.41 13.32 45.67
N GLY I 55 -45.91 13.02 46.87
CA GLY I 55 -46.34 11.68 47.23
C GLY I 55 -47.85 11.52 47.27
N GLY I 56 -48.55 12.65 47.25
CA GLY I 56 -49.95 12.66 47.58
C GLY I 56 -50.21 12.96 49.04
N ASN I 57 -49.21 13.49 49.75
CA ASN I 57 -49.36 13.85 51.15
C ASN I 57 -50.48 14.87 51.30
N LYS I 58 -51.42 14.59 52.20
CA LYS I 58 -52.52 15.48 52.50
C LYS I 58 -52.39 16.04 53.91
N PHE I 59 -52.53 17.35 54.04
CA PHE I 59 -52.48 18.03 55.33
C PHE I 59 -53.71 18.92 55.47
N TYR I 60 -54.33 18.89 56.65
CA TYR I 60 -55.56 19.62 56.91
C TYR I 60 -55.38 20.51 58.14
N ALA I 61 -55.99 21.69 58.08
CA ALA I 61 -56.02 22.56 59.26
C ALA I 61 -56.82 21.91 60.38
N ASP I 62 -56.42 22.20 61.63
CA ASP I 62 -57.00 21.54 62.78
C ASP I 62 -58.50 21.79 62.92
N SER I 63 -58.98 22.96 62.47
CA SER I 63 -60.40 23.27 62.60
C SER I 63 -61.27 22.35 61.76
N VAL I 64 -60.72 21.78 60.69
CA VAL I 64 -61.49 21.00 59.74
C VAL I 64 -61.05 19.54 59.66
N LYS I 65 -60.05 19.13 60.43
CA LYS I 65 -59.58 17.75 60.40
C LYS I 65 -60.72 16.80 60.75
N GLY I 66 -60.90 15.77 59.91
CA GLY I 66 -61.95 14.81 60.08
C GLY I 66 -63.26 15.17 59.39
N ARG I 67 -63.49 16.44 59.11
CA ARG I 67 -64.71 16.88 58.45
C ARG I 67 -64.53 17.19 56.96
N PHE I 68 -63.37 17.72 56.56
CA PHE I 68 -63.10 18.07 55.18
C PHE I 68 -62.14 17.08 54.54
N THR I 69 -62.32 16.84 53.24
CA THR I 69 -61.47 15.95 52.47
C THR I 69 -61.11 16.61 51.14
N ILE I 70 -59.81 16.74 50.88
CA ILE I 70 -59.30 17.26 49.61
C ILE I 70 -58.92 16.09 48.71
N SER I 71 -59.11 16.27 47.41
CA SER I 71 -58.75 15.27 46.41
C SER I 71 -58.58 15.96 45.06
N ARG I 72 -58.07 15.23 44.08
CA ARG I 72 -57.81 15.80 42.77
C ARG I 72 -57.92 14.72 41.69
N ASP I 73 -58.26 15.15 40.48
CA ASP I 73 -58.28 14.31 39.30
C ASP I 73 -57.44 15.01 38.23
N ASN I 74 -56.17 14.60 38.09
CA ASN I 74 -55.28 15.25 37.14
C ASN I 74 -55.76 15.09 35.70
N SER I 75 -56.45 13.98 35.40
CA SER I 75 -56.92 13.77 34.04
C SER I 75 -57.95 14.81 33.62
N LYS I 76 -58.72 15.35 34.57
CA LYS I 76 -59.71 16.37 34.28
C LYS I 76 -59.28 17.77 34.70
N ASN I 77 -58.09 17.90 35.28
CA ASN I 77 -57.57 19.20 35.74
C ASN I 77 -58.55 19.90 36.67
N THR I 78 -59.04 19.16 37.66
CA THR I 78 -60.07 19.65 38.57
C THR I 78 -59.68 19.31 40.00
N LEU I 79 -59.84 20.28 40.90
CA LEU I 79 -59.62 20.10 42.33
C LEU I 79 -60.95 20.13 43.06
N TYR I 80 -61.09 19.25 44.06
CA TYR I 80 -62.33 19.10 44.81
C TYR I 80 -62.09 19.30 46.30
N LEU I 81 -63.15 19.66 47.01
CA LEU I 81 -63.14 19.71 48.48
C LEU I 81 -64.49 19.21 48.98
N GLN I 82 -64.48 18.05 49.64
CA GLN I 82 -65.68 17.47 50.24
C GLN I 82 -65.80 17.95 51.68
N MET I 83 -66.90 18.65 51.99
CA MET I 83 -67.14 19.22 53.31
C MET I 83 -68.29 18.46 53.99
N ASN I 84 -67.97 17.76 55.07
CA ASN I 84 -68.96 16.97 55.81
C ASN I 84 -69.16 17.54 57.21
N SER I 85 -70.35 17.34 57.75
CA SER I 85 -70.72 17.81 59.09
C SER I 85 -70.44 19.30 59.25
N LEU I 86 -70.87 20.08 58.26
CA LEU I 86 -70.61 21.51 58.24
C LEU I 86 -71.20 22.19 59.48
N ARG I 87 -70.53 23.24 59.92
CA ARG I 87 -70.95 24.04 61.07
C ARG I 87 -71.11 25.50 60.65
N VAL I 88 -71.82 26.26 61.49
CA VAL I 88 -72.05 27.68 61.23
C VAL I 88 -70.74 28.42 61.01
N GLU I 89 -69.72 28.11 61.82
CA GLU I 89 -68.44 28.80 61.71
C GLU I 89 -67.67 28.47 60.43
N ASP I 90 -68.19 27.56 59.59
CA ASP I 90 -67.58 27.27 58.30
C ASP I 90 -68.04 28.22 57.21
N THR I 91 -68.95 29.15 57.50
CA THR I 91 -69.40 30.12 56.52
C THR I 91 -68.25 31.02 56.11
N ALA I 92 -67.88 30.99 54.83
CA ALA I 92 -66.72 31.72 54.36
C ALA I 92 -66.70 31.68 52.84
N VAL I 93 -65.99 32.63 52.25
CA VAL I 93 -65.59 32.54 50.85
C VAL I 93 -64.37 31.65 50.77
N TYR I 94 -64.48 30.58 49.98
CA TYR I 94 -63.41 29.58 49.85
C TYR I 94 -62.66 29.84 48.55
N TYR I 95 -61.33 29.96 48.65
CA TYR I 95 -60.48 30.28 47.52
C TYR I 95 -59.62 29.08 47.13
N CYS I 96 -59.58 28.78 45.84
CA CYS I 96 -58.69 27.78 45.29
C CYS I 96 -57.39 28.45 44.83
N ALA I 97 -56.26 27.90 45.24
CA ALA I 97 -54.98 28.54 44.96
C ALA I 97 -53.87 27.49 44.86
N ARG I 98 -52.81 27.84 44.14
CA ARG I 98 -51.66 26.96 43.98
C ARG I 98 -50.88 26.84 45.29
N ASP I 99 -50.20 25.70 45.44
CA ASP I 99 -49.31 25.51 46.58
C ASP I 99 -47.92 26.06 46.33
N THR I 100 -47.60 26.43 45.09
CA THR I 100 -46.32 27.05 44.81
C THR I 100 -46.12 28.26 45.72
N ALA I 101 -45.47 28.03 46.85
CA ALA I 101 -45.28 29.04 47.88
C ALA I 101 -44.79 30.34 47.27
N PRO I 102 -45.54 31.44 47.42
CA PRO I 102 -46.74 31.47 48.26
C PRO I 102 -48.00 30.93 47.52
N PRO I 103 -48.88 31.75 46.93
CA PRO I 103 -49.63 31.25 45.78
C PRO I 103 -49.60 32.23 44.61
N ASP I 104 -49.24 31.72 43.44
CA ASP I 104 -49.12 32.54 42.24
C ASP I 104 -50.46 33.12 41.84
N TYR I 105 -51.35 32.27 41.31
CA TYR I 105 -52.66 32.67 40.82
C TYR I 105 -53.74 31.93 41.59
N TRP I 106 -54.71 32.67 42.11
CA TRP I 106 -55.81 32.06 42.87
C TRP I 106 -56.99 31.79 41.93
N GLY I 107 -58.15 31.52 42.53
CA GLY I 107 -59.37 31.28 41.81
C GLY I 107 -60.41 32.34 42.10
N GLN I 108 -61.61 32.12 41.53
CA GLN I 108 -62.68 33.09 41.66
C GLN I 108 -63.08 33.30 43.12
N GLY I 109 -63.47 32.21 43.80
CA GLY I 109 -63.93 32.31 45.17
C GLY I 109 -65.43 32.15 45.32
N THR I 110 -65.85 30.95 45.71
CA THR I 110 -67.26 30.68 45.97
C THR I 110 -67.61 30.98 47.43
N LEU I 111 -68.90 31.18 47.67
CA LEU I 111 -69.40 31.59 48.97
C LEU I 111 -70.31 30.49 49.52
N VAL I 112 -69.81 29.74 50.50
CA VAL I 112 -70.59 28.72 51.18
C VAL I 112 -71.21 29.34 52.42
N THR I 113 -72.53 29.27 52.51
CA THR I 113 -73.28 29.82 53.64
C THR I 113 -73.88 28.66 54.41
N VAL I 114 -73.41 28.44 55.63
CA VAL I 114 -73.93 27.38 56.48
C VAL I 114 -74.91 28.02 57.44
N SER I 115 -76.19 27.74 57.24
CA SER I 115 -77.25 28.28 58.08
C SER I 115 -78.47 27.38 57.94
N SER I 116 -79.27 27.35 58.99
CA SER I 116 -80.47 26.54 59.05
C SER I 116 -81.63 27.52 58.85
N ALA I 117 -82.01 27.73 57.60
CA ALA I 117 -83.18 28.54 57.27
C ALA I 117 -83.79 28.02 55.97
N SER I 118 -84.91 28.64 55.57
CA SER I 118 -85.57 28.33 54.32
C SER I 118 -85.63 29.57 53.43
N THR I 119 -85.74 29.33 52.13
CA THR I 119 -85.86 30.42 51.18
C THR I 119 -87.11 31.24 51.47
N LYS I 120 -86.92 32.56 51.61
CA LYS I 120 -88.01 33.44 51.99
C LYS I 120 -87.73 34.82 51.40
N GLY I 121 -88.78 35.46 50.91
CA GLY I 121 -88.65 36.78 50.32
C GLY I 121 -88.66 37.85 51.37
N PRO I 122 -88.16 39.04 51.03
CA PRO I 122 -88.04 40.11 52.02
C PRO I 122 -89.30 40.94 52.13
N SER I 123 -89.57 41.39 53.35
CA SER I 123 -90.55 42.44 53.58
C SER I 123 -89.88 43.79 53.42
N VAL I 124 -90.57 44.70 52.73
CA VAL I 124 -90.02 46.02 52.41
C VAL I 124 -90.87 47.05 53.14
N PHE I 125 -90.24 47.82 54.02
CA PHE I 125 -90.94 48.85 54.76
C PHE I 125 -90.36 50.22 54.45
N PRO I 126 -91.20 51.25 54.35
CA PRO I 126 -90.69 52.58 54.02
C PRO I 126 -90.04 53.25 55.22
N LEU I 127 -88.96 53.97 54.95
CA LEU I 127 -88.30 54.83 55.94
C LEU I 127 -88.69 56.25 55.59
N ALA I 128 -89.76 56.72 56.21
CA ALA I 128 -90.42 57.93 55.75
C ALA I 128 -89.58 59.16 56.06
N PRO I 129 -89.44 60.09 55.11
CA PRO I 129 -88.76 61.35 55.41
C PRO I 129 -89.58 62.18 56.39
N SER I 130 -88.88 62.87 57.28
CA SER I 130 -89.54 63.64 58.31
C SER I 130 -89.93 65.03 57.80
N SER I 131 -90.99 65.57 58.40
CA SER I 131 -91.39 66.95 58.12
C SER I 131 -90.61 67.97 58.92
N LYS I 132 -90.00 67.56 60.03
CA LYS I 132 -89.25 68.46 60.89
C LYS I 132 -87.78 68.09 61.03
N SER I 133 -87.41 66.83 60.85
CA SER I 133 -86.01 66.41 60.99
C SER I 133 -85.28 66.55 59.66
N THR I 134 -85.31 67.78 59.14
CA THR I 134 -84.53 68.14 57.95
C THR I 134 -83.17 68.65 58.39
N SER I 135 -82.11 67.93 58.02
CA SER I 135 -80.74 68.31 58.41
C SER I 135 -80.22 69.30 57.37
N GLY I 136 -80.50 70.58 57.60
CA GLY I 136 -79.97 71.64 56.76
C GLY I 136 -80.49 71.66 55.34
N GLY I 137 -81.79 71.46 55.15
CA GLY I 137 -82.41 71.55 53.85
C GLY I 137 -82.45 70.28 53.03
N THR I 138 -81.76 69.23 53.46
CA THR I 138 -81.82 67.93 52.80
C THR I 138 -82.61 66.95 53.64
N ALA I 139 -83.39 66.10 52.98
CA ALA I 139 -84.17 65.08 53.66
C ALA I 139 -83.66 63.70 53.27
N ALA I 140 -83.79 62.76 54.20
CA ALA I 140 -83.37 61.38 54.00
C ALA I 140 -84.59 60.46 54.01
N LEU I 141 -84.60 59.52 53.08
CA LEU I 141 -85.64 58.50 53.01
C LEU I 141 -85.00 57.20 52.55
N GLY I 142 -85.70 56.11 52.77
CA GLY I 142 -85.14 54.82 52.41
C GLY I 142 -86.13 53.70 52.59
N CYS I 143 -85.60 52.48 52.48
CA CYS I 143 -86.39 51.26 52.57
C CYS I 143 -85.69 50.27 53.48
N LEU I 144 -86.45 49.68 54.40
CA LEU I 144 -85.94 48.64 55.28
C LEU I 144 -86.26 47.28 54.66
N VAL I 145 -85.22 46.52 54.33
CA VAL I 145 -85.36 45.23 53.67
C VAL I 145 -85.03 44.17 54.72
N LYS I 146 -86.08 43.55 55.26
CA LYS I 146 -85.97 42.74 56.47
C LYS I 146 -86.46 41.32 56.21
N ASP I 147 -85.80 40.36 56.86
CA ASP I 147 -86.26 38.98 56.95
C ASP I 147 -86.27 38.27 55.61
N TYR I 148 -85.11 38.15 54.97
CA TYR I 148 -84.97 37.36 53.75
C TYR I 148 -83.81 36.39 53.90
N PHE I 149 -83.80 35.37 53.04
CA PHE I 149 -82.77 34.35 53.02
C PHE I 149 -82.87 33.55 51.72
N PRO I 150 -81.75 33.25 51.07
CA PRO I 150 -80.42 33.70 51.46
C PRO I 150 -80.02 35.02 50.80
N GLU I 151 -78.72 35.30 50.79
CA GLU I 151 -78.21 36.46 50.08
C GLU I 151 -78.22 36.19 48.58
N PRO I 152 -78.28 37.25 47.75
CA PRO I 152 -78.40 38.67 48.09
C PRO I 152 -79.72 39.28 47.62
N VAL I 153 -79.93 40.55 47.96
CA VAL I 153 -81.01 41.36 47.39
C VAL I 153 -80.39 42.53 46.65
N THR I 154 -81.15 43.05 45.68
CA THR I 154 -80.77 44.24 44.93
C THR I 154 -81.77 45.35 45.20
N VAL I 155 -81.27 46.57 45.37
CA VAL I 155 -82.11 47.74 45.63
C VAL I 155 -81.72 48.84 44.67
N SER I 156 -82.67 49.29 43.86
CA SER I 156 -82.51 50.46 43.01
C SER I 156 -83.62 51.46 43.32
N TRP I 157 -83.40 52.72 42.94
CA TRP I 157 -84.34 53.79 43.21
C TRP I 157 -84.82 54.39 41.89
N ASN I 158 -86.15 54.45 41.74
CA ASN I 158 -86.79 54.98 40.53
C ASN I 158 -86.28 54.28 39.27
N SER I 159 -86.16 52.95 39.35
CA SER I 159 -85.78 52.11 38.22
C SER I 159 -84.44 52.52 37.62
N GLY I 160 -83.52 52.99 38.47
CA GLY I 160 -82.21 53.41 38.02
C GLY I 160 -82.09 54.89 37.70
N ALA I 161 -83.19 55.63 37.70
CA ALA I 161 -83.14 57.06 37.42
C ALA I 161 -82.61 57.87 38.60
N LEU I 162 -82.55 57.27 39.80
CA LEU I 162 -82.04 57.93 40.99
C LEU I 162 -80.89 57.07 41.53
N THR I 163 -79.67 57.57 41.36
CA THR I 163 -78.48 56.87 41.82
C THR I 163 -77.51 57.72 42.63
N SER I 164 -77.60 59.05 42.55
CA SER I 164 -76.72 59.92 43.32
C SER I 164 -77.19 60.02 44.76
N GLY I 165 -76.25 59.89 45.69
CA GLY I 165 -76.58 59.97 47.10
C GLY I 165 -77.18 58.72 47.71
N VAL I 166 -77.21 57.61 46.97
CA VAL I 166 -77.81 56.37 47.45
C VAL I 166 -76.75 55.57 48.20
N HIS I 167 -77.12 55.07 49.38
CA HIS I 167 -76.27 54.18 50.16
C HIS I 167 -77.07 52.94 50.54
N THR I 168 -76.64 51.79 50.02
CA THR I 168 -77.24 50.50 50.35
C THR I 168 -76.29 49.78 51.32
N PHE I 169 -76.74 49.61 52.56
CA PHE I 169 -75.90 49.11 53.63
C PHE I 169 -75.74 47.59 53.54
N PRO I 170 -74.62 47.05 54.03
CA PRO I 170 -74.47 45.59 54.06
C PRO I 170 -75.50 44.95 54.99
N ALA I 171 -75.92 43.75 54.62
CA ALA I 171 -76.90 43.01 55.40
C ALA I 171 -76.27 42.40 56.64
N VAL I 172 -77.11 42.19 57.66
CA VAL I 172 -76.72 41.51 58.89
C VAL I 172 -77.61 40.29 59.08
N LEU I 173 -77.02 39.20 59.56
CA LEU I 173 -77.77 37.98 59.86
C LEU I 173 -78.36 38.10 61.27
N GLN I 174 -79.68 38.27 61.34
CA GLN I 174 -80.33 38.39 62.65
C GLN I 174 -80.33 37.04 63.37
N SER I 175 -80.71 37.09 64.64
CA SER I 175 -80.82 35.87 65.45
C SER I 175 -81.89 34.91 64.94
N SER I 176 -82.77 35.35 64.05
CA SER I 176 -83.78 34.48 63.47
C SER I 176 -83.26 33.65 62.31
N GLY I 177 -82.00 33.82 61.93
CA GLY I 177 -81.47 33.18 60.75
C GLY I 177 -81.78 33.87 59.44
N LEU I 178 -82.48 35.00 59.48
CA LEU I 178 -82.84 35.75 58.29
C LEU I 178 -82.06 37.06 58.25
N TYR I 179 -81.83 37.55 57.04
CA TYR I 179 -81.03 38.76 56.83
C TYR I 179 -81.90 40.00 56.84
N SER I 180 -81.26 41.15 57.02
CA SER I 180 -81.95 42.43 57.04
C SER I 180 -80.96 43.55 56.76
N LEU I 181 -81.38 44.52 55.95
CA LEU I 181 -80.55 45.68 55.64
C LEU I 181 -81.44 46.89 55.36
N SER I 182 -80.83 48.06 55.39
CA SER I 182 -81.47 49.32 55.04
C SER I 182 -80.77 49.93 53.83
N SER I 183 -81.55 50.57 52.96
CA SER I 183 -81.03 51.35 51.85
C SER I 183 -81.64 52.74 51.92
N VAL I 184 -80.78 53.77 51.92
CA VAL I 184 -81.22 55.14 52.11
C VAL I 184 -80.75 56.02 50.96
N VAL I 185 -81.43 57.15 50.79
CA VAL I 185 -81.06 58.16 49.79
C VAL I 185 -81.40 59.53 50.35
N THR I 186 -80.51 60.49 50.12
CA THR I 186 -80.71 61.87 50.56
C THR I 186 -81.16 62.74 49.38
N VAL I 187 -82.17 63.57 49.63
CA VAL I 187 -82.77 64.41 48.58
C VAL I 187 -83.03 65.79 49.16
N PRO I 188 -83.21 66.79 48.29
CA PRO I 188 -83.60 68.12 48.77
C PRO I 188 -84.97 68.09 49.43
N SER I 189 -85.07 68.78 50.57
CA SER I 189 -86.34 68.84 51.29
C SER I 189 -87.42 69.54 50.48
N SER I 190 -87.04 70.48 49.61
CA SER I 190 -88.01 71.18 48.79
C SER I 190 -88.70 70.28 47.78
N SER I 191 -88.12 69.11 47.49
CA SER I 191 -88.66 68.17 46.53
C SER I 191 -89.43 67.02 47.17
N LEU I 192 -89.60 67.03 48.50
CA LEU I 192 -90.26 65.92 49.17
C LEU I 192 -91.71 65.75 48.71
N GLY I 193 -92.41 66.86 48.48
CA GLY I 193 -93.80 66.79 48.09
C GLY I 193 -94.07 66.68 46.61
N THR I 194 -93.03 66.75 45.78
CA THR I 194 -93.22 66.75 44.33
C THR I 194 -92.65 65.53 43.63
N GLN I 195 -91.50 65.04 44.06
CA GLN I 195 -90.82 63.96 43.35
C GLN I 195 -91.21 62.63 43.95
N THR I 196 -91.57 61.67 43.10
CA THR I 196 -91.92 60.34 43.55
C THR I 196 -90.66 59.52 43.75
N TYR I 197 -90.55 58.88 44.91
CA TYR I 197 -89.40 58.06 45.27
C TYR I 197 -89.88 56.65 45.52
N ILE I 198 -89.36 55.70 44.75
CA ILE I 198 -89.74 54.30 44.84
C ILE I 198 -88.47 53.46 44.89
N CYS I 199 -88.43 52.53 45.83
CA CYS I 199 -87.30 51.61 45.96
C CYS I 199 -87.69 50.28 45.34
N ASN I 200 -86.84 49.77 44.45
CA ASN I 200 -87.10 48.53 43.73
C ASN I 200 -86.23 47.44 44.35
N VAL I 201 -86.87 46.51 45.06
CA VAL I 201 -86.17 45.42 45.74
C VAL I 201 -86.43 44.14 44.99
N ASN I 202 -85.36 43.42 44.66
CA ASN I 202 -85.44 42.17 43.94
C ASN I 202 -84.68 41.09 44.70
N HIS I 203 -85.32 39.95 44.91
CA HIS I 203 -84.73 38.81 45.59
C HIS I 203 -84.91 37.60 44.69
N LYS I 204 -83.88 37.31 43.89
CA LYS I 204 -83.99 36.25 42.90
C LYS I 204 -84.16 34.84 43.48
N PRO I 205 -83.58 34.48 44.63
CA PRO I 205 -83.83 33.12 45.14
C PRO I 205 -85.30 32.79 45.33
N SER I 206 -86.10 33.74 45.80
CA SER I 206 -87.53 33.53 46.01
C SER I 206 -88.39 34.05 44.86
N ASN I 207 -87.77 34.62 43.82
CA ASN I 207 -88.48 35.22 42.70
C ASN I 207 -89.50 36.25 43.20
N THR I 208 -89.00 37.21 43.98
CA THR I 208 -89.82 38.21 44.61
C THR I 208 -89.36 39.58 44.17
N LYS I 209 -90.26 40.35 43.58
CA LYS I 209 -90.00 41.73 43.19
C LYS I 209 -91.00 42.61 43.92
N VAL I 210 -90.50 43.64 44.60
CA VAL I 210 -91.34 44.53 45.40
C VAL I 210 -90.91 45.96 45.12
N ASP I 211 -91.88 46.80 44.78
CA ASP I 211 -91.68 48.25 44.69
C ASP I 211 -92.47 48.90 45.80
N LYS I 212 -91.77 49.61 46.68
CA LYS I 212 -92.40 50.31 47.79
C LYS I 212 -92.18 51.81 47.63
N ARG I 213 -93.28 52.57 47.63
CA ARG I 213 -93.21 54.02 47.52
C ARG I 213 -93.00 54.62 48.90
N VAL I 214 -92.00 55.49 49.02
CA VAL I 214 -91.63 56.12 50.29
C VAL I 214 -92.17 57.55 50.27
N GLU I 215 -93.13 57.83 51.15
CA GLU I 215 -93.77 59.14 51.21
C GLU I 215 -93.55 59.76 52.58
N PRO I 216 -93.54 61.09 52.67
CA PRO I 216 -93.43 61.74 53.98
C PRO I 216 -94.60 61.39 54.89
N LYS I 217 -94.36 61.47 56.19
CA LYS I 217 -95.37 61.13 57.18
C LYS I 217 -96.40 62.24 57.35
N GLU J 1 70.96 -25.31 -30.82
CA GLU J 1 70.53 -24.10 -30.14
C GLU J 1 70.13 -24.40 -28.70
N VAL J 2 68.83 -24.39 -28.45
CA VAL J 2 68.29 -24.64 -27.12
C VAL J 2 68.74 -26.02 -26.62
N GLN J 3 68.87 -26.15 -25.30
CA GLN J 3 69.15 -27.43 -24.68
C GLN J 3 68.75 -27.39 -23.22
N LEU J 4 68.40 -28.56 -22.69
CA LEU J 4 68.06 -28.72 -21.28
C LEU J 4 69.03 -29.68 -20.61
N VAL J 5 69.16 -29.55 -19.29
CA VAL J 5 70.07 -30.38 -18.50
C VAL J 5 69.45 -30.63 -17.13
N GLU J 6 69.25 -31.91 -16.79
CA GLU J 6 68.58 -32.29 -15.56
C GLU J 6 69.58 -32.77 -14.52
N SER J 7 69.11 -32.87 -13.28
CA SER J 7 69.92 -33.32 -12.16
C SER J 7 68.99 -33.73 -11.03
N GLY J 8 69.57 -34.09 -9.90
CA GLY J 8 68.82 -34.46 -8.71
C GLY J 8 68.54 -35.94 -8.55
N GLY J 9 68.30 -36.63 -9.67
CA GLY J 9 67.99 -38.05 -9.64
C GLY J 9 69.04 -38.90 -8.94
N GLY J 10 68.59 -39.81 -8.09
CA GLY J 10 69.51 -40.65 -7.35
C GLY J 10 68.75 -41.66 -6.53
N VAL J 11 69.51 -42.59 -5.94
CA VAL J 11 68.93 -43.62 -5.08
C VAL J 11 68.18 -42.99 -3.93
N VAL J 12 67.06 -43.58 -3.55
CA VAL J 12 66.22 -43.09 -2.46
C VAL J 12 65.35 -44.22 -1.94
N GLN J 13 65.33 -44.41 -0.62
CA GLN J 13 64.55 -45.49 -0.04
C GLN J 13 63.06 -45.18 -0.13
N PRO J 14 62.21 -46.21 -0.20
CA PRO J 14 60.76 -45.96 -0.27
C PRO J 14 60.27 -45.15 0.92
N GLY J 15 59.36 -44.21 0.64
CA GLY J 15 58.79 -43.36 1.65
C GLY J 15 59.50 -42.03 1.84
N ARG J 16 60.72 -41.89 1.32
CA ARG J 16 61.49 -40.66 1.47
C ARG J 16 61.21 -39.73 0.31
N SER J 17 61.89 -38.58 0.28
CA SER J 17 61.65 -37.54 -0.69
C SER J 17 62.88 -37.30 -1.55
N LEU J 18 62.65 -36.66 -2.69
CA LEU J 18 63.71 -36.31 -3.64
C LEU J 18 63.17 -35.24 -4.59
N ARG J 19 64.02 -34.28 -4.92
CA ARG J 19 63.62 -33.17 -5.80
C ARG J 19 64.53 -33.15 -7.02
N LEU J 20 63.92 -33.15 -8.19
CA LEU J 20 64.62 -33.07 -9.46
C LEU J 20 64.67 -31.64 -9.97
N SER J 21 65.70 -31.32 -10.74
CA SER J 21 65.88 -29.98 -11.31
C SER J 21 66.12 -30.08 -12.80
N CYS J 22 65.62 -29.07 -13.53
CA CYS J 22 65.76 -29.00 -14.98
C CYS J 22 66.18 -27.58 -15.35
N ALA J 23 67.39 -27.44 -15.89
CA ALA J 23 67.95 -26.14 -16.22
C ALA J 23 67.81 -25.89 -17.73
N ALA J 24 67.17 -24.78 -18.07
CA ALA J 24 66.90 -24.41 -19.46
C ALA J 24 67.82 -23.27 -19.89
N SER J 25 68.14 -23.25 -21.18
CA SER J 25 68.97 -22.18 -21.74
C SER J 25 68.72 -22.10 -23.24
N GLY J 26 68.87 -20.88 -23.78
CA GLY J 26 68.75 -20.63 -25.20
C GLY J 26 67.39 -20.18 -25.68
N PHE J 27 66.42 -20.03 -24.78
CA PHE J 27 65.10 -19.53 -25.16
C PHE J 27 64.49 -18.79 -23.98
N THR J 28 63.43 -18.03 -24.26
CA THR J 28 62.71 -17.29 -23.23
C THR J 28 61.88 -18.29 -22.45
N PHE J 29 62.48 -18.82 -21.38
CA PHE J 29 61.88 -19.89 -20.58
C PHE J 29 60.45 -19.57 -20.14
N SER J 30 60.23 -18.37 -19.59
CA SER J 30 58.94 -18.03 -19.00
C SER J 30 57.77 -18.13 -19.98
N ASN J 31 58.04 -18.25 -21.28
CA ASN J 31 56.99 -18.28 -22.28
C ASN J 31 56.52 -19.70 -22.62
N TYR J 32 57.18 -20.73 -22.12
CA TYR J 32 56.90 -22.10 -22.49
C TYR J 32 56.40 -22.91 -21.30
N GLY J 33 55.44 -23.80 -21.57
CA GLY J 33 55.08 -24.82 -20.61
C GLY J 33 56.09 -25.96 -20.60
N MET J 34 56.14 -26.66 -19.47
CA MET J 34 57.12 -27.73 -19.25
C MET J 34 56.42 -29.01 -18.84
N HIS J 35 57.03 -30.14 -19.21
CA HIS J 35 56.51 -31.46 -18.89
C HIS J 35 57.60 -32.34 -18.28
N TRP J 36 57.23 -33.08 -17.25
CA TRP J 36 58.03 -34.21 -16.79
C TRP J 36 57.45 -35.48 -17.43
N VAL J 37 58.32 -36.28 -18.04
CA VAL J 37 57.96 -37.58 -18.56
C VAL J 37 58.97 -38.59 -18.03
N ARG J 38 58.49 -39.78 -17.68
CA ARG J 38 59.36 -40.81 -17.15
C ARG J 38 59.27 -42.08 -17.99
N GLN J 39 60.26 -42.94 -17.81
CA GLN J 39 60.37 -44.17 -18.60
C GLN J 39 61.06 -45.21 -17.74
N ALA J 40 60.30 -46.19 -17.26
CA ALA J 40 60.89 -47.29 -16.51
C ALA J 40 61.85 -48.08 -17.39
N PRO J 41 62.90 -48.65 -16.80
CA PRO J 41 63.85 -49.43 -17.60
C PRO J 41 63.18 -50.59 -18.30
N GLY J 42 63.39 -50.68 -19.61
CA GLY J 42 62.79 -51.73 -20.42
C GLY J 42 61.33 -51.53 -20.74
N LYS J 43 60.75 -50.40 -20.39
CA LYS J 43 59.34 -50.10 -20.63
C LYS J 43 59.21 -48.89 -21.55
N GLY J 44 58.00 -48.34 -21.61
CA GLY J 44 57.71 -47.20 -22.47
C GLY J 44 57.70 -45.90 -21.69
N LEU J 45 57.31 -44.84 -22.41
CA LEU J 45 57.29 -43.49 -21.85
C LEU J 45 55.95 -43.21 -21.20
N GLU J 46 55.98 -42.68 -19.98
CA GLU J 46 54.78 -42.36 -19.22
C GLU J 46 54.81 -40.89 -18.82
N TRP J 47 53.74 -40.17 -19.14
CA TRP J 47 53.63 -38.77 -18.76
C TRP J 47 53.38 -38.63 -17.26
N VAL J 48 54.04 -37.64 -16.65
CA VAL J 48 53.98 -37.42 -15.21
C VAL J 48 53.17 -36.17 -14.86
N ALA J 49 53.63 -35.00 -15.28
CA ALA J 49 53.01 -33.75 -14.86
C ALA J 49 53.40 -32.63 -15.80
N VAL J 50 52.57 -31.59 -15.81
CA VAL J 50 52.75 -30.41 -16.66
C VAL J 50 52.59 -29.15 -15.83
N TYR J 51 53.39 -28.13 -16.13
CA TYR J 51 53.24 -26.79 -15.57
C TYR J 51 52.92 -25.86 -16.73
N TRP J 52 51.64 -25.55 -16.93
CA TRP J 52 51.26 -24.64 -17.99
C TRP J 52 51.73 -23.22 -17.69
N TYR J 53 52.05 -22.48 -18.74
CA TYR J 53 52.46 -21.08 -18.58
C TYR J 53 51.26 -20.15 -18.45
N ASP J 54 50.18 -20.45 -19.17
CA ASP J 54 49.07 -19.53 -19.36
C ASP J 54 48.43 -19.10 -18.04
N GLY J 55 47.80 -20.04 -17.35
CA GLY J 55 47.14 -19.71 -16.10
C GLY J 55 47.95 -20.16 -14.89
N GLY J 56 48.92 -21.04 -15.12
CA GLY J 56 49.62 -21.72 -14.05
C GLY J 56 48.99 -23.02 -13.62
N ASN J 57 48.06 -23.57 -14.41
CA ASN J 57 47.44 -24.84 -14.08
C ASN J 57 48.48 -25.96 -14.02
N LYS J 58 48.42 -26.75 -12.95
CA LYS J 58 49.27 -27.91 -12.79
C LYS J 58 48.41 -29.16 -12.91
N PHE J 59 48.86 -30.12 -13.73
CA PHE J 59 48.15 -31.37 -13.93
C PHE J 59 49.11 -32.53 -13.69
N TYR J 60 48.62 -33.55 -13.00
CA TYR J 60 49.43 -34.70 -12.63
C TYR J 60 48.76 -35.98 -13.12
N ALA J 61 49.57 -36.93 -13.55
CA ALA J 61 49.04 -38.26 -13.88
C ALA J 61 48.50 -38.91 -12.61
N ASP J 62 47.48 -39.75 -12.79
CA ASP J 62 46.78 -40.33 -11.64
C ASP J 62 47.72 -41.14 -10.75
N SER J 63 48.76 -41.74 -11.33
CA SER J 63 49.68 -42.55 -10.54
C SER J 63 50.45 -41.73 -9.51
N VAL J 64 50.62 -40.43 -9.75
CA VAL J 64 51.47 -39.58 -8.92
C VAL J 64 50.72 -38.46 -8.23
N LYS J 65 49.40 -38.34 -8.45
CA LYS J 65 48.63 -37.29 -7.80
C LYS J 65 48.72 -37.40 -6.29
N GLY J 66 49.01 -36.27 -5.64
CA GLY J 66 49.14 -36.20 -4.20
C GLY J 66 50.55 -36.49 -3.68
N ARG J 67 51.37 -37.18 -4.45
CA ARG J 67 52.74 -37.50 -4.04
C ARG J 67 53.79 -36.62 -4.70
N PHE J 68 53.58 -36.20 -5.94
CA PHE J 68 54.52 -35.38 -6.67
C PHE J 68 54.00 -33.95 -6.77
N THR J 69 54.93 -33.00 -6.76
CA THR J 69 54.59 -31.58 -6.91
C THR J 69 55.55 -30.96 -7.92
N ILE J 70 55.02 -30.35 -8.96
CA ILE J 70 55.80 -29.65 -9.97
C ILE J 70 55.79 -28.16 -9.64
N SER J 71 56.92 -27.50 -9.91
CA SER J 71 57.05 -26.07 -9.69
C SER J 71 58.17 -25.55 -10.57
N ARG J 72 58.28 -24.23 -10.64
CA ARG J 72 59.27 -23.59 -11.49
C ARG J 72 59.66 -22.24 -10.93
N ASP J 73 60.89 -21.81 -11.25
CA ASP J 73 61.40 -20.48 -10.93
C ASP J 73 61.86 -19.87 -12.25
N ASN J 74 61.00 -19.05 -12.87
CA ASN J 74 61.34 -18.47 -14.16
C ASN J 74 62.53 -17.54 -14.09
N SER J 75 62.74 -16.87 -12.95
CA SER J 75 63.88 -15.97 -12.81
C SER J 75 65.20 -16.73 -12.89
N LYS J 76 65.20 -18.01 -12.51
CA LYS J 76 66.40 -18.84 -12.57
C LYS J 76 66.38 -19.81 -13.74
N ASN J 77 65.32 -19.80 -14.56
CA ASN J 77 65.18 -20.71 -15.69
C ASN J 77 65.33 -22.17 -15.26
N THR J 78 64.60 -22.54 -14.21
CA THR J 78 64.71 -23.85 -13.60
C THR J 78 63.34 -24.44 -13.36
N LEU J 79 63.17 -25.71 -13.71
CA LEU J 79 61.97 -26.48 -13.43
C LEU J 79 62.28 -27.52 -12.37
N TYR J 80 61.34 -27.72 -11.44
CA TYR J 80 61.54 -28.65 -10.34
C TYR J 80 60.44 -29.70 -10.31
N LEU J 81 60.74 -30.84 -9.69
CA LEU J 81 59.76 -31.88 -9.41
C LEU J 81 60.05 -32.41 -8.01
N GLN J 82 59.15 -32.13 -7.07
CA GLN J 82 59.28 -32.64 -5.71
C GLN J 82 58.56 -33.98 -5.64
N MET J 83 59.29 -35.04 -5.29
CA MET J 83 58.76 -36.38 -5.25
C MET J 83 58.69 -36.81 -3.79
N ASN J 84 57.47 -36.97 -3.28
CA ASN J 84 57.23 -37.32 -1.89
C ASN J 84 56.56 -38.69 -1.81
N SER J 85 56.82 -39.38 -0.70
CA SER J 85 56.27 -40.72 -0.46
C SER J 85 56.57 -41.64 -1.64
N LEU J 86 57.83 -41.61 -2.09
CA LEU J 86 58.25 -42.37 -3.25
C LEU J 86 57.99 -43.86 -3.07
N ARG J 87 57.68 -44.52 -4.18
CA ARG J 87 57.42 -45.96 -4.21
C ARG J 87 58.37 -46.62 -5.21
N VAL J 88 58.49 -47.94 -5.07
CA VAL J 88 59.35 -48.72 -5.96
C VAL J 88 58.98 -48.48 -7.43
N GLU J 89 57.68 -48.41 -7.72
CA GLU J 89 57.24 -48.26 -9.11
C GLU J 89 57.54 -46.88 -9.69
N ASP J 90 58.12 -45.96 -8.92
CA ASP J 90 58.54 -44.67 -9.44
C ASP J 90 59.93 -44.72 -10.05
N THR J 91 60.62 -45.86 -9.97
CA THR J 91 61.95 -46.00 -10.56
C THR J 91 61.85 -45.88 -12.09
N ALA J 92 62.49 -44.87 -12.65
CA ALA J 92 62.39 -44.58 -14.07
C ALA J 92 63.40 -43.49 -14.40
N VAL J 93 63.75 -43.42 -15.69
CA VAL J 93 64.43 -42.25 -16.21
C VAL J 93 63.39 -41.15 -16.43
N TYR J 94 63.60 -40.01 -15.79
CA TYR J 94 62.65 -38.90 -15.86
C TYR J 94 63.18 -37.88 -16.87
N TYR J 95 62.35 -37.52 -17.83
CA TYR J 95 62.75 -36.62 -18.92
C TYR J 95 62.05 -35.28 -18.75
N CYS J 96 62.84 -34.21 -18.84
CA CYS J 96 62.32 -32.85 -18.89
C CYS J 96 62.13 -32.44 -20.34
N ALA J 97 60.96 -31.94 -20.68
CA ALA J 97 60.64 -31.65 -22.07
C ALA J 97 59.64 -30.50 -22.13
N ARG J 98 59.62 -29.83 -23.28
CA ARG J 98 58.71 -28.71 -23.49
C ARG J 98 57.28 -29.21 -23.60
N ASP J 99 56.33 -28.31 -23.28
CA ASP J 99 54.94 -28.63 -23.50
C ASP J 99 54.50 -28.29 -24.93
N THR J 100 55.32 -27.53 -25.66
CA THR J 100 55.03 -27.16 -27.04
C THR J 100 54.68 -28.38 -27.88
N ALA J 101 53.38 -28.60 -28.09
CA ALA J 101 52.82 -29.78 -28.72
C ALA J 101 53.57 -30.12 -30.01
N PRO J 102 54.27 -31.26 -30.05
CA PRO J 102 54.38 -32.31 -29.04
C PRO J 102 55.43 -31.95 -27.94
N PRO J 103 56.70 -32.42 -28.00
CA PRO J 103 57.78 -31.59 -27.44
C PRO J 103 58.95 -31.46 -28.39
N ASP J 104 59.41 -30.23 -28.63
CA ASP J 104 60.50 -29.98 -29.56
C ASP J 104 61.81 -30.60 -29.08
N TYR J 105 62.40 -30.02 -28.03
CA TYR J 105 63.68 -30.45 -27.50
C TYR J 105 63.51 -30.91 -26.06
N TRP J 106 64.01 -32.11 -25.76
CA TRP J 106 63.91 -32.69 -24.44
C TRP J 106 65.17 -32.37 -23.62
N GLY J 107 65.33 -33.06 -22.50
CA GLY J 107 66.48 -32.91 -21.63
C GLY J 107 67.30 -34.18 -21.57
N GLN J 108 68.34 -34.13 -20.73
CA GLN J 108 69.26 -35.25 -20.61
C GLN J 108 68.55 -36.52 -20.15
N GLY J 109 67.90 -36.45 -18.99
CA GLY J 109 67.25 -37.61 -18.42
C GLY J 109 68.00 -38.20 -17.25
N THR J 110 67.55 -37.89 -16.03
CA THR J 110 68.16 -38.44 -14.83
C THR J 110 67.49 -39.76 -14.45
N LEU J 111 68.19 -40.54 -13.64
CA LEU J 111 67.76 -41.88 -13.26
C LEU J 111 67.47 -41.93 -11.77
N VAL J 112 66.19 -41.94 -11.41
CA VAL J 112 65.78 -42.06 -10.02
C VAL J 112 65.53 -43.53 -9.73
N THR J 113 66.25 -44.07 -8.74
CA THR J 113 66.12 -45.46 -8.34
C THR J 113 65.56 -45.52 -6.93
N VAL J 114 64.33 -46.02 -6.81
CA VAL J 114 63.67 -46.19 -5.52
C VAL J 114 63.76 -47.65 -5.14
N SER J 115 64.55 -47.96 -4.11
CA SER J 115 64.69 -49.33 -3.65
C SER J 115 65.16 -49.31 -2.20
N SER J 116 64.79 -50.34 -1.46
CA SER J 116 65.13 -50.48 -0.05
C SER J 116 66.24 -51.51 0.07
N ALA J 117 67.47 -51.07 -0.12
CA ALA J 117 68.65 -51.90 0.09
C ALA J 117 69.80 -51.00 0.51
N SER J 118 70.94 -51.62 0.78
CA SER J 118 72.16 -50.91 1.13
C SER J 118 73.25 -51.22 0.11
N THR J 119 74.20 -50.32 0.00
CA THR J 119 75.31 -50.51 -0.94
C THR J 119 76.06 -51.79 -0.59
N LYS J 120 76.23 -52.66 -1.58
CA LYS J 120 76.82 -53.97 -1.34
C LYS J 120 77.54 -54.42 -2.61
N GLY J 121 78.71 -55.02 -2.42
CA GLY J 121 79.50 -55.49 -3.53
C GLY J 121 79.08 -56.88 -3.97
N PRO J 122 79.44 -57.26 -5.18
CA PRO J 122 79.02 -58.56 -5.71
C PRO J 122 79.96 -59.70 -5.35
N SER J 123 79.38 -60.87 -5.17
CA SER J 123 80.14 -62.10 -5.12
C SER J 123 80.33 -62.61 -6.54
N VAL J 124 81.54 -63.08 -6.84
CA VAL J 124 81.90 -63.51 -8.19
C VAL J 124 82.15 -65.00 -8.16
N PHE J 125 81.36 -65.74 -8.93
CA PHE J 125 81.47 -67.18 -8.98
C PHE J 125 81.80 -67.63 -10.40
N PRO J 126 82.65 -68.65 -10.55
CA PRO J 126 83.04 -69.08 -11.90
C PRO J 126 81.96 -69.94 -12.55
N LEU J 127 81.81 -69.75 -13.86
CA LEU J 127 80.98 -70.62 -14.70
C LEU J 127 81.96 -71.49 -15.46
N ALA J 128 82.26 -72.66 -14.90
CA ALA J 128 83.41 -73.44 -15.36
C ALA J 128 83.14 -74.05 -16.73
N PRO J 129 84.11 -73.99 -17.64
CA PRO J 129 83.95 -74.69 -18.92
C PRO J 129 83.93 -76.20 -18.72
N SER J 130 83.09 -76.87 -19.51
CA SER J 130 82.92 -78.30 -19.36
C SER J 130 84.00 -79.07 -20.11
N SER J 131 84.29 -80.28 -19.63
CA SER J 131 85.21 -81.17 -20.32
C SER J 131 84.54 -81.94 -21.45
N LYS J 132 83.21 -82.05 -21.42
CA LYS J 132 82.47 -82.81 -22.43
C LYS J 132 81.47 -81.97 -23.23
N SER J 133 80.98 -80.86 -22.68
CA SER J 133 80.00 -80.03 -23.37
C SER J 133 80.67 -79.00 -24.27
N THR J 134 81.48 -79.49 -25.20
CA THR J 134 82.09 -78.66 -26.22
C THR J 134 81.16 -78.60 -27.43
N SER J 135 80.68 -77.40 -27.74
CA SER J 135 79.75 -77.19 -28.86
C SER J 135 80.55 -76.99 -30.13
N GLY J 136 80.89 -78.09 -30.79
CA GLY J 136 81.57 -78.03 -32.07
C GLY J 136 82.96 -77.43 -32.03
N GLY J 137 83.76 -77.80 -31.03
CA GLY J 137 85.13 -77.35 -30.94
C GLY J 137 85.33 -76.07 -30.16
N THR J 138 84.26 -75.35 -29.83
CA THR J 138 84.34 -74.15 -29.02
C THR J 138 83.79 -74.42 -27.62
N ALA J 139 84.43 -73.84 -26.62
CA ALA J 139 84.01 -73.96 -25.24
C ALA J 139 83.56 -72.61 -24.72
N ALA J 140 82.61 -72.64 -23.78
CA ALA J 140 82.08 -71.44 -23.17
C ALA J 140 82.44 -71.39 -21.69
N LEU J 141 82.85 -70.22 -21.23
CA LEU J 141 83.12 -69.97 -19.83
C LEU J 141 82.69 -68.55 -19.50
N GLY J 142 82.54 -68.27 -18.23
CA GLY J 142 82.10 -66.95 -17.83
C GLY J 142 82.12 -66.77 -16.33
N CYS J 143 81.52 -65.67 -15.89
CA CYS J 143 81.49 -65.31 -14.49
C CYS J 143 80.08 -64.88 -14.10
N LEU J 144 79.58 -65.40 -12.99
CA LEU J 144 78.29 -65.00 -12.46
C LEU J 144 78.51 -63.91 -11.42
N VAL J 145 77.96 -62.73 -11.67
CA VAL J 145 78.11 -61.57 -10.81
C VAL J 145 76.78 -61.37 -10.11
N LYS J 146 76.71 -61.78 -8.84
CA LYS J 146 75.45 -61.94 -8.15
C LYS J 146 75.42 -61.12 -6.86
N ASP J 147 74.23 -60.60 -6.55
CA ASP J 147 73.93 -60.00 -5.25
C ASP J 147 74.69 -58.70 -5.02
N TYR J 148 74.50 -57.71 -5.88
CA TYR J 148 75.07 -56.38 -5.68
C TYR J 148 73.98 -55.32 -5.82
N PHE J 149 74.30 -54.11 -5.34
CA PHE J 149 73.40 -52.98 -5.39
C PHE J 149 74.20 -51.71 -5.12
N PRO J 150 73.98 -50.62 -5.88
CA PRO J 150 73.11 -50.56 -7.05
C PRO J 150 73.85 -50.83 -8.35
N GLU J 151 73.25 -50.43 -9.47
CA GLU J 151 73.93 -50.47 -10.75
C GLU J 151 74.98 -49.38 -10.83
N PRO J 152 76.01 -49.55 -11.69
CA PRO J 152 76.28 -50.73 -12.50
C PRO J 152 77.56 -51.46 -12.10
N VAL J 153 77.84 -52.59 -12.76
CA VAL J 153 79.13 -53.24 -12.69
C VAL J 153 79.73 -53.28 -14.09
N THR J 154 81.06 -53.34 -14.14
CA THR J 154 81.80 -53.50 -15.38
C THR J 154 82.55 -54.83 -15.34
N VAL J 155 82.57 -55.52 -16.46
CA VAL J 155 83.24 -56.82 -16.57
C VAL J 155 84.17 -56.78 -17.77
N SER J 156 85.46 -57.00 -17.53
CA SER J 156 86.45 -57.19 -18.57
C SER J 156 87.14 -58.53 -18.36
N TRP J 157 87.74 -59.03 -19.43
CA TRP J 157 88.40 -60.33 -19.41
C TRP J 157 89.88 -60.17 -19.71
N ASN J 158 90.72 -60.73 -18.84
CA ASN J 158 92.17 -60.66 -18.97
C ASN J 158 92.65 -59.21 -19.08
N SER J 159 92.09 -58.35 -18.22
CA SER J 159 92.47 -56.95 -18.13
C SER J 159 92.28 -56.21 -19.45
N GLY J 160 91.27 -56.60 -20.21
CA GLY J 160 90.98 -55.97 -21.49
C GLY J 160 91.61 -56.63 -22.69
N ALA J 161 92.49 -57.61 -22.49
CA ALA J 161 93.14 -58.29 -23.60
C ALA J 161 92.23 -59.30 -24.30
N LEU J 162 91.10 -59.66 -23.70
CA LEU J 162 90.14 -60.61 -24.28
C LEU J 162 88.80 -59.92 -24.43
N THR J 163 88.42 -59.63 -25.66
CA THR J 163 87.15 -58.97 -25.96
C THR J 163 86.34 -59.63 -27.06
N SER J 164 86.93 -60.48 -27.90
CA SER J 164 86.18 -61.15 -28.95
C SER J 164 85.40 -62.32 -28.38
N GLY J 165 84.13 -62.42 -28.76
CA GLY J 165 83.28 -63.49 -28.25
C GLY J 165 82.76 -63.26 -26.86
N VAL J 166 82.98 -62.08 -26.29
CA VAL J 166 82.55 -61.79 -24.92
C VAL J 166 81.13 -61.22 -24.97
N HIS J 167 80.26 -61.75 -24.12
CA HIS J 167 78.91 -61.22 -23.94
C HIS J 167 78.66 -61.00 -22.47
N THR J 168 78.46 -59.74 -22.09
CA THR J 168 78.12 -59.38 -20.72
C THR J 168 76.63 -59.04 -20.69
N PHE J 169 75.84 -59.88 -20.05
CA PHE J 169 74.40 -59.78 -20.10
C PHE J 169 73.89 -58.65 -19.20
N PRO J 170 72.74 -58.06 -19.54
CA PRO J 170 72.15 -57.06 -18.65
C PRO J 170 71.77 -57.68 -17.32
N ALA J 171 71.86 -56.87 -16.27
CA ALA J 171 71.54 -57.33 -14.93
C ALA J 171 70.03 -57.44 -14.74
N VAL J 172 69.64 -58.32 -13.81
CA VAL J 172 68.25 -58.48 -13.43
C VAL J 172 68.13 -58.19 -11.94
N LEU J 173 67.04 -57.52 -11.57
CA LEU J 173 66.76 -57.26 -10.16
C LEU J 173 66.06 -58.47 -9.57
N GLN J 174 66.77 -59.23 -8.74
CA GLN J 174 66.19 -60.42 -8.14
C GLN J 174 65.14 -60.03 -7.10
N SER J 175 64.40 -61.03 -6.64
CA SER J 175 63.41 -60.82 -5.59
C SER J 175 64.03 -60.37 -4.28
N SER J 176 65.36 -60.49 -4.14
CA SER J 176 66.07 -60.06 -2.94
C SER J 176 66.37 -58.57 -2.95
N GLY J 177 66.02 -57.85 -4.02
CA GLY J 177 66.40 -56.46 -4.16
C GLY J 177 67.81 -56.22 -4.64
N LEU J 178 68.56 -57.26 -4.93
CA LEU J 178 69.93 -57.16 -5.40
C LEU J 178 70.01 -57.57 -6.87
N TYR J 179 71.00 -57.02 -7.56
CA TYR J 179 71.17 -57.28 -8.98
C TYR J 179 72.02 -58.53 -9.21
N SER J 180 71.93 -59.07 -10.42
CA SER J 180 72.71 -60.24 -10.80
C SER J 180 72.77 -60.32 -12.31
N LEU J 181 73.96 -60.62 -12.83
CA LEU J 181 74.15 -60.79 -14.26
C LEU J 181 75.27 -61.78 -14.51
N SER J 182 75.33 -62.29 -15.73
CA SER J 182 76.41 -63.15 -16.17
C SER J 182 77.18 -62.48 -17.30
N SER J 183 78.48 -62.68 -17.33
CA SER J 183 79.33 -62.27 -18.44
C SER J 183 80.09 -63.50 -18.92
N VAL J 184 79.96 -63.79 -20.21
CA VAL J 184 80.50 -65.02 -20.78
C VAL J 184 81.42 -64.69 -21.94
N VAL J 185 82.27 -65.66 -22.28
CA VAL J 185 83.16 -65.56 -23.42
C VAL J 185 83.30 -66.95 -24.02
N THR J 186 83.27 -67.03 -25.35
CA THR J 186 83.46 -68.28 -26.07
C THR J 186 84.88 -68.34 -26.59
N VAL J 187 85.54 -69.48 -26.38
CA VAL J 187 86.94 -69.65 -26.75
C VAL J 187 87.13 -71.04 -27.34
N PRO J 188 88.23 -71.24 -28.06
CA PRO J 188 88.53 -72.61 -28.54
C PRO J 188 88.77 -73.55 -27.38
N SER J 189 88.19 -74.75 -27.48
CA SER J 189 88.36 -75.75 -26.43
C SER J 189 89.81 -76.20 -26.32
N SER J 190 90.57 -76.14 -27.43
CA SER J 190 91.96 -76.54 -27.40
C SER J 190 92.82 -75.63 -26.53
N SER J 191 92.35 -74.42 -26.23
CA SER J 191 93.09 -73.46 -25.43
C SER J 191 92.66 -73.45 -23.96
N LEU J 192 91.72 -74.32 -23.58
CA LEU J 192 91.24 -74.31 -22.19
C LEU J 192 92.35 -74.70 -21.23
N GLY J 193 93.21 -75.63 -21.62
CA GLY J 193 94.30 -76.08 -20.78
C GLY J 193 95.58 -75.30 -20.93
N THR J 194 95.61 -74.34 -21.85
CA THR J 194 96.81 -73.54 -22.12
C THR J 194 96.62 -72.07 -21.78
N GLN J 195 95.45 -71.51 -22.05
CA GLN J 195 95.20 -70.09 -21.86
C GLN J 195 94.51 -69.87 -20.52
N THR J 196 95.02 -68.91 -19.75
CA THR J 196 94.41 -68.54 -18.49
C THR J 196 93.30 -67.51 -18.75
N TYR J 197 92.12 -67.74 -18.17
CA TYR J 197 90.97 -66.86 -18.36
C TYR J 197 90.57 -66.28 -17.01
N ILE J 198 90.59 -64.96 -16.91
CA ILE J 198 90.30 -64.25 -15.68
C ILE J 198 89.30 -63.15 -16.00
N CYS J 199 88.24 -63.05 -15.20
CA CYS J 199 87.24 -62.01 -15.36
C CYS J 199 87.46 -60.94 -14.31
N ASN J 200 87.50 -59.68 -14.75
CA ASN J 200 87.74 -58.55 -13.86
C ASN J 200 86.43 -57.82 -13.65
N VAL J 201 85.90 -57.90 -12.44
CA VAL J 201 84.63 -57.29 -12.07
C VAL J 201 84.91 -56.10 -11.17
N ASN J 202 84.34 -54.96 -11.52
CA ASN J 202 84.52 -53.72 -10.77
C ASN J 202 83.16 -53.14 -10.43
N HIS J 203 82.97 -52.80 -9.15
CA HIS J 203 81.73 -52.19 -8.67
C HIS J 203 82.09 -50.94 -7.89
N LYS J 204 82.03 -49.79 -8.57
CA LYS J 204 82.46 -48.54 -7.96
C LYS J 204 81.61 -48.06 -6.78
N PRO J 205 80.29 -48.30 -6.72
CA PRO J 205 79.54 -47.84 -5.53
C PRO J 205 80.07 -48.40 -4.21
N SER J 206 80.48 -49.67 -4.19
CA SER J 206 81.02 -50.29 -2.99
C SER J 206 82.54 -50.30 -2.96
N ASN J 207 83.20 -49.77 -3.99
CA ASN J 207 84.66 -49.80 -4.12
C ASN J 207 85.19 -51.23 -3.99
N THR J 208 84.69 -52.09 -4.87
CA THR J 208 84.99 -53.52 -4.85
C THR J 208 85.60 -53.92 -6.18
N LYS J 209 86.81 -54.47 -6.13
CA LYS J 209 87.48 -55.02 -7.30
C LYS J 209 87.77 -56.49 -7.05
N VAL J 210 87.36 -57.35 -7.98
CA VAL J 210 87.52 -58.79 -7.83
C VAL J 210 88.02 -59.37 -9.15
N ASP J 211 89.08 -60.16 -9.08
CA ASP J 211 89.56 -60.97 -10.19
C ASP J 211 89.30 -62.42 -9.84
N LYS J 212 88.52 -63.11 -10.67
CA LYS J 212 88.20 -64.52 -10.48
C LYS J 212 88.75 -65.32 -11.65
N ARG J 213 89.65 -66.26 -11.35
CA ARG J 213 90.20 -67.13 -12.37
C ARG J 213 89.20 -68.25 -12.68
N VAL J 214 88.95 -68.47 -13.97
CA VAL J 214 88.00 -69.48 -14.41
C VAL J 214 88.80 -70.62 -15.01
N GLU J 215 88.76 -71.79 -14.36
CA GLU J 215 89.50 -72.95 -14.79
C GLU J 215 88.55 -74.11 -15.09
N PRO J 216 88.93 -75.02 -15.97
CA PRO J 216 88.08 -76.19 -16.24
C PRO J 216 87.86 -77.03 -14.99
N LYS J 217 86.75 -77.76 -14.98
CA LYS J 217 86.39 -78.59 -13.84
C LYS J 217 87.18 -79.88 -13.81
N ALA K 1 40.11 -44.25 -21.62
CA ALA K 1 40.93 -43.25 -22.30
C ALA K 1 41.49 -43.82 -23.61
N ILE K 2 42.15 -42.96 -24.38
CA ILE K 2 42.68 -43.37 -25.67
C ILE K 2 43.90 -44.27 -25.46
N ARG K 3 43.99 -45.33 -26.25
CA ARG K 3 45.09 -46.29 -26.20
C ARG K 3 45.73 -46.36 -27.58
N MET K 4 47.05 -46.20 -27.63
CA MET K 4 47.79 -46.20 -28.89
C MET K 4 48.57 -47.49 -29.00
N THR K 5 48.25 -48.29 -30.02
CA THR K 5 48.86 -49.59 -30.25
C THR K 5 49.68 -49.54 -31.53
N GLN K 6 50.95 -49.90 -31.43
CA GLN K 6 51.86 -49.95 -32.56
C GLN K 6 52.06 -51.39 -33.03
N SER K 7 52.25 -51.56 -34.32
CA SER K 7 52.43 -52.88 -34.92
C SER K 7 53.39 -52.77 -36.10
N PRO K 8 54.29 -53.74 -36.28
CA PRO K 8 54.48 -54.89 -35.40
C PRO K 8 55.37 -54.58 -34.19
N GLY K 9 55.55 -55.56 -33.31
CA GLY K 9 56.41 -55.35 -32.16
C GLY K 9 57.88 -55.26 -32.51
N THR K 10 58.31 -56.03 -33.51
CA THR K 10 59.71 -56.02 -33.96
C THR K 10 59.72 -56.04 -35.48
N LEU K 11 60.34 -55.02 -36.07
CA LEU K 11 60.51 -54.93 -37.51
C LEU K 11 61.95 -55.27 -37.86
N SER K 12 62.14 -56.33 -38.65
CA SER K 12 63.46 -56.86 -38.97
C SER K 12 63.77 -56.54 -40.43
N LEU K 13 64.63 -55.57 -40.65
CA LEU K 13 64.95 -55.09 -41.98
C LEU K 13 66.46 -54.94 -42.13
N SER K 14 66.90 -54.86 -43.38
CA SER K 14 68.30 -54.61 -43.73
C SER K 14 68.49 -53.15 -44.10
N PRO K 15 69.71 -52.64 -43.97
CA PRO K 15 69.98 -51.27 -44.43
C PRO K 15 69.68 -51.10 -45.91
N GLY K 16 69.04 -49.98 -46.24
CA GLY K 16 68.59 -49.74 -47.60
C GLY K 16 67.14 -50.11 -47.85
N GLU K 17 66.50 -50.80 -46.92
CA GLU K 17 65.11 -51.21 -47.11
C GLU K 17 64.15 -50.07 -46.78
N ARG K 18 62.89 -50.27 -47.16
CA ARG K 18 61.81 -49.36 -46.85
C ARG K 18 61.12 -49.83 -45.58
N ALA K 19 60.92 -48.91 -44.63
CA ALA K 19 60.30 -49.22 -43.36
C ALA K 19 58.89 -48.65 -43.32
N THR K 20 57.94 -49.47 -42.87
CA THR K 20 56.55 -49.06 -42.72
C THR K 20 56.10 -49.38 -41.31
N LEU K 21 55.88 -48.36 -40.50
CA LEU K 21 55.46 -48.50 -39.12
C LEU K 21 54.02 -48.05 -38.96
N SER K 22 53.27 -48.74 -38.10
CA SER K 22 51.85 -48.50 -37.92
C SER K 22 51.55 -48.01 -36.51
N CYS K 23 50.53 -47.17 -36.40
CA CYS K 23 50.04 -46.65 -35.13
C CYS K 23 48.52 -46.61 -35.20
N ARG K 24 47.85 -47.46 -34.44
CA ARG K 24 46.39 -47.59 -34.48
C ARG K 24 45.79 -47.03 -33.20
N ALA K 25 44.67 -46.33 -33.34
CA ALA K 25 44.02 -45.62 -32.25
C ALA K 25 42.68 -46.27 -31.92
N SER K 26 42.34 -46.24 -30.62
CA SER K 26 41.06 -46.77 -30.18
C SER K 26 39.89 -45.92 -30.64
N GLN K 27 40.10 -44.62 -30.86
CA GLN K 27 39.07 -43.72 -31.33
C GLN K 27 39.52 -42.98 -32.58
N SER K 28 38.56 -42.35 -33.25
CA SER K 28 38.90 -41.46 -34.35
C SER K 28 39.60 -40.22 -33.80
N ILE K 29 40.67 -39.81 -34.49
CA ILE K 29 41.56 -38.77 -33.98
C ILE K 29 41.80 -37.75 -35.09
N SER K 30 41.72 -36.47 -34.73
CA SER K 30 42.10 -35.42 -35.66
C SER K 30 43.58 -35.53 -36.01
N SER K 31 43.87 -35.56 -37.30
CA SER K 31 45.24 -35.74 -37.76
C SER K 31 46.19 -34.63 -37.31
N SER K 32 45.64 -33.52 -36.80
CA SER K 32 46.46 -32.41 -36.32
C SER K 32 47.22 -32.75 -35.05
N PHE K 33 46.91 -33.85 -34.38
CA PHE K 33 47.42 -34.16 -33.04
C PHE K 33 48.06 -35.55 -33.00
N LEU K 34 49.00 -35.82 -33.91
CA LEU K 34 49.72 -37.09 -33.86
C LEU K 34 51.22 -36.85 -34.09
N ALA K 35 52.04 -37.48 -33.26
CA ALA K 35 53.48 -37.29 -33.30
C ALA K 35 54.20 -38.63 -33.41
N TRP K 36 55.45 -38.56 -33.87
CA TRP K 36 56.34 -39.71 -33.94
C TRP K 36 57.68 -39.35 -33.32
N TYR K 37 58.34 -40.35 -32.73
CA TYR K 37 59.61 -40.14 -32.06
C TYR K 37 60.61 -41.21 -32.45
N GLN K 38 61.89 -40.87 -32.36
CA GLN K 38 62.97 -41.84 -32.43
C GLN K 38 63.74 -41.79 -31.11
N GLN K 39 63.94 -42.96 -30.50
CA GLN K 39 64.75 -43.07 -29.29
C GLN K 39 65.82 -44.14 -29.49
N LYS K 40 67.06 -43.77 -29.26
CA LYS K 40 68.21 -44.65 -29.26
C LYS K 40 68.60 -44.99 -27.83
N PRO K 41 69.22 -46.14 -27.60
CA PRO K 41 69.51 -46.57 -26.22
C PRO K 41 70.33 -45.53 -25.47
N GLY K 42 69.89 -45.20 -24.26
CA GLY K 42 70.55 -44.20 -23.45
C GLY K 42 70.31 -42.77 -23.86
N GLN K 43 69.44 -42.53 -24.83
CA GLN K 43 69.19 -41.19 -25.33
C GLN K 43 67.75 -40.76 -25.03
N ALA K 44 67.55 -39.45 -25.00
CA ALA K 44 66.20 -38.91 -24.89
C ALA K 44 65.45 -39.07 -26.21
N PRO K 45 64.12 -39.15 -26.16
CA PRO K 45 63.36 -39.24 -27.41
C PRO K 45 63.52 -37.98 -28.24
N ARG K 46 63.87 -38.16 -29.51
CA ARG K 46 64.07 -37.07 -30.45
C ARG K 46 62.86 -36.99 -31.37
N LEU K 47 62.22 -35.82 -31.40
CA LEU K 47 60.99 -35.63 -32.17
C LEU K 47 61.25 -35.72 -33.67
N LEU K 48 60.50 -36.60 -34.33
CA LEU K 48 60.56 -36.76 -35.78
C LEU K 48 59.40 -36.06 -36.48
N ILE K 49 58.16 -36.45 -36.16
CA ILE K 49 56.98 -36.02 -36.88
C ILE K 49 55.98 -35.44 -35.89
N TYR K 50 55.35 -34.34 -36.27
CA TYR K 50 54.24 -33.77 -35.51
C TYR K 50 53.14 -33.38 -36.49
N GLY K 51 51.89 -33.43 -36.03
CA GLY K 51 50.78 -33.16 -36.92
C GLY K 51 50.63 -34.17 -38.03
N ALA K 52 50.90 -35.45 -37.72
CA ALA K 52 50.73 -36.59 -38.63
C ALA K 52 51.70 -36.59 -39.80
N SER K 53 52.10 -35.43 -40.32
CA SER K 53 52.88 -35.41 -41.55
C SER K 53 53.99 -34.36 -41.59
N SER K 54 54.23 -33.61 -40.53
CA SER K 54 55.25 -32.56 -40.55
C SER K 54 56.53 -33.04 -39.88
N ARG K 55 57.65 -32.77 -40.53
CA ARG K 55 58.96 -33.13 -40.01
C ARG K 55 59.50 -31.99 -39.15
N ALA K 56 60.02 -32.32 -37.98
CA ALA K 56 60.64 -31.29 -37.15
C ALA K 56 61.93 -30.80 -37.81
N THR K 57 62.46 -29.71 -37.27
CA THR K 57 63.67 -29.10 -37.83
C THR K 57 64.85 -30.05 -37.67
N GLY K 58 65.48 -30.41 -38.79
CA GLY K 58 66.64 -31.27 -38.78
C GLY K 58 66.38 -32.70 -39.21
N ILE K 59 65.12 -33.11 -39.30
CA ILE K 59 64.78 -34.50 -39.64
C ILE K 59 65.02 -34.72 -41.13
N PRO K 60 65.72 -35.78 -41.52
CA PRO K 60 65.93 -36.04 -42.94
C PRO K 60 64.60 -36.32 -43.65
N ASP K 61 64.60 -36.11 -44.96
CA ASP K 61 63.38 -36.23 -45.75
C ASP K 61 63.00 -37.67 -46.08
N ARG K 62 63.81 -38.66 -45.69
CA ARG K 62 63.40 -40.04 -45.85
C ARG K 62 62.32 -40.46 -44.86
N PHE K 63 62.03 -39.64 -43.86
CA PHE K 63 60.94 -39.89 -42.93
C PHE K 63 59.69 -39.17 -43.41
N SER K 64 58.59 -39.91 -43.51
CA SER K 64 57.32 -39.34 -43.95
C SER K 64 56.19 -39.97 -43.15
N GLY K 65 55.26 -39.14 -42.70
CA GLY K 65 54.10 -39.59 -41.95
C GLY K 65 52.84 -39.34 -42.75
N SER K 66 51.83 -40.19 -42.51
CA SER K 66 50.54 -40.06 -43.17
C SER K 66 49.47 -40.62 -42.24
N GLY K 67 48.22 -40.54 -42.69
CA GLY K 67 47.10 -41.14 -41.99
C GLY K 67 46.08 -40.09 -41.55
N SER K 68 44.93 -40.60 -41.16
CA SER K 68 43.81 -39.80 -40.68
C SER K 68 42.79 -40.74 -40.04
N GLY K 69 41.99 -40.18 -39.14
CA GLY K 69 41.02 -40.99 -38.43
C GLY K 69 41.64 -41.86 -37.36
N THR K 70 41.78 -43.16 -37.66
CA THR K 70 42.30 -44.11 -36.68
C THR K 70 43.62 -44.77 -37.08
N ASP K 71 44.05 -44.64 -38.33
CA ASP K 71 45.26 -45.29 -38.81
C ASP K 71 46.27 -44.25 -39.23
N PHE K 72 47.49 -44.36 -38.68
CA PHE K 72 48.59 -43.49 -39.03
C PHE K 72 49.82 -44.33 -39.35
N THR K 73 50.70 -43.77 -40.18
CA THR K 73 51.83 -44.52 -40.72
C THR K 73 53.07 -43.64 -40.74
N LEU K 74 54.19 -44.19 -40.29
CA LEU K 74 55.50 -43.59 -40.44
C LEU K 74 56.28 -44.39 -41.47
N THR K 75 56.76 -43.72 -42.50
CA THR K 75 57.46 -44.37 -43.61
C THR K 75 58.90 -43.87 -43.68
N ILE K 76 59.83 -44.82 -43.71
CA ILE K 76 61.25 -44.54 -43.93
C ILE K 76 61.59 -45.09 -45.31
N SER K 77 61.87 -44.19 -46.26
CA SER K 77 62.05 -44.61 -47.64
C SER K 77 63.30 -45.46 -47.82
N ARG K 78 64.36 -45.15 -47.07
CA ARG K 78 65.63 -45.88 -47.17
C ARG K 78 66.24 -45.99 -45.79
N LEU K 79 66.34 -47.22 -45.29
CA LEU K 79 66.97 -47.45 -43.99
C LEU K 79 68.46 -47.18 -44.08
N GLU K 80 68.92 -46.20 -43.33
CA GLU K 80 70.34 -46.00 -43.08
C GLU K 80 70.72 -46.66 -41.77
N PRO K 81 72.01 -46.95 -41.56
CA PRO K 81 72.41 -47.61 -40.31
C PRO K 81 72.07 -46.81 -39.06
N GLU K 82 72.03 -45.48 -39.17
CA GLU K 82 71.69 -44.65 -38.02
C GLU K 82 70.20 -44.69 -37.69
N ASP K 83 69.37 -45.24 -38.57
CA ASP K 83 67.92 -45.21 -38.39
C ASP K 83 67.39 -46.37 -37.56
N PHE K 84 68.19 -47.41 -37.33
CA PHE K 84 67.75 -48.53 -36.51
C PHE K 84 67.68 -48.10 -35.05
N ALA K 85 66.48 -48.09 -34.50
CA ALA K 85 66.23 -47.57 -33.15
C ALA K 85 64.81 -47.94 -32.75
N VAL K 86 64.31 -47.29 -31.70
CA VAL K 86 62.95 -47.49 -31.20
C VAL K 86 62.12 -46.27 -31.58
N TYR K 87 60.90 -46.51 -32.06
CA TYR K 87 60.01 -45.45 -32.50
C TYR K 87 58.68 -45.53 -31.75
N TYR K 88 58.26 -44.41 -31.18
CA TYR K 88 56.97 -44.29 -30.53
C TYR K 88 56.09 -43.29 -31.28
N CYS K 89 54.77 -43.54 -31.25
CA CYS K 89 53.79 -42.55 -31.66
C CYS K 89 53.07 -42.00 -30.43
N GLN K 90 52.48 -40.82 -30.59
CA GLN K 90 51.95 -40.08 -29.46
C GLN K 90 50.64 -39.38 -29.83
N GLN K 91 49.66 -39.47 -28.93
CA GLN K 91 48.39 -38.76 -29.09
C GLN K 91 48.38 -37.51 -28.22
N TYR K 92 49.21 -36.54 -28.61
CA TYR K 92 49.33 -35.29 -27.87
C TYR K 92 48.20 -34.34 -28.29
N GLY K 93 48.30 -33.08 -27.87
CA GLY K 93 47.49 -31.99 -28.40
C GLY K 93 46.11 -31.78 -27.80
N THR K 94 45.36 -32.85 -27.57
CA THR K 94 44.00 -32.73 -27.06
C THR K 94 43.97 -32.28 -25.60
N SER K 95 44.21 -33.21 -24.70
CA SER K 95 44.25 -32.96 -23.27
C SER K 95 45.68 -32.81 -22.79
N PRO K 96 45.89 -32.29 -21.58
CA PRO K 96 47.27 -32.22 -21.05
C PRO K 96 47.99 -33.55 -21.03
N ARG K 97 47.29 -34.63 -20.72
CA ARG K 97 47.88 -35.97 -20.71
C ARG K 97 48.50 -36.29 -22.07
N LEU K 98 49.68 -36.90 -22.04
CA LEU K 98 50.44 -37.25 -23.25
C LEU K 98 50.53 -38.77 -23.34
N THR K 99 49.49 -39.38 -23.91
CA THR K 99 49.49 -40.82 -24.13
C THR K 99 50.50 -41.20 -25.19
N PHE K 100 51.25 -42.27 -24.93
CA PHE K 100 52.31 -42.72 -25.82
C PHE K 100 52.03 -44.14 -26.32
N GLY K 101 52.62 -44.47 -27.47
CA GLY K 101 52.52 -45.81 -28.01
C GLY K 101 53.47 -46.80 -27.33
N GLY K 102 53.22 -48.08 -27.59
CA GLY K 102 53.99 -49.13 -26.95
C GLY K 102 55.39 -49.32 -27.51
N GLY K 103 55.63 -48.90 -28.73
CA GLY K 103 56.99 -48.97 -29.27
C GLY K 103 57.13 -50.07 -30.32
N THR K 104 57.87 -49.75 -31.38
CA THR K 104 58.23 -50.71 -32.42
C THR K 104 59.74 -50.65 -32.60
N LYS K 105 60.40 -51.80 -32.46
CA LYS K 105 61.85 -51.89 -32.56
C LYS K 105 62.22 -52.30 -33.99
N VAL K 106 63.04 -51.49 -34.63
CA VAL K 106 63.57 -51.79 -35.96
C VAL K 106 65.00 -52.24 -35.78
N ASP K 107 65.26 -53.52 -36.04
CA ASP K 107 66.57 -54.11 -35.86
C ASP K 107 67.11 -54.64 -37.19
N ILE K 108 68.37 -55.08 -37.16
CA ILE K 108 69.03 -55.54 -38.38
C ILE K 108 68.49 -56.92 -38.75
N LYS K 109 68.73 -57.31 -40.00
CA LYS K 109 68.24 -58.58 -40.51
C LYS K 109 69.44 -59.45 -40.86
N ARG K 110 69.19 -60.75 -40.98
CA ARG K 110 70.26 -61.73 -41.00
C ARG K 110 69.67 -63.09 -41.37
N THR K 111 70.56 -63.99 -41.77
CA THR K 111 70.19 -65.39 -41.95
C THR K 111 69.89 -66.04 -40.61
N VAL K 112 69.12 -67.13 -40.66
CA VAL K 112 68.73 -67.82 -39.43
C VAL K 112 69.97 -68.49 -38.83
N ALA K 113 70.23 -68.20 -37.56
CA ALA K 113 71.38 -68.72 -36.85
C ALA K 113 70.90 -69.54 -35.66
N ALA K 114 71.22 -70.83 -35.64
CA ALA K 114 70.86 -71.67 -34.53
C ALA K 114 71.71 -71.30 -33.30
N PRO K 115 71.14 -71.41 -32.11
CA PRO K 115 71.91 -71.06 -30.90
C PRO K 115 72.88 -72.16 -30.51
N SER K 116 74.02 -71.73 -29.97
CA SER K 116 74.97 -72.63 -29.32
C SER K 116 74.63 -72.66 -27.84
N VAL K 117 74.34 -73.85 -27.31
CA VAL K 117 73.78 -74.01 -25.98
C VAL K 117 74.85 -74.53 -25.05
N PHE K 118 74.94 -73.93 -23.86
CA PHE K 118 75.87 -74.35 -22.82
C PHE K 118 75.15 -74.27 -21.49
N ILE K 119 75.43 -75.22 -20.61
CA ILE K 119 74.85 -75.26 -19.27
C ILE K 119 75.99 -75.24 -18.25
N PHE K 120 75.80 -74.45 -17.19
CA PHE K 120 76.82 -74.27 -16.16
C PHE K 120 76.27 -74.69 -14.81
N PRO K 121 76.89 -75.66 -14.14
CA PRO K 121 76.46 -76.01 -12.78
C PRO K 121 76.84 -74.91 -11.81
N PRO K 122 76.18 -74.86 -10.64
CA PRO K 122 76.59 -73.87 -9.63
C PRO K 122 77.97 -74.19 -9.08
N SER K 123 78.69 -73.13 -8.71
CA SER K 123 80.04 -73.27 -8.20
C SER K 123 80.03 -73.78 -6.77
N ASP K 124 81.08 -74.52 -6.42
CA ASP K 124 81.19 -75.05 -5.06
C ASP K 124 81.30 -73.92 -4.03
N GLU K 125 81.83 -72.76 -4.44
CA GLU K 125 81.91 -71.63 -3.52
C GLU K 125 80.56 -70.97 -3.29
N GLN K 126 79.69 -70.95 -4.30
CA GLN K 126 78.35 -70.42 -4.10
C GLN K 126 77.51 -71.37 -3.25
N LEU K 127 77.69 -72.68 -3.42
CA LEU K 127 76.97 -73.64 -2.60
C LEU K 127 77.36 -73.53 -1.13
N LYS K 128 78.53 -72.96 -0.84
CA LYS K 128 78.91 -72.70 0.55
C LYS K 128 77.96 -71.70 1.20
N SER K 129 77.32 -70.84 0.40
CA SER K 129 76.47 -69.78 0.90
C SER K 129 74.99 -70.13 0.88
N GLY K 130 74.63 -71.35 0.47
CA GLY K 130 73.26 -71.82 0.57
C GLY K 130 72.43 -71.70 -0.70
N THR K 131 72.92 -71.01 -1.72
CA THR K 131 72.20 -70.82 -2.96
C THR K 131 72.89 -71.55 -4.10
N ALA K 132 72.10 -72.03 -5.06
CA ALA K 132 72.61 -72.69 -6.25
C ALA K 132 71.97 -72.06 -7.48
N SER K 133 72.78 -71.44 -8.32
CA SER K 133 72.34 -70.83 -9.56
C SER K 133 72.88 -71.62 -10.74
N VAL K 134 71.98 -72.18 -11.54
CA VAL K 134 72.35 -72.87 -12.78
C VAL K 134 72.13 -71.92 -13.94
N VAL K 135 73.10 -71.82 -14.84
CA VAL K 135 73.10 -70.85 -15.92
C VAL K 135 73.03 -71.60 -17.24
N CYS K 136 72.13 -71.16 -18.12
CA CYS K 136 71.95 -71.74 -19.45
C CYS K 136 72.19 -70.65 -20.47
N LEU K 137 73.18 -70.84 -21.33
CA LEU K 137 73.62 -69.83 -22.28
C LEU K 137 73.15 -70.18 -23.68
N LEU K 138 72.50 -69.22 -24.35
CA LEU K 138 72.18 -69.30 -25.76
C LEU K 138 73.03 -68.25 -26.46
N ASN K 139 73.97 -68.69 -27.29
CA ASN K 139 75.02 -67.82 -27.82
C ASN K 139 74.84 -67.62 -29.32
N ASN K 140 74.69 -66.36 -29.74
CA ASN K 140 74.77 -65.95 -31.14
C ASN K 140 73.75 -66.69 -32.00
N PHE K 141 72.48 -66.34 -31.76
CA PHE K 141 71.37 -66.88 -32.52
C PHE K 141 70.56 -65.75 -33.14
N TYR K 142 69.73 -66.12 -34.13
CA TYR K 142 68.81 -65.19 -34.77
C TYR K 142 67.73 -66.00 -35.47
N PRO K 143 66.45 -65.59 -35.41
CA PRO K 143 65.90 -64.38 -34.78
C PRO K 143 65.84 -64.43 -33.25
N ARG K 144 65.25 -63.39 -32.65
CA ARG K 144 65.30 -63.26 -31.20
C ARG K 144 64.34 -64.22 -30.50
N GLU K 145 63.24 -64.59 -31.14
CA GLU K 145 62.25 -65.44 -30.48
C GLU K 145 62.87 -66.78 -30.12
N ALA K 146 62.96 -67.06 -28.82
CA ALA K 146 63.58 -68.28 -28.34
C ALA K 146 62.89 -68.73 -27.06
N LYS K 147 62.80 -70.05 -26.90
CA LYS K 147 62.14 -70.67 -25.75
C LYS K 147 63.16 -71.42 -24.92
N VAL K 148 63.17 -71.16 -23.62
CA VAL K 148 64.10 -71.80 -22.69
C VAL K 148 63.31 -72.37 -21.52
N GLN K 149 63.34 -73.69 -21.35
CA GLN K 149 62.62 -74.37 -20.28
C GLN K 149 63.59 -75.19 -19.45
N TRP K 150 63.44 -75.11 -18.13
CA TRP K 150 64.27 -75.83 -17.18
C TRP K 150 63.58 -77.13 -16.75
N LYS K 151 64.32 -78.24 -16.80
CA LYS K 151 63.83 -79.53 -16.32
C LYS K 151 64.74 -80.03 -15.20
N VAL K 152 64.15 -80.32 -14.05
CA VAL K 152 64.87 -80.86 -12.90
C VAL K 152 64.31 -82.25 -12.62
N ASP K 153 65.10 -83.29 -12.92
CA ASP K 153 64.65 -84.68 -12.88
C ASP K 153 63.41 -84.86 -13.74
N ASN K 154 63.48 -84.34 -14.97
CA ASN K 154 62.40 -84.42 -15.95
C ASN K 154 61.12 -83.74 -15.47
N ALA K 155 61.24 -82.83 -14.50
CA ALA K 155 60.11 -82.07 -13.99
C ALA K 155 60.24 -80.61 -14.43
N LEU K 156 59.19 -80.10 -15.05
CA LEU K 156 59.23 -78.75 -15.60
C LEU K 156 59.20 -77.71 -14.49
N GLN K 157 60.17 -76.81 -14.49
CA GLN K 157 60.25 -75.73 -13.53
C GLN K 157 59.52 -74.49 -14.04
N SER K 158 58.96 -73.73 -13.11
CA SER K 158 58.30 -72.47 -13.44
C SER K 158 58.37 -71.54 -12.23
N GLY K 159 58.68 -70.28 -12.48
CA GLY K 159 58.74 -69.27 -11.43
C GLY K 159 60.05 -69.15 -10.71
N ASN K 160 61.08 -69.88 -11.13
CA ASN K 160 62.40 -69.81 -10.51
C ASN K 160 63.50 -69.55 -11.53
N SER K 161 63.16 -68.99 -12.69
CA SER K 161 64.13 -68.71 -13.74
C SER K 161 63.91 -67.29 -14.26
N GLN K 162 65.02 -66.65 -14.63
CA GLN K 162 65.01 -65.30 -15.20
C GLN K 162 65.87 -65.26 -16.45
N GLU K 163 65.42 -64.49 -17.44
CA GLU K 163 66.13 -64.37 -18.71
C GLU K 163 66.74 -62.99 -18.86
N SER K 164 67.90 -62.94 -19.50
CA SER K 164 68.53 -61.71 -19.95
C SER K 164 68.93 -61.87 -21.41
N VAL K 165 68.72 -60.82 -22.20
CA VAL K 165 69.01 -60.86 -23.63
C VAL K 165 69.95 -59.71 -23.96
N THR K 166 70.98 -60.01 -24.76
CA THR K 166 71.91 -58.98 -25.20
C THR K 166 71.30 -58.18 -26.33
N GLU K 167 71.85 -56.99 -26.56
CA GLU K 167 71.47 -56.22 -27.73
C GLU K 167 72.03 -56.88 -28.99
N GLN K 168 71.38 -56.61 -30.12
CA GLN K 168 71.83 -57.19 -31.38
C GLN K 168 73.25 -56.75 -31.69
N ASP K 169 74.13 -57.72 -31.88
CA ASP K 169 75.55 -57.44 -32.05
C ASP K 169 75.81 -56.65 -33.33
N SER K 170 76.67 -55.64 -33.21
CA SER K 170 76.99 -54.78 -34.34
C SER K 170 77.77 -55.50 -35.43
N LYS K 171 78.46 -56.60 -35.09
CA LYS K 171 79.38 -57.24 -36.01
C LYS K 171 78.73 -58.37 -36.82
N ASP K 172 77.86 -59.16 -36.19
CA ASP K 172 77.19 -60.26 -36.89
C ASP K 172 75.68 -60.26 -36.75
N SER K 173 75.08 -59.28 -36.05
CA SER K 173 73.63 -59.09 -35.97
C SER K 173 72.92 -60.25 -35.26
N THR K 174 73.60 -60.94 -34.35
CA THR K 174 72.99 -62.04 -33.61
C THR K 174 72.62 -61.59 -32.19
N TYR K 175 71.80 -62.41 -31.54
CA TYR K 175 71.40 -62.19 -30.16
C TYR K 175 71.97 -63.28 -29.26
N SER K 176 72.05 -62.97 -27.97
CA SER K 176 72.45 -63.95 -26.96
C SER K 176 71.53 -63.84 -25.77
N LEU K 177 71.33 -64.95 -25.07
CA LEU K 177 70.39 -65.02 -23.97
C LEU K 177 70.94 -65.92 -22.88
N SER K 178 70.74 -65.51 -21.64
CA SER K 178 71.15 -66.28 -20.46
C SER K 178 69.94 -66.46 -19.56
N SER K 179 69.56 -67.71 -19.32
CA SER K 179 68.51 -68.05 -18.37
C SER K 179 69.15 -68.64 -17.12
N THR K 180 68.77 -68.10 -15.96
CA THR K 180 69.38 -68.48 -14.69
C THR K 180 68.34 -69.09 -13.78
N LEU K 181 68.54 -70.36 -13.41
CA LEU K 181 67.65 -71.07 -12.50
C LEU K 181 68.19 -70.93 -11.08
N THR K 182 67.36 -70.42 -10.17
CA THR K 182 67.76 -70.13 -8.80
C THR K 182 67.01 -71.04 -7.85
N LEU K 183 67.74 -71.97 -7.22
CA LEU K 183 67.20 -72.85 -6.21
C LEU K 183 68.02 -72.73 -4.93
N SER K 184 67.41 -73.14 -3.82
CA SER K 184 68.16 -73.27 -2.58
C SER K 184 69.12 -74.46 -2.68
N LYS K 185 70.14 -74.44 -1.81
CA LYS K 185 71.08 -75.56 -1.76
C LYS K 185 70.38 -76.86 -1.40
N ALA K 186 69.40 -76.80 -0.50
CA ALA K 186 68.66 -78.00 -0.12
C ALA K 186 67.91 -78.57 -1.32
N ASP K 187 67.19 -77.73 -2.06
CA ASP K 187 66.48 -78.19 -3.24
C ASP K 187 67.44 -78.68 -4.32
N TYR K 188 68.61 -78.05 -4.42
CA TYR K 188 69.56 -78.45 -5.47
C TYR K 188 70.09 -79.86 -5.23
N GLU K 189 70.36 -80.22 -3.98
CA GLU K 189 70.92 -81.52 -3.66
C GLU K 189 69.87 -82.61 -3.46
N LYS K 190 68.59 -82.30 -3.68
CA LYS K 190 67.56 -83.33 -3.66
C LYS K 190 67.45 -84.07 -4.98
N HIS K 191 67.90 -83.46 -6.07
CA HIS K 191 67.70 -84.00 -7.42
C HIS K 191 69.04 -84.28 -8.08
N LYS K 192 68.98 -84.93 -9.24
CA LYS K 192 70.17 -85.44 -9.91
C LYS K 192 70.42 -84.78 -11.27
N VAL K 193 69.44 -84.79 -12.16
CA VAL K 193 69.62 -84.34 -13.54
C VAL K 193 69.11 -82.92 -13.67
N TYR K 194 69.93 -82.04 -14.25
CA TYR K 194 69.57 -80.64 -14.50
C TYR K 194 69.79 -80.33 -15.97
N ALA K 195 68.71 -79.96 -16.66
CA ALA K 195 68.76 -79.73 -18.10
C ALA K 195 67.94 -78.49 -18.45
N CYS K 196 68.44 -77.73 -19.41
CA CYS K 196 67.67 -76.66 -20.05
C CYS K 196 67.46 -77.03 -21.52
N GLU K 197 66.21 -77.06 -21.95
CA GLU K 197 65.86 -77.40 -23.32
C GLU K 197 65.59 -76.12 -24.10
N VAL K 198 66.16 -76.04 -25.31
CA VAL K 198 66.10 -74.83 -26.13
C VAL K 198 65.38 -75.16 -27.43
N THR K 199 64.40 -74.33 -27.78
CA THR K 199 63.69 -74.43 -29.04
C THR K 199 63.90 -73.13 -29.81
N HIS K 200 64.36 -73.24 -31.06
CA HIS K 200 64.66 -72.08 -31.86
C HIS K 200 64.50 -72.42 -33.33
N GLN K 201 64.27 -71.37 -34.14
CA GLN K 201 64.00 -71.57 -35.56
C GLN K 201 65.16 -72.26 -36.27
N GLY K 202 66.40 -72.01 -35.84
CA GLY K 202 67.54 -72.61 -36.48
C GLY K 202 67.83 -74.05 -36.10
N LEU K 203 67.13 -74.58 -35.10
CA LEU K 203 67.31 -75.95 -34.65
C LEU K 203 66.25 -76.83 -35.30
N SER K 204 66.69 -77.89 -35.97
CA SER K 204 65.76 -78.87 -36.53
C SER K 204 64.91 -79.49 -35.42
N SER K 205 65.55 -79.93 -34.35
CA SER K 205 64.88 -80.47 -33.17
C SER K 205 65.35 -79.74 -31.93
N PRO K 206 64.52 -79.67 -30.89
CA PRO K 206 64.93 -78.99 -29.66
C PRO K 206 66.17 -79.63 -29.05
N VAL K 207 67.15 -78.79 -28.71
CA VAL K 207 68.42 -79.25 -28.17
C VAL K 207 68.36 -79.20 -26.65
N THR K 208 68.81 -80.27 -26.01
CA THR K 208 68.84 -80.36 -24.56
C THR K 208 70.28 -80.55 -24.10
N LYS K 209 70.71 -79.70 -23.16
CA LYS K 209 72.01 -79.82 -22.53
C LYS K 209 71.80 -80.08 -21.04
N SER K 210 72.50 -81.07 -20.51
CA SER K 210 72.24 -81.52 -19.15
C SER K 210 73.54 -81.90 -18.46
N PHE K 211 73.47 -81.99 -17.13
CA PHE K 211 74.55 -82.52 -16.32
C PHE K 211 73.92 -83.18 -15.09
N ASN K 212 74.59 -84.21 -14.58
CA ASN K 212 74.15 -84.87 -13.37
C ASN K 212 74.94 -84.34 -12.19
N ARG K 213 74.24 -83.93 -11.14
CA ARG K 213 74.88 -83.36 -9.96
C ARG K 213 75.84 -84.36 -9.34
N GLY K 214 77.11 -83.95 -9.23
CA GLY K 214 78.15 -84.79 -8.68
C GLY K 214 79.13 -85.33 -9.69
N GLU K 215 78.74 -85.42 -10.96
CA GLU K 215 79.62 -85.93 -11.99
C GLU K 215 80.68 -84.90 -12.37
N CYS K 216 81.79 -85.40 -12.91
CA CYS K 216 82.91 -84.54 -13.31
C CYS K 216 82.64 -83.89 -14.66
N GLU L 1 -36.07 -47.17 -11.25
CA GLU L 1 -36.16 -45.75 -11.51
C GLU L 1 -35.75 -45.44 -12.95
N VAL L 2 -34.55 -44.86 -13.08
CA VAL L 2 -34.02 -44.50 -14.38
C VAL L 2 -33.92 -45.73 -15.27
N GLN L 3 -34.01 -45.51 -16.58
CA GLN L 3 -33.80 -46.59 -17.54
C GLN L 3 -33.47 -45.99 -18.90
N LEU L 4 -32.75 -46.77 -19.71
CA LEU L 4 -32.42 -46.41 -21.07
C LEU L 4 -33.01 -47.43 -22.04
N VAL L 5 -33.23 -47.00 -23.27
CA VAL L 5 -33.82 -47.85 -24.31
C VAL L 5 -33.20 -47.50 -25.65
N GLU L 6 -32.59 -48.48 -26.29
CA GLU L 6 -31.85 -48.26 -27.52
C GLU L 6 -32.65 -48.74 -28.73
N SER L 7 -32.21 -48.30 -29.91
CA SER L 7 -32.86 -48.67 -31.17
C SER L 7 -31.90 -48.35 -32.31
N GLY L 8 -32.37 -48.52 -33.53
CA GLY L 8 -31.60 -48.22 -34.72
C GLY L 8 -30.84 -49.40 -35.29
N GLY L 9 -30.34 -50.27 -34.42
CA GLY L 9 -29.58 -51.44 -34.85
C GLY L 9 -30.33 -52.31 -35.83
N GLY L 10 -29.64 -52.72 -36.89
CA GLY L 10 -30.28 -53.55 -37.90
C GLY L 10 -29.25 -53.97 -38.93
N VAL L 11 -29.69 -54.86 -39.82
CA VAL L 11 -28.82 -55.36 -40.88
C VAL L 11 -28.34 -54.20 -41.74
N VAL L 12 -27.07 -54.26 -42.17
CA VAL L 12 -26.47 -53.24 -43.00
C VAL L 12 -25.26 -53.82 -43.72
N GLN L 13 -25.18 -53.63 -45.03
CA GLN L 13 -24.07 -54.18 -45.79
C GLN L 13 -22.79 -53.39 -45.53
N PRO L 14 -21.62 -54.04 -45.64
CA PRO L 14 -20.36 -53.35 -45.41
C PRO L 14 -20.20 -52.13 -46.31
N GLY L 15 -19.66 -51.05 -45.74
CA GLY L 15 -19.46 -49.82 -46.46
C GLY L 15 -20.59 -48.81 -46.32
N ARG L 16 -21.76 -49.24 -45.89
CA ARG L 16 -22.91 -48.37 -45.74
C ARG L 16 -22.94 -47.78 -44.33
N SER L 17 -23.98 -47.00 -44.05
CA SER L 17 -24.08 -46.28 -42.78
C SER L 17 -25.30 -46.76 -42.01
N LEU L 18 -25.28 -46.46 -40.71
CA LEU L 18 -26.36 -46.81 -39.81
C LEU L 18 -26.20 -45.95 -38.55
N ARG L 19 -27.32 -45.49 -38.02
CA ARG L 19 -27.32 -44.62 -36.85
C ARG L 19 -28.11 -45.27 -35.72
N LEU L 20 -27.50 -45.37 -34.55
CA LEU L 20 -28.13 -45.90 -33.36
C LEU L 20 -28.69 -44.77 -32.50
N SER L 21 -29.74 -45.08 -31.75
CA SER L 21 -30.38 -44.13 -30.88
C SER L 21 -30.51 -44.71 -29.47
N CYS L 22 -30.39 -43.84 -28.47
CA CYS L 22 -30.48 -44.22 -27.07
C CYS L 22 -31.38 -43.21 -26.36
N ALA L 23 -32.54 -43.66 -25.89
CA ALA L 23 -33.53 -42.79 -25.26
C ALA L 23 -33.46 -42.94 -23.75
N ALA L 24 -33.23 -41.82 -23.07
CA ALA L 24 -33.09 -41.78 -21.61
C ALA L 24 -34.33 -41.17 -20.97
N SER L 25 -34.63 -41.63 -19.75
CA SER L 25 -35.74 -41.09 -18.99
C SER L 25 -35.51 -41.36 -17.51
N GLY L 26 -36.04 -40.47 -16.66
CA GLY L 26 -35.96 -40.62 -15.23
C GLY L 26 -34.81 -39.90 -14.55
N PHE L 27 -33.99 -39.16 -15.30
CA PHE L 27 -32.92 -38.37 -14.70
C PHE L 27 -32.65 -37.16 -15.59
N THR L 28 -31.92 -36.20 -15.03
CA THR L 28 -31.52 -35.00 -15.77
C THR L 28 -30.39 -35.41 -16.71
N PHE L 29 -30.78 -35.78 -17.93
CA PHE L 29 -29.84 -36.32 -18.93
C PHE L 29 -28.62 -35.41 -19.10
N SER L 30 -28.85 -34.10 -19.27
CA SER L 30 -27.77 -33.18 -19.60
C SER L 30 -26.63 -33.16 -18.59
N ASN L 31 -26.81 -33.73 -17.41
CA ASN L 31 -25.81 -33.70 -16.36
C ASN L 31 -24.85 -34.89 -16.41
N TYR L 32 -25.11 -35.89 -17.24
CA TYR L 32 -24.33 -37.12 -17.27
C TYR L 32 -23.63 -37.26 -18.61
N GLY L 33 -22.39 -37.70 -18.59
CA GLY L 33 -21.75 -38.15 -19.80
C GLY L 33 -22.19 -39.56 -20.17
N MET L 34 -22.17 -39.85 -21.46
CA MET L 34 -22.60 -41.14 -21.96
C MET L 34 -21.54 -41.71 -22.88
N HIS L 35 -21.36 -43.03 -22.82
CA HIS L 35 -20.44 -43.72 -23.71
C HIS L 35 -21.08 -45.00 -24.24
N TRP L 36 -20.79 -45.30 -25.49
CA TRP L 36 -21.22 -46.55 -26.13
C TRP L 36 -20.20 -47.65 -25.86
N VAL L 37 -20.70 -48.83 -25.48
CA VAL L 37 -19.91 -50.03 -25.34
C VAL L 37 -20.59 -51.11 -26.17
N ARG L 38 -19.78 -51.93 -26.85
CA ARG L 38 -20.32 -52.97 -27.72
C ARG L 38 -19.78 -54.34 -27.31
N GLN L 39 -20.44 -55.38 -27.81
CA GLN L 39 -20.08 -56.75 -27.46
C GLN L 39 -20.41 -57.64 -28.65
N ALA L 40 -19.38 -58.10 -29.35
CA ALA L 40 -19.59 -59.06 -30.43
C ALA L 40 -20.20 -60.33 -29.86
N PRO L 41 -21.02 -61.04 -30.63
CA PRO L 41 -21.63 -62.27 -30.12
C PRO L 41 -20.57 -63.29 -29.72
N GLY L 42 -20.69 -63.78 -28.48
CA GLY L 42 -19.74 -64.74 -27.95
C GLY L 42 -18.42 -64.18 -27.50
N LYS L 43 -18.26 -62.85 -27.49
CA LYS L 43 -17.02 -62.21 -27.10
C LYS L 43 -17.24 -61.33 -25.87
N GLY L 44 -16.25 -60.48 -25.58
CA GLY L 44 -16.30 -59.62 -24.42
C GLY L 44 -16.74 -58.20 -24.77
N LEU L 45 -16.69 -57.34 -23.75
CA LEU L 45 -17.14 -55.96 -23.87
C LEU L 45 -15.98 -55.06 -24.30
N GLU L 46 -16.23 -54.22 -25.30
CA GLU L 46 -15.24 -53.29 -25.81
C GLU L 46 -15.80 -51.88 -25.80
N TRP L 47 -15.07 -50.95 -25.20
CA TRP L 47 -15.47 -49.55 -25.19
C TRP L 47 -15.33 -48.96 -26.59
N VAL L 48 -16.31 -48.15 -26.98
CA VAL L 48 -16.39 -47.57 -28.32
C VAL L 48 -16.06 -46.07 -28.30
N ALA L 49 -16.88 -45.27 -27.64
CA ALA L 49 -16.73 -43.82 -27.67
C ALA L 49 -17.48 -43.22 -26.49
N VAL L 50 -17.04 -42.02 -26.07
CA VAL L 50 -17.61 -41.34 -24.91
C VAL L 50 -17.89 -39.89 -25.26
N TYR L 51 -18.99 -39.35 -24.72
CA TYR L 51 -19.32 -37.94 -24.81
C TYR L 51 -19.36 -37.37 -23.40
N TRP L 52 -18.27 -36.70 -22.99
CA TRP L 52 -18.22 -36.06 -21.69
C TRP L 52 -19.18 -34.86 -21.64
N TYR L 53 -19.69 -34.56 -20.44
CA TYR L 53 -20.57 -33.41 -20.31
C TYR L 53 -19.77 -32.12 -20.17
N ASP L 54 -18.63 -32.17 -19.50
CA ASP L 54 -17.93 -30.98 -19.05
C ASP L 54 -17.56 -30.04 -20.21
N GLY L 55 -16.67 -30.48 -21.08
CA GLY L 55 -16.24 -29.64 -22.17
C GLY L 55 -16.90 -30.01 -23.49
N GLY L 56 -17.50 -31.19 -23.54
CA GLY L 56 -17.97 -31.74 -24.79
C GLY L 56 -16.94 -32.58 -25.52
N ASN L 57 -15.85 -32.96 -24.86
CA ASN L 57 -14.84 -33.79 -25.49
C ASN L 57 -15.42 -35.12 -25.95
N LYS L 58 -15.13 -35.49 -27.20
CA LYS L 58 -15.52 -36.77 -27.75
C LYS L 58 -14.26 -37.61 -27.92
N PHE L 59 -14.31 -38.85 -27.44
CA PHE L 59 -13.20 -39.79 -27.55
C PHE L 59 -13.71 -41.06 -28.17
N TYR L 60 -12.93 -41.62 -29.09
CA TYR L 60 -13.31 -42.82 -29.82
C TYR L 60 -12.24 -43.88 -29.65
N ALA L 61 -12.67 -45.14 -29.56
CA ALA L 61 -11.71 -46.24 -29.56
C ALA L 61 -10.97 -46.26 -30.88
N ASP L 62 -9.71 -46.72 -30.83
CA ASP L 62 -8.84 -46.64 -32.00
C ASP L 62 -9.42 -47.37 -33.21
N SER L 63 -10.16 -48.46 -32.96
CA SER L 63 -10.75 -49.22 -34.06
C SER L 63 -11.83 -48.44 -34.79
N VAL L 64 -12.48 -47.49 -34.12
CA VAL L 64 -13.65 -46.80 -34.66
C VAL L 64 -13.42 -45.30 -34.84
N LYS L 65 -12.24 -44.79 -34.51
CA LYS L 65 -11.95 -43.38 -34.71
C LYS L 65 -12.12 -43.03 -36.18
N GLY L 66 -12.80 -41.93 -36.46
CA GLY L 66 -12.98 -41.48 -37.82
C GLY L 66 -14.12 -42.12 -38.57
N ARG L 67 -14.56 -43.31 -38.14
CA ARG L 67 -15.64 -44.03 -38.80
C ARG L 67 -16.95 -43.88 -38.06
N PHE L 68 -16.90 -43.79 -36.74
CA PHE L 68 -18.06 -43.62 -35.89
C PHE L 68 -18.08 -42.19 -35.35
N THR L 69 -19.29 -41.66 -35.16
CA THR L 69 -19.46 -40.33 -34.59
C THR L 69 -20.51 -40.41 -33.50
N ILE L 70 -20.13 -40.01 -32.29
CA ILE L 70 -21.06 -39.93 -31.17
C ILE L 70 -21.56 -38.50 -31.05
N SER L 71 -22.83 -38.36 -30.69
CA SER L 71 -23.43 -37.04 -30.52
C SER L 71 -24.64 -37.20 -29.60
N ARG L 72 -25.18 -36.05 -29.18
CA ARG L 72 -26.29 -36.07 -28.23
C ARG L 72 -27.17 -34.84 -28.42
N ASP L 73 -28.44 -34.99 -28.07
CA ASP L 73 -29.40 -33.89 -28.03
C ASP L 73 -30.00 -33.90 -26.63
N ASN L 74 -29.48 -33.03 -25.75
CA ASN L 74 -29.95 -32.99 -24.37
C ASN L 74 -31.42 -32.60 -24.29
N SER L 75 -31.89 -31.78 -25.24
CA SER L 75 -33.29 -31.38 -25.24
C SER L 75 -34.23 -32.55 -25.48
N LYS L 76 -33.78 -33.59 -26.18
CA LYS L 76 -34.60 -34.75 -26.46
C LYS L 76 -34.23 -35.96 -25.61
N ASN L 77 -33.23 -35.83 -24.72
CA ASN L 77 -32.77 -36.93 -23.87
C ASN L 77 -32.40 -38.15 -24.71
N THR L 78 -31.62 -37.92 -25.76
CA THR L 78 -31.28 -38.97 -26.71
C THR L 78 -29.78 -38.92 -27.03
N LEU L 79 -29.15 -40.10 -27.02
CA LEU L 79 -27.77 -40.26 -27.44
C LEU L 79 -27.74 -41.01 -28.78
N TYR L 80 -26.84 -40.58 -29.67
CA TYR L 80 -26.75 -41.16 -30.99
C TYR L 80 -25.34 -41.67 -31.25
N LEU L 81 -25.24 -42.62 -32.18
CA LEU L 81 -23.96 -43.11 -32.69
C LEU L 81 -24.10 -43.30 -34.19
N GLN L 82 -23.42 -42.46 -34.96
CA GLN L 82 -23.40 -42.57 -36.41
C GLN L 82 -22.26 -43.48 -36.82
N MET L 83 -22.59 -44.57 -37.51
CA MET L 83 -21.62 -45.58 -37.92
C MET L 83 -21.48 -45.51 -39.43
N ASN L 84 -20.31 -45.10 -39.91
CA ASN L 84 -20.04 -44.97 -41.33
C ASN L 84 -18.96 -45.96 -41.74
N SER L 85 -19.03 -46.38 -43.01
CA SER L 85 -18.09 -47.35 -43.58
C SER L 85 -18.02 -48.61 -42.71
N LEU L 86 -19.20 -49.11 -42.33
CA LEU L 86 -19.29 -50.25 -41.44
C LEU L 86 -18.57 -51.47 -42.00
N ARG L 87 -18.02 -52.27 -41.09
CA ARG L 87 -17.30 -53.48 -41.45
C ARG L 87 -17.87 -54.68 -40.71
N VAL L 88 -17.51 -55.87 -41.21
CA VAL L 88 -17.94 -57.11 -40.57
C VAL L 88 -17.54 -57.13 -39.10
N GLU L 89 -16.34 -56.63 -38.79
CA GLU L 89 -15.86 -56.66 -37.41
C GLU L 89 -16.59 -55.68 -36.51
N ASP L 90 -17.50 -54.87 -37.04
CA ASP L 90 -18.35 -54.00 -36.22
C ASP L 90 -19.62 -54.70 -35.78
N THR L 91 -19.85 -55.94 -36.21
CA THR L 91 -21.02 -56.70 -35.80
C THR L 91 -20.94 -56.99 -34.30
N ALA L 92 -21.91 -56.47 -33.55
CA ALA L 92 -21.88 -56.58 -32.10
C ALA L 92 -23.22 -56.09 -31.55
N VAL L 93 -23.51 -56.50 -30.33
CA VAL L 93 -24.56 -55.85 -29.55
C VAL L 93 -23.97 -54.58 -28.98
N TYR L 94 -24.60 -53.45 -29.29
CA TYR L 94 -24.11 -52.14 -28.86
C TYR L 94 -24.92 -51.71 -27.64
N TYR L 95 -24.23 -51.39 -26.55
CA TYR L 95 -24.87 -50.99 -25.30
C TYR L 95 -24.65 -49.51 -25.04
N CYS L 96 -25.72 -48.82 -24.70
CA CYS L 96 -25.67 -47.44 -24.25
C CYS L 96 -25.56 -47.41 -22.73
N ALA L 97 -24.59 -46.65 -22.21
CA ALA L 97 -24.34 -46.67 -20.78
C ALA L 97 -23.80 -45.32 -20.32
N ARG L 98 -23.99 -45.04 -19.03
CA ARG L 98 -23.53 -43.81 -18.43
C ARG L 98 -22.00 -43.78 -18.30
N ASP L 99 -21.45 -42.58 -18.29
CA ASP L 99 -20.03 -42.41 -17.99
C ASP L 99 -19.76 -42.27 -16.50
N THR L 100 -20.79 -42.08 -15.68
CA THR L 100 -20.65 -42.00 -14.23
C THR L 100 -19.90 -43.22 -13.71
N ALA L 101 -18.59 -43.07 -13.51
CA ALA L 101 -17.63 -44.11 -13.17
C ALA L 101 -18.16 -45.02 -12.08
N PRO L 102 -18.43 -46.31 -12.39
CA PRO L 102 -18.15 -47.01 -13.65
C PRO L 102 -19.27 -46.73 -14.71
N PRO L 103 -20.20 -47.66 -15.01
CA PRO L 103 -21.52 -47.19 -15.44
C PRO L 103 -22.63 -47.79 -14.59
N ASP L 104 -23.47 -46.92 -14.02
CA ASP L 104 -24.54 -47.34 -13.13
C ASP L 104 -25.59 -48.18 -13.84
N TYR L 105 -26.37 -47.56 -14.72
CA TYR L 105 -27.46 -48.24 -15.42
C TYR L 105 -27.22 -48.19 -16.92
N TRP L 106 -27.28 -49.35 -17.56
CA TRP L 106 -27.06 -49.45 -19.00
C TRP L 106 -28.39 -49.39 -19.74
N GLY L 107 -28.38 -49.76 -21.02
CA GLY L 107 -29.56 -49.77 -21.85
C GLY L 107 -29.90 -51.18 -22.31
N GLN L 108 -30.93 -51.25 -23.15
CA GLN L 108 -31.43 -52.54 -23.63
C GLN L 108 -30.34 -53.29 -24.39
N GLY L 109 -29.80 -52.68 -25.44
CA GLY L 109 -28.81 -53.35 -26.26
C GLY L 109 -29.37 -53.77 -27.60
N THR L 110 -29.09 -52.99 -28.64
CA THR L 110 -29.51 -53.34 -29.99
C THR L 110 -28.45 -54.21 -30.67
N LEU L 111 -28.88 -54.90 -31.71
CA LEU L 111 -28.04 -55.88 -32.40
C LEU L 111 -27.80 -55.37 -33.82
N VAL L 112 -26.59 -54.86 -34.05
CA VAL L 112 -26.20 -54.38 -35.38
C VAL L 112 -25.51 -55.52 -36.10
N THR L 113 -26.04 -55.89 -37.27
CA THR L 113 -25.48 -56.97 -38.08
C THR L 113 -24.94 -56.37 -39.37
N VAL L 114 -23.62 -56.37 -39.51
CA VAL L 114 -22.95 -55.90 -40.73
C VAL L 114 -22.52 -57.13 -41.52
N SER L 115 -23.16 -57.36 -42.65
CA SER L 115 -22.82 -58.49 -43.49
C SER L 115 -23.28 -58.22 -44.91
N SER L 116 -22.57 -58.82 -45.87
CA SER L 116 -22.87 -58.65 -47.29
C SER L 116 -23.57 -59.92 -47.77
N ALA L 117 -24.87 -60.00 -47.51
CA ALA L 117 -25.72 -61.08 -48.00
C ALA L 117 -27.13 -60.53 -48.16
N SER L 118 -28.02 -61.40 -48.63
CA SER L 118 -29.43 -61.07 -48.78
C SER L 118 -30.27 -62.00 -47.91
N THR L 119 -31.45 -61.51 -47.54
CA THR L 119 -32.37 -62.31 -46.73
C THR L 119 -32.73 -63.60 -47.46
N LYS L 120 -32.58 -64.73 -46.77
CA LYS L 120 -32.76 -66.04 -47.39
C LYS L 120 -33.28 -67.03 -46.37
N GLY L 121 -34.20 -67.89 -46.81
CA GLY L 121 -34.79 -68.89 -45.96
C GLY L 121 -33.98 -70.16 -45.88
N PRO L 122 -34.22 -70.97 -44.84
CA PRO L 122 -33.42 -72.16 -44.62
C PRO L 122 -33.93 -73.40 -45.35
N SER L 123 -32.97 -74.23 -45.75
CA SER L 123 -33.25 -75.59 -46.19
C SER L 123 -33.24 -76.52 -44.98
N VAL L 124 -34.20 -77.45 -44.93
CA VAL L 124 -34.38 -78.35 -43.80
C VAL L 124 -34.10 -79.77 -44.28
N PHE L 125 -33.10 -80.41 -43.68
CA PHE L 125 -32.71 -81.76 -44.02
C PHE L 125 -32.84 -82.68 -42.82
N PRO L 126 -33.28 -83.93 -43.02
CA PRO L 126 -33.46 -84.83 -41.89
C PRO L 126 -32.14 -85.42 -41.41
N LEU L 127 -32.04 -85.58 -40.09
CA LEU L 127 -30.95 -86.31 -39.45
C LEU L 127 -31.54 -87.64 -39.02
N ALA L 128 -31.42 -88.64 -39.89
CA ALA L 128 -32.20 -89.86 -39.73
C ALA L 128 -31.68 -90.69 -38.56
N PRO L 129 -32.57 -91.21 -37.73
CA PRO L 129 -32.13 -92.13 -36.68
C PRO L 129 -31.61 -93.43 -37.28
N SER L 130 -30.57 -93.98 -36.67
CA SER L 130 -29.94 -95.17 -37.20
C SER L 130 -30.68 -96.43 -36.76
N SER L 131 -30.58 -97.47 -37.59
CA SER L 131 -31.12 -98.78 -37.24
C SER L 131 -30.16 -99.59 -36.38
N LYS L 132 -28.87 -99.25 -36.39
CA LYS L 132 -27.86 -99.98 -35.63
C LYS L 132 -27.14 -99.13 -34.60
N SER L 133 -27.06 -97.81 -34.80
CA SER L 133 -26.36 -96.93 -33.85
C SER L 133 -27.32 -96.44 -32.77
N THR L 134 -27.93 -97.41 -32.09
CA THR L 134 -28.77 -97.14 -30.92
C THR L 134 -27.91 -97.16 -29.67
N SER L 135 -27.83 -96.03 -28.99
CA SER L 135 -27.01 -95.89 -27.78
C SER L 135 -27.81 -96.35 -26.57
N GLY L 136 -27.76 -97.65 -26.30
CA GLY L 136 -28.37 -98.21 -25.11
C GLY L 136 -29.88 -98.12 -25.04
N GLY L 137 -30.57 -98.39 -26.14
CA GLY L 137 -32.01 -98.41 -26.16
C GLY L 137 -32.68 -97.10 -26.51
N THR L 138 -31.91 -96.00 -26.55
CA THR L 138 -32.42 -94.71 -26.97
C THR L 138 -31.87 -94.36 -28.33
N ALA L 139 -32.71 -93.73 -29.15
CA ALA L 139 -32.34 -93.31 -30.49
C ALA L 139 -32.33 -91.79 -30.58
N ALA L 140 -31.46 -91.26 -31.43
CA ALA L 140 -31.35 -89.84 -31.67
C ALA L 140 -31.76 -89.50 -33.09
N LEU L 141 -32.54 -88.43 -33.23
CA LEU L 141 -32.94 -87.93 -34.54
C LEU L 141 -33.01 -86.41 -34.47
N GLY L 142 -33.00 -85.77 -35.62
CA GLY L 142 -33.03 -84.32 -35.63
C GLY L 142 -33.18 -83.74 -37.03
N CYS L 143 -33.01 -82.42 -37.10
CA CYS L 143 -33.17 -81.67 -38.34
C CYS L 143 -32.01 -80.70 -38.49
N LEU L 144 -31.42 -80.66 -39.68
CA LEU L 144 -30.35 -79.71 -40.01
C LEU L 144 -30.95 -78.50 -40.71
N VAL L 145 -30.78 -77.33 -40.10
CA VAL L 145 -31.32 -76.06 -40.61
C VAL L 145 -30.13 -75.26 -41.13
N LYS L 146 -29.94 -75.24 -42.45
CA LYS L 146 -28.71 -74.77 -43.06
C LYS L 146 -28.99 -73.65 -44.06
N ASP L 147 -28.06 -72.69 -44.12
CA ASP L 147 -27.99 -71.68 -45.16
C ASP L 147 -29.16 -70.70 -45.14
N TYR L 148 -29.30 -69.97 -44.04
CA TYR L 148 -30.29 -68.89 -43.95
C TYR L 148 -29.61 -67.62 -43.44
N PHE L 149 -30.31 -66.49 -43.63
CA PHE L 149 -29.83 -65.19 -43.20
C PHE L 149 -30.97 -64.18 -43.21
N PRO L 150 -31.09 -63.33 -42.18
CA PRO L 150 -30.26 -63.34 -40.98
C PRO L 150 -30.86 -64.19 -39.85
N GLU L 151 -30.40 -63.95 -38.63
CA GLU L 151 -30.97 -64.59 -37.46
C GLU L 151 -32.35 -64.01 -37.15
N PRO L 152 -33.21 -64.77 -36.46
CA PRO L 152 -33.07 -66.16 -36.01
C PRO L 152 -34.06 -67.12 -36.66
N VAL L 153 -33.94 -68.41 -36.35
CA VAL L 153 -34.96 -69.40 -36.67
C VAL L 153 -35.45 -70.04 -35.38
N THR L 154 -36.68 -70.55 -35.44
CA THR L 154 -37.28 -71.30 -34.34
C THR L 154 -37.55 -72.72 -34.80
N VAL L 155 -37.30 -73.68 -33.90
CA VAL L 155 -37.49 -75.10 -34.21
C VAL L 155 -38.34 -75.72 -33.10
N SER L 156 -39.48 -76.30 -33.48
CA SER L 156 -40.31 -77.07 -32.58
C SER L 156 -40.53 -78.46 -33.17
N TRP L 157 -40.91 -79.40 -32.31
CA TRP L 157 -41.10 -80.80 -32.70
C TRP L 157 -42.54 -81.22 -32.47
N ASN L 158 -43.15 -81.78 -33.53
CA ASN L 158 -44.53 -82.26 -33.49
C ASN L 158 -45.48 -81.16 -33.02
N SER L 159 -45.30 -79.97 -33.57
CA SER L 159 -46.15 -78.81 -33.29
C SER L 159 -46.20 -78.47 -31.81
N GLY L 160 -45.09 -78.70 -31.11
CA GLY L 160 -45.00 -78.41 -29.70
C GLY L 160 -45.31 -79.56 -28.77
N ALA L 161 -45.80 -80.69 -29.30
CA ALA L 161 -46.12 -81.85 -28.48
C ALA L 161 -44.89 -82.63 -28.03
N LEU L 162 -43.73 -82.39 -28.62
CA LEU L 162 -42.50 -83.08 -28.28
C LEU L 162 -41.46 -82.06 -27.84
N THR L 163 -41.15 -82.06 -26.54
CA THR L 163 -40.17 -81.14 -25.97
C THR L 163 -39.12 -81.80 -25.08
N SER L 164 -39.34 -83.02 -24.61
CA SER L 164 -38.36 -83.69 -23.76
C SER L 164 -37.23 -84.28 -24.60
N GLY L 165 -36.00 -84.05 -24.17
CA GLY L 165 -34.83 -84.56 -24.87
C GLY L 165 -34.43 -83.76 -26.08
N VAL L 166 -35.04 -82.61 -26.31
CA VAL L 166 -34.75 -81.78 -27.48
C VAL L 166 -33.61 -80.83 -27.16
N HIS L 167 -32.63 -80.75 -28.07
CA HIS L 167 -31.54 -79.79 -27.97
C HIS L 167 -31.46 -79.03 -29.29
N THR L 168 -31.71 -77.73 -29.24
CA THR L 168 -31.60 -76.86 -30.41
C THR L 168 -30.31 -76.06 -30.27
N PHE L 169 -29.34 -76.35 -31.14
CA PHE L 169 -28.00 -75.80 -31.01
C PHE L 169 -27.95 -74.36 -31.54
N PRO L 170 -27.05 -73.53 -31.00
CA PRO L 170 -26.88 -72.18 -31.55
C PRO L 170 -26.36 -72.21 -32.97
N ALA L 171 -26.75 -71.21 -33.75
CA ALA L 171 -26.32 -71.12 -35.13
C ALA L 171 -24.88 -70.64 -35.22
N VAL L 172 -24.21 -71.04 -36.29
CA VAL L 172 -22.85 -70.60 -36.60
C VAL L 172 -22.83 -69.95 -37.97
N LEU L 173 -22.03 -68.89 -38.11
CA LEU L 173 -21.86 -68.21 -39.38
C LEU L 173 -20.82 -68.95 -40.22
N GLN L 174 -21.27 -69.63 -41.27
CA GLN L 174 -20.36 -70.35 -42.14
C GLN L 174 -19.54 -69.37 -42.97
N SER L 175 -18.53 -69.90 -43.66
CA SER L 175 -17.73 -69.09 -44.57
C SER L 175 -18.53 -68.53 -45.73
N SER L 176 -19.74 -69.04 -45.96
CA SER L 176 -20.60 -68.54 -47.02
C SER L 176 -21.38 -67.29 -46.62
N GLY L 177 -21.25 -66.83 -45.38
CA GLY L 177 -22.04 -65.72 -44.90
C GLY L 177 -23.44 -66.09 -44.45
N LEU L 178 -23.80 -67.38 -44.50
CA LEU L 178 -25.12 -67.85 -44.11
C LEU L 178 -25.03 -68.65 -42.82
N TYR L 179 -26.12 -68.67 -42.06
CA TYR L 179 -26.17 -69.35 -40.79
C TYR L 179 -26.58 -70.81 -40.96
N SER L 180 -26.30 -71.60 -39.93
CA SER L 180 -26.66 -73.02 -39.93
C SER L 180 -26.64 -73.53 -38.50
N LEU L 181 -27.63 -74.36 -38.15
CA LEU L 181 -27.70 -74.95 -36.83
C LEU L 181 -28.37 -76.31 -36.92
N SER L 182 -28.19 -77.11 -35.87
CA SER L 182 -28.82 -78.41 -35.75
C SER L 182 -29.75 -78.43 -34.55
N SER L 183 -30.85 -79.17 -34.69
CA SER L 183 -31.76 -79.45 -33.59
C SER L 183 -31.94 -80.96 -33.49
N VAL L 184 -31.70 -81.52 -32.30
CA VAL L 184 -31.72 -82.95 -32.11
C VAL L 184 -32.68 -83.29 -30.97
N VAL L 185 -33.13 -84.54 -30.95
CA VAL L 185 -34.01 -85.04 -29.89
C VAL L 185 -33.69 -86.51 -29.66
N THR L 186 -33.66 -86.89 -28.39
CA THR L 186 -33.45 -88.29 -28.01
C THR L 186 -34.80 -88.91 -27.64
N VAL L 187 -35.06 -90.09 -28.19
CA VAL L 187 -36.34 -90.78 -28.01
C VAL L 187 -36.06 -92.26 -27.80
N PRO L 188 -37.05 -92.99 -27.28
CA PRO L 188 -36.90 -94.45 -27.18
C PRO L 188 -36.80 -95.06 -28.57
N SER L 189 -35.85 -95.99 -28.72
CA SER L 189 -35.66 -96.66 -30.01
C SER L 189 -36.87 -97.51 -30.37
N SER L 190 -37.59 -98.03 -29.37
CA SER L 190 -38.76 -98.86 -29.62
C SER L 190 -39.89 -98.08 -30.28
N SER L 191 -39.88 -96.75 -30.21
CA SER L 191 -40.92 -95.91 -30.77
C SER L 191 -40.58 -95.36 -32.14
N LEU L 192 -39.43 -95.73 -32.71
CA LEU L 192 -39.03 -95.17 -34.00
C LEU L 192 -40.00 -95.58 -35.10
N GLY L 193 -40.54 -96.79 -35.04
CA GLY L 193 -41.46 -97.29 -36.02
C GLY L 193 -42.91 -97.02 -35.74
N THR L 194 -43.22 -96.42 -34.59
CA THR L 194 -44.61 -96.17 -34.19
C THR L 194 -44.95 -94.69 -34.10
N GLN L 195 -44.03 -93.87 -33.60
CA GLN L 195 -44.28 -92.45 -33.38
C GLN L 195 -43.76 -91.64 -34.55
N THR L 196 -44.58 -90.74 -35.05
CA THR L 196 -44.16 -89.83 -36.12
C THR L 196 -43.46 -88.63 -35.51
N TYR L 197 -42.29 -88.29 -36.06
CA TYR L 197 -41.47 -87.19 -35.56
C TYR L 197 -41.34 -86.15 -36.66
N ILE L 198 -41.78 -84.93 -36.35
CA ILE L 198 -41.81 -83.83 -37.32
C ILE L 198 -41.18 -82.61 -36.66
N CYS L 199 -40.26 -81.97 -37.38
CA CYS L 199 -39.61 -80.75 -36.91
C CYS L 199 -40.22 -79.56 -37.64
N ASN L 200 -40.63 -78.55 -36.88
CA ASN L 200 -41.28 -77.36 -37.41
C ASN L 200 -40.29 -76.20 -37.37
N VAL L 201 -39.86 -75.76 -38.54
CA VAL L 201 -38.87 -74.69 -38.67
C VAL L 201 -39.57 -73.43 -39.16
N ASN L 202 -39.33 -72.32 -38.46
CA ASN L 202 -39.94 -71.04 -38.80
C ASN L 202 -38.84 -69.99 -38.92
N HIS L 203 -38.85 -69.26 -40.05
CA HIS L 203 -37.91 -68.17 -40.31
C HIS L 203 -38.73 -66.97 -40.78
N LYS L 204 -39.08 -66.09 -39.85
CA LYS L 204 -39.94 -64.94 -40.10
C LYS L 204 -39.33 -63.89 -41.03
N PRO L 205 -38.01 -63.64 -41.03
CA PRO L 205 -37.47 -62.66 -41.98
C PRO L 205 -37.78 -62.98 -43.43
N SER L 206 -37.74 -64.26 -43.81
CA SER L 206 -38.07 -64.68 -45.15
C SER L 206 -39.51 -65.20 -45.27
N ASN L 207 -40.25 -65.20 -44.16
CA ASN L 207 -41.62 -65.71 -44.09
C ASN L 207 -41.66 -67.15 -44.61
N THR L 208 -40.87 -68.01 -43.98
CA THR L 208 -40.70 -69.39 -44.39
C THR L 208 -41.08 -70.32 -43.24
N LYS L 209 -42.05 -71.19 -43.49
CA LYS L 209 -42.44 -72.24 -42.54
C LYS L 209 -42.28 -73.59 -43.24
N VAL L 210 -41.57 -74.51 -42.58
CA VAL L 210 -41.28 -75.82 -43.15
C VAL L 210 -41.49 -76.89 -42.09
N ASP L 211 -42.25 -77.93 -42.44
CA ASP L 211 -42.37 -79.13 -41.63
C ASP L 211 -41.68 -80.27 -42.37
N LYS L 212 -40.67 -80.86 -41.74
CA LYS L 212 -39.93 -81.98 -42.31
C LYS L 212 -40.14 -83.21 -41.44
N ARG L 213 -40.67 -84.28 -42.03
CA ARG L 213 -40.85 -85.54 -41.32
C ARG L 213 -39.51 -86.29 -41.26
N VAL L 214 -39.15 -86.73 -40.07
CA VAL L 214 -37.90 -87.47 -39.86
C VAL L 214 -38.26 -88.93 -39.75
N GLU L 215 -37.82 -89.73 -40.72
CA GLU L 215 -38.13 -91.15 -40.78
C GLU L 215 -36.86 -91.98 -40.76
N PRO L 216 -36.93 -93.21 -40.26
CA PRO L 216 -35.76 -94.09 -40.28
C PRO L 216 -35.27 -94.37 -41.69
N LYS L 217 -33.98 -94.68 -41.80
CA LYS L 217 -33.35 -94.95 -43.09
C LYS L 217 -33.70 -96.34 -43.59
N ALA M 1 -0.74 -50.75 -23.02
CA ALA M 1 -1.87 -50.34 -22.20
C ALA M 1 -2.16 -51.36 -21.10
N ILE M 2 -3.10 -51.01 -20.21
CA ILE M 2 -3.43 -51.89 -19.10
C ILE M 2 -4.21 -53.09 -19.60
N ARG M 3 -3.89 -54.28 -19.08
CA ARG M 3 -4.54 -55.52 -19.45
C ARG M 3 -5.11 -56.18 -18.20
N MET M 4 -6.39 -56.50 -18.24
CA MET M 4 -7.10 -57.10 -17.11
C MET M 4 -7.37 -58.56 -17.43
N THR M 5 -6.79 -59.46 -16.64
CA THR M 5 -6.92 -60.89 -16.83
C THR M 5 -7.68 -61.50 -15.65
N GLN M 6 -8.75 -62.22 -15.94
CA GLN M 6 -9.54 -62.88 -14.92
C GLN M 6 -9.19 -64.36 -14.84
N SER M 7 -9.25 -64.91 -13.62
CA SER M 7 -8.92 -66.31 -13.40
C SER M 7 -9.77 -66.84 -12.26
N PRO M 8 -10.29 -68.07 -12.37
CA PRO M 8 -10.13 -68.92 -13.54
C PRO M 8 -11.15 -68.59 -14.63
N GLY M 9 -11.05 -69.25 -15.78
CA GLY M 9 -11.99 -69.01 -16.85
C GLY M 9 -13.38 -69.54 -16.57
N THR M 10 -13.47 -70.68 -15.87
CA THR M 10 -14.76 -71.27 -15.55
C THR M 10 -14.70 -71.78 -14.11
N LEU M 11 -15.60 -71.28 -13.27
CA LEU M 11 -15.75 -71.71 -11.88
C LEU M 11 -16.98 -72.59 -11.77
N SER M 12 -16.79 -73.84 -11.37
CA SER M 12 -17.86 -74.83 -11.33
C SER M 12 -18.18 -75.11 -9.86
N LEU M 13 -19.31 -74.58 -9.40
CA LEU M 13 -19.71 -74.66 -8.01
C LEU M 13 -21.17 -75.06 -7.90
N SER M 14 -21.55 -75.50 -6.71
CA SER M 14 -22.93 -75.82 -6.37
C SER M 14 -23.57 -74.68 -5.61
N PRO M 15 -24.90 -74.57 -5.63
CA PRO M 15 -25.58 -73.55 -4.82
C PRO M 15 -25.26 -73.72 -3.34
N GLY M 16 -25.01 -72.60 -2.67
CA GLY M 16 -24.59 -72.60 -1.28
C GLY M 16 -23.10 -72.53 -1.07
N GLU M 17 -22.31 -72.69 -2.12
CA GLU M 17 -20.86 -72.61 -1.98
C GLU M 17 -20.39 -71.16 -1.98
N ARG M 18 -19.14 -70.96 -1.58
CA ARG M 18 -18.51 -69.65 -1.60
C ARG M 18 -17.72 -69.49 -2.89
N ALA M 19 -17.93 -68.38 -3.57
CA ALA M 19 -17.27 -68.10 -4.85
C ALA M 19 -16.21 -67.02 -4.65
N THR M 20 -15.02 -67.26 -5.22
CA THR M 20 -13.91 -66.32 -5.17
C THR M 20 -13.41 -66.09 -6.59
N LEU M 21 -13.60 -64.88 -7.10
CA LEU M 21 -13.19 -64.52 -8.44
C LEU M 21 -11.97 -63.59 -8.38
N SER M 22 -11.08 -63.75 -9.34
CA SER M 22 -9.81 -63.02 -9.35
C SER M 22 -9.74 -62.11 -10.57
N CYS M 23 -9.07 -60.97 -10.37
CA CYS M 23 -8.82 -60.01 -11.45
C CYS M 23 -7.41 -59.47 -11.25
N ARG M 24 -6.51 -59.81 -12.18
CA ARG M 24 -5.10 -59.44 -12.07
C ARG M 24 -4.75 -58.40 -13.12
N ALA M 25 -3.93 -57.43 -12.72
CA ALA M 25 -3.60 -56.28 -13.54
C ALA M 25 -2.14 -56.32 -13.98
N SER M 26 -1.88 -55.85 -15.20
CA SER M 26 -0.51 -55.77 -15.69
C SER M 26 0.30 -54.71 -14.95
N GLN M 27 -0.36 -53.69 -14.40
CA GLN M 27 0.29 -52.63 -13.66
C GLN M 27 -0.34 -52.50 -12.28
N SER M 28 0.34 -51.78 -11.40
CA SER M 28 -0.26 -51.40 -10.14
C SER M 28 -1.39 -50.41 -10.39
N ILE M 29 -2.50 -50.60 -9.70
CA ILE M 29 -3.72 -49.85 -9.98
C ILE M 29 -4.27 -49.30 -8.67
N SER M 30 -4.68 -48.03 -8.69
CA SER M 30 -5.38 -47.45 -7.57
C SER M 30 -6.69 -48.17 -7.33
N SER M 31 -6.89 -48.65 -6.10
CA SER M 31 -8.08 -49.42 -5.77
C SER M 31 -9.37 -48.62 -5.93
N SER M 32 -9.28 -47.30 -6.07
CA SER M 32 -10.47 -46.47 -6.25
C SER M 32 -11.12 -46.67 -7.62
N PHE M 33 -10.44 -47.32 -8.56
CA PHE M 33 -10.88 -47.40 -9.94
C PHE M 33 -10.93 -48.83 -10.44
N LEU M 34 -11.62 -49.70 -9.69
CA LEU M 34 -11.85 -51.07 -10.14
C LEU M 34 -13.30 -51.43 -9.87
N ALA M 35 -13.96 -52.03 -10.87
CA ALA M 35 -15.36 -52.36 -10.79
C ALA M 35 -15.59 -53.84 -11.09
N TRP M 36 -16.74 -54.34 -10.67
CA TRP M 36 -17.17 -55.70 -10.96
C TRP M 36 -18.59 -55.66 -11.52
N TYR M 37 -18.88 -56.61 -12.41
CA TYR M 37 -20.18 -56.66 -13.08
C TYR M 37 -20.72 -58.08 -13.08
N GLN M 38 -22.04 -58.18 -13.18
CA GLN M 38 -22.72 -59.43 -13.50
C GLN M 38 -23.45 -59.26 -14.83
N GLN M 39 -23.23 -60.20 -15.75
CA GLN M 39 -23.98 -60.22 -16.99
C GLN M 39 -24.59 -61.59 -17.19
N LYS M 40 -25.88 -61.62 -17.39
CA LYS M 40 -26.68 -62.78 -17.71
C LYS M 40 -26.99 -62.82 -19.20
N PRO M 41 -27.18 -64.00 -19.79
CA PRO M 41 -27.37 -64.08 -21.24
C PRO M 41 -28.53 -63.23 -21.71
N GLY M 42 -28.28 -62.44 -22.76
CA GLY M 42 -29.28 -61.55 -23.32
C GLY M 42 -29.54 -60.28 -22.53
N GLN M 43 -28.78 -60.04 -21.45
CA GLN M 43 -28.98 -58.86 -20.62
C GLN M 43 -27.76 -57.96 -20.67
N ALA M 44 -27.99 -56.68 -20.35
CA ALA M 44 -26.88 -55.75 -20.20
C ALA M 44 -26.12 -56.05 -18.91
N PRO M 45 -24.83 -55.72 -18.86
CA PRO M 45 -24.07 -55.92 -17.62
C PRO M 45 -24.63 -55.08 -16.49
N ARG M 46 -24.87 -55.72 -15.35
CA ARG M 46 -25.44 -55.07 -14.18
C ARG M 46 -24.31 -54.76 -13.19
N LEU M 47 -24.18 -53.49 -12.84
CA LEU M 47 -23.08 -53.05 -11.97
C LEU M 47 -23.24 -53.63 -10.57
N LEU M 48 -22.19 -54.30 -10.10
CA LEU M 48 -22.15 -54.86 -8.75
C LEU M 48 -21.32 -54.01 -7.80
N ILE M 49 -20.04 -53.82 -8.10
CA ILE M 49 -19.08 -53.20 -7.20
C ILE M 49 -18.38 -52.04 -7.90
N TYR M 50 -18.16 -50.95 -7.18
CA TYR M 50 -17.36 -49.84 -7.66
C TYR M 50 -16.37 -49.46 -6.58
N GLY M 51 -15.21 -48.95 -7.00
CA GLY M 51 -14.17 -48.62 -6.04
C GLY M 51 -13.65 -49.82 -5.29
N ALA M 52 -13.56 -50.97 -5.97
CA ALA M 52 -12.99 -52.21 -5.46
C ALA M 52 -13.84 -52.86 -4.36
N SER M 53 -14.54 -52.07 -3.54
CA SER M 53 -15.20 -52.65 -2.37
C SER M 53 -16.57 -52.07 -2.05
N SER M 54 -17.12 -51.18 -2.86
CA SER M 54 -18.41 -50.55 -2.57
C SER M 54 -19.51 -51.21 -3.38
N ARG M 55 -20.62 -51.51 -2.72
CA ARG M 55 -21.76 -52.15 -3.38
C ARG M 55 -22.71 -51.10 -3.94
N ALA M 56 -23.13 -51.29 -5.20
CA ALA M 56 -24.11 -50.42 -5.80
C ALA M 56 -25.49 -50.64 -5.16
N THR M 57 -26.42 -49.76 -5.49
CA THR M 57 -27.76 -49.81 -4.91
C THR M 57 -28.49 -51.08 -5.37
N GLY M 58 -28.92 -51.89 -4.41
CA GLY M 58 -29.71 -53.08 -4.68
C GLY M 58 -28.94 -54.38 -4.62
N ILE M 59 -27.62 -54.34 -4.59
CA ILE M 59 -26.82 -55.57 -4.60
C ILE M 59 -26.87 -56.18 -3.20
N PRO M 60 -27.16 -57.48 -3.07
CA PRO M 60 -27.19 -58.10 -1.74
C PRO M 60 -25.82 -58.05 -1.08
N ASP M 61 -25.84 -58.17 0.25
CA ASP M 61 -24.61 -58.05 1.03
C ASP M 61 -23.74 -59.31 0.97
N ARG M 62 -24.19 -60.35 0.26
CA ARG M 62 -23.34 -61.51 0.03
C ARG M 62 -22.25 -61.21 -0.99
N PHE M 63 -22.31 -60.08 -1.68
CA PHE M 63 -21.27 -59.65 -2.59
C PHE M 63 -20.30 -58.72 -1.86
N SER M 64 -19.02 -59.04 -1.91
CA SER M 64 -17.99 -58.21 -1.30
C SER M 64 -16.75 -58.20 -2.17
N GLY M 65 -16.18 -57.01 -2.38
CA GLY M 65 -14.98 -56.85 -3.17
C GLY M 65 -13.81 -56.40 -2.30
N SER M 66 -12.60 -56.76 -2.72
CA SER M 66 -11.40 -56.36 -2.01
C SER M 66 -10.24 -56.29 -3.00
N GLY M 67 -9.08 -55.90 -2.48
CA GLY M 67 -7.85 -55.89 -3.26
C GLY M 67 -7.26 -54.51 -3.40
N SER M 68 -6.01 -54.48 -3.83
CA SER M 68 -5.26 -53.25 -4.04
C SER M 68 -4.00 -53.60 -4.82
N GLY M 69 -3.45 -52.58 -5.49
CA GLY M 69 -2.27 -52.78 -6.31
C GLY M 69 -2.56 -53.50 -7.61
N THR M 70 -2.23 -54.79 -7.67
CA THR M 70 -2.40 -55.58 -8.89
C THR M 70 -3.41 -56.71 -8.75
N ASP M 71 -3.82 -57.06 -7.53
CA ASP M 71 -4.73 -58.17 -7.29
C ASP M 71 -6.02 -57.66 -6.69
N PHE M 72 -7.14 -58.03 -7.30
CA PHE M 72 -8.45 -57.68 -6.81
C PHE M 72 -9.31 -58.94 -6.74
N THR M 73 -10.28 -58.93 -5.83
CA THR M 73 -11.06 -60.13 -5.55
C THR M 73 -12.52 -59.76 -5.34
N LEU M 74 -13.41 -60.52 -5.99
CA LEU M 74 -14.84 -60.47 -5.74
C LEU M 74 -15.24 -61.75 -5.03
N THR M 75 -15.87 -61.62 -3.87
CA THR M 75 -16.24 -62.77 -3.06
C THR M 75 -17.76 -62.85 -2.94
N ILE M 76 -18.31 -64.01 -3.25
CA ILE M 76 -19.73 -64.30 -3.06
C ILE M 76 -19.83 -65.30 -1.92
N SER M 77 -20.39 -64.86 -0.79
CA SER M 77 -20.36 -65.68 0.41
C SER M 77 -21.25 -66.91 0.28
N ARG M 78 -22.40 -66.77 -0.40
CA ARG M 78 -23.33 -67.87 -0.58
C ARG M 78 -23.97 -67.81 -1.95
N LEU M 79 -23.69 -68.82 -2.78
CA LEU M 79 -24.28 -68.87 -4.11
C LEU M 79 -25.78 -69.17 -4.02
N GLU M 80 -26.58 -68.24 -4.49
CA GLU M 80 -27.99 -68.46 -4.74
C GLU M 80 -28.20 -68.81 -6.21
N PRO M 81 -29.33 -69.42 -6.56
CA PRO M 81 -29.53 -69.83 -7.96
C PRO M 81 -29.50 -68.66 -8.94
N GLU M 82 -29.88 -67.45 -8.51
CA GLU M 82 -29.86 -66.30 -9.39
C GLU M 82 -28.47 -65.77 -9.67
N ASP M 83 -27.45 -66.21 -8.92
CA ASP M 83 -26.12 -65.63 -9.01
C ASP M 83 -25.23 -66.27 -10.08
N PHE M 84 -25.59 -67.42 -10.61
CA PHE M 84 -24.78 -68.06 -11.64
C PHE M 84 -24.91 -67.27 -12.95
N ALA M 85 -23.81 -66.68 -13.41
CA ALA M 85 -23.80 -65.80 -14.56
C ALA M 85 -22.35 -65.54 -14.96
N VAL M 86 -22.15 -64.51 -15.78
CA VAL M 86 -20.83 -64.10 -16.24
C VAL M 86 -20.44 -62.82 -15.53
N TYR M 87 -19.20 -62.75 -15.06
CA TYR M 87 -18.71 -61.60 -14.31
C TYR M 87 -17.46 -61.04 -14.96
N TYR M 88 -17.46 -59.72 -15.20
CA TYR M 88 -16.31 -59.00 -15.71
C TYR M 88 -15.80 -58.02 -14.66
N CYS M 89 -14.48 -57.79 -14.67
CA CYS M 89 -13.89 -56.68 -13.93
C CYS M 89 -13.45 -55.60 -14.92
N GLN M 90 -13.31 -54.38 -14.41
CA GLN M 90 -13.12 -53.22 -15.27
C GLN M 90 -12.12 -52.26 -14.65
N GLN M 91 -11.22 -51.75 -15.49
CA GLN M 91 -10.26 -50.72 -15.07
C GLN M 91 -10.72 -49.35 -15.55
N TYR M 92 -11.81 -48.89 -14.95
CA TYR M 92 -12.40 -47.61 -15.29
C TYR M 92 -11.69 -46.48 -14.54
N GLY M 93 -12.25 -45.29 -14.59
CA GLY M 93 -11.88 -44.21 -13.69
C GLY M 93 -10.67 -43.38 -14.10
N THR M 94 -9.61 -44.04 -14.56
CA THR M 94 -8.39 -43.33 -14.93
C THR M 94 -8.58 -42.52 -16.21
N SER M 95 -8.53 -43.20 -17.36
CA SER M 95 -8.72 -42.58 -18.65
C SER M 95 -10.15 -42.80 -19.14
N PRO M 96 -10.59 -42.05 -20.16
CA PRO M 96 -11.93 -42.32 -20.73
C PRO M 96 -12.13 -43.76 -21.16
N ARG M 97 -11.10 -44.37 -21.75
CA ARG M 97 -11.18 -45.76 -22.17
C ARG M 97 -11.56 -46.66 -20.98
N LEU M 98 -12.41 -47.63 -21.26
CA LEU M 98 -12.94 -48.54 -20.24
C LEU M 98 -12.39 -49.94 -20.52
N THR M 99 -11.20 -50.22 -20.01
CA THR M 99 -10.61 -51.54 -20.15
C THR M 99 -11.40 -52.55 -19.34
N PHE M 100 -11.66 -53.71 -19.94
CA PHE M 100 -12.48 -54.74 -19.32
C PHE M 100 -11.69 -56.04 -19.14
N GLY M 101 -12.15 -56.86 -18.19
CA GLY M 101 -11.58 -58.17 -17.97
C GLY M 101 -12.08 -59.19 -18.97
N GLY M 102 -11.39 -60.35 -18.99
CA GLY M 102 -11.72 -61.38 -19.95
C GLY M 102 -12.97 -62.16 -19.65
N GLY M 103 -13.40 -62.17 -18.39
CA GLY M 103 -14.66 -62.81 -18.02
C GLY M 103 -14.43 -64.12 -17.28
N THR M 104 -15.22 -64.33 -16.21
CA THR M 104 -15.23 -65.58 -15.47
C THR M 104 -16.67 -66.07 -15.37
N LYS M 105 -16.92 -67.29 -15.86
CA LYS M 105 -18.26 -67.88 -15.86
C LYS M 105 -18.39 -68.82 -14.67
N VAL M 106 -19.42 -68.59 -13.85
CA VAL M 106 -19.73 -69.45 -12.71
C VAL M 106 -20.94 -70.29 -13.09
N ASP M 107 -20.73 -71.60 -13.25
CA ASP M 107 -21.79 -72.54 -13.63
C ASP M 107 -21.97 -73.59 -12.54
N ILE M 108 -23.03 -74.39 -12.70
CA ILE M 108 -23.38 -75.42 -11.72
C ILE M 108 -22.43 -76.61 -11.88
N LYS M 109 -22.37 -77.45 -10.85
CA LYS M 109 -21.50 -78.62 -10.81
C LYS M 109 -22.37 -79.87 -10.72
N ARG M 110 -21.75 -81.02 -11.01
CA ARG M 110 -22.48 -82.26 -11.28
C ARG M 110 -21.50 -83.43 -11.27
N THR M 111 -22.06 -84.63 -11.14
CA THR M 111 -21.29 -85.84 -11.33
C THR M 111 -20.92 -85.99 -12.80
N VAL M 112 -19.85 -86.74 -13.05
CA VAL M 112 -19.36 -86.92 -14.42
C VAL M 112 -20.36 -87.76 -15.20
N ALA M 113 -20.78 -87.23 -16.35
CA ALA M 113 -21.75 -87.89 -17.22
C ALA M 113 -21.10 -88.11 -18.59
N ALA M 114 -21.01 -89.37 -19.00
CA ALA M 114 -20.44 -89.68 -20.31
C ALA M 114 -21.40 -89.25 -21.42
N PRO M 115 -20.87 -88.84 -22.56
CA PRO M 115 -21.74 -88.41 -23.66
C PRO M 115 -22.33 -89.58 -24.42
N SER M 116 -23.55 -89.38 -24.92
CA SER M 116 -24.17 -90.30 -25.86
C SER M 116 -23.83 -89.81 -27.27
N VAL M 117 -23.17 -90.67 -28.04
CA VAL M 117 -22.57 -90.30 -29.32
C VAL M 117 -23.43 -90.83 -30.45
N PHE M 118 -23.72 -89.98 -31.44
CA PHE M 118 -24.45 -90.36 -32.63
C PHE M 118 -23.82 -89.66 -33.82
N ILE M 119 -23.76 -90.35 -34.95
CA ILE M 119 -23.25 -89.78 -36.19
C ILE M 119 -24.35 -89.88 -37.24
N PHE M 120 -24.52 -88.82 -38.02
CA PHE M 120 -25.60 -88.74 -38.99
C PHE M 120 -25.04 -88.52 -40.39
N PRO M 121 -25.30 -89.43 -41.33
CA PRO M 121 -24.87 -89.21 -42.71
C PRO M 121 -25.65 -88.09 -43.37
N PRO M 122 -25.12 -87.49 -44.43
CA PRO M 122 -25.89 -86.48 -45.16
C PRO M 122 -27.08 -87.11 -45.89
N SER M 123 -28.14 -86.32 -46.00
CA SER M 123 -29.37 -86.79 -46.63
C SER M 123 -29.22 -86.84 -48.14
N ASP M 124 -29.97 -87.75 -48.76
CA ASP M 124 -29.94 -87.87 -50.22
C ASP M 124 -30.45 -86.61 -50.90
N GLU M 125 -31.31 -85.84 -50.21
CA GLU M 125 -31.81 -84.61 -50.79
C GLU M 125 -30.75 -83.51 -50.79
N GLN M 126 -29.89 -83.48 -49.77
CA GLN M 126 -28.80 -82.50 -49.76
C GLN M 126 -27.73 -82.85 -50.79
N LEU M 127 -27.47 -84.15 -50.99
CA LEU M 127 -26.49 -84.55 -52.01
C LEU M 127 -26.94 -84.18 -53.41
N LYS M 128 -28.24 -83.99 -53.64
CA LYS M 128 -28.69 -83.49 -54.93
C LYS M 128 -28.17 -82.08 -55.22
N SER M 129 -27.87 -81.33 -54.17
CA SER M 129 -27.44 -79.94 -54.31
C SER M 129 -25.93 -79.76 -54.24
N GLY M 130 -25.16 -80.85 -54.10
CA GLY M 130 -23.72 -80.79 -54.20
C GLY M 130 -22.97 -80.71 -52.88
N THR M 131 -23.67 -80.51 -51.76
CA THR M 131 -23.02 -80.39 -50.47
C THR M 131 -23.39 -81.58 -49.60
N ALA M 132 -22.45 -81.99 -48.75
CA ALA M 132 -22.65 -83.08 -47.80
C ALA M 132 -22.18 -82.64 -46.43
N SER M 133 -23.10 -82.56 -45.47
CA SER M 133 -22.79 -82.22 -44.09
C SER M 133 -23.00 -83.45 -43.22
N VAL M 134 -21.92 -83.90 -42.57
CA VAL M 134 -21.99 -85.01 -41.62
C VAL M 134 -22.05 -84.43 -40.22
N VAL M 135 -22.98 -84.92 -39.40
CA VAL M 135 -23.28 -84.36 -38.10
C VAL M 135 -22.96 -85.40 -37.04
N CYS M 136 -22.24 -85.00 -36.00
CA CYS M 136 -21.86 -85.85 -34.89
C CYS M 136 -22.44 -85.24 -33.61
N LEU M 137 -23.28 -86.01 -32.92
CA LEU M 137 -23.99 -85.49 -31.75
C LEU M 137 -23.38 -86.06 -30.48
N LEU M 138 -23.07 -85.17 -29.54
CA LEU M 138 -22.68 -85.53 -28.18
C LEU M 138 -23.80 -85.08 -27.25
N ASN M 139 -24.48 -86.03 -26.62
CA ASN M 139 -25.73 -85.76 -25.93
C ASN M 139 -25.55 -85.95 -24.42
N ASN M 140 -25.83 -84.88 -23.67
CA ASN M 140 -26.00 -84.92 -22.22
C ASN M 140 -24.75 -85.47 -21.53
N PHE M 141 -23.69 -84.66 -21.57
CA PHE M 141 -22.44 -84.98 -20.92
C PHE M 141 -22.03 -83.88 -19.94
N TYR M 142 -21.11 -84.23 -19.04
CA TYR M 142 -20.53 -83.29 -18.11
C TYR M 142 -19.24 -83.89 -17.59
N PRO M 143 -18.16 -83.11 -17.44
CA PRO M 143 -18.04 -81.67 -17.70
C PRO M 143 -18.02 -81.30 -19.18
N ARG M 144 -17.81 -80.01 -19.46
CA ARG M 144 -17.94 -79.51 -20.82
C ARG M 144 -16.77 -79.90 -21.71
N GLU M 145 -15.60 -80.12 -21.12
CA GLU M 145 -14.40 -80.40 -21.92
C GLU M 145 -14.58 -81.68 -22.72
N ALA M 146 -14.60 -81.54 -24.04
CA ALA M 146 -14.81 -82.68 -24.93
C ALA M 146 -14.04 -82.47 -26.22
N LYS M 147 -13.52 -83.57 -26.77
CA LYS M 147 -12.72 -83.55 -27.98
C LYS M 147 -13.45 -84.32 -29.08
N VAL M 148 -13.60 -83.70 -30.25
CA VAL M 148 -14.27 -84.32 -31.38
C VAL M 148 -13.36 -84.21 -32.60
N GLN M 149 -12.95 -85.36 -33.14
CA GLN M 149 -12.07 -85.42 -34.31
C GLN M 149 -12.76 -86.21 -35.42
N TRP M 150 -12.69 -85.68 -36.63
CA TRP M 150 -13.28 -86.34 -37.79
C TRP M 150 -12.20 -87.13 -38.53
N LYS M 151 -12.47 -88.39 -38.81
CA LYS M 151 -11.59 -89.24 -39.60
C LYS M 151 -12.34 -89.72 -40.83
N VAL M 152 -11.78 -89.46 -42.01
CA VAL M 152 -12.34 -89.87 -43.28
C VAL M 152 -11.36 -90.87 -43.91
N ASP M 153 -11.74 -92.14 -43.94
CA ASP M 153 -10.84 -93.23 -44.33
C ASP M 153 -9.57 -93.21 -43.48
N ASN M 154 -9.77 -93.10 -42.16
CA ASN M 154 -8.70 -93.08 -41.17
C ASN M 154 -7.75 -91.90 -41.37
N ALA M 155 -8.20 -90.84 -42.05
CA ALA M 155 -7.41 -89.64 -42.25
C ALA M 155 -8.01 -88.51 -41.42
N LEU M 156 -7.17 -87.89 -40.60
CA LEU M 156 -7.65 -86.86 -39.69
C LEU M 156 -8.01 -85.59 -40.46
N GLN M 157 -9.22 -85.12 -40.28
CA GLN M 157 -9.69 -83.90 -40.94
C GLN M 157 -9.37 -82.68 -40.08
N SER M 158 -9.13 -81.56 -40.75
CA SER M 158 -8.88 -80.30 -40.07
C SER M 158 -9.28 -79.15 -40.99
N GLY M 159 -9.98 -78.17 -40.41
CA GLY M 159 -10.38 -76.99 -41.15
C GLY M 159 -11.70 -77.12 -41.88
N ASN M 160 -12.41 -78.25 -41.72
CA ASN M 160 -13.69 -78.46 -42.40
C ASN M 160 -14.78 -78.85 -41.41
N SER M 161 -14.62 -78.55 -40.13
CA SER M 161 -15.60 -78.89 -39.12
C SER M 161 -15.88 -77.70 -38.21
N GLN M 162 -17.13 -77.58 -37.78
CA GLN M 162 -17.56 -76.55 -36.85
C GLN M 162 -18.38 -77.18 -35.74
N GLU M 163 -18.19 -76.67 -34.53
CA GLU M 163 -18.87 -77.18 -33.34
C GLU M 163 -19.86 -76.16 -32.81
N SER M 164 -20.97 -76.65 -32.28
CA SER M 164 -21.92 -75.85 -31.52
C SER M 164 -22.23 -76.55 -30.21
N VAL M 165 -22.30 -75.77 -29.13
CA VAL M 165 -22.53 -76.31 -27.79
C VAL M 165 -23.73 -75.61 -27.18
N THR M 166 -24.61 -76.39 -26.54
CA THR M 166 -25.76 -75.83 -25.86
C THR M 166 -25.35 -75.25 -24.51
N GLU M 167 -26.21 -74.39 -23.98
CA GLU M 167 -26.02 -73.92 -22.62
C GLU M 167 -26.31 -75.04 -21.63
N GLN M 168 -25.74 -74.92 -20.44
CA GLN M 168 -25.94 -75.94 -19.41
C GLN M 168 -27.44 -76.09 -19.11
N ASP M 169 -27.95 -77.31 -19.27
CA ASP M 169 -29.37 -77.55 -19.16
C ASP M 169 -29.85 -77.32 -17.73
N SER M 170 -31.02 -76.67 -17.61
CA SER M 170 -31.57 -76.34 -16.31
C SER M 170 -32.01 -77.56 -15.51
N LYS M 171 -32.30 -78.69 -16.18
CA LYS M 171 -32.91 -79.84 -15.53
C LYS M 171 -31.89 -80.88 -15.06
N ASP M 172 -30.82 -81.12 -15.82
CA ASP M 172 -29.81 -82.08 -15.40
C ASP M 172 -28.39 -81.52 -15.40
N SER M 173 -28.20 -80.25 -15.73
CA SER M 173 -26.90 -79.58 -15.64
C SER M 173 -25.87 -80.18 -16.60
N THR M 174 -26.34 -80.78 -17.69
CA THR M 174 -25.46 -81.37 -18.68
C THR M 174 -25.34 -80.47 -19.91
N TYR M 175 -24.34 -80.77 -20.73
CA TYR M 175 -24.10 -80.06 -21.99
C TYR M 175 -24.34 -81.00 -23.17
N SER M 176 -24.58 -80.39 -24.33
CA SER M 176 -24.70 -81.11 -25.59
C SER M 176 -23.91 -80.38 -26.66
N LEU M 177 -23.41 -81.15 -27.64
CA LEU M 177 -22.50 -80.61 -28.64
C LEU M 177 -22.79 -81.24 -29.99
N SER M 178 -22.72 -80.44 -31.05
CA SER M 178 -22.90 -80.90 -32.41
C SER M 178 -21.69 -80.48 -33.24
N SER M 179 -20.98 -81.46 -33.80
CA SER M 179 -19.87 -81.22 -34.71
C SER M 179 -20.32 -81.53 -36.12
N THR M 180 -20.10 -80.59 -37.04
CA THR M 180 -20.56 -80.70 -38.42
C THR M 180 -19.37 -80.70 -39.37
N LEU M 181 -19.19 -81.80 -40.09
CA LEU M 181 -18.16 -81.93 -41.12
C LEU M 181 -18.76 -81.57 -42.46
N THR M 182 -18.15 -80.60 -43.16
CA THR M 182 -18.68 -80.09 -44.41
C THR M 182 -17.73 -80.44 -45.55
N LEU M 183 -18.17 -81.32 -46.44
CA LEU M 183 -17.43 -81.68 -47.63
C LEU M 183 -18.28 -81.46 -48.87
N SER M 184 -17.62 -81.31 -50.02
CA SER M 184 -18.32 -81.30 -51.28
C SER M 184 -18.85 -82.69 -51.61
N LYS M 185 -19.84 -82.75 -52.49
CA LYS M 185 -20.36 -84.05 -52.94
C LYS M 185 -19.28 -84.88 -53.60
N ALA M 186 -18.41 -84.23 -54.39
CA ALA M 186 -17.32 -84.95 -55.04
C ALA M 186 -16.37 -85.55 -54.01
N ASP M 187 -15.95 -84.75 -53.03
CA ASP M 187 -15.06 -85.25 -51.98
C ASP M 187 -15.75 -86.33 -51.14
N TYR M 188 -17.06 -86.18 -50.91
CA TYR M 188 -17.78 -87.14 -50.09
C TYR M 188 -17.83 -88.52 -50.75
N GLU M 189 -18.00 -88.55 -52.07
CA GLU M 189 -18.10 -89.81 -52.79
C GLU M 189 -16.75 -90.38 -53.21
N LYS M 190 -15.65 -89.73 -52.83
CA LYS M 190 -14.32 -90.30 -53.04
C LYS M 190 -13.92 -91.30 -51.97
N HIS M 191 -14.52 -91.22 -50.79
CA HIS M 191 -14.09 -91.99 -49.63
C HIS M 191 -15.22 -92.91 -49.17
N LYS M 192 -14.89 -93.78 -48.23
CA LYS M 192 -15.80 -94.84 -47.80
C LYS M 192 -16.21 -94.70 -46.34
N VAL M 193 -15.26 -94.62 -45.41
CA VAL M 193 -15.55 -94.65 -43.99
C VAL M 193 -15.54 -93.22 -43.44
N TYR M 194 -16.61 -92.88 -42.72
CA TYR M 194 -16.74 -91.56 -42.08
C TYR M 194 -17.06 -91.77 -40.61
N ALA M 195 -16.16 -91.29 -39.74
CA ALA M 195 -16.27 -91.51 -38.31
C ALA M 195 -15.89 -90.24 -37.56
N CYS M 196 -16.59 -89.99 -36.44
CA CYS M 196 -16.20 -88.96 -35.48
C CYS M 196 -15.80 -89.65 -34.18
N GLU M 197 -14.60 -89.35 -33.71
CA GLU M 197 -14.07 -89.92 -32.48
C GLU M 197 -14.24 -88.93 -31.34
N VAL M 198 -14.75 -89.40 -30.21
CA VAL M 198 -15.08 -88.56 -29.07
C VAL M 198 -14.25 -89.01 -27.86
N THR M 199 -13.60 -88.05 -27.22
CA THR M 199 -12.85 -88.30 -25.99
C THR M 199 -13.40 -87.41 -24.89
N HIS M 200 -13.72 -88.01 -23.74
CA HIS M 200 -14.31 -87.27 -22.63
C HIS M 200 -13.92 -87.96 -21.33
N GLN M 201 -13.93 -87.18 -20.25
CA GLN M 201 -13.48 -87.68 -18.95
C GLN M 201 -14.30 -88.87 -18.49
N GLY M 202 -15.59 -88.91 -18.84
CA GLY M 202 -16.44 -90.00 -18.43
C GLY M 202 -16.31 -91.26 -19.26
N LEU M 203 -15.54 -91.21 -20.34
CA LEU M 203 -15.34 -92.35 -21.22
C LEU M 203 -14.04 -93.04 -20.83
N SER M 204 -14.12 -94.35 -20.54
CA SER M 204 -12.92 -95.13 -20.28
C SER M 204 -11.97 -95.10 -21.47
N SER M 205 -12.50 -95.35 -22.66
CA SER M 205 -11.76 -95.30 -23.90
C SER M 205 -12.48 -94.40 -24.89
N PRO M 206 -11.76 -93.79 -25.83
CA PRO M 206 -12.42 -92.93 -26.83
C PRO M 206 -13.43 -93.73 -27.64
N VAL M 207 -14.65 -93.17 -27.74
CA VAL M 207 -15.75 -93.85 -28.41
C VAL M 207 -15.79 -93.39 -29.86
N THR M 208 -15.91 -94.34 -30.79
CA THR M 208 -15.99 -94.04 -32.21
C THR M 208 -17.31 -94.58 -32.76
N LYS M 209 -18.06 -93.70 -33.42
CA LYS M 209 -19.27 -94.06 -34.15
C LYS M 209 -19.03 -93.75 -35.62
N SER M 210 -19.34 -94.70 -36.50
CA SER M 210 -18.97 -94.58 -37.89
C SER M 210 -20.06 -95.13 -38.79
N PHE M 211 -19.97 -94.75 -40.06
CA PHE M 211 -20.78 -95.31 -41.12
C PHE M 211 -19.98 -95.26 -42.40
N ASN M 212 -20.17 -96.25 -43.26
CA ASN M 212 -19.55 -96.26 -44.58
C ASN M 212 -20.57 -95.88 -45.64
N ARG M 213 -20.17 -94.95 -46.52
CA ARG M 213 -21.04 -94.40 -47.54
C ARG M 213 -21.62 -95.47 -48.45
N GLY M 214 -22.94 -95.50 -48.54
CA GLY M 214 -23.68 -96.45 -49.37
C GLY M 214 -24.40 -97.53 -48.60
N GLU M 215 -23.96 -97.84 -47.40
CA GLU M 215 -24.62 -98.85 -46.58
C GLU M 215 -25.87 -98.28 -45.91
N CYS M 216 -26.79 -99.18 -45.57
CA CYS M 216 -28.05 -98.78 -44.94
C CYS M 216 -27.87 -98.51 -43.46
N LEU N 9 -31.32 -7.44 -10.99
CA LEU N 9 -30.59 -7.99 -9.86
C LEU N 9 -29.48 -8.92 -10.34
N CYS N 10 -28.37 -8.93 -9.60
CA CYS N 10 -27.24 -9.76 -10.00
C CYS N 10 -27.56 -11.23 -9.81
N PRO N 11 -27.29 -12.08 -10.81
CA PRO N 11 -27.68 -13.50 -10.69
C PRO N 11 -26.80 -14.28 -9.72
N PHE N 12 -27.08 -14.15 -8.42
CA PHE N 12 -26.37 -14.93 -7.42
C PHE N 12 -27.03 -16.28 -7.16
N ASP N 13 -28.34 -16.37 -7.35
CA ASP N 13 -29.02 -17.65 -7.17
C ASP N 13 -28.62 -18.66 -8.23
N GLU N 14 -28.37 -18.20 -9.46
CA GLU N 14 -28.01 -19.11 -10.54
C GLU N 14 -26.70 -19.85 -10.26
N VAL N 15 -25.80 -19.26 -9.48
CA VAL N 15 -24.51 -19.88 -9.21
C VAL N 15 -24.53 -20.71 -7.94
N PHE N 16 -25.13 -20.18 -6.86
CA PHE N 16 -25.17 -20.93 -5.61
C PHE N 16 -26.19 -22.05 -5.65
N ASN N 17 -27.38 -21.78 -6.19
CA ASN N 17 -28.45 -22.77 -6.26
C ASN N 17 -28.44 -23.54 -7.58
N ALA N 18 -27.33 -23.54 -8.29
CA ALA N 18 -27.22 -24.33 -9.51
C ALA N 18 -27.37 -25.81 -9.18
N THR N 19 -27.96 -26.56 -10.12
CA THR N 19 -28.23 -27.97 -9.87
C THR N 19 -26.93 -28.77 -9.86
N ARG N 20 -26.09 -28.59 -10.88
CA ARG N 20 -24.82 -29.27 -10.96
C ARG N 20 -23.69 -28.27 -11.14
N PHE N 21 -22.52 -28.63 -10.62
CA PHE N 21 -21.31 -27.85 -10.77
C PHE N 21 -20.38 -28.51 -11.77
N ALA N 22 -19.39 -27.75 -12.22
CA ALA N 22 -18.40 -28.26 -13.15
C ALA N 22 -17.21 -28.83 -12.40
N SER N 23 -16.36 -29.56 -13.12
CA SER N 23 -15.15 -30.09 -12.52
C SER N 23 -14.15 -28.96 -12.25
N VAL N 24 -13.19 -29.25 -11.39
CA VAL N 24 -12.22 -28.23 -11.00
C VAL N 24 -11.30 -27.89 -12.18
N TYR N 25 -11.03 -28.84 -13.06
CA TYR N 25 -10.15 -28.54 -14.19
C TYR N 25 -10.86 -27.68 -15.24
N ALA N 26 -12.17 -27.86 -15.40
CA ALA N 26 -12.94 -27.05 -16.32
C ALA N 26 -13.97 -26.21 -15.56
N TRP N 27 -13.50 -25.42 -14.60
CA TRP N 27 -14.38 -24.63 -13.76
C TRP N 27 -15.13 -23.58 -14.58
N ASN N 28 -16.41 -23.41 -14.27
CA ASN N 28 -17.25 -22.44 -14.95
C ASN N 28 -17.14 -21.07 -14.29
N ARG N 29 -17.27 -20.02 -15.11
CA ARG N 29 -17.20 -18.65 -14.64
C ARG N 29 -18.41 -17.88 -15.15
N LYS N 30 -19.12 -17.22 -14.23
CA LYS N 30 -20.29 -16.42 -14.55
C LYS N 30 -19.94 -14.94 -14.40
N ARG N 31 -19.87 -14.22 -15.52
CA ARG N 31 -19.55 -12.80 -15.52
C ARG N 31 -20.78 -12.02 -15.11
N ILE N 32 -20.71 -11.35 -13.96
CA ILE N 32 -21.84 -10.63 -13.39
C ILE N 32 -21.52 -9.13 -13.47
N SER N 33 -22.31 -8.41 -14.26
CA SER N 33 -22.09 -6.97 -14.43
C SER N 33 -23.40 -6.29 -14.77
N ASN N 34 -23.45 -4.99 -14.48
CA ASN N 34 -24.61 -4.13 -14.75
C ASN N 34 -25.86 -4.69 -14.07
N CYS N 35 -25.83 -4.65 -12.73
CA CYS N 35 -26.91 -5.20 -11.93
C CYS N 35 -26.77 -4.68 -10.51
N VAL N 36 -27.81 -4.89 -9.72
CA VAL N 36 -27.83 -4.56 -8.31
C VAL N 36 -27.50 -5.82 -7.51
N ALA N 37 -26.40 -5.78 -6.76
CA ALA N 37 -25.90 -6.97 -6.07
C ALA N 37 -26.70 -7.21 -4.79
N ASP N 38 -27.47 -8.30 -4.77
CA ASP N 38 -28.23 -8.69 -3.58
C ASP N 38 -27.33 -9.55 -2.70
N TYR N 39 -26.46 -8.86 -1.96
CA TYR N 39 -25.53 -9.52 -1.05
C TYR N 39 -26.30 -10.08 0.13
N SER N 40 -26.89 -11.25 -0.07
CA SER N 40 -27.60 -11.97 0.98
C SER N 40 -27.29 -13.46 1.04
N VAL N 41 -26.90 -14.08 -0.07
CA VAL N 41 -26.47 -15.47 -0.03
C VAL N 41 -25.16 -15.61 0.72
N LEU N 42 -24.40 -14.52 0.86
CA LEU N 42 -23.13 -14.55 1.55
C LEU N 42 -23.11 -13.74 2.84
N TYR N 43 -24.03 -12.80 3.02
CA TYR N 43 -24.01 -11.91 4.18
C TYR N 43 -24.10 -12.69 5.48
N ASN N 44 -25.23 -13.35 5.70
CA ASN N 44 -25.47 -14.17 6.89
C ASN N 44 -25.53 -15.64 6.47
N LEU N 45 -24.39 -16.17 6.04
CA LEU N 45 -24.28 -17.60 5.83
C LEU N 45 -24.49 -18.33 7.17
N ALA N 46 -24.26 -19.64 7.17
CA ALA N 46 -24.49 -20.51 8.32
C ALA N 46 -23.17 -21.13 8.76
N PRO N 47 -23.07 -21.63 10.01
CA PRO N 47 -21.77 -22.10 10.51
C PRO N 47 -21.17 -23.22 9.67
N PHE N 48 -21.98 -24.01 8.95
CA PHE N 48 -21.47 -25.06 8.09
C PHE N 48 -21.03 -24.55 6.71
N PHE N 49 -20.70 -23.27 6.58
CA PHE N 49 -20.26 -22.67 5.32
C PHE N 49 -18.85 -22.11 5.47
N THR N 50 -17.94 -22.58 4.61
CA THR N 50 -16.59 -22.02 4.54
C THR N 50 -16.66 -20.63 3.90
N PHE N 51 -16.25 -19.61 4.67
CA PHE N 51 -16.40 -18.22 4.23
C PHE N 51 -15.12 -17.46 4.55
N LYS N 52 -14.27 -17.27 3.54
CA LYS N 52 -13.03 -16.52 3.69
C LYS N 52 -12.96 -15.42 2.63
N CYS N 53 -12.49 -14.24 3.03
CA CYS N 53 -12.38 -13.10 2.13
C CYS N 53 -10.97 -12.55 2.20
N TYR N 54 -10.45 -12.10 1.05
CA TYR N 54 -9.08 -11.60 0.94
C TYR N 54 -9.08 -10.26 0.24
N GLY N 55 -8.38 -9.29 0.84
CA GLY N 55 -8.24 -7.97 0.25
C GLY N 55 -9.43 -7.06 0.40
N VAL N 56 -10.55 -7.55 0.91
CA VAL N 56 -11.77 -6.76 1.05
C VAL N 56 -12.59 -7.33 2.19
N SER N 57 -13.37 -6.47 2.84
CA SER N 57 -14.19 -6.89 3.96
C SER N 57 -15.61 -7.20 3.51
N PRO N 58 -16.21 -8.27 4.03
CA PRO N 58 -17.57 -8.62 3.59
C PRO N 58 -18.61 -7.56 3.93
N THR N 59 -18.49 -6.93 5.10
CA THR N 59 -19.44 -5.91 5.51
C THR N 59 -19.33 -4.64 4.67
N LYS N 60 -18.28 -4.51 3.86
CA LYS N 60 -18.08 -3.33 3.03
C LYS N 60 -18.39 -3.57 1.56
N LEU N 61 -18.86 -4.77 1.20
CA LEU N 61 -19.15 -5.06 -0.20
C LEU N 61 -20.35 -4.25 -0.69
N ASN N 62 -21.33 -4.00 0.18
CA ASN N 62 -22.50 -3.22 -0.22
C ASN N 62 -22.17 -1.74 -0.43
N ASP N 63 -21.02 -1.28 0.06
CA ASP N 63 -20.63 0.12 -0.05
C ASP N 63 -19.57 0.34 -1.13
N LEU N 64 -19.33 -0.64 -1.99
CA LEU N 64 -18.30 -0.54 -3.02
C LEU N 64 -18.90 -0.90 -4.37
N CYS N 65 -18.48 -0.17 -5.39
CA CYS N 65 -18.84 -0.44 -6.77
C CYS N 65 -17.63 -1.00 -7.51
N PHE N 66 -17.85 -2.06 -8.28
CA PHE N 66 -16.79 -2.74 -8.98
C PHE N 66 -17.05 -2.73 -10.48
N THR N 67 -15.98 -2.90 -11.24
CA THR N 67 -16.11 -2.95 -12.70
C THR N 67 -16.76 -4.25 -13.13
N ASN N 68 -16.23 -5.38 -12.68
CA ASN N 68 -16.78 -6.69 -12.98
C ASN N 68 -16.67 -7.58 -11.75
N VAL N 69 -17.69 -8.40 -11.53
CA VAL N 69 -17.71 -9.37 -10.44
C VAL N 69 -17.85 -10.75 -11.06
N TYR N 70 -16.81 -11.57 -10.92
CA TYR N 70 -16.75 -12.89 -11.52
C TYR N 70 -17.07 -13.95 -10.47
N ALA N 71 -17.93 -14.91 -10.84
CA ALA N 71 -18.36 -15.98 -9.94
C ALA N 71 -17.84 -17.30 -10.50
N ASP N 72 -16.78 -17.82 -9.90
CA ASP N 72 -16.18 -19.08 -10.30
C ASP N 72 -16.73 -20.21 -9.43
N SER N 73 -17.24 -21.26 -10.08
CA SER N 73 -17.83 -22.39 -9.37
C SER N 73 -17.29 -23.70 -9.91
N PHE N 74 -17.02 -24.64 -9.01
CA PHE N 74 -16.52 -25.97 -9.35
C PHE N 74 -16.64 -26.83 -8.10
N VAL N 75 -16.11 -28.04 -8.16
CA VAL N 75 -16.21 -29.01 -7.05
C VAL N 75 -14.87 -29.70 -6.87
N ILE N 76 -14.43 -29.79 -5.62
CA ILE N 76 -13.26 -30.53 -5.21
C ILE N 76 -13.64 -31.40 -4.01
N ARG N 77 -12.66 -32.12 -3.47
CA ARG N 77 -12.88 -32.85 -2.24
C ARG N 77 -12.46 -31.98 -1.05
N GLY N 78 -12.83 -32.43 0.15
CA GLY N 78 -12.67 -31.60 1.33
C GLY N 78 -11.23 -31.23 1.62
N ASP N 79 -10.32 -32.19 1.45
CA ASP N 79 -8.90 -31.95 1.72
C ASP N 79 -8.28 -30.95 0.76
N GLU N 80 -8.99 -30.54 -0.29
CA GLU N 80 -8.46 -29.62 -1.28
C GLU N 80 -9.08 -28.23 -1.18
N VAL N 81 -10.01 -28.01 -0.25
CA VAL N 81 -10.61 -26.68 -0.09
C VAL N 81 -9.57 -25.69 0.39
N ARG N 82 -8.56 -26.15 1.13
CA ARG N 82 -7.50 -25.27 1.59
C ARG N 82 -6.71 -24.64 0.45
N GLN N 83 -6.73 -25.25 -0.73
CA GLN N 83 -5.93 -24.76 -1.85
C GLN N 83 -6.60 -23.61 -2.59
N ILE N 84 -7.92 -23.47 -2.48
CA ILE N 84 -8.63 -22.36 -3.11
C ILE N 84 -8.41 -21.10 -2.27
N ALA N 85 -7.18 -20.60 -2.30
CA ALA N 85 -6.79 -19.43 -1.51
C ALA N 85 -5.54 -18.84 -2.13
N PRO N 86 -5.30 -17.54 -1.96
CA PRO N 86 -4.11 -16.94 -2.56
C PRO N 86 -2.83 -17.50 -1.96
N GLY N 87 -1.84 -17.75 -2.83
CA GLY N 87 -0.56 -18.26 -2.39
C GLY N 87 -0.59 -19.67 -1.86
N GLN N 88 -1.21 -20.59 -2.60
CA GLN N 88 -1.29 -21.99 -2.20
C GLN N 88 -0.75 -22.88 -3.31
N THR N 89 -0.24 -24.04 -2.91
CA THR N 89 0.31 -25.02 -3.83
C THR N 89 -0.33 -26.39 -3.59
N GLY N 90 -0.24 -27.24 -4.59
CA GLY N 90 -0.86 -28.55 -4.53
C GLY N 90 -1.31 -28.99 -5.90
N ASN N 91 -2.06 -30.10 -5.92
CA ASN N 91 -2.59 -30.61 -7.18
C ASN N 91 -3.62 -29.66 -7.78
N ILE N 92 -4.50 -29.11 -6.94
CA ILE N 92 -5.57 -28.27 -7.45
C ILE N 92 -5.08 -26.86 -7.79
N ALA N 93 -4.24 -26.30 -6.92
CA ALA N 93 -3.77 -24.93 -7.15
C ALA N 93 -2.83 -24.85 -8.34
N ASP N 94 -1.90 -25.80 -8.46
CA ASP N 94 -0.91 -25.75 -9.52
C ASP N 94 -1.47 -26.22 -10.86
N TYR N 95 -2.40 -27.18 -10.86
CA TYR N 95 -2.82 -27.85 -12.08
C TYR N 95 -4.31 -27.71 -12.41
N ASN N 96 -5.09 -26.99 -11.60
CA ASN N 96 -6.52 -26.92 -11.85
C ASN N 96 -7.07 -25.51 -11.76
N TYR N 97 -6.98 -24.90 -10.59
CA TYR N 97 -7.54 -23.56 -10.35
C TYR N 97 -6.61 -22.80 -9.42
N LYS N 98 -5.96 -21.76 -9.92
CA LYS N 98 -5.01 -20.97 -9.15
C LYS N 98 -5.57 -19.58 -8.89
N LEU N 99 -5.37 -19.08 -7.66
CA LEU N 99 -5.75 -17.72 -7.30
C LEU N 99 -4.51 -16.85 -7.20
N PRO N 100 -4.57 -15.60 -7.67
CA PRO N 100 -3.40 -14.74 -7.63
C PRO N 100 -3.05 -14.33 -6.20
N ASP N 101 -1.84 -13.79 -6.06
CA ASP N 101 -1.36 -13.38 -4.74
C ASP N 101 -2.06 -12.11 -4.25
N ASP N 102 -2.52 -11.26 -5.16
CA ASP N 102 -3.27 -10.06 -4.80
C ASP N 102 -4.76 -10.22 -5.03
N PHE N 103 -5.30 -11.39 -4.71
CA PHE N 103 -6.71 -11.67 -4.96
C PHE N 103 -7.59 -10.80 -4.06
N THR N 104 -8.55 -10.13 -4.68
CA THR N 104 -9.51 -9.28 -3.97
C THR N 104 -10.88 -9.90 -4.15
N GLY N 105 -11.37 -10.59 -3.13
CA GLY N 105 -12.65 -11.25 -3.22
C GLY N 105 -12.81 -12.25 -2.08
N CYS N 106 -13.85 -13.07 -2.20
CA CYS N 106 -14.19 -14.05 -1.19
C CYS N 106 -14.31 -15.43 -1.83
N VAL N 107 -14.17 -16.45 -0.98
CA VAL N 107 -14.32 -17.85 -1.37
C VAL N 107 -15.37 -18.48 -0.48
N ILE N 108 -16.29 -19.24 -1.07
CA ILE N 108 -17.36 -19.90 -0.35
C ILE N 108 -17.36 -21.38 -0.72
N ALA N 109 -17.50 -22.23 0.29
CA ALA N 109 -17.53 -23.68 0.08
C ALA N 109 -18.44 -24.32 1.12
N TRP N 110 -19.12 -25.38 0.72
CA TRP N 110 -20.00 -26.10 1.63
C TRP N 110 -20.02 -27.57 1.26
N ASN N 111 -20.30 -28.42 2.26
CA ASN N 111 -20.37 -29.86 2.04
C ASN N 111 -21.60 -30.21 1.21
N SER N 112 -21.35 -30.80 0.04
CA SER N 112 -22.42 -31.21 -0.88
C SER N 112 -22.42 -32.72 -1.07
N ASN N 113 -22.29 -33.46 0.04
CA ASN N 113 -22.22 -34.92 -0.04
C ASN N 113 -23.58 -35.52 -0.38
N LYS N 114 -24.67 -34.83 -0.06
CA LYS N 114 -26.00 -35.34 -0.39
C LYS N 114 -26.37 -35.10 -1.83
N LEU N 115 -25.53 -34.41 -2.59
CA LEU N 115 -25.83 -34.02 -3.96
C LEU N 115 -24.88 -34.62 -4.98
N ASP N 116 -23.63 -34.91 -4.61
CA ASP N 116 -22.63 -35.36 -5.57
C ASP N 116 -21.99 -36.67 -5.14
N SER N 117 -22.76 -37.56 -4.51
CA SER N 117 -22.19 -38.82 -4.05
C SER N 117 -22.95 -40.03 -4.61
N LYS N 118 -23.14 -41.06 -3.78
CA LYS N 118 -23.73 -42.30 -4.27
C LYS N 118 -25.24 -42.17 -4.48
N VAL N 119 -25.93 -41.47 -3.57
CA VAL N 119 -27.38 -41.31 -3.68
C VAL N 119 -27.74 -40.66 -5.01
N SER N 120 -27.06 -39.58 -5.36
CA SER N 120 -27.25 -38.97 -6.67
C SER N 120 -26.52 -39.76 -7.74
N GLY N 121 -25.21 -39.90 -7.57
CA GLY N 121 -24.39 -40.61 -8.54
C GLY N 121 -24.01 -39.69 -9.67
N ASN N 122 -23.39 -38.56 -9.33
CA ASN N 122 -22.96 -37.56 -10.31
C ASN N 122 -21.44 -37.56 -10.39
N TYR N 123 -20.91 -38.33 -11.35
CA TYR N 123 -19.48 -38.33 -11.66
C TYR N 123 -19.22 -37.31 -12.77
N ASN N 124 -19.48 -36.05 -12.43
CA ASN N 124 -19.15 -34.94 -13.29
C ASN N 124 -17.89 -34.21 -12.83
N TYR N 125 -17.29 -34.66 -11.73
CA TYR N 125 -16.18 -33.96 -11.09
C TYR N 125 -14.86 -34.70 -11.33
N LEU N 126 -14.04 -34.14 -12.22
CA LEU N 126 -12.71 -34.65 -12.55
C LEU N 126 -11.65 -33.72 -11.99
N TYR N 127 -10.39 -34.11 -12.15
CA TYR N 127 -9.30 -33.23 -11.75
C TYR N 127 -8.08 -33.55 -12.59
N ARG N 128 -7.19 -32.57 -12.70
CA ARG N 128 -5.98 -32.71 -13.49
C ARG N 128 -4.83 -33.14 -12.60
N LEU N 129 -4.14 -34.21 -13.00
CA LEU N 129 -3.09 -34.81 -12.20
C LEU N 129 -1.69 -34.47 -12.69
N PHE N 130 -1.47 -34.47 -14.00
CA PHE N 130 -0.16 -34.19 -14.58
C PHE N 130 -0.22 -32.93 -15.43
N ARG N 131 0.81 -32.10 -15.30
CA ARG N 131 0.98 -30.95 -16.18
C ARG N 131 2.45 -30.56 -16.18
N LYS N 132 2.92 -30.05 -17.32
CA LYS N 132 4.34 -29.77 -17.48
C LYS N 132 4.77 -28.56 -16.65
N SER N 133 3.89 -27.58 -16.48
CA SER N 133 4.21 -26.38 -15.70
C SER N 133 3.00 -26.00 -14.85
N ASN N 134 3.20 -25.04 -13.96
CA ASN N 134 2.13 -24.57 -13.11
C ASN N 134 1.16 -23.68 -13.91
N LEU N 135 -0.06 -23.57 -13.39
CA LEU N 135 -1.06 -22.70 -14.00
C LEU N 135 -0.87 -21.25 -13.55
N LYS N 136 -1.03 -20.34 -14.49
CA LYS N 136 -1.11 -18.93 -14.14
C LYS N 136 -2.44 -18.64 -13.44
N PRO N 137 -2.52 -17.55 -12.69
CA PRO N 137 -3.78 -17.22 -12.02
C PRO N 137 -4.94 -17.09 -13.01
N PHE N 138 -6.06 -17.73 -12.67
CA PHE N 138 -7.28 -17.69 -13.49
C PHE N 138 -7.05 -18.31 -14.86
N GLU N 139 -6.30 -19.41 -14.90
CA GLU N 139 -6.07 -20.18 -16.12
C GLU N 139 -6.87 -21.46 -16.08
N ARG N 140 -7.52 -21.80 -17.19
CA ARG N 140 -8.33 -23.00 -17.29
C ARG N 140 -7.74 -23.89 -18.39
N ASP N 141 -7.32 -25.09 -18.00
CA ASP N 141 -6.68 -26.05 -18.91
C ASP N 141 -7.60 -27.25 -19.09
N ILE N 142 -8.21 -27.36 -20.26
CA ILE N 142 -9.09 -28.48 -20.60
C ILE N 142 -8.41 -29.44 -21.58
N SER N 143 -7.07 -29.42 -21.65
CA SER N 143 -6.36 -30.28 -22.59
C SER N 143 -6.42 -31.74 -22.15
N THR N 144 -6.65 -32.62 -23.12
CA THR N 144 -6.69 -34.06 -22.88
C THR N 144 -5.62 -34.77 -23.70
N GLU N 145 -4.47 -34.13 -23.86
CA GLU N 145 -3.35 -34.73 -24.57
C GLU N 145 -2.57 -35.63 -23.63
N ILE N 146 -2.09 -36.76 -24.17
CA ILE N 146 -1.35 -37.71 -23.34
C ILE N 146 -0.10 -37.04 -22.79
N TYR N 147 0.02 -37.01 -21.47
CA TYR N 147 1.13 -36.35 -20.82
C TYR N 147 2.41 -37.17 -20.97
N GLN N 148 3.48 -36.52 -21.43
CA GLN N 148 4.77 -37.18 -21.62
C GLN N 148 5.56 -37.05 -20.33
N ALA N 149 5.72 -38.16 -19.62
CA ALA N 149 6.45 -38.19 -18.36
C ALA N 149 7.84 -38.81 -18.49
N GLY N 150 8.23 -39.22 -19.69
CA GLY N 150 9.51 -39.85 -19.93
C GLY N 150 10.27 -39.13 -21.04
N ASN N 151 11.07 -39.92 -21.75
CA ASN N 151 11.91 -39.38 -22.82
C ASN N 151 11.32 -39.61 -24.21
N LYS N 152 10.56 -40.67 -24.41
CA LYS N 152 9.99 -41.04 -25.70
C LYS N 152 8.67 -40.32 -25.95
N PRO N 153 8.39 -39.94 -27.20
CA PRO N 153 7.13 -39.25 -27.49
C PRO N 153 5.94 -40.18 -27.39
N CYS N 154 4.83 -39.63 -26.89
CA CYS N 154 3.63 -40.44 -26.65
C CYS N 154 2.83 -40.67 -27.92
N ASN N 155 2.64 -39.63 -28.73
CA ASN N 155 1.84 -39.71 -29.96
C ASN N 155 0.42 -40.21 -29.66
N GLY N 156 -0.15 -39.71 -28.58
CA GLY N 156 -1.52 -40.05 -28.22
C GLY N 156 -1.74 -41.49 -27.80
N VAL N 157 -0.72 -42.15 -27.26
CA VAL N 157 -0.81 -43.54 -26.83
C VAL N 157 -0.65 -43.58 -25.32
N ALA N 158 -1.62 -44.19 -24.64
CA ALA N 158 -1.57 -44.36 -23.19
C ALA N 158 -0.65 -45.54 -22.87
N GLY N 159 0.51 -45.24 -22.31
CA GLY N 159 1.46 -46.29 -21.98
C GLY N 159 2.43 -45.86 -20.89
N PHE N 160 3.60 -46.49 -20.91
CA PHE N 160 4.64 -46.18 -19.93
C PHE N 160 5.15 -44.75 -20.14
N ASN N 161 5.16 -43.98 -19.05
CA ASN N 161 5.58 -42.58 -19.06
C ASN N 161 4.74 -41.74 -20.00
N CYS N 162 3.53 -42.20 -20.31
CA CYS N 162 2.59 -41.48 -21.17
C CYS N 162 1.19 -41.75 -20.60
N TYR N 163 0.73 -40.86 -19.74
CA TYR N 163 -0.51 -41.05 -19.00
C TYR N 163 -1.53 -39.98 -19.39
N PHE N 164 -2.81 -40.34 -19.25
CA PHE N 164 -3.87 -39.37 -19.47
C PHE N 164 -3.91 -38.39 -18.31
N PRO N 165 -3.96 -37.09 -18.58
CA PRO N 165 -3.78 -36.11 -17.50
C PRO N 165 -5.01 -35.87 -16.63
N LEU N 166 -6.11 -36.58 -16.86
CA LEU N 166 -7.33 -36.39 -16.08
C LEU N 166 -7.72 -37.68 -15.37
N ARG N 167 -8.09 -37.55 -14.10
CA ARG N 167 -8.55 -38.65 -13.26
C ARG N 167 -9.90 -38.27 -12.66
N SER N 168 -10.46 -39.19 -11.89
CA SER N 168 -11.78 -39.06 -11.30
C SER N 168 -11.65 -38.92 -9.78
N TYR N 169 -12.76 -38.52 -9.15
CA TYR N 169 -12.81 -38.42 -7.70
C TYR N 169 -13.50 -39.58 -7.01
N SER N 170 -14.54 -40.14 -7.61
CA SER N 170 -15.31 -41.26 -7.05
C SER N 170 -15.76 -40.93 -5.63
N PHE N 171 -16.79 -40.07 -5.59
CA PHE N 171 -17.37 -39.58 -4.35
C PHE N 171 -18.38 -40.61 -3.85
N ARG N 172 -18.03 -41.34 -2.80
CA ARG N 172 -18.88 -42.35 -2.20
C ARG N 172 -19.31 -41.90 -0.80
N PRO N 173 -20.27 -42.58 -0.17
CA PRO N 173 -20.71 -42.13 1.16
C PRO N 173 -19.85 -42.64 2.30
N THR N 174 -19.11 -43.75 2.12
CA THR N 174 -18.35 -44.33 3.23
C THR N 174 -17.11 -43.50 3.55
N TYR N 175 -16.61 -42.73 2.57
CA TYR N 175 -15.42 -41.92 2.81
C TYR N 175 -15.66 -40.91 3.92
N GLY N 176 -14.56 -40.31 4.34
CA GLY N 176 -14.57 -39.32 5.39
C GLY N 176 -14.69 -37.92 4.81
N VAL N 177 -14.94 -36.95 5.70
CA VAL N 177 -15.20 -35.59 5.26
C VAL N 177 -14.08 -35.08 4.37
N GLY N 178 -12.85 -35.57 4.58
CA GLY N 178 -11.73 -35.17 3.75
C GLY N 178 -11.81 -35.67 2.32
N HIS N 179 -12.65 -36.68 2.05
CA HIS N 179 -12.80 -37.23 0.71
C HIS N 179 -14.21 -37.04 0.16
N GLN N 180 -15.00 -36.15 0.78
CA GLN N 180 -16.37 -35.88 0.36
C GLN N 180 -16.41 -34.64 -0.54
N PRO N 181 -17.41 -34.53 -1.42
CA PRO N 181 -17.42 -33.41 -2.37
C PRO N 181 -17.80 -32.10 -1.71
N TYR N 182 -17.14 -31.03 -2.14
CA TYR N 182 -17.42 -29.67 -1.70
C TYR N 182 -17.60 -28.77 -2.92
N ARG N 183 -18.74 -28.08 -2.97
CA ARG N 183 -19.00 -27.10 -4.03
C ARG N 183 -18.40 -25.75 -3.63
N VAL N 184 -17.51 -25.22 -4.47
CA VAL N 184 -16.79 -24.00 -4.19
C VAL N 184 -17.28 -22.90 -5.12
N VAL N 185 -17.51 -21.71 -4.56
CA VAL N 185 -17.91 -20.53 -5.32
C VAL N 185 -16.93 -19.41 -4.97
N VAL N 186 -16.16 -18.97 -5.96
CA VAL N 186 -15.14 -17.94 -5.79
C VAL N 186 -15.63 -16.66 -6.44
N LEU N 187 -15.74 -15.60 -5.65
CA LEU N 187 -16.24 -14.31 -6.12
C LEU N 187 -15.07 -13.34 -6.27
N SER N 188 -14.77 -12.94 -7.50
CA SER N 188 -13.73 -11.97 -7.79
C SER N 188 -14.35 -10.60 -7.98
N PHE N 189 -13.78 -9.59 -7.33
CA PHE N 189 -14.26 -8.22 -7.43
C PHE N 189 -13.18 -7.38 -8.10
N GLU N 190 -13.45 -6.94 -9.33
CA GLU N 190 -12.48 -6.24 -10.14
C GLU N 190 -12.77 -4.74 -10.16
N LEU N 191 -11.71 -3.94 -10.06
CA LEU N 191 -11.85 -2.49 -10.10
C LEU N 191 -10.74 -1.86 -10.94
N CYS O 10 -32.95 1.78 25.95
CA CYS O 10 -33.11 2.17 27.34
C CYS O 10 -33.69 3.58 27.44
N PRO O 11 -34.71 3.75 28.29
CA PRO O 11 -35.38 5.06 28.37
C PRO O 11 -34.53 6.12 29.06
N PHE O 12 -33.58 6.68 28.33
CA PHE O 12 -32.77 7.78 28.83
C PHE O 12 -33.41 9.14 28.57
N ASP O 13 -34.18 9.26 27.49
CA ASP O 13 -34.87 10.51 27.21
C ASP O 13 -35.94 10.81 28.25
N GLU O 14 -36.61 9.76 28.76
CA GLU O 14 -37.65 9.96 29.76
C GLU O 14 -37.10 10.56 31.04
N VAL O 15 -35.82 10.34 31.32
CA VAL O 15 -35.23 10.84 32.57
C VAL O 15 -34.57 12.20 32.37
N PHE O 16 -33.81 12.37 31.27
CA PHE O 16 -33.15 13.64 31.02
C PHE O 16 -34.12 14.68 30.48
N ASN O 17 -34.97 14.29 29.53
CA ASN O 17 -35.91 15.21 28.91
C ASN O 17 -37.28 15.20 29.59
N ALA O 18 -37.36 14.70 30.82
CA ALA O 18 -38.61 14.76 31.56
C ALA O 18 -39.02 16.20 31.84
N THR O 19 -40.33 16.43 31.88
CA THR O 19 -40.82 17.78 32.08
C THR O 19 -40.60 18.25 33.51
N ARG O 20 -40.88 17.39 34.49
CA ARG O 20 -40.74 17.73 35.90
C ARG O 20 -39.91 16.69 36.64
N PHE O 21 -39.12 17.15 37.59
CA PHE O 21 -38.29 16.31 38.43
C PHE O 21 -38.90 16.20 39.83
N ALA O 22 -38.41 15.23 40.59
CA ALA O 22 -38.86 15.01 41.96
C ALA O 22 -37.98 15.79 42.95
N SER O 23 -38.47 15.89 44.19
CA SER O 23 -37.72 16.53 45.25
C SER O 23 -36.54 15.66 45.68
N VAL O 24 -35.56 16.30 46.33
CA VAL O 24 -34.37 15.57 46.75
C VAL O 24 -34.69 14.61 47.90
N TYR O 25 -35.65 14.96 48.76
CA TYR O 25 -36.01 14.07 49.86
C TYR O 25 -36.82 12.88 49.38
N ALA O 26 -37.62 13.06 48.33
CA ALA O 26 -38.37 11.96 47.74
C ALA O 26 -37.88 11.71 46.33
N TRP O 27 -36.58 11.43 46.19
CA TRP O 27 -35.99 11.25 44.88
C TRP O 27 -36.59 10.05 44.17
N ASN O 28 -36.88 10.22 42.88
CA ASN O 28 -37.44 9.15 42.07
C ASN O 28 -36.32 8.30 41.48
N ARG O 29 -36.61 7.01 41.31
CA ARG O 29 -35.67 6.05 40.75
C ARG O 29 -36.36 5.31 39.63
N LYS O 30 -35.72 5.30 38.46
CA LYS O 30 -36.24 4.62 37.27
C LYS O 30 -35.41 3.36 37.05
N ARG O 31 -36.02 2.20 37.27
CA ARG O 31 -35.33 0.93 37.09
C ARG O 31 -35.26 0.63 35.60
N ILE O 32 -34.04 0.62 35.06
CA ILE O 32 -33.79 0.45 33.63
C ILE O 32 -33.13 -0.91 33.45
N SER O 33 -33.83 -1.82 32.78
CA SER O 33 -33.32 -3.17 32.57
C SER O 33 -33.88 -3.73 31.27
N ASN O 34 -33.15 -4.68 30.69
CA ASN O 34 -33.53 -5.37 29.46
C ASN O 34 -33.79 -4.36 28.32
N CYS O 35 -32.69 -3.73 27.90
CA CYS O 35 -32.75 -2.72 26.85
C CYS O 35 -31.35 -2.49 26.31
N VAL O 36 -31.28 -1.81 25.17
CA VAL O 36 -30.02 -1.41 24.56
C VAL O 36 -29.76 0.04 24.93
N ALA O 37 -28.66 0.27 25.65
CA ALA O 37 -28.36 1.59 26.17
C ALA O 37 -27.75 2.46 25.08
N ASP O 38 -28.51 3.47 24.63
CA ASP O 38 -28.01 4.45 23.67
C ASP O 38 -27.25 5.52 24.44
N TYR O 39 -26.03 5.18 24.84
CA TYR O 39 -25.18 6.12 25.56
C TYR O 39 -24.83 7.30 24.66
N SER O 40 -25.71 8.29 24.60
CA SER O 40 -25.43 9.52 23.84
C SER O 40 -25.81 10.79 24.59
N VAL O 41 -26.79 10.74 25.51
CA VAL O 41 -27.08 11.87 26.38
C VAL O 41 -25.91 12.17 27.31
N LEU O 42 -25.06 11.18 27.59
CA LEU O 42 -23.90 11.38 28.44
C LEU O 42 -22.57 11.27 27.71
N TYR O 43 -22.55 10.68 26.51
CA TYR O 43 -21.31 10.46 25.78
C TYR O 43 -20.60 11.77 25.48
N ASN O 44 -21.22 12.61 24.66
CA ASN O 44 -20.71 13.93 24.32
C ASN O 44 -21.65 14.97 24.92
N LEU O 45 -21.41 15.30 26.19
CA LEU O 45 -22.13 16.39 26.81
C LEU O 45 -21.46 17.72 26.44
N ALA O 46 -21.89 18.80 27.07
CA ALA O 46 -21.43 20.14 26.77
C ALA O 46 -20.74 20.74 27.99
N PRO O 47 -19.91 21.78 27.81
CA PRO O 47 -19.13 22.30 28.94
C PRO O 47 -19.96 22.79 30.11
N PHE O 48 -21.21 23.22 29.88
CA PHE O 48 -22.07 23.65 30.97
C PHE O 48 -22.79 22.49 31.66
N PHE O 49 -22.24 21.28 31.58
CA PHE O 49 -22.82 20.09 32.21
C PHE O 49 -21.84 19.55 33.22
N THR O 50 -22.28 19.47 34.48
CA THR O 50 -21.49 18.80 35.52
C THR O 50 -21.57 17.29 35.30
N PHE O 51 -20.42 16.67 35.04
CA PHE O 51 -20.36 15.26 34.69
C PHE O 51 -19.22 14.62 35.47
N LYS O 52 -19.56 13.74 36.41
CA LYS O 52 -18.57 13.03 37.22
C LYS O 52 -18.90 11.54 37.21
N CYS O 53 -17.88 10.72 36.99
CA CYS O 53 -18.01 9.26 37.07
C CYS O 53 -17.09 8.72 38.13
N TYR O 54 -17.57 7.70 38.85
CA TYR O 54 -16.84 7.11 39.96
C TYR O 54 -16.82 5.59 39.79
N GLY O 55 -15.64 5.00 39.92
CA GLY O 55 -15.50 3.56 39.83
C GLY O 55 -15.55 2.97 38.43
N VAL O 56 -15.83 3.79 37.41
CA VAL O 56 -15.94 3.30 36.04
C VAL O 56 -15.61 4.45 35.10
N SER O 57 -15.09 4.11 33.92
CA SER O 57 -14.75 5.11 32.94
C SER O 57 -15.88 5.28 31.93
N PRO O 58 -16.20 6.52 31.55
CA PRO O 58 -17.32 6.73 30.61
C PRO O 58 -17.08 6.09 29.25
N THR O 59 -15.85 6.11 28.75
CA THR O 59 -15.54 5.52 27.45
C THR O 59 -15.64 4.00 27.45
N LYS O 60 -15.78 3.37 28.62
CA LYS O 60 -15.88 1.92 28.71
C LYS O 60 -17.30 1.45 28.98
N LEU O 61 -18.28 2.37 29.07
CA LEU O 61 -19.65 1.96 29.36
C LEU O 61 -20.25 1.18 28.20
N ASN O 62 -19.87 1.49 26.96
CA ASN O 62 -20.39 0.74 25.82
C ASN O 62 -19.83 -0.67 25.76
N ASP O 63 -18.75 -0.95 26.50
CA ASP O 63 -18.11 -2.26 26.48
C ASP O 63 -18.42 -3.07 27.74
N LEU O 64 -19.40 -2.63 28.54
CA LEU O 64 -19.75 -3.31 29.78
C LEU O 64 -21.25 -3.59 29.83
N CYS O 65 -21.59 -4.77 30.33
CA CYS O 65 -22.98 -5.16 30.55
C CYS O 65 -23.25 -5.21 32.05
N PHE O 66 -24.39 -4.67 32.46
CA PHE O 66 -24.75 -4.59 33.87
C PHE O 66 -26.06 -5.32 34.12
N THR O 67 -26.25 -5.73 35.37
CA THR O 67 -27.48 -6.41 35.75
C THR O 67 -28.65 -5.44 35.78
N ASN O 68 -28.50 -4.34 36.52
CA ASN O 68 -29.51 -3.30 36.59
C ASN O 68 -28.82 -1.94 36.60
N VAL O 69 -29.43 -0.98 35.91
CA VAL O 69 -28.93 0.39 35.86
C VAL O 69 -30.01 1.28 36.44
N TYR O 70 -29.72 1.91 37.57
CA TYR O 70 -30.67 2.76 38.26
C TYR O 70 -30.40 4.22 37.92
N ALA O 71 -31.45 4.95 37.57
CA ALA O 71 -31.35 6.36 37.20
C ALA O 71 -32.09 7.16 38.27
N ASP O 72 -31.33 7.74 39.19
CA ASP O 72 -31.88 8.57 40.25
C ASP O 72 -31.82 10.03 39.84
N SER O 73 -32.96 10.72 39.93
CA SER O 73 -33.08 12.10 39.51
C SER O 73 -33.73 12.92 40.62
N PHE O 74 -33.23 14.13 40.82
CA PHE O 74 -33.75 15.05 41.83
C PHE O 74 -33.17 16.44 41.51
N VAL O 75 -33.46 17.39 42.39
CA VAL O 75 -33.05 18.78 42.19
C VAL O 75 -32.56 19.35 43.51
N ILE O 76 -31.41 20.03 43.47
CA ILE O 76 -30.85 20.74 44.60
C ILE O 76 -30.43 22.12 44.13
N ARG O 77 -29.85 22.90 45.04
CA ARG O 77 -29.25 24.17 44.64
C ARG O 77 -27.77 23.98 44.32
N GLY O 78 -27.18 25.01 43.72
CA GLY O 78 -25.84 24.86 43.16
C GLY O 78 -24.78 24.54 44.19
N ASP O 79 -24.84 25.20 45.36
CA ASP O 79 -23.83 24.97 46.39
C ASP O 79 -23.89 23.57 46.99
N GLU O 80 -24.89 22.77 46.64
CA GLU O 80 -25.05 21.44 47.19
C GLU O 80 -24.74 20.33 46.19
N VAL O 81 -24.36 20.68 44.96
CA VAL O 81 -24.01 19.67 43.97
C VAL O 81 -22.75 18.92 44.40
N ARG O 82 -21.87 19.59 45.15
CA ARG O 82 -20.66 18.94 45.64
C ARG O 82 -20.96 17.75 46.55
N GLN O 83 -22.15 17.71 47.15
CA GLN O 83 -22.50 16.65 48.07
C GLN O 83 -22.96 15.38 47.38
N ILE O 84 -23.41 15.48 46.13
CA ILE O 84 -23.82 14.31 45.37
C ILE O 84 -22.57 13.57 44.90
N ALA O 85 -21.85 12.97 45.84
CA ALA O 85 -20.60 12.29 45.57
C ALA O 85 -20.33 11.32 46.71
N PRO O 86 -19.60 10.24 46.47
CA PRO O 86 -19.32 9.28 47.55
C PRO O 86 -18.46 9.91 48.63
N GLY O 87 -18.81 9.61 49.89
CA GLY O 87 -18.07 10.11 51.03
C GLY O 87 -18.19 11.60 51.25
N GLN O 88 -19.42 12.11 51.25
CA GLN O 88 -19.69 13.52 51.48
C GLN O 88 -20.68 13.68 52.62
N THR O 89 -20.61 14.81 53.30
CA THR O 89 -21.51 15.11 54.41
C THR O 89 -22.19 16.45 54.19
N GLY O 90 -23.31 16.62 54.86
CA GLY O 90 -24.11 17.81 54.71
C GLY O 90 -25.58 17.47 54.88
N ASN O 91 -26.41 18.49 54.67
CA ASN O 91 -27.86 18.28 54.77
C ASN O 91 -28.37 17.38 53.65
N ILE O 92 -27.81 17.53 52.44
CA ILE O 92 -28.29 16.73 51.32
C ILE O 92 -27.77 15.30 51.42
N ALA O 93 -26.49 15.13 51.76
CA ALA O 93 -25.92 13.79 51.80
C ALA O 93 -26.44 13.00 52.99
N ASP O 94 -26.50 13.61 54.16
CA ASP O 94 -26.89 12.87 55.37
C ASP O 94 -28.39 12.66 55.48
N TYR O 95 -29.20 13.60 55.00
CA TYR O 95 -30.62 13.61 55.28
C TYR O 95 -31.52 13.51 54.05
N ASN O 96 -30.97 13.40 52.85
CA ASN O 96 -31.82 13.38 51.65
C ASN O 96 -31.43 12.27 50.69
N TYR O 97 -30.21 12.31 50.19
CA TYR O 97 -29.74 11.34 49.19
C TYR O 97 -28.28 11.03 49.49
N LYS O 98 -28.00 9.80 49.92
CA LYS O 98 -26.66 9.37 50.28
C LYS O 98 -26.14 8.37 49.26
N LEU O 99 -24.89 8.53 48.88
CA LEU O 99 -24.19 7.59 48.02
C LEU O 99 -23.19 6.79 48.83
N PRO O 100 -23.05 5.49 48.56
CA PRO O 100 -22.10 4.68 49.33
C PRO O 100 -20.67 5.07 49.01
N ASP O 101 -19.75 4.60 49.86
CA ASP O 101 -18.34 4.94 49.67
C ASP O 101 -17.75 4.22 48.46
N ASP O 102 -18.30 3.07 48.10
CA ASP O 102 -17.88 2.32 46.91
C ASP O 102 -18.87 2.46 45.76
N PHE O 103 -19.37 3.68 45.54
CA PHE O 103 -20.37 3.91 44.49
C PHE O 103 -19.77 3.66 43.11
N THR O 104 -20.48 2.87 42.30
CA THR O 104 -20.07 2.54 40.93
C THR O 104 -21.10 3.15 39.98
N GLY O 105 -20.75 4.27 39.38
CA GLY O 105 -21.66 4.96 38.49
C GLY O 105 -21.19 6.38 38.22
N CYS O 106 -22.07 7.14 37.59
CA CYS O 106 -21.79 8.52 37.23
C CYS O 106 -22.87 9.45 37.77
N VAL O 107 -22.51 10.72 37.90
CA VAL O 107 -23.42 11.77 38.33
C VAL O 107 -23.43 12.87 37.27
N ILE O 108 -24.62 13.34 36.91
CA ILE O 108 -24.79 14.37 35.89
C ILE O 108 -25.62 15.50 36.48
N ALA O 109 -25.19 16.74 36.22
CA ALA O 109 -25.90 17.91 36.72
C ALA O 109 -25.72 19.06 35.73
N TRP O 110 -26.75 19.89 35.62
CA TRP O 110 -26.71 21.06 34.75
C TRP O 110 -27.55 22.18 35.34
N ASN O 111 -27.17 23.41 35.02
CA ASN O 111 -27.91 24.58 35.50
C ASN O 111 -29.27 24.66 34.83
N SER O 112 -30.33 24.59 35.63
CA SER O 112 -31.70 24.63 35.11
C SER O 112 -32.45 25.85 35.61
N ASN O 113 -31.83 27.02 35.56
CA ASN O 113 -32.45 28.24 36.08
C ASN O 113 -33.60 28.72 35.20
N LYS O 114 -33.57 28.40 33.91
CA LYS O 114 -34.61 28.84 32.99
C LYS O 114 -35.88 27.99 33.05
N LEU O 115 -35.90 26.94 33.86
CA LEU O 115 -37.04 26.03 33.87
C LEU O 115 -37.78 25.95 35.20
N ASP O 116 -37.10 26.12 36.33
CA ASP O 116 -37.69 25.90 37.65
C ASP O 116 -37.49 27.09 38.56
N SER O 117 -37.63 28.31 38.03
CA SER O 117 -37.37 29.51 38.82
C SER O 117 -38.60 30.40 38.88
N LYS O 118 -38.39 31.72 38.73
CA LYS O 118 -39.48 32.67 38.94
C LYS O 118 -40.51 32.58 37.83
N VAL O 119 -40.07 32.35 36.59
CA VAL O 119 -41.00 32.24 35.47
C VAL O 119 -41.99 31.10 35.72
N SER O 120 -41.48 29.92 36.07
CA SER O 120 -42.36 28.80 36.39
C SER O 120 -42.92 28.92 37.80
N GLY O 121 -42.06 28.86 38.81
CA GLY O 121 -42.53 28.93 40.18
C GLY O 121 -43.01 27.59 40.69
N ASN O 122 -42.13 26.60 40.83
CA ASN O 122 -42.56 25.28 41.31
C ASN O 122 -41.97 25.04 42.69
N TYR O 123 -42.79 25.25 43.71
CA TYR O 123 -42.42 24.98 45.09
C TYR O 123 -42.80 23.55 45.49
N ASN O 124 -42.45 22.59 44.63
CA ASN O 124 -42.59 21.18 44.96
C ASN O 124 -41.24 20.52 45.23
N TYR O 125 -40.14 21.28 45.13
CA TYR O 125 -38.80 20.76 45.34
C TYR O 125 -38.48 21.15 46.78
N LEU O 126 -38.54 20.17 47.66
CA LEU O 126 -38.32 20.34 49.08
C LEU O 126 -36.98 19.70 49.44
N TYR O 127 -36.59 19.84 50.69
CA TYR O 127 -35.42 19.16 51.20
C TYR O 127 -35.62 18.90 52.68
N ARG O 128 -34.93 17.89 53.18
CA ARG O 128 -35.07 17.50 54.58
C ARG O 128 -33.99 18.18 55.40
N LEU O 129 -34.42 18.85 56.46
CA LEU O 129 -33.53 19.66 57.29
C LEU O 129 -33.12 18.96 58.57
N PHE O 130 -34.05 18.24 59.22
CA PHE O 130 -33.78 17.56 60.48
C PHE O 130 -33.98 16.06 60.31
N ARG O 131 -33.07 15.28 60.89
CA ARG O 131 -33.25 13.84 60.96
C ARG O 131 -32.42 13.31 62.13
N LYS O 132 -32.94 12.26 62.77
CA LYS O 132 -32.31 11.76 63.99
C LYS O 132 -30.97 11.08 63.71
N SER O 133 -30.82 10.42 62.57
CA SER O 133 -29.57 9.76 62.22
C SER O 133 -29.27 9.97 60.75
N ASN O 134 -28.08 9.57 60.35
CA ASN O 134 -27.67 9.70 58.95
C ASN O 134 -28.38 8.64 58.10
N LEU O 135 -28.46 8.93 56.80
CA LEU O 135 -29.05 7.98 55.87
C LEU O 135 -28.05 6.91 55.46
N LYS O 136 -28.54 5.67 55.39
CA LYS O 136 -27.75 4.61 54.79
C LYS O 136 -27.68 4.82 53.28
N PRO O 137 -26.71 4.21 52.60
CA PRO O 137 -26.63 4.37 51.15
C PRO O 137 -27.92 3.94 50.46
N PHE O 138 -28.41 4.79 49.55
CA PHE O 138 -29.60 4.52 48.75
C PHE O 138 -30.83 4.35 49.64
N GLU O 139 -30.96 5.20 50.66
CA GLU O 139 -32.10 5.20 51.56
C GLU O 139 -32.99 6.40 51.23
N ARG O 140 -34.29 6.16 51.17
CA ARG O 140 -35.28 7.20 50.90
C ARG O 140 -36.24 7.28 52.07
N ASP O 141 -36.25 8.44 52.74
CA ASP O 141 -37.11 8.68 53.89
C ASP O 141 -38.11 9.75 53.50
N ILE O 142 -39.37 9.35 53.31
CA ILE O 142 -40.43 10.29 52.94
C ILE O 142 -41.34 10.59 54.13
N SER O 143 -40.88 10.35 55.35
CA SER O 143 -41.68 10.62 56.53
C SER O 143 -41.78 12.12 56.78
N THR O 144 -42.97 12.58 57.16
CA THR O 144 -43.24 13.98 57.45
C THR O 144 -43.63 14.15 58.91
N GLU O 145 -42.98 13.40 59.80
CA GLU O 145 -43.27 13.46 61.22
C GLU O 145 -42.56 14.65 61.86
N ILE O 146 -43.24 15.29 62.81
CA ILE O 146 -42.70 16.47 63.50
C ILE O 146 -41.42 16.07 64.21
N TYR O 147 -40.32 16.75 63.86
CA TYR O 147 -39.03 16.43 64.46
C TYR O 147 -38.96 16.96 65.89
N GLN O 148 -38.57 16.09 66.81
CA GLN O 148 -38.47 16.45 68.22
C GLN O 148 -37.05 16.94 68.50
N ALA O 149 -36.92 18.24 68.75
CA ALA O 149 -35.62 18.86 69.01
C ALA O 149 -35.39 19.17 70.49
N GLY O 150 -36.35 18.85 71.37
CA GLY O 150 -36.22 19.11 72.78
C GLY O 150 -36.47 17.87 73.60
N ASN O 151 -36.97 18.08 74.82
CA ASN O 151 -37.25 16.99 75.75
C ASN O 151 -38.72 16.60 75.82
N LYS O 152 -39.62 17.54 75.58
CA LYS O 152 -41.04 17.25 75.67
C LYS O 152 -41.55 16.67 74.36
N PRO O 153 -42.50 15.75 74.41
CA PRO O 153 -43.00 15.13 73.17
C PRO O 153 -43.81 16.12 72.35
N CYS O 154 -43.67 16.00 71.02
CA CYS O 154 -44.33 16.93 70.13
C CYS O 154 -45.79 16.57 69.92
N ASN O 155 -46.07 15.28 69.71
CA ASN O 155 -47.43 14.80 69.42
C ASN O 155 -48.03 15.52 68.22
N GLY O 156 -47.23 15.70 67.18
CA GLY O 156 -47.71 16.34 65.97
C GLY O 156 -48.03 17.81 66.12
N VAL O 157 -47.36 18.51 67.03
CA VAL O 157 -47.60 19.92 67.29
C VAL O 157 -46.37 20.70 66.88
N ALA O 158 -46.55 21.67 65.98
CA ALA O 158 -45.47 22.56 65.58
C ALA O 158 -45.30 23.63 66.65
N GLY O 159 -44.21 23.55 67.39
CA GLY O 159 -43.96 24.49 68.46
C GLY O 159 -42.50 24.59 68.81
N PHE O 160 -42.24 24.97 70.05
CA PHE O 160 -40.87 25.10 70.54
C PHE O 160 -40.19 23.74 70.54
N ASN O 161 -39.02 23.66 69.89
CA ASN O 161 -38.24 22.43 69.75
C ASN O 161 -39.02 21.32 69.06
N CYS O 162 -40.02 21.68 68.26
CA CYS O 162 -40.83 20.72 67.50
C CYS O 162 -41.12 21.35 66.14
N TYR O 163 -40.29 21.04 65.15
CA TYR O 163 -40.34 21.69 63.85
C TYR O 163 -40.69 20.66 62.78
N PHE O 164 -41.28 21.16 61.69
CA PHE O 164 -41.57 20.31 60.55
C PHE O 164 -40.27 19.94 59.86
N PRO O 165 -40.04 18.66 59.56
CA PRO O 165 -38.70 18.21 59.12
C PRO O 165 -38.39 18.54 57.66
N LEU O 166 -39.29 19.20 56.95
CA LEU O 166 -39.07 19.54 55.55
C LEU O 166 -39.10 21.05 55.38
N ARG O 167 -38.12 21.55 54.65
CA ARG O 167 -38.06 22.94 54.24
C ARG O 167 -37.93 22.94 52.73
N SER O 168 -38.04 24.12 52.13
CA SER O 168 -38.07 24.17 50.67
C SER O 168 -36.96 25.03 50.10
N TYR O 169 -36.83 24.96 48.78
CA TYR O 169 -35.97 25.84 48.02
C TYR O 169 -36.83 26.97 47.44
N SER O 170 -36.43 28.21 47.70
CA SER O 170 -37.08 29.41 47.17
C SER O 170 -36.21 29.88 45.99
N PHE O 171 -36.44 29.29 44.82
CA PHE O 171 -35.61 29.56 43.65
C PHE O 171 -35.98 30.91 43.06
N ARG O 172 -35.04 31.86 43.14
CA ARG O 172 -35.16 33.24 42.73
C ARG O 172 -34.41 33.44 41.42
N PRO O 173 -34.73 34.49 40.65
CA PRO O 173 -34.00 34.70 39.39
C PRO O 173 -32.75 35.55 39.55
N THR O 174 -32.79 36.50 40.49
CA THR O 174 -31.66 37.39 40.70
C THR O 174 -30.54 36.75 41.49
N TYR O 175 -30.83 35.67 42.23
CA TYR O 175 -29.84 35.02 43.07
C TYR O 175 -28.64 34.56 42.25
N GLY O 176 -27.61 34.16 42.97
CA GLY O 176 -26.37 33.73 42.38
C GLY O 176 -26.35 32.24 42.11
N VAL O 177 -25.40 31.83 41.27
CA VAL O 177 -25.33 30.44 40.81
C VAL O 177 -25.27 29.50 42.01
N GLY O 178 -24.70 29.95 43.13
CA GLY O 178 -24.65 29.11 44.31
C GLY O 178 -26.00 28.82 44.92
N HIS O 179 -27.02 29.62 44.58
CA HIS O 179 -28.39 29.41 45.06
C HIS O 179 -29.36 29.10 43.94
N GLN O 180 -28.86 28.76 42.72
CA GLN O 180 -29.70 28.46 41.57
C GLN O 180 -29.93 26.96 41.44
N PRO O 181 -31.04 26.55 40.83
CA PRO O 181 -31.36 25.11 40.77
C PRO O 181 -30.51 24.36 39.75
N TYR O 182 -30.13 23.14 40.13
CA TYR O 182 -29.41 22.22 39.26
C TYR O 182 -30.13 20.88 39.26
N ARG O 183 -30.47 20.38 38.07
CA ARG O 183 -31.10 19.08 37.94
C ARG O 183 -30.00 18.00 37.91
N VAL O 184 -30.07 17.06 38.84
CA VAL O 184 -29.05 16.03 39.01
C VAL O 184 -29.63 14.69 38.58
N VAL O 185 -28.85 13.94 37.81
CA VAL O 185 -29.19 12.59 37.38
C VAL O 185 -28.03 11.67 37.74
N VAL O 186 -28.28 10.74 38.67
CA VAL O 186 -27.25 9.82 39.15
C VAL O 186 -27.55 8.45 38.56
N LEU O 187 -26.58 7.92 37.81
CA LEU O 187 -26.72 6.63 37.13
C LEU O 187 -25.93 5.59 37.90
N SER O 188 -26.63 4.61 38.48
CA SER O 188 -26.01 3.52 39.20
C SER O 188 -25.91 2.31 38.29
N PHE O 189 -24.72 1.71 38.25
CA PHE O 189 -24.46 0.52 37.45
C PHE O 189 -24.18 -0.65 38.39
N GLU O 190 -25.11 -1.59 38.45
CA GLU O 190 -25.04 -2.71 39.38
C GLU O 190 -24.58 -3.97 38.66
N LEU O 191 -23.72 -4.75 39.34
CA LEU O 191 -23.21 -6.00 38.78
C LEU O 191 -23.16 -7.03 39.93
N LEU O 192 -24.31 -7.64 40.20
CA LEU O 192 -24.39 -8.69 41.22
C LEU O 192 -24.49 -10.06 40.59
N GLN P 1 -26.35 17.85 -16.54
CA GLN P 1 -26.17 16.53 -15.94
C GLN P 1 -26.12 16.64 -14.42
N VAL P 2 -24.99 17.11 -13.89
CA VAL P 2 -24.87 17.31 -12.46
C VAL P 2 -25.73 18.49 -12.03
N GLN P 3 -26.50 18.31 -10.96
CA GLN P 3 -27.45 19.32 -10.52
C GLN P 3 -27.58 19.27 -9.00
N LEU P 4 -27.60 20.46 -8.39
CA LEU P 4 -27.75 20.61 -6.94
C LEU P 4 -29.06 21.31 -6.65
N VAL P 5 -29.85 20.73 -5.74
CA VAL P 5 -31.19 21.22 -5.41
C VAL P 5 -31.17 21.73 -3.98
N GLU P 6 -31.44 23.03 -3.79
CA GLU P 6 -31.46 23.67 -2.48
C GLU P 6 -32.87 24.02 -2.05
N SER P 7 -33.10 23.97 -0.73
CA SER P 7 -34.35 24.38 -0.12
C SER P 7 -34.13 24.51 1.39
N GLY P 8 -35.06 25.17 2.06
CA GLY P 8 -35.10 25.19 3.52
C GLY P 8 -35.02 26.56 4.18
N GLY P 9 -34.91 27.67 3.45
CA GLY P 9 -34.77 28.96 4.08
C GLY P 9 -36.08 29.50 4.63
N GLY P 10 -35.97 30.62 5.36
CA GLY P 10 -37.15 31.25 5.90
C GLY P 10 -36.79 32.34 6.90
N LEU P 11 -37.81 32.82 7.60
CA LEU P 11 -37.69 33.87 8.60
CA LEU P 11 -37.69 33.87 8.60
C LEU P 11 -37.79 33.25 9.99
N VAL P 12 -36.88 33.63 10.88
CA VAL P 12 -36.86 33.10 12.24
C VAL P 12 -36.41 34.18 13.21
N GLN P 13 -36.85 34.05 14.45
CA GLN P 13 -36.42 34.92 15.54
C GLN P 13 -35.04 34.54 16.03
N PRO P 14 -34.34 35.46 16.70
CA PRO P 14 -33.05 35.11 17.31
C PRO P 14 -33.21 33.98 18.31
N GLY P 15 -32.39 32.93 18.14
CA GLY P 15 -32.43 31.76 18.99
C GLY P 15 -33.09 30.55 18.35
N GLY P 16 -33.85 30.73 17.29
CA GLY P 16 -34.54 29.64 16.65
C GLY P 16 -33.60 28.68 15.92
N SER P 17 -34.21 27.79 15.14
CA SER P 17 -33.48 26.79 14.38
CA SER P 17 -33.50 26.78 14.37
C SER P 17 -33.95 26.82 12.92
N LEU P 18 -33.24 26.08 12.07
CA LEU P 18 -33.52 26.02 10.65
C LEU P 18 -32.75 24.86 10.05
N ARG P 19 -33.34 24.21 9.04
CA ARG P 19 -32.80 23.01 8.43
C ARG P 19 -32.71 23.20 6.92
N LEU P 20 -31.49 23.34 6.40
CA LEU P 20 -31.25 23.45 4.97
C LEU P 20 -30.91 22.08 4.38
N SER P 21 -31.24 21.91 3.09
CA SER P 21 -31.03 20.64 2.40
C SER P 21 -30.43 20.90 1.02
N CYS P 22 -29.44 20.07 0.65
CA CYS P 22 -28.77 20.17 -0.65
C CYS P 22 -28.78 18.80 -1.30
N ALA P 23 -29.51 18.66 -2.42
CA ALA P 23 -29.70 17.38 -3.10
C ALA P 23 -28.80 17.31 -4.34
N ALA P 24 -27.81 16.41 -4.30
CA ALA P 24 -26.89 16.22 -5.41
C ALA P 24 -27.37 15.08 -6.29
N SER P 25 -27.46 15.34 -7.60
CA SER P 25 -27.97 14.35 -8.54
C SER P 25 -26.89 13.57 -9.29
N GLY P 26 -26.61 13.99 -10.53
CA GLY P 26 -25.85 13.19 -11.48
C GLY P 26 -24.38 12.94 -11.18
N PHE P 27 -24.07 12.36 -10.03
CA PHE P 27 -22.71 11.93 -9.71
C PHE P 27 -22.58 10.42 -9.86
N THR P 28 -21.56 9.99 -10.60
CA THR P 28 -21.27 8.56 -10.75
C THR P 28 -21.08 7.88 -9.39
N ASN P 29 -20.11 8.36 -8.62
CA ASN P 29 -19.66 7.67 -7.41
C ASN P 29 -19.69 8.62 -6.22
N ASP P 30 -19.27 8.11 -5.06
CA ASP P 30 -19.27 8.86 -3.81
C ASP P 30 -18.08 9.80 -3.67
N PHE P 31 -17.31 10.02 -4.74
CA PHE P 31 -16.09 10.82 -4.65
C PHE P 31 -16.39 12.27 -5.03
N TYR P 32 -17.04 12.98 -4.11
CA TYR P 32 -17.22 14.42 -4.22
C TYR P 32 -17.38 15.00 -2.82
N SER P 33 -17.38 16.34 -2.74
CA SER P 33 -17.51 17.05 -1.47
C SER P 33 -18.51 18.19 -1.60
N ILE P 34 -19.11 18.56 -0.47
CA ILE P 34 -20.13 19.61 -0.41
C ILE P 34 -19.63 20.73 0.49
N ALA P 35 -19.94 21.97 0.11
CA ALA P 35 -19.65 23.16 0.91
C ALA P 35 -20.89 24.04 0.99
N TRP P 36 -21.02 24.75 2.11
CA TRP P 36 -22.08 25.73 2.30
C TRP P 36 -21.49 27.13 2.37
N PHE P 37 -21.88 27.99 1.44
CA PHE P 37 -21.47 29.38 1.38
C PHE P 37 -22.65 30.29 1.67
N ARG P 38 -22.44 31.30 2.52
CA ARG P 38 -23.44 32.32 2.78
C ARG P 38 -22.91 33.68 2.33
N GLN P 39 -23.81 34.49 1.77
CA GLN P 39 -23.45 35.80 1.22
C GLN P 39 -24.24 36.87 1.98
N ALA P 40 -23.61 37.47 2.98
CA ALA P 40 -24.24 38.53 3.76
C ALA P 40 -24.48 39.75 2.87
N PRO P 41 -25.40 40.63 3.27
CA PRO P 41 -25.62 41.87 2.50
C PRO P 41 -24.34 42.67 2.36
N GLY P 42 -23.89 42.82 1.11
CA GLY P 42 -22.69 43.56 0.80
C GLY P 42 -21.38 42.83 1.03
N LYS P 43 -21.42 41.56 1.41
CA LYS P 43 -20.21 40.76 1.61
C LYS P 43 -20.02 39.77 0.47
N GLU P 44 -18.80 39.24 0.39
CA GLU P 44 -18.49 38.18 -0.56
C GLU P 44 -18.98 36.84 -0.03
N ARG P 45 -19.16 35.89 -0.95
CA ARG P 45 -19.48 34.52 -0.56
C ARG P 45 -18.43 33.98 0.41
N GLU P 46 -18.90 33.42 1.53
CA GLU P 46 -18.03 32.91 2.58
C GLU P 46 -18.50 31.53 3.01
N GLY P 47 -17.60 30.55 2.94
CA GLY P 47 -17.92 29.21 3.37
C GLY P 47 -18.12 29.11 4.87
N VAL P 48 -19.01 28.21 5.28
CA VAL P 48 -19.30 28.02 6.70
C VAL P 48 -19.18 26.54 7.09
N SER P 49 -19.49 25.63 6.17
CA SER P 49 -19.48 24.21 6.49
C SER P 49 -19.07 23.40 5.26
N TRP P 50 -18.35 22.31 5.51
CA TRP P 50 -17.87 21.41 4.46
C TRP P 50 -18.13 19.97 4.87
N LEU P 51 -18.39 19.13 3.87
CA LEU P 51 -18.59 17.69 4.08
C LEU P 51 -17.92 16.91 2.96
N SER P 52 -16.89 16.14 3.29
CA SER P 52 -16.30 15.20 2.35
C SER P 52 -17.11 13.91 2.38
N VAL P 53 -17.73 13.57 1.24
CA VAL P 53 -18.75 12.53 1.23
C VAL P 53 -18.12 11.16 1.42
N SER P 54 -17.06 10.85 0.68
CA SER P 54 -16.45 9.53 0.75
C SER P 54 -15.92 9.22 2.16
N ASP P 55 -15.41 10.23 2.85
CA ASP P 55 -14.88 10.04 4.20
C ASP P 55 -15.88 10.39 5.29
N ASN P 56 -16.95 11.11 4.96
CA ASN P 56 -17.94 11.57 5.95
C ASN P 56 -17.26 12.41 7.03
N THR P 57 -16.43 13.36 6.59
CA THR P 57 -15.69 14.23 7.50
C THR P 57 -16.25 15.64 7.43
N PRO P 58 -16.81 16.16 8.52
CA PRO P 58 -17.32 17.54 8.51
C PRO P 58 -16.26 18.54 8.95
N THR P 59 -16.49 19.79 8.56
CA THR P 59 -15.65 20.91 8.96
C THR P 59 -16.53 22.15 9.13
N TYR P 60 -16.25 22.93 10.17
CA TYR P 60 -17.05 24.11 10.50
C TYR P 60 -16.13 25.29 10.80
N VAL P 61 -16.53 26.47 10.34
CA VAL P 61 -15.86 27.70 10.77
C VAL P 61 -16.15 27.97 12.24
N ASP P 62 -15.31 28.81 12.84
CA ASP P 62 -15.35 29.01 14.28
C ASP P 62 -16.65 29.64 14.75
N SER P 63 -17.24 30.52 13.94
CA SER P 63 -18.43 31.25 14.37
C SER P 63 -19.66 30.35 14.47
N VAL P 64 -19.64 29.17 13.86
CA VAL P 64 -20.80 28.28 13.82
C VAL P 64 -20.50 26.91 14.42
N LYS P 65 -19.35 26.76 15.08
CA LYS P 65 -18.84 25.45 15.48
C LYS P 65 -19.90 24.62 16.21
N ASP P 66 -20.32 25.08 17.39
CA ASP P 66 -21.23 24.29 18.21
C ASP P 66 -22.70 24.50 17.85
N ARG P 67 -23.02 25.50 17.03
CA ARG P 67 -24.40 25.76 16.66
C ARG P 67 -24.83 25.06 15.37
N PHE P 68 -23.91 24.87 14.42
CA PHE P 68 -24.24 24.26 13.14
C PHE P 68 -23.80 22.80 13.11
N THR P 69 -24.61 21.96 12.45
CA THR P 69 -24.27 20.56 12.24
C THR P 69 -24.57 20.18 10.80
N ILE P 70 -23.58 19.65 10.11
CA ILE P 70 -23.73 19.17 8.74
C ILE P 70 -23.65 17.65 8.73
N SER P 71 -24.46 17.03 7.88
CA SER P 71 -24.52 15.57 7.81
C SER P 71 -25.11 15.17 6.47
N ARG P 72 -25.10 13.86 6.20
CA ARG P 72 -25.60 13.30 4.96
C ARG P 72 -26.49 12.11 5.24
N HIS P 73 -27.63 12.05 4.55
CA HIS P 73 -28.50 10.88 4.57
C HIS P 73 -28.31 10.12 3.26
N ASN P 74 -27.89 8.85 3.37
CA ASN P 74 -27.51 8.08 2.19
C ASN P 74 -28.71 7.80 1.29
N ALA P 75 -29.87 7.50 1.89
CA ALA P 75 -31.03 7.07 1.12
C ALA P 75 -31.40 8.06 0.03
N ASN P 76 -31.54 9.34 0.38
CA ASN P 76 -31.98 10.35 -0.56
C ASN P 76 -30.84 11.17 -1.15
N ASN P 77 -29.59 10.83 -0.83
CA ASN P 77 -28.42 11.50 -1.38
C ASN P 77 -28.45 13.01 -1.13
N THR P 78 -28.78 13.37 0.12
CA THR P 78 -29.02 14.76 0.48
C THR P 78 -28.14 15.13 1.68
N VAL P 79 -27.50 16.29 1.59
CA VAL P 79 -26.68 16.83 2.67
C VAL P 79 -27.49 17.90 3.39
N TYR P 80 -27.54 17.81 4.73
CA TYR P 80 -28.31 18.73 5.56
C TYR P 80 -27.39 19.59 6.39
N LEU P 81 -27.80 20.84 6.60
CA LEU P 81 -27.09 21.78 7.48
C LEU P 81 -28.06 22.20 8.57
N GLN P 82 -27.92 21.60 9.76
CA GLN P 82 -28.79 21.93 10.88
C GLN P 82 -28.23 23.14 11.61
N MET P 83 -28.95 24.26 11.54
CA MET P 83 -28.52 25.53 12.12
C MET P 83 -29.35 25.82 13.36
N ASN P 84 -28.72 25.73 14.52
CA ASN P 84 -29.34 26.05 15.80
C ASN P 84 -28.74 27.32 16.38
N MET P 85 -29.41 27.84 17.41
CA MET P 85 -28.98 29.06 18.11
C MET P 85 -28.63 30.18 17.14
N LEU P 86 -29.54 30.43 16.20
CA LEU P 86 -29.31 31.42 15.17
C LEU P 86 -29.24 32.83 15.74
N LYS P 87 -28.33 33.63 15.20
CA LYS P 87 -28.14 35.03 15.57
C LYS P 87 -28.44 35.93 14.37
N PRO P 88 -28.69 37.22 14.59
CA PRO P 88 -28.85 38.14 13.46
C PRO P 88 -27.67 38.18 12.50
N GLU P 89 -26.48 37.81 12.97
CA GLU P 89 -25.31 37.75 12.08
C GLU P 89 -25.51 36.75 10.96
N ASP P 90 -26.25 35.67 11.22
CA ASP P 90 -26.40 34.58 10.26
C ASP P 90 -27.30 34.93 9.08
N THR P 91 -27.92 36.11 9.08
CA THR P 91 -28.77 36.52 7.96
C THR P 91 -27.93 36.68 6.70
N ALA P 92 -28.23 35.89 5.68
CA ALA P 92 -27.48 35.89 4.42
C ALA P 92 -28.20 34.95 3.45
N ILE P 93 -27.79 35.04 2.18
CA ILE P 93 -28.22 34.08 1.16
C ILE P 93 -27.25 32.91 1.19
N TYR P 94 -27.78 31.71 1.44
CA TYR P 94 -26.96 30.52 1.60
C TYR P 94 -26.93 29.72 0.30
N TYR P 95 -25.73 29.27 -0.09
CA TYR P 95 -25.53 28.43 -1.26
C TYR P 95 -24.83 27.14 -0.84
N CYS P 96 -25.20 26.03 -1.47
CA CYS P 96 -24.41 24.80 -1.38
C CYS P 96 -23.69 24.54 -2.70
N ALA P 97 -22.50 23.97 -2.62
CA ALA P 97 -21.65 23.78 -3.78
C ALA P 97 -20.99 22.40 -3.72
N ALA P 98 -20.66 21.86 -4.90
CA ALA P 98 -20.09 20.53 -5.02
C ALA P 98 -18.87 20.56 -5.92
N GLY P 99 -17.94 19.65 -5.67
CA GLY P 99 -16.78 19.46 -6.52
C GLY P 99 -16.29 18.02 -6.47
N ARG P 100 -15.62 17.59 -7.55
CA ARG P 100 -15.14 16.22 -7.67
C ARG P 100 -13.82 16.06 -6.92
N PHE P 101 -13.92 16.06 -5.60
CA PHE P 101 -12.74 15.89 -4.74
C PHE P 101 -13.20 15.47 -3.35
N ALA P 102 -12.24 15.08 -2.53
CA ALA P 102 -12.45 14.81 -1.11
C ALA P 102 -11.71 15.88 -0.30
N GLY P 103 -12.45 16.83 0.24
CA GLY P 103 -11.82 17.86 1.06
C GLY P 103 -12.70 19.08 1.18
N ARG P 104 -12.05 20.24 1.23
CA ARG P 104 -12.70 21.49 1.60
C ARG P 104 -11.88 22.66 1.09
N ASP P 105 -12.56 23.77 0.78
CA ASP P 105 -11.89 24.98 0.34
C ASP P 105 -12.71 26.19 0.77
N THR P 106 -12.02 27.29 1.06
CA THR P 106 -12.66 28.56 1.35
C THR P 106 -13.01 29.36 0.10
N TRP P 107 -12.49 28.97 -1.06
CA TRP P 107 -12.69 29.75 -2.28
C TRP P 107 -13.92 29.27 -3.03
N PRO P 108 -14.90 30.14 -3.28
CA PRO P 108 -16.07 29.72 -4.07
C PRO P 108 -15.71 29.27 -5.48
N SER P 109 -14.75 29.94 -6.13
CA SER P 109 -14.40 29.61 -7.50
C SER P 109 -13.85 28.18 -7.64
N SER P 110 -13.45 27.56 -6.54
CA SER P 110 -12.94 26.19 -6.58
C SER P 110 -14.04 25.15 -6.72
N TYR P 111 -15.30 25.56 -6.69
CA TYR P 111 -16.43 24.64 -6.79
C TYR P 111 -17.08 24.79 -8.16
N ASP P 112 -17.06 23.71 -8.94
CA ASP P 112 -17.63 23.74 -10.29
C ASP P 112 -19.14 23.54 -10.31
N TYR P 113 -19.75 23.16 -9.18
CA TYR P 113 -21.19 22.92 -9.14
C TYR P 113 -21.79 23.68 -7.96
N TRP P 114 -22.94 24.31 -8.21
CA TRP P 114 -23.58 25.15 -7.20
C TRP P 114 -25.07 24.84 -7.18
N GLY P 115 -25.78 25.54 -6.28
CA GLY P 115 -27.22 25.53 -6.28
C GLY P 115 -27.75 26.95 -6.18
N GLN P 116 -29.04 27.10 -6.50
CA GLN P 116 -29.68 28.39 -6.37
C GLN P 116 -29.88 28.73 -4.90
N GLY P 117 -29.49 29.95 -4.51
CA GLY P 117 -29.46 30.30 -3.11
C GLY P 117 -30.83 30.34 -2.46
N THR P 118 -30.81 30.17 -1.14
CA THR P 118 -32.01 30.26 -0.32
C THR P 118 -31.82 31.38 0.70
N GLN P 119 -32.87 32.15 0.92
CA GLN P 119 -32.79 33.30 1.82
C GLN P 119 -33.01 32.87 3.26
N VAL P 120 -32.11 33.30 4.15
CA VAL P 120 -32.23 33.08 5.58
C VAL P 120 -32.18 34.45 6.26
N THR P 121 -33.25 34.79 6.99
CA THR P 121 -33.36 36.07 7.67
C THR P 121 -33.58 35.83 9.15
N VAL P 122 -32.80 36.51 9.99
CA VAL P 122 -32.87 36.36 11.44
C VAL P 122 -33.05 37.75 12.05
N SER P 123 -34.25 38.04 12.53
CA SER P 123 -34.54 39.30 13.22
C SER P 123 -35.76 39.08 14.10
N SER P 124 -36.13 40.12 14.85
CA SER P 124 -37.27 40.04 15.75
C SER P 124 -38.44 40.86 15.23
#